data_8A9Y
#
_entry.id   8A9Y
#
_cell.length_a   1.00
_cell.length_b   1.00
_cell.length_c   1.00
_cell.angle_alpha   90.00
_cell.angle_beta   90.00
_cell.angle_gamma   90.00
#
_symmetry.space_group_name_H-M   'P 1'
#
loop_
_entity.id
_entity.type
_entity.pdbx_description
1 polymer 'Glycoside hydrolase family 32'
2 polymer 'DUF4960 domain-containing protein'
3 polymer 'SusC homolog'
4 non-polymer 'MAGNESIUM ION'
#
loop_
_entity_poly.entity_id
_entity_poly.type
_entity_poly.pdbx_seq_one_letter_code
_entity_poly.pdbx_strand_id
1 'polypeptide(L)'
;MMKNMILPIAFTALIASMTACSDETDPILTQKNWDGTATYFQSSDEHGFSMYYKPQVGFVGDPMPFYDPVAKDFKVMYLQ
DYRPNPEATYHPIFGVATKDGATYESLGELISCGGRDEQDAAIGTGGTIYNPADKLYYTFYTGNKFKPSSDQNAQVVMVA
TSPDFKTWTKNRTFYLKGDTYGYDKNDFRDPFLFQTEDGVYHMLIATRKNGKGHIAEFTSADLKEWESAGTFMTMMWDRF
YECPDVFKMGDWWYLIYSEQASFMRKVQYFKGRTLEDLKATTANDAGIWPDNREGMLDSRAFYAGKTASDGTNRYIWGWC
PTRAGNDNGNVGDVEPEWAGNLVAQRLIQHEDGTLTLGVPDAIDRKYTSAQEVKVMAKDGNMIESGKTYTLGEGASVIFN
RLKVHNKISFTVKTASNTDRFGISFVRGTDSASWYSIHVNADEGKANFEKDGDDAKYLFDNKFNIPADNEYRVTIYSDQS
VCVTYINDQLSFTNRIYQMQKNPWSLCCYKGEITVSDVQVSTY
;
E,M
2 'polypeptide(L)'
;MKSIIKQLYTILLVTVACLTVTGCSDDFKSGLRLDGDVWVNSIRLDEYAGTVDYQNKAIVVGVPYDYDITRMVVTEMNLS
EGAKASIAIGETIDFSLPVSLTVKNGDVQMSYTITVKRDEAKILTFKLNDTYVGKVDQLSKTISVVVPLTVDITQLKGTF
TVTDGATVTPASGSIQDFTNPVTYTATYRSAVTPYVVTVTQGNVIPTAFVGTASSVSLLTSPEEKAAAQWMMDNVSMSEY
ISFKDVVDGKVDLGKYTAIWWHFHADNGDNPPLPDDAKAAAEKFKVYYQNGGNLLLTRYATFYIANLGIAKDERVPNNSW
GGNEDSPEITSAPWSFLITGSESHPLFQDLRWKDGDKSTVYTCDAGYAITNSTAQWHIGTDWGGYDDLNAWRNLTGGIDL
AHGGDGAVVIAEFEPRSNSGRTLCIGSGCYDWYGKGVDASADYYHYNVEQMTLNAINYLCK
;
T,G
3 'polypeptide(L)'
;MPGIMKNKKLLCSVCFLFAFMSALWGQNITVKGNVTSKTDGQPIIGASVVETTATTNGTITDFDGNFTLSVPVNSTLKIT
YIGYKPVTVKAAAIVNVLLEEDTQMVDEVVVTGYTTQRKADLTGAVSVVKVDEIQKQGENNPVKALQGRVPGMNITADGN
PSGSATVRIRGIGTLNNNDPLYIIDGVPTKAGMHELNGNDIESIQVLKDAASASIYGSRAANGVIIITTKQGKKGQIKIN
FDASVSASMYQSKMNVLNTEQYGRAMWQAYVNDGENPNGNALGYAYNWGYNADGNPVLYGMTLSKYLDSKNTMPVADTDW
FDEITRTGVIQQYNLSVSNGSEKGSSFFSLGYYKNLGVIKDTDFDRFSARMNSDYKLIDDILTIGQHFTLNRTSEVQAPG
GIIETALDIPSAIPVYASDGSWGGPVGGWPDRRNPRAVLEYNKDNRYTYWRMFGDAYVNLTPFKGFNLRSTFGLDYANKQ
ARYFTYPYQEGTQTNNGKSAVEAKQEHWTKWMWNAIATYQLEVGKHRGDVMIGMELNREDDSHFSGYKEDFSILTPDYMW
PDAGSGTAQAYGAGEGYSLVSFFGKMNYSYADRYLLSLTLRRDGSSRFGKNHRYATFPSVSLGWRITQENFMKELTWLDD
LKLRASWGQTGNQEISNLARYTIYAPNYGTTDSFGGQSYGTAYDITGSNGGGVLPSGFKRNQIGNDNIKWETTTQTNVGI
DFSLFKQSLYGSLEYYYKKATDILTEMAGVGVLGEGGSRWINSGAMKNQGFEFNLGYRNKTAFGLTYDLNGNISTYRNEI
LELPETVAANGKFGGNGVKSVVGHTYGAQVGYIADGIFKSQDEVDNHATQEGAAVGRIRYRDIDHNGVIDERDQNWIYDP
TPSFSYGLNIYLEYKNFDLTMFWQGVQGVDIISDVKKKSDFWSASNVGFLNKGTRLLNAWSPTNPNSDIPALTRSDTNNE
QRVSTYFVENGSFLKLRNIQLGYTVPAVISKKMRMDRLRFYCSAQNLLTIKSKNFTGEDPENPNFSYPIPVNITFGLNIG
F
;
A,I
#
# COMPACT_ATOMS: atom_id res chain seq x y z
N PRO A 27 48.20 -39.42 -10.34
CA PRO A 27 47.27 -40.53 -10.58
C PRO A 27 47.97 -41.74 -11.17
N ILE A 28 47.64 -42.93 -10.67
CA ILE A 28 48.22 -44.18 -11.14
C ILE A 28 47.09 -45.07 -11.66
N LEU A 29 47.24 -45.55 -12.88
CA LEU A 29 46.23 -46.41 -13.49
C LEU A 29 46.37 -47.83 -12.99
N THR A 30 45.24 -48.51 -12.83
CA THR A 30 45.19 -49.90 -12.38
C THR A 30 44.87 -50.80 -13.56
N GLN A 31 45.68 -51.83 -13.75
CA GLN A 31 45.51 -52.78 -14.85
C GLN A 31 44.93 -54.08 -14.31
N LYS A 32 43.84 -54.54 -14.92
CA LYS A 32 43.21 -55.79 -14.53
C LYS A 32 43.73 -56.92 -15.41
N ASN A 33 43.98 -58.06 -14.79
CA ASN A 33 44.54 -59.23 -15.48
C ASN A 33 43.45 -59.86 -16.33
N TRP A 34 43.32 -59.38 -17.57
CA TRP A 34 42.33 -59.95 -18.48
C TRP A 34 42.66 -61.40 -18.81
N ASP A 35 43.94 -61.70 -19.06
CA ASP A 35 44.36 -63.05 -19.41
C ASP A 35 44.54 -63.84 -18.13
N GLY A 36 43.54 -64.66 -17.79
CA GLY A 36 43.60 -65.46 -16.58
C GLY A 36 42.26 -65.56 -15.88
N THR A 37 41.33 -64.68 -16.22
CA THR A 37 40.00 -64.66 -15.63
C THR A 37 38.96 -64.88 -16.72
N ALA A 38 38.07 -65.83 -16.48
CA ALA A 38 37.00 -66.15 -17.42
C ALA A 38 35.68 -65.49 -17.04
N THR A 39 35.70 -64.56 -16.08
CA THR A 39 34.48 -63.89 -15.66
C THR A 39 33.91 -63.04 -16.79
N TYR A 40 32.59 -63.10 -16.95
CA TYR A 40 31.93 -62.30 -17.97
C TYR A 40 32.12 -60.81 -17.68
N PHE A 41 32.39 -60.04 -18.74
CA PHE A 41 32.66 -58.63 -18.62
C PHE A 41 31.75 -57.83 -19.53
N GLN A 42 31.33 -56.66 -19.06
CA GLN A 42 30.46 -55.78 -19.83
C GLN A 42 31.33 -54.88 -20.71
N SER A 43 31.51 -55.28 -21.96
CA SER A 43 32.31 -54.52 -22.90
C SER A 43 31.48 -53.37 -23.48
N SER A 44 32.14 -52.52 -24.26
CA SER A 44 31.48 -51.39 -24.91
C SER A 44 32.12 -51.18 -26.27
N ASP A 45 31.28 -50.78 -27.23
CA ASP A 45 31.77 -50.54 -28.59
C ASP A 45 32.10 -49.08 -28.80
N GLU A 46 33.03 -48.84 -29.72
CA GLU A 46 33.43 -47.49 -30.09
C GLU A 46 32.54 -46.95 -31.19
N HIS A 47 32.46 -45.62 -31.27
CA HIS A 47 31.66 -44.98 -32.31
C HIS A 47 32.25 -45.18 -33.70
N GLY A 48 33.53 -45.48 -33.79
CA GLY A 48 34.18 -45.71 -35.08
C GLY A 48 34.82 -47.09 -35.11
N PHE A 49 34.80 -47.71 -36.29
CA PHE A 49 35.35 -49.05 -36.48
C PHE A 49 36.49 -48.99 -37.48
N SER A 50 37.45 -49.91 -37.33
CA SER A 50 38.64 -49.89 -38.16
C SER A 50 38.47 -50.78 -39.40
N MET A 51 38.24 -52.08 -39.20
CA MET A 51 38.15 -53.00 -40.32
C MET A 51 36.85 -52.80 -41.09
N TYR A 52 35.73 -53.03 -40.42
CA TYR A 52 34.42 -52.90 -41.04
C TYR A 52 33.98 -51.45 -40.84
N TYR A 53 34.23 -50.62 -41.85
CA TYR A 53 34.16 -49.17 -41.68
C TYR A 53 32.78 -48.74 -41.23
N LYS A 54 32.75 -47.81 -40.29
CA LYS A 54 31.55 -47.18 -39.80
C LYS A 54 31.91 -45.80 -39.27
N PRO A 55 31.32 -44.73 -39.79
CA PRO A 55 31.69 -43.38 -39.36
C PRO A 55 31.36 -43.16 -37.90
N GLN A 56 32.15 -42.29 -37.25
CA GLN A 56 31.92 -41.98 -35.85
C GLN A 56 30.54 -41.37 -35.63
N VAL A 57 29.99 -40.70 -36.64
CA VAL A 57 28.66 -40.13 -36.58
C VAL A 57 27.77 -40.89 -37.55
N GLY A 58 26.66 -41.41 -37.04
CA GLY A 58 25.69 -42.08 -37.88
C GLY A 58 26.09 -43.50 -38.23
N PHE A 59 25.32 -44.08 -39.15
CA PHE A 59 25.49 -45.45 -39.59
C PHE A 59 25.39 -45.52 -41.11
N VAL A 60 26.01 -46.56 -41.66
CA VAL A 60 26.02 -46.78 -43.11
C VAL A 60 24.81 -47.60 -43.51
N GLY A 61 24.19 -47.21 -44.63
CA GLY A 61 23.06 -47.95 -45.16
C GLY A 61 23.44 -48.83 -46.33
N ASP A 62 22.73 -48.70 -47.44
CA ASP A 62 22.99 -49.54 -48.60
C ASP A 62 24.26 -49.07 -49.30
N PRO A 63 25.27 -49.93 -49.47
CA PRO A 63 26.51 -49.49 -50.11
C PRO A 63 26.34 -49.26 -51.60
N MET A 64 27.26 -48.47 -52.15
CA MET A 64 27.28 -48.12 -53.57
C MET A 64 28.70 -48.37 -54.05
N PRO A 65 29.07 -49.61 -54.35
CA PRO A 65 30.43 -49.89 -54.78
C PRO A 65 30.73 -49.28 -56.14
N PHE A 66 31.99 -48.89 -56.32
CA PHE A 66 32.41 -48.29 -57.58
C PHE A 66 33.94 -48.37 -57.67
N TYR A 67 34.43 -48.60 -58.88
CA TYR A 67 35.86 -48.65 -59.14
C TYR A 67 36.25 -47.44 -59.98
N ASP A 68 37.28 -46.71 -59.54
CA ASP A 68 37.72 -45.53 -60.25
C ASP A 68 38.74 -45.92 -61.31
N PRO A 69 38.43 -45.76 -62.60
CA PRO A 69 39.43 -46.08 -63.63
C PRO A 69 40.65 -45.18 -63.60
N VAL A 70 40.56 -44.01 -62.97
CA VAL A 70 41.67 -43.06 -62.95
C VAL A 70 42.60 -43.39 -61.78
N ALA A 71 42.06 -43.35 -60.57
CA ALA A 71 42.87 -43.60 -59.38
C ALA A 71 43.14 -45.07 -59.13
N LYS A 72 42.50 -45.97 -59.89
CA LYS A 72 42.72 -47.41 -59.77
C LYS A 72 42.48 -47.90 -58.35
N ASP A 73 41.34 -47.51 -57.78
CA ASP A 73 40.97 -47.89 -56.43
C ASP A 73 39.46 -48.04 -56.35
N PHE A 74 38.97 -48.28 -55.14
CA PHE A 74 37.54 -48.42 -54.89
C PHE A 74 37.04 -47.17 -54.17
N LYS A 75 36.02 -46.54 -54.74
CA LYS A 75 35.37 -45.37 -54.15
C LYS A 75 33.90 -45.73 -53.95
N VAL A 76 33.61 -46.32 -52.81
CA VAL A 76 32.26 -46.79 -52.51
C VAL A 76 31.51 -45.69 -51.74
N MET A 77 30.32 -45.35 -52.22
CA MET A 77 29.44 -44.41 -51.55
C MET A 77 28.48 -45.17 -50.63
N TYR A 78 27.68 -44.42 -49.90
CA TYR A 78 26.68 -45.02 -49.02
C TYR A 78 25.72 -43.95 -48.55
N LEU A 79 24.73 -44.37 -47.77
CA LEU A 79 23.74 -43.48 -47.18
C LEU A 79 24.00 -43.35 -45.68
N GLN A 80 23.99 -42.12 -45.20
CA GLN A 80 24.15 -41.84 -43.78
C GLN A 80 22.80 -41.89 -43.10
N ASP A 81 22.72 -42.62 -41.98
CA ASP A 81 21.48 -42.74 -41.24
C ASP A 81 21.73 -42.38 -39.78
N TYR A 82 20.77 -41.69 -39.17
CA TYR A 82 20.84 -41.32 -37.78
C TYR A 82 19.61 -41.84 -37.04
N ARG A 83 19.77 -42.13 -35.76
CA ARG A 83 18.62 -42.56 -34.95
C ARG A 83 17.55 -41.48 -34.87
N PRO A 84 17.85 -40.21 -34.55
CA PRO A 84 16.80 -39.18 -34.65
C PRO A 84 16.75 -38.54 -36.03
N ASN A 85 16.24 -39.29 -37.00
CA ASN A 85 16.21 -38.82 -38.37
C ASN A 85 15.26 -37.63 -38.52
N PRO A 86 15.60 -36.69 -39.40
CA PRO A 86 14.67 -35.59 -39.69
C PRO A 86 13.37 -36.12 -40.27
N GLU A 87 12.27 -35.42 -39.94
CA GLU A 87 10.95 -35.90 -40.31
C GLU A 87 10.66 -35.78 -41.81
N ALA A 88 11.42 -34.96 -42.54
CA ALA A 88 11.12 -34.69 -43.94
C ALA A 88 12.19 -35.25 -44.87
N THR A 89 13.46 -34.85 -44.69
CA THR A 89 14.54 -35.25 -45.59
C THR A 89 15.67 -35.86 -44.77
N TYR A 90 15.75 -37.19 -44.77
CA TYR A 90 16.75 -37.92 -43.98
C TYR A 90 17.46 -38.95 -44.87
N HIS A 91 18.44 -38.49 -45.65
CA HIS A 91 19.32 -39.40 -46.38
C HIS A 91 20.58 -38.69 -46.88
N PRO A 92 21.48 -38.27 -45.99
CA PRO A 92 22.77 -37.77 -46.45
C PRO A 92 23.56 -38.88 -47.12
N ILE A 93 24.39 -38.50 -48.09
CA ILE A 93 25.22 -39.44 -48.84
C ILE A 93 26.68 -39.10 -48.58
N PHE A 94 27.45 -40.11 -48.19
CA PHE A 94 28.88 -39.95 -47.96
C PHE A 94 29.63 -40.99 -48.77
N GLY A 95 30.88 -40.67 -49.10
CA GLY A 95 31.71 -41.53 -49.91
C GLY A 95 32.87 -42.09 -49.11
N VAL A 96 33.23 -43.34 -49.42
CA VAL A 96 34.34 -44.02 -48.78
C VAL A 96 35.32 -44.45 -49.86
N ALA A 97 36.59 -44.07 -49.68
CA ALA A 97 37.65 -44.43 -50.60
C ALA A 97 38.54 -45.48 -49.96
N THR A 98 38.90 -46.50 -50.74
CA THR A 98 39.74 -47.57 -50.24
C THR A 98 40.45 -48.26 -51.40
N LYS A 99 41.73 -48.56 -51.20
CA LYS A 99 42.45 -49.34 -52.19
C LYS A 99 42.10 -50.82 -52.09
N ASP A 100 41.88 -51.31 -50.88
CA ASP A 100 41.52 -52.70 -50.64
C ASP A 100 40.32 -52.78 -49.71
N GLY A 101 40.00 -53.98 -49.23
CA GLY A 101 38.86 -54.17 -48.36
C GLY A 101 39.13 -53.98 -46.89
N ALA A 102 40.33 -53.54 -46.50
CA ALA A 102 40.71 -53.46 -45.10
C ALA A 102 40.71 -52.02 -44.58
N THR A 103 41.42 -51.12 -45.23
CA THR A 103 41.55 -49.74 -44.76
C THR A 103 40.66 -48.83 -45.60
N TYR A 104 39.90 -47.97 -44.92
CA TYR A 104 38.95 -47.08 -45.56
C TYR A 104 39.19 -45.65 -45.09
N GLU A 105 38.84 -44.69 -45.94
CA GLU A 105 38.86 -43.28 -45.58
C GLU A 105 37.58 -42.62 -46.06
N SER A 106 37.20 -41.53 -45.40
CA SER A 106 35.95 -40.84 -45.70
C SER A 106 36.24 -39.62 -46.57
N LEU A 107 35.48 -39.48 -47.65
CA LEU A 107 35.58 -38.33 -48.54
C LEU A 107 34.61 -37.22 -48.19
N GLY A 108 33.83 -37.39 -47.12
CA GLY A 108 32.85 -36.39 -46.75
C GLY A 108 31.56 -36.54 -47.52
N GLU A 109 30.64 -35.63 -47.23
CA GLU A 109 29.34 -35.64 -47.89
C GLU A 109 29.50 -35.34 -49.37
N LEU A 110 28.78 -36.09 -50.21
CA LEU A 110 28.84 -35.93 -51.65
C LEU A 110 27.55 -35.38 -52.23
N ILE A 111 26.42 -36.02 -51.95
CA ILE A 111 25.12 -35.59 -52.45
C ILE A 111 24.32 -35.06 -51.26
N SER A 112 24.04 -33.76 -51.27
CA SER A 112 23.28 -33.17 -50.18
C SER A 112 21.82 -33.62 -50.24
N CYS A 113 21.22 -33.74 -49.06
CA CYS A 113 19.81 -34.11 -48.98
C CYS A 113 18.95 -33.00 -49.58
N GLY A 114 17.85 -33.41 -50.21
CA GLY A 114 16.96 -32.47 -50.86
C GLY A 114 16.12 -31.70 -49.87
N GLY A 115 15.34 -30.77 -50.42
CA GLY A 115 14.46 -29.95 -49.60
C GLY A 115 13.24 -30.72 -49.11
N ARG A 116 12.48 -30.05 -48.24
CA ARG A 116 11.29 -30.67 -47.68
C ARG A 116 10.26 -30.98 -48.77
N ASP A 117 10.03 -30.04 -49.68
CA ASP A 117 9.06 -30.23 -50.75
C ASP A 117 9.70 -30.74 -52.04
N GLU A 118 11.02 -30.88 -52.08
CA GLU A 118 11.68 -31.40 -53.27
C GLU A 118 11.47 -32.91 -53.39
N GLN A 119 11.60 -33.41 -54.61
CA GLN A 119 11.38 -34.83 -54.87
C GLN A 119 12.51 -35.68 -54.30
N ASP A 120 13.70 -35.11 -54.07
CA ASP A 120 14.84 -35.86 -53.56
C ASP A 120 15.02 -35.66 -52.05
N ALA A 121 13.93 -35.55 -51.30
CA ALA A 121 14.06 -35.44 -49.84
C ALA A 121 14.70 -36.68 -49.25
N ALA A 122 14.27 -37.86 -49.70
CA ALA A 122 14.87 -39.12 -49.30
C ALA A 122 15.50 -39.77 -50.52
N ILE A 123 16.76 -40.16 -50.40
CA ILE A 123 17.54 -40.68 -51.52
C ILE A 123 17.71 -42.17 -51.34
N GLY A 124 17.36 -42.93 -52.38
CA GLY A 124 17.51 -44.38 -52.36
C GLY A 124 18.82 -44.83 -52.98
N THR A 125 18.98 -46.15 -53.03
CA THR A 125 20.19 -46.74 -53.60
C THR A 125 20.23 -46.49 -55.11
N GLY A 126 21.43 -46.35 -55.64
CA GLY A 126 21.60 -46.11 -57.07
C GLY A 126 22.85 -46.72 -57.64
N GLY A 127 23.42 -46.06 -58.65
CA GLY A 127 24.64 -46.52 -59.29
C GLY A 127 25.52 -45.35 -59.70
N THR A 128 26.69 -45.70 -60.24
CA THR A 128 27.66 -44.68 -60.65
C THR A 128 28.53 -45.23 -61.76
N ILE A 129 28.75 -44.42 -62.79
CA ILE A 129 29.66 -44.74 -63.89
C ILE A 129 30.53 -43.53 -64.14
N TYR A 130 31.70 -43.75 -64.74
CA TYR A 130 32.60 -42.68 -65.14
C TYR A 130 32.69 -42.68 -66.67
N ASN A 131 32.07 -41.68 -67.29
CA ASN A 131 32.16 -41.55 -68.74
C ASN A 131 33.51 -40.95 -69.12
N PRO A 132 34.32 -41.63 -69.92
CA PRO A 132 35.58 -41.03 -70.39
C PRO A 132 35.40 -40.09 -71.58
N ALA A 133 34.24 -40.10 -72.24
CA ALA A 133 34.02 -39.21 -73.37
C ALA A 133 34.10 -37.75 -72.94
N ASP A 134 33.48 -37.42 -71.81
CA ASP A 134 33.59 -36.09 -71.22
C ASP A 134 34.41 -36.10 -69.94
N LYS A 135 34.96 -37.26 -69.55
CA LYS A 135 35.77 -37.39 -68.33
C LYS A 135 34.99 -36.92 -67.11
N LEU A 136 33.78 -37.44 -66.95
CA LEU A 136 32.89 -37.01 -65.88
C LEU A 136 32.27 -38.22 -65.18
N TYR A 137 32.12 -38.11 -63.87
CA TYR A 137 31.47 -39.14 -63.08
C TYR A 137 29.99 -38.86 -62.97
N TYR A 138 29.17 -39.72 -63.55
CA TYR A 138 27.72 -39.61 -63.49
C TYR A 138 27.19 -40.63 -62.49
N THR A 139 26.46 -40.15 -61.48
CA THR A 139 25.82 -41.02 -60.52
C THR A 139 24.30 -40.87 -60.65
N PHE A 140 23.60 -41.98 -60.48
CA PHE A 140 22.14 -42.00 -60.55
C PHE A 140 21.60 -42.48 -59.22
N TYR A 141 20.60 -41.77 -58.68
CA TYR A 141 20.01 -42.11 -57.41
C TYR A 141 18.49 -42.01 -57.53
N THR A 142 17.80 -42.43 -56.48
CA THR A 142 16.34 -42.43 -56.43
C THR A 142 15.88 -41.50 -55.33
N GLY A 143 15.29 -40.37 -55.71
CA GLY A 143 14.73 -39.44 -54.74
C GLY A 143 13.30 -39.83 -54.42
N ASN A 144 12.98 -39.82 -53.13
CA ASN A 144 11.64 -40.17 -52.64
C ASN A 144 10.97 -38.93 -52.09
N LYS A 145 9.79 -38.63 -52.60
CA LYS A 145 9.05 -37.46 -52.14
C LYS A 145 8.47 -37.71 -50.75
N PHE A 146 8.62 -36.70 -49.88
CA PHE A 146 8.02 -36.78 -48.56
C PHE A 146 6.52 -36.57 -48.66
N LYS A 147 5.74 -37.47 -48.02
CA LYS A 147 4.29 -37.56 -48.08
C LYS A 147 3.77 -37.20 -49.47
N PRO A 148 4.11 -37.97 -50.50
CA PRO A 148 3.73 -37.60 -51.86
C PRO A 148 2.22 -37.66 -52.07
N SER A 149 1.76 -36.82 -52.98
CA SER A 149 0.35 -36.80 -53.35
C SER A 149 0.03 -37.95 -54.31
N SER A 150 -1.26 -38.16 -54.55
CA SER A 150 -1.68 -39.25 -55.43
C SER A 150 -1.20 -39.02 -56.85
N ASP A 151 -1.27 -37.79 -57.34
CA ASP A 151 -0.87 -37.47 -58.70
C ASP A 151 0.64 -37.26 -58.86
N GLN A 152 1.39 -37.29 -57.77
CA GLN A 152 2.83 -37.07 -57.81
C GLN A 152 3.56 -38.39 -57.64
N ASN A 153 4.54 -38.64 -58.49
CA ASN A 153 5.33 -39.86 -58.41
C ASN A 153 6.09 -39.92 -57.09
N ALA A 154 6.02 -41.06 -56.41
CA ALA A 154 6.66 -41.19 -55.12
C ALA A 154 8.18 -41.27 -55.24
N GLN A 155 8.68 -41.97 -56.25
CA GLN A 155 10.11 -42.16 -56.43
C GLN A 155 10.49 -41.75 -57.85
N VAL A 156 11.53 -40.93 -57.96
CA VAL A 156 12.00 -40.43 -59.25
C VAL A 156 13.51 -40.61 -59.33
N VAL A 157 14.00 -41.14 -60.44
CA VAL A 157 15.43 -41.33 -60.63
C VAL A 157 16.04 -40.03 -61.13
N MET A 158 17.08 -39.56 -60.45
CA MET A 158 17.79 -38.35 -60.82
C MET A 158 19.28 -38.65 -60.95
N VAL A 159 20.00 -37.67 -61.50
CA VAL A 159 21.42 -37.84 -61.84
C VAL A 159 22.21 -36.65 -61.30
N ALA A 160 23.41 -36.93 -60.83
CA ALA A 160 24.37 -35.91 -60.43
C ALA A 160 25.69 -36.14 -61.16
N THR A 161 26.40 -35.05 -61.43
CA THR A 161 27.63 -35.07 -62.19
C THR A 161 28.77 -34.50 -61.36
N SER A 162 29.96 -35.08 -61.51
CA SER A 162 31.16 -34.60 -60.84
C SER A 162 32.32 -34.59 -61.84
N PRO A 163 33.20 -33.58 -61.75
CA PRO A 163 34.38 -33.58 -62.61
C PRO A 163 35.54 -34.36 -62.04
N ASP A 164 35.61 -34.47 -60.71
CA ASP A 164 36.73 -35.14 -60.07
C ASP A 164 36.32 -35.97 -58.85
N PHE A 165 35.06 -36.40 -58.77
CA PHE A 165 34.54 -37.19 -57.66
C PHE A 165 34.63 -36.46 -56.33
N LYS A 166 34.81 -35.14 -56.35
CA LYS A 166 34.90 -34.34 -55.14
C LYS A 166 33.64 -33.49 -54.91
N THR A 167 33.25 -32.69 -55.88
CA THR A 167 32.04 -31.89 -55.81
C THR A 167 31.03 -32.39 -56.83
N TRP A 168 29.76 -32.38 -56.45
CA TRP A 168 28.69 -32.95 -57.27
C TRP A 168 27.61 -31.91 -57.50
N THR A 169 27.11 -31.86 -58.72
CA THR A 169 26.01 -30.98 -59.11
C THR A 169 24.87 -31.82 -59.63
N LYS A 170 23.67 -31.61 -59.07
CA LYS A 170 22.49 -32.37 -59.48
C LYS A 170 21.95 -31.80 -60.79
N ASN A 171 21.82 -32.64 -61.80
CA ASN A 171 21.26 -32.21 -63.08
C ASN A 171 19.76 -32.02 -62.91
N ARG A 172 19.34 -30.77 -62.70
CA ARG A 172 17.93 -30.47 -62.49
C ARG A 172 17.10 -30.63 -63.76
N THR A 173 17.74 -30.80 -64.92
CA THR A 173 17.02 -30.98 -66.17
C THR A 173 16.55 -32.41 -66.40
N PHE A 174 16.99 -33.36 -65.57
CA PHE A 174 16.69 -34.77 -65.76
C PHE A 174 15.74 -35.22 -64.66
N TYR A 175 14.60 -35.80 -65.06
CA TYR A 175 13.63 -36.33 -64.12
C TYR A 175 12.93 -37.51 -64.80
N LEU A 176 13.36 -38.72 -64.47
CA LEU A 176 12.82 -39.93 -65.07
C LEU A 176 11.65 -40.42 -64.22
N LYS A 177 10.47 -40.54 -64.83
CA LYS A 177 9.26 -40.93 -64.13
C LYS A 177 8.89 -42.37 -64.46
N GLY A 178 8.54 -43.13 -63.43
CA GLY A 178 8.17 -44.51 -63.64
C GLY A 178 6.86 -44.66 -64.40
N ASP A 179 5.88 -43.80 -64.11
CA ASP A 179 4.58 -43.90 -64.76
C ASP A 179 4.61 -43.49 -66.23
N THR A 180 5.71 -42.88 -66.70
CA THR A 180 5.81 -42.52 -68.10
C THR A 180 5.77 -43.75 -69.00
N TYR A 181 6.46 -44.81 -68.59
CA TYR A 181 6.52 -46.05 -69.35
C TYR A 181 5.58 -47.12 -68.81
N GLY A 182 4.60 -46.72 -68.00
CA GLY A 182 3.61 -47.64 -67.48
C GLY A 182 3.98 -48.37 -66.22
N TYR A 183 5.13 -48.07 -65.63
CA TYR A 183 5.56 -48.75 -64.41
C TYR A 183 4.94 -48.06 -63.18
N ASP A 184 5.13 -48.71 -62.04
CA ASP A 184 4.51 -48.23 -60.80
C ASP A 184 5.10 -46.88 -60.38
N LYS A 185 4.22 -45.99 -59.92
CA LYS A 185 4.68 -44.68 -59.45
C LYS A 185 5.38 -44.79 -58.09
N ASN A 186 4.84 -45.62 -57.20
CA ASN A 186 5.34 -45.70 -55.83
C ASN A 186 6.43 -46.76 -55.64
N ASP A 187 6.77 -47.52 -56.69
CA ASP A 187 7.79 -48.56 -56.61
C ASP A 187 8.71 -48.41 -57.82
N PHE A 188 9.74 -47.58 -57.67
CA PHE A 188 10.71 -47.32 -58.73
C PHE A 188 12.04 -47.02 -58.05
N ARG A 189 12.87 -48.05 -57.89
CA ARG A 189 14.04 -47.96 -57.02
C ARG A 189 15.25 -48.60 -57.70
N ASP A 190 16.42 -48.29 -57.13
CA ASP A 190 17.70 -48.94 -57.42
C ASP A 190 18.08 -48.88 -58.89
N PRO A 191 18.43 -47.71 -59.42
CA PRO A 191 18.96 -47.64 -60.79
C PRO A 191 20.40 -48.12 -60.83
N PHE A 192 20.61 -49.31 -61.38
CA PHE A 192 21.95 -49.88 -61.52
C PHE A 192 22.41 -49.68 -62.96
N LEU A 193 23.50 -48.95 -63.14
CA LEU A 193 24.00 -48.60 -64.46
C LEU A 193 25.26 -49.39 -64.78
N PHE A 194 25.31 -49.96 -65.98
CA PHE A 194 26.50 -50.70 -66.41
C PHE A 194 26.64 -50.59 -67.91
N GLN A 195 27.89 -50.70 -68.38
CA GLN A 195 28.22 -50.55 -69.79
C GLN A 195 28.60 -51.90 -70.37
N THR A 196 28.02 -52.24 -71.52
CA THR A 196 28.35 -53.47 -72.23
C THR A 196 29.57 -53.25 -73.11
N GLU A 197 29.92 -54.27 -73.89
CA GLU A 197 31.09 -54.18 -74.76
C GLU A 197 30.84 -53.30 -75.97
N ASP A 198 29.59 -53.22 -76.44
CA ASP A 198 29.27 -52.44 -77.63
C ASP A 198 29.41 -50.94 -77.40
N GLY A 199 29.49 -50.49 -76.15
CA GLY A 199 29.66 -49.09 -75.85
C GLY A 199 28.42 -48.36 -75.41
N VAL A 200 27.29 -49.04 -75.29
CA VAL A 200 26.05 -48.42 -74.83
C VAL A 200 25.87 -48.76 -73.36
N TYR A 201 25.16 -47.88 -72.64
CA TYR A 201 24.93 -48.03 -71.21
C TYR A 201 23.51 -48.49 -70.96
N HIS A 202 23.35 -49.35 -69.96
CA HIS A 202 22.04 -49.89 -69.58
C HIS A 202 21.80 -49.62 -68.11
N MET A 203 20.62 -49.09 -67.80
CA MET A 203 20.19 -48.86 -66.43
C MET A 203 19.05 -49.81 -66.10
N LEU A 204 19.20 -50.54 -65.00
CA LEU A 204 18.21 -51.51 -64.55
C LEU A 204 17.47 -50.92 -63.36
N ILE A 205 16.14 -51.00 -63.41
CA ILE A 205 15.25 -50.50 -62.36
C ILE A 205 14.41 -51.67 -61.86
N ALA A 206 14.45 -51.90 -60.54
CA ALA A 206 13.64 -52.95 -59.93
C ALA A 206 12.30 -52.35 -59.55
N THR A 207 11.40 -52.28 -60.53
CA THR A 207 10.12 -51.62 -60.35
C THR A 207 8.99 -52.64 -60.40
N ARG A 208 7.76 -52.14 -60.35
CA ARG A 208 6.57 -52.97 -60.41
C ARG A 208 5.74 -52.57 -61.62
N LYS A 209 5.26 -53.57 -62.36
CA LYS A 209 4.39 -53.35 -63.52
C LYS A 209 3.13 -54.17 -63.33
N ASN A 210 1.97 -53.50 -63.41
CA ASN A 210 0.65 -54.11 -63.23
C ASN A 210 0.64 -55.11 -62.07
N GLY A 211 1.20 -54.69 -60.94
CA GLY A 211 1.22 -55.54 -59.76
C GLY A 211 2.20 -56.69 -59.83
N LYS A 212 3.10 -56.69 -60.80
CA LYS A 212 4.09 -57.74 -60.94
C LYS A 212 5.49 -57.12 -60.91
N GLY A 213 6.40 -57.79 -60.20
CA GLY A 213 7.76 -57.29 -60.11
C GLY A 213 8.50 -57.45 -61.43
N HIS A 214 9.11 -56.38 -61.91
CA HIS A 214 9.87 -56.40 -63.15
C HIS A 214 11.15 -55.59 -63.01
N ILE A 215 12.25 -56.18 -63.46
CA ILE A 215 13.50 -55.45 -63.66
C ILE A 215 13.48 -54.92 -65.08
N ALA A 216 13.34 -53.60 -65.22
CA ALA A 216 13.23 -52.94 -66.50
C ALA A 216 14.56 -52.32 -66.90
N GLU A 217 14.83 -52.35 -68.21
CA GLU A 217 16.10 -51.88 -68.76
C GLU A 217 15.88 -50.63 -69.60
N PHE A 218 16.74 -49.63 -69.40
CA PHE A 218 16.75 -48.42 -70.20
C PHE A 218 18.12 -48.29 -70.84
N THR A 219 18.15 -48.18 -72.17
CA THR A 219 19.38 -48.08 -72.91
C THR A 219 19.68 -46.63 -73.27
N SER A 220 20.97 -46.30 -73.33
CA SER A 220 21.41 -44.96 -73.68
C SER A 220 22.81 -45.03 -74.27
N ALA A 221 23.21 -43.94 -74.92
CA ALA A 221 24.55 -43.80 -75.46
C ALA A 221 25.31 -42.60 -74.93
N ASP A 222 24.64 -41.69 -74.23
CA ASP A 222 25.30 -40.50 -73.68
C ASP A 222 24.83 -40.18 -72.27
N LEU A 223 24.07 -41.06 -71.63
CA LEU A 223 23.52 -40.86 -70.29
C LEU A 223 22.65 -39.61 -70.21
N LYS A 224 22.01 -39.23 -71.30
CA LYS A 224 21.10 -38.09 -71.31
C LYS A 224 19.73 -38.43 -71.87
N GLU A 225 19.66 -39.30 -72.89
CA GLU A 225 18.41 -39.77 -73.45
C GLU A 225 18.33 -41.27 -73.23
N TRP A 226 17.24 -41.73 -72.60
CA TRP A 226 17.07 -43.13 -72.25
C TRP A 226 15.84 -43.69 -72.95
N GLU A 227 16.01 -44.86 -73.56
CA GLU A 227 14.92 -45.55 -74.24
C GLU A 227 14.62 -46.85 -73.51
N SER A 228 13.36 -47.06 -73.16
CA SER A 228 12.96 -48.26 -72.43
C SER A 228 12.99 -49.46 -73.37
N ALA A 229 13.91 -50.40 -73.12
CA ALA A 229 14.03 -51.59 -73.94
C ALA A 229 13.17 -52.73 -73.40
N GLY A 230 11.89 -52.45 -73.19
CA GLY A 230 10.99 -53.47 -72.67
C GLY A 230 11.32 -53.84 -71.24
N THR A 231 11.00 -55.08 -70.89
CA THR A 231 11.25 -55.61 -69.56
C THR A 231 12.46 -56.54 -69.61
N PHE A 232 13.47 -56.26 -68.80
CA PHE A 232 14.70 -57.03 -68.84
C PHE A 232 14.51 -58.40 -68.17
N MET A 233 13.85 -58.44 -67.02
CA MET A 233 13.53 -59.69 -66.33
C MET A 233 12.25 -59.51 -65.54
N THR A 234 11.64 -60.65 -65.20
CA THR A 234 10.48 -60.70 -64.32
C THR A 234 10.91 -61.25 -62.96
N MET A 235 10.01 -61.13 -61.98
CA MET A 235 10.39 -61.51 -60.64
C MET A 235 9.73 -62.83 -60.24
N MET A 236 9.95 -63.25 -58.99
CA MET A 236 9.73 -64.63 -58.57
C MET A 236 8.68 -64.64 -57.46
N TRP A 237 7.54 -65.29 -57.71
CA TRP A 237 6.33 -65.18 -56.89
C TRP A 237 6.11 -63.76 -56.39
N ASP A 238 6.02 -62.82 -57.34
CA ASP A 238 5.70 -61.41 -57.08
C ASP A 238 6.42 -60.85 -55.87
N ARG A 239 7.68 -61.24 -55.67
CA ARG A 239 8.48 -60.71 -54.58
C ARG A 239 9.06 -59.36 -54.98
N PHE A 240 9.96 -58.82 -54.16
CA PHE A 240 10.64 -57.58 -54.46
C PHE A 240 12.12 -57.72 -54.14
N TYR A 241 12.97 -57.31 -55.07
CA TYR A 241 14.41 -57.36 -54.92
C TYR A 241 14.94 -55.95 -54.68
N GLU A 242 16.06 -55.85 -54.00
CA GLU A 242 16.69 -54.57 -53.69
C GLU A 242 18.12 -54.56 -54.21
N CYS A 243 18.50 -53.47 -54.86
CA CYS A 243 19.85 -53.26 -55.36
C CYS A 243 20.31 -54.37 -56.30
N PRO A 244 19.67 -54.53 -57.45
CA PRO A 244 20.15 -55.53 -58.42
C PRO A 244 21.49 -55.12 -59.02
N ASP A 245 22.29 -56.13 -59.36
CA ASP A 245 23.60 -55.89 -59.95
C ASP A 245 23.91 -57.03 -60.89
N VAL A 246 24.11 -56.71 -62.17
CA VAL A 246 24.41 -57.70 -63.21
C VAL A 246 25.86 -57.53 -63.62
N PHE A 247 26.61 -58.63 -63.62
CA PHE A 247 28.01 -58.58 -64.00
C PHE A 247 28.40 -59.92 -64.64
N LYS A 248 29.64 -60.00 -65.09
CA LYS A 248 30.18 -61.21 -65.69
C LYS A 248 31.49 -61.57 -65.02
N MET A 249 31.66 -62.84 -64.65
CA MET A 249 32.85 -63.33 -63.99
C MET A 249 33.44 -64.46 -64.83
N GLY A 250 34.28 -64.09 -65.80
CA GLY A 250 34.99 -65.07 -66.60
C GLY A 250 34.16 -65.66 -67.73
N ASP A 251 33.25 -66.57 -67.39
CA ASP A 251 32.46 -67.26 -68.39
C ASP A 251 30.97 -67.33 -68.02
N TRP A 252 30.56 -66.66 -66.96
CA TRP A 252 29.18 -66.70 -66.51
C TRP A 252 28.70 -65.28 -66.21
N TRP A 253 27.39 -65.09 -66.35
CA TRP A 253 26.74 -63.83 -66.02
C TRP A 253 25.93 -64.02 -64.74
N TYR A 254 26.16 -63.15 -63.76
CA TYR A 254 25.54 -63.26 -62.45
C TYR A 254 24.73 -62.00 -62.15
N LEU A 255 23.52 -62.19 -61.67
CA LEU A 255 22.67 -61.12 -61.17
C LEU A 255 22.51 -61.33 -59.67
N ILE A 256 23.02 -60.39 -58.88
CA ILE A 256 22.98 -60.44 -57.43
C ILE A 256 21.99 -59.41 -56.93
N TYR A 257 21.19 -59.79 -55.94
CA TYR A 257 20.12 -58.93 -55.44
C TYR A 257 19.81 -59.28 -54.00
N SER A 258 19.10 -58.38 -53.33
CA SER A 258 18.64 -58.57 -51.96
C SER A 258 17.13 -58.61 -51.93
N GLU A 259 16.58 -59.61 -51.23
CA GLU A 259 15.14 -59.79 -51.18
C GLU A 259 14.50 -58.80 -50.21
N GLN A 260 13.46 -58.10 -50.68
CA GLN A 260 12.73 -57.16 -49.85
C GLN A 260 11.70 -57.85 -48.94
N ALA A 261 11.36 -59.11 -49.22
CA ALA A 261 10.37 -59.80 -48.42
C ALA A 261 10.85 -59.93 -46.98
N SER A 262 9.93 -59.68 -46.04
CA SER A 262 10.29 -59.73 -44.62
C SER A 262 10.69 -61.14 -44.20
N PHE A 263 9.99 -62.16 -44.69
CA PHE A 263 10.30 -63.53 -44.29
C PHE A 263 11.68 -63.95 -44.76
N MET A 264 12.13 -63.44 -45.91
CA MET A 264 13.41 -63.86 -46.45
C MET A 264 14.53 -62.89 -46.05
N ARG A 265 14.42 -61.63 -46.47
CA ARG A 265 15.29 -60.53 -46.03
C ARG A 265 16.77 -60.92 -46.11
N LYS A 266 17.15 -61.51 -47.24
CA LYS A 266 18.52 -61.96 -47.43
C LYS A 266 18.95 -61.64 -48.85
N VAL A 267 20.12 -62.16 -49.23
CA VAL A 267 20.75 -61.85 -50.51
C VAL A 267 20.77 -63.11 -51.36
N GLN A 268 20.27 -63.00 -52.59
CA GLN A 268 20.18 -64.12 -53.51
C GLN A 268 20.82 -63.74 -54.83
N TYR A 269 21.12 -64.75 -55.65
CA TYR A 269 21.77 -64.51 -56.93
C TYR A 269 21.34 -65.58 -57.93
N PHE A 270 21.56 -65.28 -59.21
CA PHE A 270 21.28 -66.21 -60.29
C PHE A 270 22.53 -66.31 -61.17
N LYS A 271 22.62 -67.44 -61.89
CA LYS A 271 23.75 -67.70 -62.77
C LYS A 271 23.27 -67.88 -64.20
N GLY A 272 24.15 -67.58 -65.15
CA GLY A 272 23.83 -67.71 -66.56
C GLY A 272 25.06 -67.67 -67.44
N ARG A 273 25.09 -68.53 -68.46
CA ARG A 273 26.25 -68.58 -69.35
C ARG A 273 26.39 -67.28 -70.14
N THR A 274 25.27 -66.76 -70.65
CA THR A 274 25.26 -65.53 -71.43
C THR A 274 24.21 -64.59 -70.88
N LEU A 275 24.21 -63.36 -71.39
CA LEU A 275 23.18 -62.40 -70.98
C LEU A 275 21.79 -62.87 -71.41
N GLU A 276 21.68 -63.41 -72.62
CA GLU A 276 20.39 -63.95 -73.07
C GLU A 276 19.97 -65.13 -72.20
N ASP A 277 20.92 -65.99 -71.82
CA ASP A 277 20.60 -67.11 -70.95
C ASP A 277 20.11 -66.62 -69.59
N LEU A 278 20.76 -65.60 -69.03
CA LEU A 278 20.33 -65.06 -67.75
C LEU A 278 18.94 -64.43 -67.86
N LYS A 279 18.67 -63.73 -68.96
CA LYS A 279 17.34 -63.15 -69.16
C LYS A 279 16.29 -64.23 -69.27
N ALA A 280 16.57 -65.30 -70.01
CA ALA A 280 15.62 -66.40 -70.14
C ALA A 280 15.44 -67.17 -68.84
N THR A 281 16.45 -67.12 -67.97
CA THR A 281 16.33 -67.77 -66.67
C THR A 281 15.19 -67.16 -65.88
N THR A 282 14.40 -68.03 -65.22
CA THR A 282 13.20 -67.68 -64.47
C THR A 282 12.41 -66.56 -65.15
N ALA A 283 12.18 -66.73 -66.46
CA ALA A 283 11.43 -65.74 -67.21
C ALA A 283 9.99 -65.65 -66.73
N ASN A 284 9.31 -66.80 -66.60
CA ASN A 284 7.96 -66.86 -66.05
C ASN A 284 7.94 -67.98 -65.01
N ASP A 285 8.35 -67.64 -63.78
CA ASP A 285 8.26 -68.56 -62.63
C ASP A 285 8.96 -69.89 -62.90
N ALA A 286 10.03 -69.87 -63.69
CA ALA A 286 10.78 -71.10 -63.95
C ALA A 286 11.50 -71.58 -62.70
N GLY A 287 12.04 -70.66 -61.91
CA GLY A 287 12.71 -71.01 -60.68
C GLY A 287 13.96 -71.84 -60.84
N ILE A 288 14.81 -71.49 -61.81
CA ILE A 288 16.06 -72.21 -62.05
C ILE A 288 17.08 -71.64 -61.08
N TRP A 289 17.16 -72.24 -59.90
CA TRP A 289 18.11 -71.78 -58.89
C TRP A 289 19.53 -72.09 -59.33
N PRO A 290 20.49 -71.21 -59.02
CA PRO A 290 21.88 -71.47 -59.44
C PRO A 290 22.46 -72.74 -58.83
N ASP A 291 22.06 -73.09 -57.62
CA ASP A 291 22.63 -74.26 -56.94
C ASP A 291 21.58 -74.83 -55.99
N ASN A 292 21.98 -75.83 -55.21
CA ASN A 292 21.07 -76.49 -54.29
C ASN A 292 20.68 -75.62 -53.10
N ARG A 293 21.38 -74.51 -52.87
CA ARG A 293 21.10 -73.63 -51.74
C ARG A 293 20.18 -72.47 -52.12
N GLU A 294 19.53 -72.54 -53.28
CA GLU A 294 18.61 -71.50 -53.74
C GLU A 294 19.30 -70.15 -53.89
N GLY A 295 20.62 -70.16 -54.08
CA GLY A 295 21.35 -68.92 -54.24
C GLY A 295 21.66 -68.18 -52.97
N MET A 296 21.53 -68.82 -51.81
CA MET A 296 21.84 -68.17 -50.55
C MET A 296 23.32 -67.82 -50.47
N LEU A 297 23.62 -66.65 -49.92
CA LEU A 297 25.00 -66.24 -49.68
C LEU A 297 25.29 -65.84 -48.24
N ASP A 298 24.32 -65.28 -47.54
CA ASP A 298 24.51 -64.89 -46.15
C ASP A 298 23.15 -64.80 -45.47
N SER A 299 23.18 -64.71 -44.15
CA SER A 299 21.96 -64.69 -43.35
C SER A 299 21.36 -63.28 -43.35
N ARG A 300 20.39 -63.05 -42.47
CA ARG A 300 19.71 -61.76 -42.39
C ARG A 300 20.64 -60.63 -41.94
N ALA A 301 21.82 -60.95 -41.43
CA ALA A 301 22.78 -59.94 -41.01
C ALA A 301 23.63 -59.40 -42.16
N PHE A 302 23.17 -59.55 -43.39
CA PHE A 302 23.88 -59.03 -44.55
C PHE A 302 22.85 -58.63 -45.59
N TYR A 303 22.78 -57.34 -45.90
CA TYR A 303 21.75 -56.82 -46.79
C TYR A 303 22.37 -55.85 -47.79
N ALA A 304 21.67 -55.68 -48.92
CA ALA A 304 22.08 -54.76 -49.98
C ALA A 304 23.49 -55.06 -50.47
N GLY A 305 23.80 -56.34 -50.61
CA GLY A 305 25.10 -56.74 -51.13
C GLY A 305 25.27 -56.40 -52.58
N LYS A 306 26.17 -55.47 -52.88
CA LYS A 306 26.46 -55.06 -54.25
C LYS A 306 27.95 -55.24 -54.53
N THR A 307 28.27 -55.67 -55.74
CA THR A 307 29.61 -56.10 -56.09
C THR A 307 30.31 -55.09 -56.99
N ALA A 308 31.64 -55.16 -56.97
CA ALA A 308 32.48 -54.34 -57.84
C ALA A 308 33.81 -55.05 -58.04
N SER A 309 34.38 -54.88 -59.23
CA SER A 309 35.60 -55.56 -59.61
C SER A 309 36.70 -54.54 -59.92
N ASP A 310 37.93 -54.89 -59.56
CA ASP A 310 39.10 -54.10 -59.89
C ASP A 310 39.83 -54.65 -61.11
N GLY A 311 39.26 -55.64 -61.78
CA GLY A 311 39.89 -56.28 -62.92
C GLY A 311 40.53 -57.63 -62.61
N THR A 312 40.77 -57.91 -61.33
CA THR A 312 41.37 -59.20 -60.95
C THR A 312 40.59 -59.85 -59.82
N ASN A 313 39.89 -59.05 -59.01
CA ASN A 313 39.16 -59.55 -57.87
C ASN A 313 37.78 -58.91 -57.82
N ARG A 314 36.84 -59.62 -57.21
CA ARG A 314 35.46 -59.17 -57.06
C ARG A 314 35.15 -59.02 -55.58
N TYR A 315 34.77 -57.82 -55.16
CA TYR A 315 34.46 -57.52 -53.78
C TYR A 315 33.02 -57.06 -53.66
N ILE A 316 32.29 -57.62 -52.70
CA ILE A 316 30.89 -57.28 -52.45
C ILE A 316 30.79 -56.55 -51.12
N TRP A 317 30.04 -55.45 -51.11
CA TRP A 317 29.81 -54.65 -49.92
C TRP A 317 28.35 -54.72 -49.53
N GLY A 318 28.11 -54.87 -48.23
CA GLY A 318 26.77 -54.87 -47.67
C GLY A 318 26.81 -54.18 -46.33
N TRP A 319 25.65 -54.16 -45.66
CA TRP A 319 25.56 -53.55 -44.34
C TRP A 319 24.98 -54.57 -43.36
N CYS A 320 25.74 -54.89 -42.33
CA CYS A 320 25.24 -55.72 -41.24
C CYS A 320 24.41 -54.84 -40.30
N PRO A 321 23.16 -55.17 -40.05
CA PRO A 321 22.31 -54.30 -39.23
C PRO A 321 22.68 -54.34 -37.76
N THR A 322 22.28 -53.29 -37.06
CA THR A 322 22.45 -53.23 -35.61
C THR A 322 21.30 -53.96 -34.93
N ARG A 323 21.29 -53.91 -33.60
CA ARG A 323 20.25 -54.54 -32.80
C ARG A 323 19.65 -53.50 -31.86
N ALA A 324 18.33 -53.54 -31.70
CA ALA A 324 17.66 -52.62 -30.80
C ALA A 324 18.12 -52.85 -29.36
N GLY A 325 18.46 -51.77 -28.67
CA GLY A 325 18.97 -51.88 -27.31
C GLY A 325 20.30 -52.57 -27.20
N ASN A 326 21.09 -52.59 -28.28
CA ASN A 326 22.37 -53.28 -28.37
C ASN A 326 22.32 -54.65 -27.68
N ASP A 327 21.27 -55.40 -27.99
CA ASP A 327 21.05 -56.73 -27.44
C ASP A 327 21.09 -57.75 -28.57
N ASN A 328 21.99 -58.72 -28.47
CA ASN A 328 22.10 -59.72 -29.53
C ASN A 328 20.85 -60.59 -29.63
N GLY A 329 20.16 -60.82 -28.51
CA GLY A 329 18.98 -61.66 -28.53
C GLY A 329 17.86 -61.09 -29.37
N ASN A 330 17.63 -59.78 -29.26
CA ASN A 330 16.55 -59.12 -29.99
C ASN A 330 16.98 -58.90 -31.44
N VAL A 331 16.80 -59.94 -32.24
CA VAL A 331 17.11 -59.85 -33.67
C VAL A 331 16.21 -58.82 -34.35
N GLY A 332 14.92 -58.84 -34.01
CA GLY A 332 13.98 -57.92 -34.61
C GLY A 332 12.85 -58.61 -35.33
N ASP A 333 11.62 -58.36 -34.89
CA ASP A 333 10.47 -58.99 -35.52
C ASP A 333 10.29 -58.49 -36.95
N VAL A 334 9.72 -59.35 -37.78
CA VAL A 334 9.41 -59.03 -39.18
C VAL A 334 10.69 -58.74 -39.96
N GLU A 335 11.31 -57.61 -39.67
CA GLU A 335 12.53 -57.19 -40.36
C GLU A 335 13.52 -56.63 -39.35
N PRO A 336 14.81 -56.71 -39.64
CA PRO A 336 15.81 -56.12 -38.75
C PRO A 336 15.86 -54.60 -38.92
N GLU A 337 16.57 -53.96 -37.98
CA GLU A 337 16.70 -52.51 -38.02
C GLU A 337 17.52 -52.08 -39.24
N TRP A 338 17.19 -50.90 -39.76
CA TRP A 338 17.89 -50.38 -40.92
C TRP A 338 19.28 -49.86 -40.53
N ALA A 339 20.14 -49.74 -41.54
CA ALA A 339 21.51 -49.26 -41.39
C ALA A 339 22.34 -50.18 -40.49
N GLY A 340 23.60 -49.83 -40.29
CA GLY A 340 24.48 -50.68 -39.50
C GLY A 340 25.95 -50.44 -39.77
N ASN A 341 26.69 -51.51 -40.03
CA ASN A 341 28.13 -51.45 -40.26
C ASN A 341 28.46 -52.00 -41.63
N LEU A 342 29.37 -51.34 -42.34
CA LEU A 342 29.76 -51.78 -43.68
C LEU A 342 30.62 -53.04 -43.59
N VAL A 343 30.25 -54.04 -44.38
CA VAL A 343 30.94 -55.32 -44.40
C VAL A 343 31.36 -55.61 -45.85
N ALA A 344 32.64 -55.94 -46.03
CA ALA A 344 33.18 -56.24 -47.34
C ALA A 344 33.66 -57.69 -47.38
N GLN A 345 33.26 -58.41 -48.41
CA GLN A 345 33.66 -59.80 -48.62
C GLN A 345 34.16 -59.97 -50.03
N ARG A 346 34.85 -61.09 -50.27
CA ARG A 346 35.42 -61.38 -51.58
C ARG A 346 34.65 -62.53 -52.22
N LEU A 347 34.15 -62.30 -53.43
CA LEU A 347 33.42 -63.33 -54.14
C LEU A 347 34.39 -64.38 -54.68
N ILE A 348 34.00 -65.65 -54.58
CA ILE A 348 34.81 -66.77 -55.03
C ILE A 348 34.01 -67.54 -56.08
N GLN A 349 34.62 -67.76 -57.24
CA GLN A 349 33.99 -68.46 -58.34
C GLN A 349 34.60 -69.84 -58.47
N HIS A 350 33.75 -70.86 -58.49
CA HIS A 350 34.20 -72.25 -58.63
C HIS A 350 34.08 -72.68 -60.09
N GLU A 351 34.49 -73.93 -60.36
CA GLU A 351 34.44 -74.45 -61.71
C GLU A 351 33.02 -74.74 -62.19
N ASP A 352 32.07 -74.87 -61.28
CA ASP A 352 30.69 -75.14 -61.64
C ASP A 352 29.83 -73.88 -61.74
N GLY A 353 30.43 -72.70 -61.55
CA GLY A 353 29.70 -71.46 -61.60
C GLY A 353 29.11 -71.00 -60.28
N THR A 354 29.21 -71.82 -59.23
CA THR A 354 28.70 -71.42 -57.93
C THR A 354 29.55 -70.30 -57.34
N LEU A 355 28.90 -69.43 -56.58
CA LEU A 355 29.55 -68.27 -55.98
C LEU A 355 29.54 -68.41 -54.46
N THR A 356 30.70 -68.20 -53.85
CA THR A 356 30.85 -68.26 -52.40
C THR A 356 31.58 -67.02 -51.92
N LEU A 357 31.25 -66.59 -50.71
CA LEU A 357 31.85 -65.40 -50.11
C LEU A 357 33.13 -65.77 -49.37
N GLY A 358 34.17 -64.97 -49.59
CA GLY A 358 35.45 -65.22 -48.97
C GLY A 358 35.98 -63.98 -48.27
N VAL A 359 36.88 -64.20 -47.33
CA VAL A 359 37.51 -63.09 -46.60
C VAL A 359 38.45 -62.34 -47.53
N PRO A 360 38.45 -61.01 -47.51
CA PRO A 360 39.42 -60.27 -48.33
C PRO A 360 40.85 -60.57 -47.90
N ASP A 361 41.74 -60.59 -48.89
CA ASP A 361 43.14 -60.88 -48.61
C ASP A 361 43.77 -59.83 -47.71
N ALA A 362 43.44 -58.55 -47.93
CA ALA A 362 43.96 -57.49 -47.08
C ALA A 362 43.48 -57.66 -45.63
N ILE A 363 42.21 -58.00 -45.45
CA ILE A 363 41.69 -58.23 -44.10
C ILE A 363 42.41 -59.41 -43.46
N ASP A 364 42.62 -60.49 -44.23
CA ASP A 364 43.30 -61.66 -43.69
C ASP A 364 44.74 -61.32 -43.28
N ARG A 365 45.44 -60.56 -44.10
CA ARG A 365 46.84 -60.24 -43.82
C ARG A 365 47.02 -59.12 -42.81
N LYS A 366 45.95 -58.38 -42.49
CA LYS A 366 46.07 -57.32 -41.49
C LYS A 366 46.45 -57.87 -40.12
N TYR A 367 45.86 -59.01 -39.74
CA TYR A 367 46.20 -59.63 -38.47
C TYR A 367 47.63 -60.14 -38.49
N THR A 368 48.46 -59.62 -37.59
CA THR A 368 49.87 -59.98 -37.53
C THR A 368 50.25 -60.66 -36.22
N SER A 369 49.96 -60.03 -35.09
CA SER A 369 50.35 -60.59 -33.80
C SER A 369 49.50 -61.82 -33.47
N ALA A 370 50.12 -62.78 -32.78
CA ALA A 370 49.48 -64.02 -32.40
C ALA A 370 49.37 -64.09 -30.89
N GLN A 371 48.24 -64.62 -30.40
CA GLN A 371 47.98 -64.75 -28.98
C GLN A 371 47.87 -66.22 -28.61
N GLU A 372 48.57 -66.63 -27.56
CA GLU A 372 48.49 -68.01 -27.09
C GLU A 372 47.13 -68.28 -26.48
N VAL A 373 46.63 -69.49 -26.71
CA VAL A 373 45.33 -69.92 -26.18
C VAL A 373 45.55 -70.95 -25.09
N LYS A 374 44.57 -71.05 -24.19
CA LYS A 374 44.63 -72.02 -23.10
C LYS A 374 43.23 -72.28 -22.60
N VAL A 375 43.09 -73.38 -21.86
CA VAL A 375 41.78 -73.83 -21.41
C VAL A 375 41.53 -73.30 -20.00
N MET A 376 40.36 -72.70 -19.78
CA MET A 376 39.97 -72.21 -18.47
C MET A 376 38.85 -73.00 -17.82
N ALA A 377 37.97 -73.61 -18.60
CA ALA A 377 36.83 -74.35 -18.07
C ALA A 377 36.85 -75.77 -18.57
N LYS A 378 36.54 -76.71 -17.67
CA LYS A 378 36.46 -78.14 -17.98
C LYS A 378 35.21 -78.67 -17.29
N ASP A 379 34.08 -78.63 -17.99
CA ASP A 379 32.80 -79.06 -17.44
C ASP A 379 32.32 -80.39 -17.97
N GLY A 380 32.47 -80.65 -19.28
CA GLY A 380 32.05 -81.91 -19.86
C GLY A 380 33.12 -82.97 -19.76
N ASN A 381 33.05 -83.93 -20.68
CA ASN A 381 33.95 -85.09 -20.67
C ASN A 381 34.99 -85.04 -21.79
N MET A 382 35.45 -83.85 -22.17
CA MET A 382 36.47 -83.78 -23.21
C MET A 382 37.82 -84.25 -22.67
N ILE A 383 38.73 -84.52 -23.60
CA ILE A 383 40.11 -84.86 -23.26
C ILE A 383 41.04 -83.93 -24.03
N GLU A 384 42.19 -83.67 -23.44
CA GLU A 384 43.19 -82.77 -24.01
C GLU A 384 44.45 -83.55 -24.32
N SER A 385 44.93 -83.42 -25.56
CA SER A 385 46.15 -84.07 -26.03
C SER A 385 46.97 -83.02 -26.78
N GLY A 386 47.81 -82.30 -26.04
CA GLY A 386 48.59 -81.23 -26.66
C GLY A 386 47.69 -80.15 -27.20
N LYS A 387 47.91 -79.79 -28.47
CA LYS A 387 47.11 -78.78 -29.13
C LYS A 387 45.83 -79.35 -29.74
N THR A 388 45.64 -80.66 -29.67
CA THR A 388 44.47 -81.33 -30.24
C THR A 388 43.51 -81.71 -29.12
N TYR A 389 42.24 -81.37 -29.29
CA TYR A 389 41.22 -81.62 -28.28
C TYR A 389 40.10 -82.48 -28.88
N THR A 390 39.64 -83.46 -28.10
CA THR A 390 38.56 -84.34 -28.51
C THR A 390 37.35 -84.08 -27.63
N LEU A 391 36.21 -83.79 -28.25
CA LEU A 391 34.99 -83.46 -27.54
C LEU A 391 33.87 -84.41 -27.95
N GLY A 392 33.08 -84.83 -26.97
CA GLY A 392 31.95 -85.70 -27.22
C GLY A 392 30.63 -85.03 -26.96
N GLU A 393 29.65 -85.79 -26.48
CA GLU A 393 28.32 -85.24 -26.23
C GLU A 393 28.35 -84.37 -24.98
N GLY A 394 27.79 -83.17 -25.09
CA GLY A 394 27.75 -82.26 -23.96
C GLY A 394 29.09 -81.72 -23.52
N ALA A 395 30.11 -81.82 -24.36
CA ALA A 395 31.46 -81.38 -24.03
C ALA A 395 31.66 -79.94 -24.51
N SER A 396 32.05 -79.06 -23.60
CA SER A 396 32.31 -77.67 -23.92
C SER A 396 33.62 -77.24 -23.28
N VAL A 397 34.47 -76.59 -24.07
CA VAL A 397 35.76 -76.10 -23.63
C VAL A 397 35.82 -74.59 -23.88
N ILE A 398 36.25 -73.85 -22.87
CA ILE A 398 36.27 -72.38 -22.91
C ILE A 398 37.72 -71.92 -22.98
N PHE A 399 38.01 -71.04 -23.95
CA PHE A 399 39.33 -70.49 -24.15
C PHE A 399 39.46 -69.14 -23.45
N ASN A 400 40.56 -68.44 -23.71
CA ASN A 400 40.83 -67.16 -23.08
C ASN A 400 39.97 -66.06 -23.69
N ARG A 401 40.13 -64.84 -23.16
CA ARG A 401 39.35 -63.71 -23.63
C ARG A 401 39.83 -63.27 -25.02
N LEU A 402 38.94 -62.60 -25.73
CA LEU A 402 39.24 -62.06 -27.06
C LEU A 402 39.72 -60.61 -26.92
N LYS A 403 39.82 -59.91 -28.05
CA LYS A 403 40.21 -58.51 -28.06
C LYS A 403 39.29 -57.71 -28.97
N VAL A 404 39.64 -56.45 -29.23
CA VAL A 404 38.83 -55.63 -30.11
C VAL A 404 38.80 -56.21 -31.53
N HIS A 405 39.95 -56.66 -32.01
CA HIS A 405 40.07 -57.31 -33.31
C HIS A 405 40.62 -58.72 -33.09
N ASN A 406 39.93 -59.72 -33.62
CA ASN A 406 40.32 -61.10 -33.40
C ASN A 406 40.18 -61.90 -34.69
N LYS A 407 41.05 -62.90 -34.83
CA LYS A 407 40.98 -63.86 -35.93
C LYS A 407 41.24 -65.23 -35.35
N ILE A 408 40.21 -66.07 -35.30
CA ILE A 408 40.30 -67.40 -34.69
C ILE A 408 40.20 -68.43 -35.80
N SER A 409 41.27 -69.20 -36.00
CA SER A 409 41.32 -70.19 -37.07
C SER A 409 41.62 -71.55 -36.47
N PHE A 410 40.84 -72.56 -36.86
CA PHE A 410 41.07 -73.92 -36.39
C PHE A 410 40.47 -74.90 -37.37
N THR A 411 40.77 -76.18 -37.16
CA THR A 411 40.29 -77.26 -38.00
C THR A 411 39.54 -78.26 -37.15
N VAL A 412 38.36 -78.66 -37.62
CA VAL A 412 37.47 -79.57 -36.90
C VAL A 412 37.24 -80.81 -37.76
N LYS A 413 37.49 -81.98 -37.19
CA LYS A 413 37.19 -83.26 -37.83
C LYS A 413 36.05 -83.91 -37.08
N THR A 414 34.97 -84.21 -37.79
CA THR A 414 33.78 -84.78 -37.16
C THR A 414 33.73 -86.29 -37.39
N ALA A 415 33.12 -87.00 -36.44
CA ALA A 415 33.03 -88.46 -36.55
C ALA A 415 32.21 -88.87 -37.77
N SER A 416 31.10 -88.19 -38.02
CA SER A 416 30.23 -88.51 -39.13
C SER A 416 29.72 -87.22 -39.76
N ASN A 417 28.82 -87.35 -40.74
CA ASN A 417 28.24 -86.22 -41.44
C ASN A 417 26.87 -85.85 -40.89
N THR A 418 26.64 -86.06 -39.59
CA THR A 418 25.38 -85.71 -38.97
C THR A 418 25.57 -85.10 -37.58
N ASP A 419 26.72 -84.50 -37.30
CA ASP A 419 27.04 -84.02 -35.97
C ASP A 419 26.57 -82.58 -35.77
N ARG A 420 26.51 -82.18 -34.49
CA ARG A 420 26.07 -80.85 -34.09
C ARG A 420 27.10 -80.25 -33.13
N PHE A 421 28.13 -79.64 -33.70
CA PHE A 421 29.08 -78.85 -32.93
C PHE A 421 28.75 -77.37 -33.08
N GLY A 422 29.42 -76.55 -32.29
CA GLY A 422 29.11 -75.13 -32.30
C GLY A 422 30.15 -74.31 -31.57
N ILE A 423 30.14 -73.00 -31.89
CA ILE A 423 31.02 -72.03 -31.28
C ILE A 423 30.16 -70.99 -30.57
N SER A 424 30.45 -70.75 -29.30
CA SER A 424 29.65 -69.84 -28.48
C SER A 424 30.49 -68.64 -28.08
N PHE A 425 29.95 -67.44 -28.31
CA PHE A 425 30.55 -66.19 -27.88
C PHE A 425 29.75 -65.59 -26.73
N VAL A 426 30.38 -64.64 -26.05
CA VAL A 426 29.88 -64.08 -24.80
C VAL A 426 29.66 -65.24 -23.84
N ARG A 427 30.74 -65.94 -23.50
CA ARG A 427 30.69 -67.13 -22.66
C ARG A 427 31.70 -66.98 -21.53
N GLY A 428 31.31 -67.44 -20.35
CA GLY A 428 32.18 -67.37 -19.20
C GLY A 428 31.69 -68.31 -18.11
N THR A 429 32.44 -68.36 -17.01
CA THR A 429 32.06 -69.22 -15.90
C THR A 429 30.72 -68.83 -15.32
N ASP A 430 30.48 -67.52 -15.15
CA ASP A 430 29.25 -67.02 -14.58
C ASP A 430 28.30 -66.45 -15.63
N SER A 431 28.57 -66.70 -16.91
CA SER A 431 27.71 -66.18 -17.97
C SER A 431 26.36 -66.88 -17.93
N ALA A 432 25.30 -66.11 -17.68
CA ALA A 432 23.96 -66.69 -17.65
C ALA A 432 23.55 -67.20 -19.02
N SER A 433 23.86 -66.45 -20.08
CA SER A 433 23.50 -66.83 -21.43
C SER A 433 24.67 -66.54 -22.35
N TRP A 434 24.75 -67.32 -23.43
CA TRP A 434 25.78 -67.15 -24.45
C TRP A 434 25.14 -67.30 -25.82
N TYR A 435 25.75 -66.69 -26.83
CA TYR A 435 25.20 -66.71 -28.18
C TYR A 435 26.02 -67.67 -29.03
N SER A 436 25.36 -68.68 -29.58
CA SER A 436 26.04 -69.80 -30.20
C SER A 436 25.71 -69.90 -31.68
N ILE A 437 26.66 -70.42 -32.44
CA ILE A 437 26.49 -70.79 -33.84
C ILE A 437 26.74 -72.28 -33.92
N HIS A 438 25.71 -73.06 -34.25
CA HIS A 438 25.80 -74.51 -34.34
C HIS A 438 25.82 -74.92 -35.81
N VAL A 439 26.86 -75.63 -36.21
CA VAL A 439 26.96 -76.18 -37.56
C VAL A 439 26.35 -77.58 -37.52
N ASN A 440 25.09 -77.69 -37.93
CA ASN A 440 24.37 -78.95 -37.90
C ASN A 440 24.54 -79.64 -39.24
N ALA A 441 25.26 -80.78 -39.25
CA ALA A 441 25.46 -81.52 -40.48
C ALA A 441 24.23 -82.31 -40.89
N ASP A 442 23.41 -82.73 -39.93
CA ASP A 442 22.19 -83.44 -40.27
C ASP A 442 21.24 -82.58 -41.10
N GLU A 443 21.08 -81.31 -40.71
CA GLU A 443 20.34 -80.36 -41.53
C GLU A 443 21.19 -79.75 -42.62
N GLY A 444 22.51 -79.96 -42.58
CA GLY A 444 23.39 -79.39 -43.60
C GLY A 444 23.39 -77.87 -43.61
N LYS A 445 23.47 -77.25 -42.44
CA LYS A 445 23.38 -75.80 -42.36
C LYS A 445 24.01 -75.34 -41.05
N ALA A 446 23.86 -74.04 -40.75
CA ALA A 446 24.31 -73.47 -39.49
C ALA A 446 23.17 -72.64 -38.91
N ASN A 447 23.12 -72.57 -37.59
CA ASN A 447 22.06 -71.88 -36.88
C ASN A 447 22.66 -70.97 -35.83
N PHE A 448 22.27 -69.69 -35.88
CA PHE A 448 22.63 -68.73 -34.85
C PHE A 448 21.49 -68.67 -33.83
N GLU A 449 21.80 -68.99 -32.58
CA GLU A 449 20.81 -69.07 -31.52
C GLU A 449 21.35 -68.42 -30.27
N LYS A 450 20.44 -68.15 -29.33
CA LYS A 450 20.79 -67.61 -28.02
C LYS A 450 20.65 -68.74 -27.00
N ASP A 451 21.80 -69.28 -26.59
CA ASP A 451 21.81 -70.37 -25.62
C ASP A 451 21.87 -69.83 -24.20
N GLY A 452 21.89 -70.72 -23.23
CA GLY A 452 21.94 -70.34 -21.83
C GLY A 452 20.56 -70.40 -21.19
N ASP A 453 20.19 -69.32 -20.52
CA ASP A 453 18.90 -69.25 -19.83
C ASP A 453 17.74 -68.99 -20.76
N ASP A 454 17.99 -68.62 -22.02
CA ASP A 454 16.93 -68.32 -22.97
C ASP A 454 16.64 -69.49 -23.91
N ALA A 455 17.68 -70.13 -24.45
CA ALA A 455 17.53 -71.27 -25.35
C ALA A 455 16.64 -70.91 -26.54
N LYS A 456 16.86 -69.72 -27.10
CA LYS A 456 16.04 -69.20 -28.20
C LYS A 456 16.83 -69.30 -29.50
N TYR A 457 16.17 -69.83 -30.53
CA TYR A 457 16.77 -69.94 -31.85
C TYR A 457 16.49 -68.66 -32.65
N LEU A 458 17.54 -68.04 -33.16
CA LEU A 458 17.39 -66.74 -33.81
C LEU A 458 17.22 -66.87 -35.32
N PHE A 459 18.18 -67.45 -36.02
CA PHE A 459 18.06 -67.63 -37.46
C PHE A 459 19.05 -68.68 -37.93
N ASP A 460 19.18 -68.86 -39.23
CA ASP A 460 20.01 -69.92 -39.79
C ASP A 460 20.46 -69.54 -41.20
N ASN A 461 21.36 -70.37 -41.73
CA ASN A 461 21.87 -70.20 -43.09
C ASN A 461 22.34 -71.56 -43.60
N LYS A 462 21.93 -71.89 -44.82
CA LYS A 462 22.25 -73.19 -45.41
C LYS A 462 23.55 -73.13 -46.20
N PHE A 463 24.21 -74.28 -46.29
CA PHE A 463 25.44 -74.41 -47.05
C PHE A 463 25.64 -75.89 -47.38
N ASN A 464 26.79 -76.22 -47.97
CA ASN A 464 27.08 -77.58 -48.42
C ASN A 464 28.01 -78.27 -47.44
N ILE A 465 27.60 -79.43 -46.95
CA ILE A 465 28.40 -80.20 -46.00
C ILE A 465 29.51 -80.93 -46.77
N PRO A 466 30.77 -80.78 -46.37
CA PRO A 466 31.85 -81.53 -47.02
C PRO A 466 31.71 -83.03 -46.76
N ALA A 467 32.16 -83.82 -47.74
CA ALA A 467 32.05 -85.27 -47.66
C ALA A 467 33.17 -85.91 -46.83
N ASP A 468 34.21 -85.16 -46.48
CA ASP A 468 35.34 -85.70 -45.73
C ASP A 468 35.24 -85.40 -44.24
N ASN A 469 34.12 -84.84 -43.77
CA ASN A 469 33.90 -84.53 -42.36
C ASN A 469 34.97 -83.60 -41.80
N GLU A 470 35.48 -82.70 -42.65
CA GLU A 470 36.55 -81.78 -42.29
C GLU A 470 36.06 -80.35 -42.49
N TYR A 471 36.31 -79.49 -41.50
CA TYR A 471 35.91 -78.10 -41.55
C TYR A 471 37.09 -77.22 -41.16
N ARG A 472 37.27 -76.13 -41.90
CA ARG A 472 38.28 -75.12 -41.60
C ARG A 472 37.55 -73.86 -41.16
N VAL A 473 37.43 -73.67 -39.84
CA VAL A 473 36.62 -72.60 -39.29
C VAL A 473 37.52 -71.39 -39.03
N THR A 474 37.19 -70.27 -39.65
CA THR A 474 37.93 -69.02 -39.47
C THR A 474 36.95 -67.90 -39.17
N ILE A 475 37.06 -67.32 -37.98
CA ILE A 475 36.20 -66.22 -37.54
C ILE A 475 37.03 -64.95 -37.51
N TYR A 476 36.61 -63.95 -38.27
CA TYR A 476 37.20 -62.61 -38.24
C TYR A 476 36.20 -61.70 -37.54
N SER A 477 36.60 -61.15 -36.39
CA SER A 477 35.71 -60.33 -35.59
C SER A 477 36.33 -58.95 -35.41
N ASP A 478 35.59 -57.92 -35.80
CA ASP A 478 35.96 -56.53 -35.57
C ASP A 478 34.94 -55.94 -34.60
N GLN A 479 35.39 -55.58 -33.40
CA GLN A 479 34.54 -55.01 -32.38
C GLN A 479 33.32 -55.90 -32.12
N SER A 480 32.20 -55.56 -32.75
CA SER A 480 30.95 -56.29 -32.54
C SER A 480 30.52 -57.12 -33.74
N VAL A 481 31.03 -56.85 -34.93
CA VAL A 481 30.68 -57.62 -36.12
C VAL A 481 31.62 -58.81 -36.22
N CYS A 482 31.08 -59.96 -36.62
CA CYS A 482 31.89 -61.16 -36.78
C CYS A 482 31.46 -61.91 -38.02
N VAL A 483 32.44 -62.35 -38.81
CA VAL A 483 32.20 -63.13 -40.01
C VAL A 483 32.90 -64.46 -39.88
N THR A 484 32.16 -65.55 -40.04
CA THR A 484 32.68 -66.90 -39.91
C THR A 484 32.69 -67.58 -41.27
N TYR A 485 33.83 -68.15 -41.63
CA TYR A 485 34.00 -68.90 -42.87
C TYR A 485 34.27 -70.35 -42.54
N ILE A 486 33.51 -71.24 -43.18
CA ILE A 486 33.61 -72.68 -42.98
C ILE A 486 34.06 -73.30 -44.29
N ASN A 487 35.25 -73.92 -44.26
CA ASN A 487 35.88 -74.61 -45.38
C ASN A 487 35.64 -73.90 -46.72
N ASP A 488 35.83 -72.58 -46.70
CA ASP A 488 35.71 -71.73 -47.89
C ASP A 488 34.37 -71.91 -48.60
N GLN A 489 33.36 -72.38 -47.88
CA GLN A 489 32.06 -72.61 -48.48
C GLN A 489 30.91 -71.91 -47.76
N LEU A 490 30.98 -71.81 -46.43
CA LEU A 490 29.93 -71.16 -45.67
C LEU A 490 30.41 -69.82 -45.15
N SER A 491 29.63 -68.77 -45.39
CA SER A 491 29.90 -67.44 -44.87
C SER A 491 28.72 -67.03 -43.98
N PHE A 492 29.02 -66.62 -42.75
CA PHE A 492 27.98 -66.31 -41.77
C PHE A 492 28.36 -65.03 -41.05
N THR A 493 27.52 -64.01 -41.19
CA THR A 493 27.74 -62.72 -40.55
C THR A 493 26.83 -62.57 -39.34
N ASN A 494 27.37 -62.02 -38.25
CA ASN A 494 26.60 -61.82 -37.04
C ASN A 494 27.02 -60.54 -36.36
N ARG A 495 26.09 -59.96 -35.60
CA ARG A 495 26.32 -58.79 -34.76
C ARG A 495 26.20 -59.26 -33.32
N ILE A 496 27.32 -59.42 -32.64
CA ILE A 496 27.36 -59.95 -31.28
C ILE A 496 27.97 -58.87 -30.41
N TYR A 497 27.13 -58.15 -29.68
CA TYR A 497 27.62 -57.17 -28.72
C TYR A 497 28.28 -57.89 -27.54
N GLN A 498 29.15 -57.17 -26.85
CA GLN A 498 29.89 -57.65 -25.68
C GLN A 498 30.81 -58.82 -26.02
N MET A 499 31.08 -59.07 -27.30
CA MET A 499 31.96 -60.19 -27.65
C MET A 499 33.41 -59.90 -27.27
N GLN A 500 33.88 -58.69 -27.52
CA GLN A 500 35.29 -58.37 -27.31
C GLN A 500 35.64 -58.47 -25.83
N LYS A 501 36.89 -58.89 -25.58
CA LYS A 501 37.40 -59.06 -24.21
C LYS A 501 36.54 -60.04 -23.41
N ASN A 502 36.04 -61.08 -24.08
CA ASN A 502 35.27 -62.11 -23.43
C ASN A 502 35.69 -63.47 -23.95
N PRO A 503 35.64 -64.50 -23.12
CA PRO A 503 36.03 -65.84 -23.58
C PRO A 503 35.05 -66.42 -24.58
N TRP A 504 35.56 -67.30 -25.44
CA TRP A 504 34.76 -68.02 -26.41
C TRP A 504 34.93 -69.52 -26.18
N SER A 505 33.88 -70.29 -26.48
CA SER A 505 33.85 -71.70 -26.17
C SER A 505 33.47 -72.52 -27.40
N LEU A 506 33.90 -73.78 -27.39
CA LEU A 506 33.53 -74.76 -28.40
C LEU A 506 32.74 -75.87 -27.72
N CYS A 507 31.58 -76.21 -28.29
CA CYS A 507 30.70 -77.20 -27.69
C CYS A 507 30.24 -78.20 -28.74
N CYS A 508 29.80 -79.36 -28.26
CA CYS A 508 29.21 -80.38 -29.13
C CYS A 508 27.98 -80.95 -28.43
N TYR A 509 27.03 -81.43 -29.23
CA TYR A 509 25.78 -81.87 -28.62
C TYR A 509 25.37 -83.27 -29.03
N LYS A 510 25.62 -83.67 -30.26
CA LYS A 510 25.11 -84.96 -30.72
C LYS A 510 26.18 -85.88 -31.28
N GLY A 511 27.26 -85.34 -31.82
CA GLY A 511 28.32 -86.14 -32.42
C GLY A 511 29.61 -86.08 -31.62
N GLU A 512 30.70 -86.44 -32.29
CA GLU A 512 32.04 -86.36 -31.73
C GLU A 512 32.91 -85.51 -32.64
N ILE A 513 33.69 -84.62 -32.05
CA ILE A 513 34.51 -83.69 -32.81
C ILE A 513 35.95 -83.72 -32.29
N THR A 514 36.87 -83.34 -33.17
CA THR A 514 38.29 -83.23 -32.84
C THR A 514 38.79 -81.91 -33.42
N VAL A 515 39.16 -80.99 -32.54
CA VAL A 515 39.61 -79.66 -32.95
C VAL A 515 41.13 -79.60 -32.83
N SER A 516 41.75 -78.88 -33.76
CA SER A 516 43.20 -78.76 -33.79
C SER A 516 43.59 -77.47 -34.50
N ASP A 517 44.87 -77.13 -34.40
CA ASP A 517 45.43 -75.94 -35.04
C ASP A 517 44.69 -74.67 -34.63
N VAL A 518 44.36 -74.58 -33.34
CA VAL A 518 43.65 -73.42 -32.82
C VAL A 518 44.64 -72.25 -32.73
N GLN A 519 44.37 -71.19 -33.49
CA GLN A 519 45.24 -70.02 -33.51
C GLN A 519 44.38 -68.77 -33.39
N VAL A 520 44.84 -67.84 -32.55
CA VAL A 520 44.17 -66.57 -32.34
C VAL A 520 45.16 -65.46 -32.70
N SER A 521 44.76 -64.57 -33.60
CA SER A 521 45.57 -63.47 -34.06
C SER A 521 44.88 -62.16 -33.76
N THR A 522 45.64 -61.17 -33.31
CA THR A 522 45.11 -59.85 -32.98
C THR A 522 46.06 -58.78 -33.48
N TYR A 523 45.55 -57.56 -33.57
CA TYR A 523 46.38 -56.42 -33.94
C TYR A 523 45.82 -55.14 -33.32
N ASP B 27 -22.65 20.39 39.97
CA ASP B 27 -22.66 21.61 39.18
C ASP B 27 -23.41 21.41 37.87
N PHE B 28 -23.45 20.17 37.41
CA PHE B 28 -24.14 19.81 36.17
C PHE B 28 -25.29 18.85 36.37
N LYS B 29 -25.26 18.01 37.40
CA LYS B 29 -26.34 17.06 37.63
C LYS B 29 -27.63 17.79 37.94
N SER B 30 -28.74 17.27 37.40
CA SER B 30 -30.05 17.85 37.61
C SER B 30 -30.74 17.32 38.86
N GLY B 31 -30.14 16.35 39.55
CA GLY B 31 -30.75 15.81 40.75
C GLY B 31 -32.06 15.10 40.50
N LEU B 32 -32.12 14.26 39.45
CA LEU B 32 -33.33 13.56 39.08
C LEU B 32 -33.30 12.08 39.46
N ARG B 33 -32.37 11.70 40.33
CA ARG B 33 -32.25 10.34 40.90
C ARG B 33 -32.50 9.26 39.84
N LEU B 34 -31.61 9.23 38.85
CA LEU B 34 -31.75 8.34 37.70
C LEU B 34 -31.44 6.88 38.03
N ASP B 35 -31.01 6.56 39.24
CA ASP B 35 -30.69 5.18 39.59
C ASP B 35 -31.91 4.29 39.42
N GLY B 36 -32.92 4.49 40.25
CA GLY B 36 -34.24 3.93 40.05
C GLY B 36 -34.33 2.46 39.69
N ASP B 37 -34.00 1.57 40.61
CA ASP B 37 -34.15 0.15 40.36
C ASP B 37 -35.63 -0.18 40.20
N VAL B 38 -36.03 -0.53 38.98
CA VAL B 38 -37.43 -0.77 38.65
C VAL B 38 -37.67 -2.22 38.25
N TRP B 39 -36.76 -3.12 38.59
CA TRP B 39 -36.96 -4.52 38.27
C TRP B 39 -38.09 -5.11 39.11
N VAL B 40 -38.67 -6.20 38.61
CA VAL B 40 -39.71 -6.94 39.29
C VAL B 40 -39.19 -8.33 39.59
N ASN B 41 -39.16 -8.69 40.87
CA ASN B 41 -38.63 -9.99 41.26
C ASN B 41 -39.65 -11.10 41.03
N SER B 42 -40.79 -11.03 41.71
CA SER B 42 -41.84 -12.02 41.56
C SER B 42 -43.15 -11.47 42.11
N ILE B 43 -44.25 -11.87 41.48
CA ILE B 43 -45.58 -11.54 41.94
C ILE B 43 -46.40 -12.82 42.01
N ARG B 44 -47.46 -12.79 42.81
CA ARG B 44 -48.33 -13.96 42.99
C ARG B 44 -49.77 -13.49 43.02
N LEU B 45 -50.57 -13.97 42.09
CA LEU B 45 -52.00 -13.72 42.06
C LEU B 45 -52.70 -14.84 42.83
N ASP B 46 -53.39 -14.48 43.91
CA ASP B 46 -54.05 -15.44 44.78
C ASP B 46 -53.05 -16.49 45.27
N GLU B 47 -53.01 -17.65 44.61
CA GLU B 47 -52.10 -18.72 44.97
C GLU B 47 -51.37 -19.25 43.75
N TYR B 48 -51.10 -18.40 42.76
CA TYR B 48 -50.40 -18.79 41.55
C TYR B 48 -49.24 -17.83 41.30
N ALA B 49 -48.06 -18.39 41.07
CA ALA B 49 -46.89 -17.57 40.77
C ALA B 49 -46.89 -17.19 39.29
N GLY B 50 -46.10 -16.18 38.96
CA GLY B 50 -46.01 -15.66 37.61
C GLY B 50 -44.58 -15.70 37.09
N THR B 51 -44.42 -16.12 35.84
CA THR B 51 -43.13 -16.14 35.19
C THR B 51 -42.90 -14.79 34.52
N VAL B 52 -41.77 -14.16 34.82
CA VAL B 52 -41.46 -12.81 34.36
C VAL B 52 -40.36 -12.89 33.32
N ASP B 53 -40.62 -12.33 32.14
CA ASP B 53 -39.64 -12.20 31.08
C ASP B 53 -39.32 -10.73 30.92
N TYR B 54 -38.04 -10.38 31.05
CA TYR B 54 -37.60 -8.98 31.04
C TYR B 54 -37.38 -8.43 29.64
N GLN B 55 -37.10 -9.29 28.66
CA GLN B 55 -36.83 -8.80 27.31
C GLN B 55 -38.05 -8.12 26.71
N ASN B 56 -39.23 -8.72 26.87
CA ASN B 56 -40.46 -8.16 26.35
C ASN B 56 -41.35 -7.57 27.44
N LYS B 57 -40.88 -7.54 28.69
CA LYS B 57 -41.62 -6.95 29.80
C LYS B 57 -42.97 -7.62 29.99
N ALA B 58 -42.94 -8.94 30.18
CA ALA B 58 -44.15 -9.74 30.27
C ALA B 58 -44.17 -10.52 31.58
N ILE B 59 -45.37 -10.74 32.09
CA ILE B 59 -45.59 -11.53 33.30
C ILE B 59 -46.73 -12.49 33.00
N VAL B 60 -46.41 -13.76 32.80
CA VAL B 60 -47.38 -14.78 32.40
C VAL B 60 -47.79 -15.59 33.61
N VAL B 61 -49.10 -15.72 33.83
CA VAL B 61 -49.65 -16.55 34.90
C VAL B 61 -50.65 -17.51 34.29
N GLY B 62 -50.50 -18.80 34.58
CA GLY B 62 -51.38 -19.83 34.06
C GLY B 62 -52.37 -20.28 35.11
N VAL B 63 -53.57 -20.65 34.66
CA VAL B 63 -54.59 -21.15 35.57
C VAL B 63 -55.02 -22.55 35.11
N PRO B 64 -55.39 -23.44 36.05
CA PRO B 64 -55.63 -24.84 35.67
C PRO B 64 -56.94 -25.07 34.93
N TYR B 65 -57.15 -24.34 33.83
CA TYR B 65 -58.25 -24.52 32.87
C TYR B 65 -59.63 -24.61 33.51
N ASP B 66 -59.75 -24.24 34.79
CA ASP B 66 -61.05 -24.11 35.42
C ASP B 66 -61.16 -22.92 36.36
N TYR B 67 -60.08 -22.17 36.57
CA TYR B 67 -60.08 -21.11 37.55
C TYR B 67 -60.86 -19.90 37.06
N ASP B 68 -61.54 -19.23 37.97
CA ASP B 68 -62.27 -18.00 37.65
C ASP B 68 -61.29 -16.85 37.55
N ILE B 69 -61.11 -16.31 36.35
CA ILE B 69 -60.05 -15.36 36.07
C ILE B 69 -60.55 -13.91 36.09
N THR B 70 -61.69 -13.66 36.71
CA THR B 70 -62.23 -12.30 36.79
C THR B 70 -62.04 -11.66 38.15
N ARG B 71 -61.72 -12.42 39.19
CA ARG B 71 -61.45 -11.87 40.53
C ARG B 71 -60.19 -12.53 41.07
N MET B 72 -59.06 -11.83 40.97
CA MET B 72 -57.80 -12.31 41.52
C MET B 72 -57.20 -11.25 42.43
N VAL B 73 -56.89 -11.63 43.67
CA VAL B 73 -56.38 -10.70 44.65
C VAL B 73 -54.86 -10.68 44.58
N VAL B 74 -54.28 -9.48 44.52
CA VAL B 74 -52.84 -9.32 44.48
C VAL B 74 -52.31 -9.54 45.89
N THR B 75 -51.85 -10.76 46.17
CA THR B 75 -51.41 -11.11 47.51
C THR B 75 -50.06 -10.49 47.85
N GLU B 76 -49.03 -10.87 47.10
CA GLU B 76 -47.67 -10.40 47.37
C GLU B 76 -46.97 -10.00 46.08
N MET B 77 -46.13 -8.97 46.18
CA MET B 77 -45.23 -8.61 45.08
C MET B 77 -44.05 -7.87 45.68
N ASN B 78 -42.85 -8.13 45.16
CA ASN B 78 -41.64 -7.43 45.59
C ASN B 78 -40.86 -7.05 44.34
N LEU B 79 -40.68 -5.74 44.15
CA LEU B 79 -40.00 -5.23 42.96
C LEU B 79 -38.55 -4.86 43.24
N SER B 80 -38.33 -3.92 44.15
CA SER B 80 -37.00 -3.43 44.51
C SER B 80 -37.17 -2.52 45.71
N GLU B 81 -36.08 -1.90 46.14
CA GLU B 81 -36.11 -0.93 47.23
C GLU B 81 -36.47 0.44 46.68
N GLY B 82 -37.47 1.07 47.29
CA GLY B 82 -37.91 2.38 46.84
C GLY B 82 -38.71 2.39 45.56
N ALA B 83 -39.18 1.24 45.09
CA ALA B 83 -39.94 1.14 43.86
C ALA B 83 -41.43 1.06 44.18
N LYS B 84 -42.23 1.86 43.47
CA LYS B 84 -43.66 1.89 43.65
C LYS B 84 -44.37 1.45 42.39
N ALA B 85 -45.50 0.79 42.55
CA ALA B 85 -46.29 0.27 41.44
C ALA B 85 -47.72 0.76 41.54
N SER B 86 -48.37 0.89 40.39
CA SER B 86 -49.76 1.32 40.37
C SER B 86 -50.67 0.33 41.08
N ILE B 87 -50.43 -0.97 40.87
CA ILE B 87 -51.23 -2.00 41.52
C ILE B 87 -50.88 -2.04 43.01
N ALA B 88 -51.89 -2.17 43.85
CA ALA B 88 -51.69 -2.22 45.29
C ALA B 88 -51.69 -3.67 45.77
N ILE B 89 -51.66 -3.87 47.08
CA ILE B 89 -51.66 -5.19 47.71
C ILE B 89 -52.99 -5.37 48.44
N GLY B 90 -53.65 -6.50 48.20
CA GLY B 90 -54.92 -6.81 48.82
C GLY B 90 -56.12 -6.53 47.97
N GLU B 91 -55.95 -5.84 46.84
CA GLU B 91 -57.07 -5.54 45.95
C GLU B 91 -57.24 -6.65 44.93
N THR B 92 -58.48 -6.83 44.48
CA THR B 92 -58.82 -7.82 43.48
C THR B 92 -58.98 -7.15 42.12
N ILE B 93 -58.48 -7.82 41.09
CA ILE B 93 -58.48 -7.30 39.73
C ILE B 93 -59.03 -8.36 38.79
N ASP B 94 -59.53 -7.91 37.65
CA ASP B 94 -59.98 -8.78 36.57
C ASP B 94 -58.85 -8.89 35.56
N PHE B 95 -58.41 -10.13 35.29
CA PHE B 95 -57.33 -10.38 34.36
C PHE B 95 -57.81 -11.09 33.10
N SER B 96 -59.05 -10.79 32.68
CA SER B 96 -59.55 -11.33 31.42
C SER B 96 -58.76 -10.80 30.23
N LEU B 97 -58.10 -9.67 30.37
CA LEU B 97 -57.27 -9.07 29.36
C LEU B 97 -55.93 -8.69 29.98
N PRO B 98 -54.88 -8.57 29.18
CA PRO B 98 -53.58 -8.14 29.73
C PRO B 98 -53.69 -6.77 30.38
N VAL B 99 -53.00 -6.61 31.49
CA VAL B 99 -53.05 -5.39 32.30
C VAL B 99 -51.68 -4.74 32.30
N SER B 100 -51.65 -3.44 32.06
CA SER B 100 -50.41 -2.67 32.06
C SER B 100 -50.08 -2.25 33.49
N LEU B 101 -48.89 -2.61 33.95
CA LEU B 101 -48.41 -2.27 35.28
C LEU B 101 -47.20 -1.34 35.16
N THR B 102 -47.27 -0.21 35.85
CA THR B 102 -46.19 0.78 35.84
C THR B 102 -45.46 0.71 37.18
N VAL B 103 -44.16 0.47 37.13
CA VAL B 103 -43.30 0.45 38.32
C VAL B 103 -42.45 1.71 38.29
N LYS B 104 -42.57 2.52 39.33
CA LYS B 104 -41.86 3.79 39.42
C LYS B 104 -40.89 3.77 40.59
N ASN B 105 -39.63 4.08 40.32
CA ASN B 105 -38.62 4.25 41.35
C ASN B 105 -37.95 5.60 41.15
N GLY B 106 -37.92 6.40 42.22
CA GLY B 106 -37.36 7.73 42.12
C GLY B 106 -38.08 8.58 41.09
N ASP B 107 -37.40 8.84 39.97
CA ASP B 107 -37.99 9.61 38.87
C ASP B 107 -37.97 8.82 37.57
N VAL B 108 -37.91 7.49 37.63
CA VAL B 108 -37.95 6.66 36.44
C VAL B 108 -39.08 5.66 36.57
N GLN B 109 -39.59 5.22 35.41
CA GLN B 109 -40.72 4.31 35.37
C GLN B 109 -40.46 3.23 34.33
N MET B 110 -41.16 2.10 34.50
CA MET B 110 -40.97 0.94 33.65
C MET B 110 -42.31 0.23 33.52
N SER B 111 -42.61 -0.23 32.31
CA SER B 111 -43.93 -0.78 31.98
C SER B 111 -43.84 -2.28 31.77
N TYR B 112 -44.80 -3.01 32.34
CA TYR B 112 -44.92 -4.45 32.16
C TYR B 112 -46.34 -4.80 31.76
N THR B 113 -46.49 -5.95 31.09
CA THR B 113 -47.80 -6.47 30.72
C THR B 113 -48.03 -7.78 31.46
N ILE B 114 -49.04 -7.80 32.32
CA ILE B 114 -49.40 -8.99 33.08
C ILE B 114 -50.56 -9.67 32.37
N THR B 115 -50.37 -10.93 31.99
CA THR B 115 -51.38 -11.70 31.29
C THR B 115 -51.60 -13.03 31.99
N VAL B 116 -52.84 -13.50 31.94
CA VAL B 116 -53.25 -14.77 32.54
C VAL B 116 -53.86 -15.64 31.46
N LYS B 117 -53.39 -16.88 31.35
CA LYS B 117 -53.86 -17.81 30.34
C LYS B 117 -54.56 -19.00 30.99
N ARG B 118 -55.73 -19.35 30.45
CA ARG B 118 -56.42 -20.58 30.79
C ARG B 118 -55.75 -21.71 30.01
N ASP B 119 -55.11 -22.63 30.73
CA ASP B 119 -54.27 -23.64 30.09
C ASP B 119 -55.10 -24.52 29.16
N GLU B 120 -54.51 -24.84 28.00
CA GLU B 120 -55.18 -25.71 27.02
C GLU B 120 -54.69 -27.14 27.17
N PRO C 27 -35.63 48.66 17.16
CA PRO C 27 -36.72 48.23 16.28
C PRO C 27 -38.01 48.99 16.53
N ILE C 28 -38.69 49.40 15.47
CA ILE C 28 -39.94 50.13 15.56
C ILE C 28 -41.02 49.33 14.83
N LEU C 29 -42.13 49.08 15.52
CA LEU C 29 -43.22 48.33 14.94
C LEU C 29 -44.07 49.21 14.05
N THR C 30 -44.58 48.63 12.97
CA THR C 30 -45.43 49.32 12.01
C THR C 30 -46.87 48.87 12.21
N GLN C 31 -47.78 49.83 12.33
CA GLN C 31 -49.19 49.56 12.54
C GLN C 31 -49.96 49.84 11.26
N LYS C 32 -50.73 48.86 10.81
CA LYS C 32 -51.55 49.00 9.62
C LYS C 32 -52.95 49.45 9.99
N ASN C 33 -53.49 50.38 9.21
CA ASN C 33 -54.81 50.96 9.47
C ASN C 33 -55.87 49.94 9.10
N TRP C 34 -56.23 49.09 10.08
CA TRP C 34 -57.28 48.10 9.85
C TRP C 34 -58.62 48.77 9.60
N ASP C 35 -58.94 49.80 10.38
CA ASP C 35 -60.21 50.50 10.26
C ASP C 35 -60.08 51.53 9.14
N GLY C 36 -60.60 51.19 7.96
CA GLY C 36 -60.52 52.08 6.83
C GLY C 36 -60.25 51.36 5.52
N THR C 37 -59.79 50.12 5.61
CA THR C 37 -59.50 49.30 4.43
C THR C 37 -60.38 48.06 4.45
N ALA C 38 -61.05 47.80 3.33
CA ALA C 38 -61.91 46.63 3.19
C ALA C 38 -61.22 45.49 2.46
N THR C 39 -59.91 45.59 2.25
CA THR C 39 -59.18 44.54 1.56
C THR C 39 -59.20 43.24 2.37
N TYR C 40 -59.41 42.13 1.67
CA TYR C 40 -59.40 40.83 2.33
C TYR C 40 -58.02 40.54 2.92
N PHE C 41 -58.02 39.99 4.13
CA PHE C 41 -56.78 39.74 4.87
C PHE C 41 -56.74 38.27 5.29
N GLN C 42 -55.54 37.70 5.26
CA GLN C 42 -55.33 36.31 5.67
C GLN C 42 -55.08 36.28 7.17
N SER C 43 -56.13 36.01 7.94
CA SER C 43 -56.03 35.94 9.38
C SER C 43 -55.49 34.59 9.81
N SER C 44 -55.24 34.44 11.10
CA SER C 44 -54.75 33.19 11.66
C SER C 44 -55.34 33.00 13.04
N ASP C 45 -55.64 31.75 13.38
CA ASP C 45 -56.22 31.43 14.67
C ASP C 45 -55.14 31.05 15.68
N GLU C 46 -55.45 31.28 16.95
CA GLU C 46 -54.55 30.93 18.05
C GLU C 46 -54.83 29.50 18.50
N HIS C 47 -53.80 28.91 19.12
CA HIS C 47 -53.95 27.55 19.62
C HIS C 47 -54.89 27.47 20.82
N GLY C 48 -55.13 28.57 21.50
CA GLY C 48 -56.05 28.62 22.64
C GLY C 48 -57.14 29.64 22.41
N PHE C 49 -58.33 29.33 22.90
CA PHE C 49 -59.50 30.20 22.75
C PHE C 49 -59.98 30.66 24.12
N SER C 50 -60.58 31.85 24.16
CA SER C 50 -61.01 32.43 25.43
C SER C 50 -62.45 32.07 25.75
N MET C 51 -63.39 32.48 24.89
CA MET C 51 -64.81 32.25 25.18
C MET C 51 -65.16 30.78 25.01
N TYR C 52 -65.02 30.26 23.81
CA TYR C 52 -65.33 28.86 23.50
C TYR C 52 -64.08 28.05 23.78
N TYR C 53 -64.00 27.48 24.98
CA TYR C 53 -62.74 26.94 25.47
C TYR C 53 -62.19 25.86 24.56
N LYS C 54 -60.88 25.92 24.35
CA LYS C 54 -60.14 24.92 23.59
C LYS C 54 -58.70 24.93 24.07
N PRO C 55 -58.18 23.81 24.56
CA PRO C 55 -56.83 23.79 25.10
C PRO C 55 -55.79 24.10 24.03
N GLN C 56 -54.67 24.69 24.45
CA GLN C 56 -53.61 25.01 23.52
C GLN C 56 -53.07 23.77 22.83
N VAL C 57 -53.15 22.62 23.49
CA VAL C 57 -52.71 21.34 22.93
C VAL C 57 -53.95 20.48 22.71
N GLY C 58 -54.12 20.01 21.48
CA GLY C 58 -55.21 19.12 21.17
C GLY C 58 -56.55 19.82 20.99
N PHE C 59 -57.59 19.00 20.90
CA PHE C 59 -58.95 19.47 20.67
C PHE C 59 -59.90 18.74 21.59
N VAL C 60 -61.04 19.38 21.85
CA VAL C 60 -62.07 18.83 22.73
C VAL C 60 -63.03 17.97 21.92
N GLY C 61 -63.40 16.82 22.47
CA GLY C 61 -64.37 15.96 21.83
C GLY C 61 -65.75 16.08 22.43
N ASP C 62 -66.35 14.96 22.83
CA ASP C 62 -67.69 14.96 23.37
C ASP C 62 -67.67 15.49 24.81
N PRO C 63 -68.40 16.55 25.11
CA PRO C 63 -68.36 17.11 26.48
C PRO C 63 -69.06 16.21 27.48
N MET C 64 -68.71 16.40 28.75
CA MET C 64 -69.26 15.65 29.86
C MET C 64 -69.68 16.67 30.91
N PRO C 65 -70.84 17.30 30.77
CA PRO C 65 -71.25 18.32 31.73
C PRO C 65 -71.54 17.71 33.09
N PHE C 66 -71.27 18.50 34.13
CA PHE C 66 -71.51 18.06 35.49
C PHE C 66 -71.54 19.27 36.41
N TYR C 67 -72.42 19.22 37.41
CA TYR C 67 -72.54 20.27 38.40
C TYR C 67 -72.04 19.74 39.74
N ASP C 68 -71.15 20.49 40.38
CA ASP C 68 -70.58 20.08 41.66
C ASP C 68 -71.48 20.57 42.78
N PRO C 69 -72.13 19.68 43.54
CA PRO C 69 -72.95 20.14 44.67
C PRO C 69 -72.15 20.80 45.78
N VAL C 70 -70.83 20.57 45.84
CA VAL C 70 -69.99 21.11 46.91
C VAL C 70 -69.52 22.51 46.52
N ALA C 71 -68.80 22.61 45.40
CA ALA C 71 -68.25 23.89 44.98
C ALA C 71 -69.29 24.79 44.30
N LYS C 72 -70.48 24.27 44.02
CA LYS C 72 -71.57 25.05 43.42
C LYS C 72 -71.13 25.69 42.10
N ASP C 73 -70.53 24.86 41.23
CA ASP C 73 -70.07 25.33 39.93
C ASP C 73 -70.22 24.19 38.93
N PHE C 74 -69.72 24.43 37.72
CA PHE C 74 -69.75 23.46 36.64
C PHE C 74 -68.35 22.89 36.44
N LYS C 75 -68.23 21.57 36.50
CA LYS C 75 -66.97 20.87 36.26
C LYS C 75 -67.22 19.91 35.10
N VAL C 76 -67.04 20.40 33.89
CA VAL C 76 -67.30 19.63 32.68
C VAL C 76 -66.01 18.95 32.23
N MET C 77 -66.08 17.65 32.01
CA MET C 77 -64.98 16.89 31.47
C MET C 77 -65.08 16.81 29.95
N TYR C 78 -64.08 16.21 29.32
CA TYR C 78 -64.12 16.03 27.88
C TYR C 78 -63.02 15.05 27.49
N LEU C 79 -62.95 14.77 26.18
CA LEU C 79 -61.94 13.89 25.61
C LEU C 79 -60.93 14.72 24.83
N GLN C 80 -59.65 14.46 25.05
CA GLN C 80 -58.58 15.14 24.33
C GLN C 80 -58.29 14.36 23.05
N ASP C 81 -58.23 15.07 21.93
CA ASP C 81 -57.94 14.46 20.64
C ASP C 81 -56.78 15.18 19.98
N TYR C 82 -55.91 14.42 19.32
CA TYR C 82 -54.79 14.96 18.59
C TYR C 82 -54.84 14.49 17.15
N ARG C 83 -54.30 15.31 16.25
CA ARG C 83 -54.23 14.91 14.84
C ARG C 83 -53.38 13.67 14.64
N PRO C 84 -52.14 13.57 15.19
CA PRO C 84 -51.42 12.29 15.09
C PRO C 84 -51.73 11.38 16.28
N ASN C 85 -52.93 10.82 16.29
CA ASN C 85 -53.37 9.99 17.41
C ASN C 85 -52.55 8.71 17.49
N PRO C 86 -52.28 8.23 18.70
CA PRO C 86 -51.62 6.93 18.85
C PRO C 86 -52.47 5.81 18.23
N GLU C 87 -51.76 4.81 17.69
CA GLU C 87 -52.43 3.76 16.94
C GLU C 87 -53.22 2.81 17.82
N ALA C 88 -52.96 2.78 19.13
CA ALA C 88 -53.59 1.82 20.02
C ALA C 88 -54.54 2.46 21.03
N THR C 89 -54.05 3.41 21.82
CA THR C 89 -54.84 4.04 22.87
C THR C 89 -54.79 5.55 22.71
N TYR C 90 -55.86 6.13 22.16
CA TYR C 90 -55.93 7.56 21.89
C TYR C 90 -57.25 8.12 22.43
N HIS C 91 -57.28 8.40 23.74
CA HIS C 91 -58.40 9.13 24.34
C HIS C 91 -58.06 9.64 25.73
N PRO C 92 -57.15 10.61 25.86
CA PRO C 92 -56.96 11.26 27.15
C PRO C 92 -58.21 12.02 27.56
N ILE C 93 -58.43 12.10 28.87
CA ILE C 93 -59.58 12.79 29.43
C ILE C 93 -59.09 13.96 30.28
N PHE C 94 -59.62 15.14 30.01
CA PHE C 94 -59.29 16.35 30.76
C PHE C 94 -60.56 16.98 31.27
N GLY C 95 -60.44 17.72 32.37
CA GLY C 95 -61.57 18.36 33.01
C GLY C 95 -61.49 19.86 32.90
N VAL C 96 -62.66 20.49 32.75
CA VAL C 96 -62.77 21.94 32.66
C VAL C 96 -63.70 22.41 33.78
N ALA C 97 -63.23 23.36 34.57
CA ALA C 97 -64.00 23.95 35.65
C ALA C 97 -64.43 25.35 35.27
N THR C 98 -65.69 25.68 35.54
CA THR C 98 -66.21 26.99 35.21
C THR C 98 -67.41 27.30 36.09
N LYS C 99 -67.48 28.54 36.58
CA LYS C 99 -68.66 28.99 37.32
C LYS C 99 -69.81 29.31 36.37
N ASP C 100 -69.49 29.86 35.19
CA ASP C 100 -70.49 30.21 34.20
C ASP C 100 -70.06 29.69 32.83
N GLY C 101 -70.77 30.09 31.78
CA GLY C 101 -70.46 29.64 30.44
C GLY C 101 -69.42 30.46 29.69
N ALA C 102 -68.78 31.44 30.35
CA ALA C 102 -67.87 32.34 29.67
C ALA C 102 -66.41 32.02 29.97
N THR C 103 -66.02 31.96 31.23
CA THR C 103 -64.63 31.75 31.62
C THR C 103 -64.44 30.31 32.07
N TYR C 104 -63.38 29.67 31.56
CA TYR C 104 -63.09 28.28 31.84
C TYR C 104 -61.65 28.13 32.31
N GLU C 105 -61.39 27.10 33.11
CA GLU C 105 -60.05 26.74 33.53
C GLU C 105 -59.87 25.24 33.39
N SER C 106 -58.62 24.82 33.23
CA SER C 106 -58.31 23.41 33.00
C SER C 106 -57.82 22.78 34.31
N LEU C 107 -58.39 21.63 34.65
CA LEU C 107 -57.98 20.87 35.83
C LEU C 107 -56.94 19.82 35.51
N GLY C 108 -56.48 19.74 34.27
CA GLY C 108 -55.50 18.74 33.90
C GLY C 108 -56.14 17.41 33.59
N GLU C 109 -55.29 16.43 33.26
CA GLU C 109 -55.76 15.10 32.94
C GLU C 109 -56.38 14.44 34.17
N LEU C 110 -57.51 13.79 33.95
CA LEU C 110 -58.23 13.12 35.03
C LEU C 110 -58.20 11.60 34.91
N ILE C 111 -58.61 11.06 33.77
CA ILE C 111 -58.62 9.63 33.54
C ILE C 111 -57.54 9.31 32.50
N SER C 112 -56.51 8.59 32.94
CA SER C 112 -55.43 8.22 32.04
C SER C 112 -55.90 7.19 31.02
N CYS C 113 -55.34 7.29 29.82
CA CYS C 113 -55.65 6.33 28.77
C CYS C 113 -55.16 4.93 29.16
N GLY C 114 -55.92 3.93 28.75
CA GLY C 114 -55.60 2.56 29.09
C GLY C 114 -54.43 2.02 28.28
N GLY C 115 -54.04 0.80 28.61
CA GLY C 115 -52.95 0.14 27.93
C GLY C 115 -53.34 -0.33 26.53
N ARG C 116 -52.33 -0.81 25.81
CA ARG C 116 -52.56 -1.28 24.45
C ARG C 116 -53.51 -2.47 24.43
N ASP C 117 -53.30 -3.43 25.33
CA ASP C 117 -54.13 -4.63 25.40
C ASP C 117 -55.28 -4.50 26.39
N GLU C 118 -55.35 -3.39 27.13
CA GLU C 118 -56.42 -3.19 28.08
C GLU C 118 -57.72 -2.85 27.36
N GLN C 119 -58.84 -3.11 28.03
CA GLN C 119 -60.14 -2.84 27.42
C GLN C 119 -60.45 -1.35 27.32
N ASP C 120 -59.78 -0.51 28.11
CA ASP C 120 -60.02 0.93 28.11
C ASP C 120 -58.97 1.68 27.30
N ALA C 121 -58.49 1.09 26.21
CA ALA C 121 -57.53 1.80 25.36
C ALA C 121 -58.16 3.06 24.77
N ALA C 122 -59.38 2.96 24.29
CA ALA C 122 -60.14 4.10 23.79
C ALA C 122 -61.35 4.31 24.69
N ILE C 123 -61.52 5.54 25.17
CA ILE C 123 -62.56 5.86 26.14
C ILE C 123 -63.65 6.65 25.45
N GLY C 124 -64.90 6.19 25.59
CA GLY C 124 -66.04 6.87 25.01
C GLY C 124 -66.70 7.82 25.98
N THR C 125 -67.79 8.44 25.52
CA THR C 125 -68.53 9.37 26.35
C THR C 125 -69.23 8.63 27.49
N GLY C 126 -69.37 9.31 28.62
CA GLY C 126 -70.00 8.72 29.78
C GLY C 126 -70.77 9.71 30.63
N GLY C 127 -70.81 9.45 31.94
CA GLY C 127 -71.49 10.33 32.87
C GLY C 127 -70.76 10.41 34.19
N THR C 128 -71.28 11.24 35.09
CA THR C 128 -70.66 11.46 36.39
C THR C 128 -71.71 11.87 37.40
N ILE C 129 -71.67 11.27 38.59
CA ILE C 129 -72.52 11.63 39.71
C ILE C 129 -71.65 11.76 40.94
N TYR C 130 -72.12 12.52 41.93
CA TYR C 130 -71.45 12.66 43.21
C TYR C 130 -72.34 12.05 44.29
N ASN C 131 -71.95 10.88 44.79
CA ASN C 131 -72.69 10.26 45.87
C ASN C 131 -72.36 10.94 47.20
N PRO C 132 -73.34 11.49 47.90
CA PRO C 132 -73.06 12.07 49.23
C PRO C 132 -73.03 11.04 50.35
N ALA C 133 -73.48 9.81 50.09
CA ALA C 133 -73.45 8.78 51.13
C ALA C 133 -72.01 8.48 51.56
N ASP C 134 -71.11 8.36 50.58
CA ASP C 134 -69.68 8.21 50.86
C ASP C 134 -68.90 9.45 50.48
N LYS C 135 -69.57 10.51 50.02
CA LYS C 135 -68.92 11.76 49.61
C LYS C 135 -67.86 11.50 48.55
N LEU C 136 -68.25 10.80 47.49
CA LEU C 136 -67.32 10.39 46.45
C LEU C 136 -67.90 10.66 45.07
N TYR C 137 -67.05 11.10 44.15
CA TYR C 137 -67.44 11.34 42.77
C TYR C 137 -67.22 10.06 41.97
N TYR C 138 -68.31 9.47 41.47
CA TYR C 138 -68.25 8.28 40.62
C TYR C 138 -68.51 8.70 39.19
N THR C 139 -67.57 8.39 38.31
CA THR C 139 -67.73 8.62 36.88
C THR C 139 -67.77 7.29 36.15
N PHE C 140 -68.59 7.21 35.12
CA PHE C 140 -68.73 6.01 34.30
C PHE C 140 -68.36 6.37 32.87
N TYR C 141 -67.52 5.53 32.25
CA TYR C 141 -67.07 5.75 30.89
C TYR C 141 -67.14 4.44 30.13
N THR C 142 -66.89 4.51 28.82
CA THR C 142 -66.94 3.35 27.94
C THR C 142 -65.56 3.12 27.35
N GLY C 143 -64.90 2.05 27.77
CA GLY C 143 -63.62 1.67 27.21
C GLY C 143 -63.81 0.81 25.99
N ASN C 144 -63.06 1.12 24.93
CA ASN C 144 -63.13 0.41 23.66
C ASN C 144 -61.83 -0.36 23.46
N LYS C 145 -61.95 -1.67 23.25
CA LYS C 145 -60.78 -2.50 23.03
C LYS C 145 -60.17 -2.24 21.65
N PHE C 146 -58.86 -2.12 21.60
CA PHE C 146 -58.17 -1.98 20.34
C PHE C 146 -58.13 -3.31 19.62
N LYS C 147 -58.51 -3.31 18.33
CA LYS C 147 -58.71 -4.48 17.47
C LYS C 147 -59.26 -5.66 18.26
N PRO C 148 -60.47 -5.55 18.79
CA PRO C 148 -61.00 -6.62 19.66
C PRO C 148 -61.25 -7.90 18.89
N SER C 149 -61.13 -9.02 19.60
CA SER C 149 -61.41 -10.32 19.03
C SER C 149 -62.92 -10.57 18.96
N SER C 150 -63.29 -11.63 18.26
CA SER C 150 -64.71 -11.96 18.11
C SER C 150 -65.35 -12.29 19.45
N ASP C 151 -64.65 -13.04 20.30
CA ASP C 151 -65.18 -13.45 21.59
C ASP C 151 -65.01 -12.40 22.67
N GLN C 152 -64.36 -11.28 22.38
CA GLN C 152 -64.13 -10.22 23.35
C GLN C 152 -65.06 -9.05 23.06
N ASN C 153 -65.71 -8.55 24.11
CA ASN C 153 -66.60 -7.40 23.95
C ASN C 153 -65.83 -6.19 23.49
N ALA C 154 -66.35 -5.50 22.48
CA ALA C 154 -65.65 -4.35 21.92
C ALA C 154 -65.71 -3.15 22.87
N GLN C 155 -66.86 -2.93 23.51
CA GLN C 155 -67.04 -1.78 24.40
C GLN C 155 -67.53 -2.27 25.76
N VAL C 156 -66.89 -1.78 26.82
CA VAL C 156 -67.22 -2.18 28.18
C VAL C 156 -67.32 -0.93 29.03
N VAL C 157 -68.40 -0.83 29.82
CA VAL C 157 -68.59 0.30 30.71
C VAL C 157 -67.81 0.08 31.99
N MET C 158 -66.96 1.05 32.36
CA MET C 158 -66.18 1.00 33.58
C MET C 158 -66.42 2.25 34.41
N VAL C 159 -65.92 2.22 35.64
CA VAL C 159 -66.18 3.27 36.62
C VAL C 159 -64.86 3.69 37.27
N ALA C 160 -64.75 4.99 37.55
CA ALA C 160 -63.64 5.54 38.30
C ALA C 160 -64.19 6.37 39.47
N THR C 161 -63.43 6.40 40.55
CA THR C 161 -63.83 7.07 41.77
C THR C 161 -62.83 8.15 42.14
N SER C 162 -63.33 9.27 42.68
CA SER C 162 -62.48 10.35 43.16
C SER C 162 -63.00 10.83 44.51
N PRO C 163 -62.09 11.19 45.42
CA PRO C 163 -62.53 11.76 46.70
C PRO C 163 -62.77 13.26 46.64
N ASP C 164 -62.07 13.95 45.74
CA ASP C 164 -62.17 15.40 45.67
C ASP C 164 -62.14 15.93 44.24
N PHE C 165 -62.50 15.11 43.26
CA PHE C 165 -62.51 15.49 41.84
C PHE C 165 -61.13 15.89 41.33
N LYS C 166 -60.07 15.52 42.05
CA LYS C 166 -58.70 15.83 41.65
C LYS C 166 -57.96 14.60 41.15
N THR C 167 -57.91 13.53 41.94
CA THR C 167 -57.28 12.29 41.54
C THR C 167 -58.34 11.21 41.40
N TRP C 168 -58.17 10.34 40.39
CA TRP C 168 -59.16 9.33 40.06
C TRP C 168 -58.52 7.96 40.05
N THR C 169 -59.24 6.97 40.60
CA THR C 169 -58.80 5.59 40.61
C THR C 169 -59.85 4.74 39.91
N LYS C 170 -59.42 3.95 38.93
CA LYS C 170 -60.33 3.11 38.16
C LYS C 170 -60.66 1.87 38.98
N ASN C 171 -61.95 1.62 39.20
CA ASN C 171 -62.39 0.43 39.93
C ASN C 171 -62.22 -0.78 39.02
N ARG C 172 -61.10 -1.50 39.19
CA ARG C 172 -60.81 -2.66 38.37
C ARG C 172 -61.74 -3.83 38.65
N THR C 173 -62.53 -3.78 39.72
CA THR C 173 -63.44 -4.86 40.05
C THR C 173 -64.75 -4.79 39.28
N PHE C 174 -65.00 -3.70 38.56
CA PHE C 174 -66.26 -3.48 37.86
C PHE C 174 -66.03 -3.59 36.37
N TYR C 175 -66.80 -4.46 35.71
CA TYR C 175 -66.72 -4.63 34.26
C TYR C 175 -68.10 -5.05 33.77
N LEU C 176 -68.86 -4.08 33.26
CA LEU C 176 -70.21 -4.33 32.78
C LEU C 176 -70.15 -4.70 31.30
N LYS C 177 -70.68 -5.89 30.97
CA LYS C 177 -70.64 -6.41 29.62
C LYS C 177 -72.01 -6.30 28.97
N GLY C 178 -72.03 -5.82 27.72
CA GLY C 178 -73.30 -5.69 27.01
C GLY C 178 -73.93 -7.03 26.68
N ASP C 179 -73.12 -8.02 26.31
CA ASP C 179 -73.64 -9.33 25.93
C ASP C 179 -74.19 -10.11 27.12
N THR C 180 -73.91 -9.67 28.35
CA THR C 180 -74.44 -10.37 29.52
C THR C 180 -75.96 -10.33 29.53
N TYR C 181 -76.55 -9.18 29.19
CA TYR C 181 -77.99 -9.00 29.17
C TYR C 181 -78.58 -9.11 27.78
N GLY C 182 -77.84 -9.69 26.83
CA GLY C 182 -78.32 -9.91 25.49
C GLY C 182 -78.14 -8.75 24.53
N TYR C 183 -77.49 -7.67 24.95
CA TYR C 183 -77.29 -6.53 24.07
C TYR C 183 -76.05 -6.73 23.20
N ASP C 184 -75.87 -5.81 22.24
CA ASP C 184 -74.80 -5.95 21.28
C ASP C 184 -73.44 -5.80 21.95
N LYS C 185 -72.48 -6.64 21.53
CA LYS C 185 -71.14 -6.56 22.08
C LYS C 185 -70.38 -5.34 21.53
N ASN C 186 -70.55 -5.05 20.24
CA ASN C 186 -69.79 -4.01 19.59
C ASN C 186 -70.46 -2.64 19.61
N ASP C 187 -71.68 -2.55 20.17
CA ASP C 187 -72.42 -1.29 20.25
C ASP C 187 -72.96 -1.14 21.66
N PHE C 188 -72.16 -0.56 22.55
CA PHE C 188 -72.54 -0.35 23.94
C PHE C 188 -71.81 0.91 24.41
N ARG C 189 -72.50 2.05 24.33
CA ARG C 189 -71.86 3.35 24.47
C ARG C 189 -72.71 4.26 25.34
N ASP C 190 -72.07 5.34 25.80
CA ASP C 190 -72.70 6.49 26.44
C ASP C 190 -73.50 6.12 27.68
N PRO C 191 -72.84 5.72 28.77
CA PRO C 191 -73.57 5.50 30.03
C PRO C 191 -73.91 6.83 30.69
N PHE C 192 -75.18 7.20 30.64
CA PHE C 192 -75.66 8.43 31.27
C PHE C 192 -76.32 8.09 32.59
N LEU C 193 -75.79 8.60 33.68
CA LEU C 193 -76.26 8.27 35.02
C LEU C 193 -77.01 9.46 35.60
N PHE C 194 -78.18 9.18 36.17
CA PHE C 194 -78.97 10.22 36.83
C PHE C 194 -79.77 9.62 37.98
N GLN C 195 -80.06 10.46 38.97
CA GLN C 195 -80.76 10.03 40.18
C GLN C 195 -82.17 10.60 40.18
N THR C 196 -83.14 9.74 40.46
CA THR C 196 -84.53 10.15 40.56
C THR C 196 -84.82 10.66 41.97
N GLU C 197 -86.09 10.98 42.23
CA GLU C 197 -86.47 11.50 43.55
C GLU C 197 -86.50 10.41 44.61
N ASP C 198 -86.78 9.18 44.22
CA ASP C 198 -86.86 8.07 45.18
C ASP C 198 -85.51 7.72 45.80
N GLY C 199 -84.41 8.18 45.21
CA GLY C 199 -83.09 7.92 45.75
C GLY C 199 -82.31 6.82 45.05
N VAL C 200 -82.84 6.23 44.00
CA VAL C 200 -82.14 5.21 43.24
C VAL C 200 -81.54 5.85 41.99
N TYR C 201 -80.46 5.26 41.50
CA TYR C 201 -79.74 5.78 40.34
C TYR C 201 -80.04 4.91 39.12
N HIS C 202 -80.15 5.56 37.97
CA HIS C 202 -80.43 4.90 36.71
C HIS C 202 -79.34 5.26 35.70
N MET C 203 -78.80 4.24 35.04
CA MET C 203 -77.82 4.42 33.98
C MET C 203 -78.46 4.01 32.65
N LEU C 204 -78.39 4.90 31.67
CA LEU C 204 -78.95 4.69 30.35
C LEU C 204 -77.81 4.39 29.38
N ILE C 205 -77.97 3.33 28.60
CA ILE C 205 -77.00 2.88 27.60
C ILE C 205 -77.68 2.89 26.24
N ALA C 206 -77.09 3.60 25.28
CA ALA C 206 -77.62 3.63 23.92
C ALA C 206 -76.98 2.47 23.14
N THR C 207 -77.55 1.29 23.30
CA THR C 207 -76.96 0.08 22.74
C THR C 207 -77.88 -0.47 21.65
N ARG C 208 -77.51 -1.62 21.11
CA ARG C 208 -78.28 -2.30 20.07
C ARG C 208 -78.72 -3.67 20.57
N LYS C 209 -79.98 -4.01 20.34
CA LYS C 209 -80.52 -5.31 20.70
C LYS C 209 -81.14 -5.93 19.46
N ASN C 210 -80.71 -7.15 19.14
CA ASN C 210 -81.16 -7.91 17.96
C ASN C 210 -81.29 -7.02 16.73
N GLY C 211 -80.25 -6.22 16.49
CA GLY C 211 -80.23 -5.35 15.33
C GLY C 211 -81.14 -4.15 15.42
N LYS C 212 -81.68 -3.86 16.60
CA LYS C 212 -82.56 -2.71 16.81
C LYS C 212 -81.98 -1.81 17.88
N GLY C 213 -82.03 -0.51 17.64
CA GLY C 213 -81.51 0.45 18.61
C GLY C 213 -82.39 0.51 19.85
N HIS C 214 -81.77 0.39 21.03
CA HIS C 214 -82.49 0.44 22.29
C HIS C 214 -81.68 1.23 23.31
N ILE C 215 -82.37 2.14 24.00
CA ILE C 215 -81.84 2.78 25.19
C ILE C 215 -82.25 1.92 26.38
N ALA C 216 -81.28 1.25 26.98
CA ALA C 216 -81.51 0.33 28.08
C ALA C 216 -81.19 0.99 29.42
N GLU C 217 -81.96 0.63 30.43
CA GLU C 217 -81.85 1.22 31.76
C GLU C 217 -81.34 0.19 32.75
N PHE C 218 -80.39 0.59 33.58
CA PHE C 218 -79.88 -0.22 34.67
C PHE C 218 -80.07 0.54 35.97
N THR C 219 -80.77 -0.07 36.92
CA THR C 219 -81.07 0.55 38.20
C THR C 219 -80.09 0.07 39.26
N SER C 220 -79.81 0.97 40.21
CA SER C 220 -78.91 0.65 41.31
C SER C 220 -79.24 1.55 42.50
N ALA C 221 -78.72 1.15 43.66
CA ALA C 221 -78.87 1.94 44.88
C ALA C 221 -77.55 2.33 45.51
N ASP C 222 -76.43 1.76 45.07
CA ASP C 222 -75.13 2.09 45.62
C ASP C 222 -74.05 2.23 44.56
N LEU C 223 -74.42 2.23 43.28
CA LEU C 223 -73.51 2.30 42.15
C LEU C 223 -72.48 1.17 42.15
N LYS C 224 -72.85 0.01 42.67
CA LYS C 224 -71.99 -1.15 42.66
C LYS C 224 -72.68 -2.38 42.08
N GLU C 225 -73.96 -2.56 42.33
CA GLU C 225 -74.75 -3.65 41.74
C GLU C 225 -75.83 -3.04 40.87
N TRP C 226 -75.89 -3.46 39.61
CA TRP C 226 -76.81 -2.91 38.63
C TRP C 226 -77.74 -3.99 38.13
N GLU C 227 -79.03 -3.70 38.11
CA GLU C 227 -80.05 -4.61 37.61
C GLU C 227 -80.68 -4.02 36.36
N SER C 228 -80.71 -4.81 35.28
CA SER C 228 -81.26 -4.35 34.01
C SER C 228 -82.79 -4.28 34.12
N ALA C 229 -83.34 -3.08 34.06
CA ALA C 229 -84.79 -2.89 34.14
C ALA C 229 -85.42 -2.90 32.75
N GLY C 230 -85.14 -3.96 31.99
CA GLY C 230 -85.69 -4.06 30.65
C GLY C 230 -85.13 -3.00 29.72
N THR C 231 -85.93 -2.63 28.73
CA THR C 231 -85.56 -1.62 27.75
C THR C 231 -86.29 -0.33 28.07
N PHE C 232 -85.52 0.75 28.25
CA PHE C 232 -86.12 2.03 28.64
C PHE C 232 -86.83 2.70 27.47
N MET C 233 -86.21 2.69 26.29
CA MET C 233 -86.82 3.22 25.08
C MET C 233 -86.28 2.48 23.87
N THR C 234 -87.03 2.58 22.77
CA THR C 234 -86.62 2.05 21.48
C THR C 234 -86.22 3.22 20.58
N MET C 235 -85.59 2.89 19.45
CA MET C 235 -85.09 3.95 18.59
C MET C 235 -85.95 4.10 17.33
N MET C 236 -85.54 4.99 16.44
CA MET C 236 -86.41 5.53 15.40
C MET C 236 -85.82 5.19 14.03
N TRP C 237 -86.55 4.40 13.25
CA TRP C 237 -86.04 3.75 12.03
C TRP C 237 -84.61 3.25 12.20
N ASP C 238 -84.42 2.40 13.22
CA ASP C 238 -83.15 1.72 13.51
C ASP C 238 -81.95 2.64 13.36
N ARG C 239 -82.07 3.88 13.80
CA ARG C 239 -80.97 4.83 13.78
C ARG C 239 -80.08 4.60 15.00
N PHE C 240 -79.12 5.48 15.23
CA PHE C 240 -78.26 5.42 16.39
C PHE C 240 -78.11 6.81 16.98
N TYR C 241 -78.29 6.93 18.30
CA TYR C 241 -78.16 8.18 19.01
C TYR C 241 -76.86 8.17 19.80
N GLU C 242 -76.32 9.36 20.05
CA GLU C 242 -75.07 9.50 20.79
C GLU C 242 -75.30 10.42 21.98
N CYS C 243 -74.78 10.01 23.14
CA CYS C 243 -74.83 10.80 24.37
C CYS C 243 -76.27 11.18 24.76
N PRO C 244 -77.11 10.21 25.09
CA PRO C 244 -78.47 10.54 25.56
C PRO C 244 -78.42 11.19 26.93
N ASP C 245 -79.40 12.06 27.17
CA ASP C 245 -79.48 12.78 28.45
C ASP C 245 -80.95 13.04 28.75
N VAL C 246 -81.43 12.49 29.86
CA VAL C 246 -82.82 12.64 30.28
C VAL C 246 -82.85 13.56 31.50
N PHE C 247 -83.69 14.59 31.43
CA PHE C 247 -83.81 15.54 32.54
C PHE C 247 -85.24 16.07 32.58
N LYS C 248 -85.51 16.91 33.57
CA LYS C 248 -86.82 17.53 33.75
C LYS C 248 -86.63 19.04 33.90
N MET C 249 -87.44 19.81 33.18
CA MET C 249 -87.38 21.27 33.21
C MET C 249 -88.76 21.80 33.61
N GLY C 250 -88.99 21.90 34.92
CA GLY C 250 -90.21 22.48 35.43
C GLY C 250 -91.40 21.54 35.43
N ASP C 251 -91.98 21.30 34.25
CA ASP C 251 -93.17 20.46 34.14
C ASP C 251 -93.08 19.46 33.00
N TRP C 252 -91.93 19.35 32.34
CA TRP C 252 -91.77 18.45 31.21
C TRP C 252 -90.48 17.65 31.37
N TRP C 253 -90.47 16.46 30.79
CA TRP C 253 -89.29 15.61 30.75
C TRP C 253 -88.73 15.60 29.34
N TYR C 254 -87.45 15.90 29.21
CA TYR C 254 -86.78 16.03 27.92
C TYR C 254 -85.64 15.03 27.82
N LEU C 255 -85.58 14.33 26.69
CA LEU C 255 -84.45 13.47 26.34
C LEU C 255 -83.74 14.09 25.15
N ILE C 256 -82.50 14.50 25.36
CA ILE C 256 -81.68 15.15 24.32
C ILE C 256 -80.60 14.18 23.88
N TYR C 257 -80.36 14.12 22.57
CA TYR C 257 -79.44 13.15 22.01
C TYR C 257 -78.89 13.68 20.69
N SER C 258 -77.80 13.07 20.25
CA SER C 258 -77.17 13.39 18.97
C SER C 258 -77.25 12.19 18.04
N GLU C 259 -77.68 12.45 16.80
CA GLU C 259 -77.87 11.38 15.83
C GLU C 259 -76.53 10.92 15.26
N GLN C 260 -76.31 9.60 15.28
CA GLN C 260 -75.09 9.03 14.71
C GLN C 260 -75.16 8.86 13.21
N ALA C 261 -76.35 8.94 12.61
CA ALA C 261 -76.49 8.78 11.17
C ALA C 261 -75.72 9.86 10.43
N SER C 262 -75.02 9.45 9.37
CA SER C 262 -74.19 10.39 8.61
C SER C 262 -75.05 11.44 7.92
N PHE C 263 -76.21 11.03 7.38
CA PHE C 263 -77.06 11.99 6.68
C PHE C 263 -77.60 13.06 7.61
N MET C 264 -77.85 12.71 8.88
CA MET C 264 -78.44 13.67 9.81
C MET C 264 -77.37 14.37 10.63
N ARG C 265 -76.61 13.61 11.42
CA ARG C 265 -75.42 14.10 12.14
C ARG C 265 -75.70 15.40 12.88
N LYS C 266 -76.82 15.44 13.60
CA LYS C 266 -77.22 16.62 14.32
C LYS C 266 -77.79 16.21 15.67
N VAL C 267 -78.37 17.17 16.38
CA VAL C 267 -78.84 17.00 17.74
C VAL C 267 -80.36 17.11 17.76
N GLN C 268 -81.02 16.11 18.34
CA GLN C 268 -82.48 16.05 18.39
C GLN C 268 -82.91 15.83 19.83
N TYR C 269 -84.20 16.09 20.08
CA TYR C 269 -84.74 15.94 21.43
C TYR C 269 -86.20 15.55 21.36
N PHE C 270 -86.70 15.04 22.48
CA PHE C 270 -88.11 14.69 22.64
C PHE C 270 -88.65 15.33 23.91
N LYS C 271 -89.97 15.52 23.93
CA LYS C 271 -90.65 16.14 25.06
C LYS C 271 -91.66 15.17 25.65
N GLY C 272 -91.93 15.33 26.94
CA GLY C 272 -92.89 14.50 27.64
C GLY C 272 -93.31 15.08 28.96
N ARG C 273 -94.60 14.98 29.28
CA ARG C 273 -95.11 15.52 30.53
C ARG C 273 -94.53 14.78 31.73
N THR C 274 -94.47 13.46 31.67
CA THR C 274 -93.94 12.63 32.74
C THR C 274 -92.91 11.67 32.17
N LEU C 275 -92.22 10.96 33.07
CA LEU C 275 -91.26 9.95 32.64
C LEU C 275 -91.97 8.82 31.89
N GLU C 276 -93.12 8.39 32.38
CA GLU C 276 -93.89 7.36 31.68
C GLU C 276 -94.35 7.86 30.32
N ASP C 277 -94.76 9.11 30.24
CA ASP C 277 -95.17 9.69 28.95
C ASP C 277 -93.99 9.70 27.98
N LEU C 278 -92.81 10.10 28.46
CA LEU C 278 -91.64 10.12 27.59
C LEU C 278 -91.26 8.71 27.13
N LYS C 279 -91.36 7.73 28.02
CA LYS C 279 -91.09 6.35 27.64
C LYS C 279 -92.08 5.86 26.60
N ALA C 280 -93.37 6.17 26.78
CA ALA C 280 -94.38 5.75 25.81
C ALA C 280 -94.23 6.50 24.49
N THR C 281 -93.63 7.68 24.51
CA THR C 281 -93.39 8.41 23.28
C THR C 281 -92.49 7.62 22.35
N THR C 282 -92.84 7.61 21.07
CA THR C 282 -92.18 6.84 20.00
C THR C 282 -91.71 5.47 20.52
N ALA C 283 -92.65 4.77 21.17
CA ALA C 283 -92.33 3.44 21.69
C ALA C 283 -92.04 2.46 20.55
N ASN C 284 -92.93 2.41 19.55
CA ASN C 284 -92.72 1.59 18.35
C ASN C 284 -93.01 2.47 17.13
N ASP C 285 -91.99 3.22 16.71
CA ASP C 285 -92.05 4.03 15.48
C ASP C 285 -93.25 4.97 15.46
N ALA C 286 -93.64 5.48 16.63
CA ALA C 286 -94.75 6.42 16.68
C ALA C 286 -94.36 7.76 16.06
N GLY C 287 -93.12 8.20 16.26
CA GLY C 287 -92.64 9.42 15.66
C GLY C 287 -93.34 10.68 16.14
N ILE C 288 -93.58 10.79 17.44
CA ILE C 288 -94.26 11.97 18.01
C ILE C 288 -93.16 13.02 18.22
N TRP C 289 -92.94 13.84 17.20
CA TRP C 289 -91.93 14.88 17.29
C TRP C 289 -92.37 15.95 18.29
N PRO C 290 -91.43 16.53 19.05
CA PRO C 290 -91.81 17.56 20.02
C PRO C 290 -92.45 18.79 19.39
N ASP C 291 -92.03 19.16 18.17
CA ASP C 291 -92.54 20.36 17.52
C ASP C 291 -92.49 20.15 16.01
N ASN C 292 -92.82 21.21 15.27
CA ASN C 292 -92.85 21.14 13.81
C ASN C 292 -91.47 21.03 13.18
N ARG C 293 -90.40 21.27 13.95
CA ARG C 293 -89.04 21.22 13.43
C ARG C 293 -88.38 19.87 13.66
N GLU C 294 -89.15 18.85 14.04
CA GLU C 294 -88.64 17.50 14.27
C GLU C 294 -87.61 17.47 15.39
N GLY C 295 -87.65 18.45 16.28
CA GLY C 295 -86.72 18.50 17.38
C GLY C 295 -85.34 19.04 17.05
N MET C 296 -85.19 19.70 15.90
CA MET C 296 -83.89 20.26 15.54
C MET C 296 -83.50 21.36 16.53
N LEU C 297 -82.22 21.41 16.86
CA LEU C 297 -81.67 22.47 17.70
C LEU C 297 -80.49 23.20 17.09
N ASP C 298 -79.66 22.51 16.30
CA ASP C 298 -78.52 23.15 15.66
C ASP C 298 -78.11 22.32 14.45
N SER C 299 -77.27 22.91 13.61
CA SER C 299 -76.84 22.28 12.37
C SER C 299 -75.74 21.26 12.66
N ARG C 300 -75.08 20.78 11.60
CA ARG C 300 -74.03 19.78 11.74
C ARG C 300 -72.81 20.30 12.49
N ALA C 301 -72.70 21.60 12.71
CA ALA C 301 -71.59 22.18 13.44
C ALA C 301 -71.79 22.15 14.95
N PHE C 302 -72.67 21.27 15.45
CA PHE C 302 -72.89 21.12 16.88
C PHE C 302 -73.24 19.67 17.15
N TYR C 303 -72.39 18.98 17.90
CA TYR C 303 -72.55 17.55 18.13
C TYR C 303 -72.33 17.23 19.60
N ALA C 304 -72.89 16.10 20.02
CA ALA C 304 -72.75 15.60 21.39
C ALA C 304 -73.21 16.63 22.41
N GLY C 305 -74.31 17.30 22.11
CA GLY C 305 -74.88 18.27 23.03
C GLY C 305 -75.45 17.63 24.27
N LYS C 306 -74.84 17.87 25.41
CA LYS C 306 -75.30 17.33 26.69
C LYS C 306 -75.52 18.47 27.67
N THR C 307 -76.57 18.34 28.48
CA THR C 307 -77.06 19.45 29.30
C THR C 307 -76.75 19.21 30.78
N ALA C 308 -76.71 20.33 31.51
CA ALA C 308 -76.53 20.30 32.96
C ALA C 308 -77.15 21.55 33.56
N SER C 309 -77.69 21.40 34.76
CA SER C 309 -78.40 22.49 35.43
C SER C 309 -77.71 22.85 36.74
N ASP C 310 -77.70 24.14 37.06
CA ASP C 310 -77.21 24.63 38.33
C ASP C 310 -78.33 24.88 39.33
N GLY C 311 -79.56 24.50 39.00
CA GLY C 311 -80.71 24.73 39.83
C GLY C 311 -81.58 25.91 39.39
N THR C 312 -81.05 26.80 38.55
CA THR C 312 -81.82 27.93 38.07
C THR C 312 -81.71 28.07 36.55
N ASN C 313 -80.63 27.55 35.97
CA ASN C 313 -80.40 27.67 34.54
C ASN C 313 -79.91 26.34 33.98
N ARG C 314 -80.18 26.12 32.70
CA ARG C 314 -79.80 24.90 32.00
C ARG C 314 -78.83 25.25 30.89
N TYR C 315 -77.63 24.67 30.93
CA TYR C 315 -76.58 24.94 29.96
C TYR C 315 -76.22 23.65 29.24
N ILE C 316 -76.14 23.71 27.92
CA ILE C 316 -75.79 22.57 27.09
C ILE C 316 -74.42 22.81 26.47
N TRP C 317 -73.57 21.78 26.51
CA TRP C 317 -72.24 21.83 25.95
C TRP C 317 -72.14 20.84 24.80
N GLY C 318 -71.49 21.30 23.72
CA GLY C 318 -71.24 20.47 22.55
C GLY C 318 -69.89 20.83 21.98
N TRP C 319 -69.53 20.19 20.88
CA TRP C 319 -68.27 20.48 20.20
C TRP C 319 -68.53 20.84 18.75
N CYS C 320 -68.15 22.05 18.36
CA CYS C 320 -68.19 22.45 16.96
C CYS C 320 -66.98 21.87 16.25
N PRO C 321 -67.16 21.10 15.19
CA PRO C 321 -66.02 20.44 14.54
C PRO C 321 -65.16 21.42 13.76
N THR C 322 -63.92 21.02 13.52
CA THR C 322 -63.01 21.78 12.68
C THR C 322 -63.25 21.42 11.21
N ARG C 323 -62.43 22.01 10.35
CA ARG C 323 -62.51 21.77 8.91
C ARG C 323 -61.16 21.31 8.40
N ALA C 324 -61.16 20.33 7.50
CA ALA C 324 -59.92 19.84 6.92
C ALA C 324 -59.24 20.96 6.13
N GLY C 325 -57.94 21.12 6.35
CA GLY C 325 -57.20 22.18 5.69
C GLY C 325 -57.63 23.57 6.09
N ASN C 326 -58.24 23.73 7.27
CA ASN C 326 -58.78 25.00 7.77
C ASN C 326 -59.48 25.79 6.66
N ASP C 327 -60.32 25.09 5.91
CA ASP C 327 -61.07 25.67 4.81
C ASP C 327 -62.55 25.57 5.12
N ASN C 328 -63.25 26.71 5.13
CA ASN C 328 -64.66 26.71 5.46
C ASN C 328 -65.49 25.99 4.40
N GLY C 329 -65.03 26.02 3.14
CA GLY C 329 -65.80 25.39 2.08
C GLY C 329 -65.88 23.87 2.24
N ASN C 330 -64.77 23.24 2.64
CA ASN C 330 -64.73 21.79 2.78
C ASN C 330 -65.39 21.41 4.10
N VAL C 331 -66.72 21.29 4.05
CA VAL C 331 -67.47 20.87 5.24
C VAL C 331 -67.09 19.45 5.63
N GLY C 332 -66.97 18.56 4.64
CA GLY C 332 -66.63 17.18 4.91
C GLY C 332 -67.67 16.22 4.40
N ASP C 333 -67.28 15.32 3.51
CA ASP C 333 -68.21 14.35 2.97
C ASP C 333 -68.66 13.37 4.05
N VAL C 334 -69.88 12.86 3.89
CA VAL C 334 -70.46 11.85 4.78
C VAL C 334 -70.62 12.43 6.17
N GLU C 335 -69.51 12.63 6.87
CA GLU C 335 -69.51 13.15 8.23
C GLU C 335 -68.42 14.18 8.39
N PRO C 336 -68.59 15.13 9.32
CA PRO C 336 -67.53 16.10 9.57
C PRO C 336 -66.41 15.49 10.41
N GLU C 337 -65.31 16.23 10.48
CA GLU C 337 -64.15 15.78 11.25
C GLU C 337 -64.49 15.72 12.74
N TRP C 338 -63.86 14.78 13.43
CA TRP C 338 -64.09 14.62 14.86
C TRP C 338 -63.38 15.72 15.64
N ALA C 339 -63.82 15.91 16.88
CA ALA C 339 -63.27 16.90 17.80
C ALA C 339 -63.44 18.32 17.28
N GLY C 340 -62.99 19.31 18.04
CA GLY C 340 -63.16 20.69 17.64
C GLY C 340 -63.05 21.66 18.79
N ASN C 341 -64.03 22.56 18.91
CA ASN C 341 -64.04 23.59 19.95
C ASN C 341 -65.28 23.45 20.81
N LEU C 342 -65.11 23.62 22.12
CA LEU C 342 -66.23 23.50 23.04
C LEU C 342 -67.15 24.71 22.91
N VAL C 343 -68.45 24.44 22.77
CA VAL C 343 -69.46 25.48 22.61
C VAL C 343 -70.52 25.28 23.69
N ALA C 344 -70.83 26.35 24.41
CA ALA C 344 -71.83 26.32 25.48
C ALA C 344 -72.98 27.23 25.13
N GLN C 345 -74.20 26.73 25.26
CA GLN C 345 -75.41 27.49 25.00
C GLN C 345 -76.37 27.32 26.17
N ARG C 346 -77.37 28.20 26.23
CA ARG C 346 -78.35 28.18 27.30
C ARG C 346 -79.69 27.71 26.76
N LEU C 347 -80.24 26.67 27.37
CA LEU C 347 -81.53 26.16 26.95
C LEU C 347 -82.65 27.09 27.41
N ILE C 348 -83.62 27.31 26.53
CA ILE C 348 -84.75 28.18 26.80
C ILE C 348 -86.04 27.37 26.68
N GLN C 349 -86.86 27.42 27.73
CA GLN C 349 -88.12 26.68 27.77
C GLN C 349 -89.28 27.65 27.60
N HIS C 350 -90.15 27.34 26.64
CA HIS C 350 -91.32 28.17 26.37
C HIS C 350 -92.54 27.58 27.08
N GLU C 351 -93.68 28.26 26.93
CA GLU C 351 -94.90 27.82 27.58
C GLU C 351 -95.49 26.57 26.94
N ASP C 352 -95.12 26.26 25.70
CA ASP C 352 -95.61 25.08 25.00
C ASP C 352 -94.70 23.87 25.14
N GLY C 353 -93.61 23.98 25.90
CA GLY C 353 -92.67 22.90 26.07
C GLY C 353 -91.56 22.85 25.05
N THR C 354 -91.59 23.70 24.03
CA THR C 354 -90.53 23.74 23.04
C THR C 354 -89.23 24.26 23.66
N LEU C 355 -88.11 23.74 23.16
CA LEU C 355 -86.80 24.09 23.67
C LEU C 355 -86.01 24.82 22.58
N THR C 356 -85.42 25.95 22.95
CA THR C 356 -84.60 26.74 22.04
C THR C 356 -83.28 27.08 22.71
N LEU C 357 -82.24 27.19 21.90
CA LEU C 357 -80.90 27.49 22.39
C LEU C 357 -80.70 29.00 22.48
N GLY C 358 -80.12 29.44 23.60
CA GLY C 358 -79.89 30.84 23.83
C GLY C 358 -78.45 31.10 24.24
N VAL C 359 -78.04 32.35 24.03
CA VAL C 359 -76.68 32.76 24.41
C VAL C 359 -76.58 32.81 25.93
N PRO C 360 -75.49 32.31 26.53
CA PRO C 360 -75.32 32.44 27.97
C PRO C 360 -75.24 33.91 28.40
N ASP C 361 -75.79 34.18 29.58
CA ASP C 361 -75.79 35.56 30.08
C ASP C 361 -74.38 36.06 30.32
N ALA C 362 -73.50 35.20 30.84
CA ALA C 362 -72.12 35.61 31.07
C ALA C 362 -71.43 35.94 29.75
N ILE C 363 -71.65 35.12 28.72
CA ILE C 363 -71.07 35.40 27.42
C ILE C 363 -71.60 36.72 26.87
N ASP C 364 -72.90 36.96 27.01
CA ASP C 364 -73.50 38.19 26.53
C ASP C 364 -72.91 39.41 27.24
N ARG C 365 -72.75 39.32 28.56
CA ARG C 365 -72.25 40.45 29.34
C ARG C 365 -70.74 40.63 29.27
N LYS C 366 -70.01 39.62 28.77
CA LYS C 366 -68.56 39.76 28.65
C LYS C 366 -68.18 40.90 27.71
N TYR C 367 -68.90 41.03 26.59
CA TYR C 367 -68.63 42.11 25.64
C TYR C 367 -68.98 43.45 26.28
N THR C 368 -67.98 44.32 26.40
CA THR C 368 -68.17 45.63 27.03
C THR C 368 -67.92 46.79 26.07
N SER C 369 -66.76 46.83 25.42
CA SER C 369 -66.43 47.93 24.53
C SER C 369 -67.28 47.86 23.26
N ALA C 370 -67.61 49.03 22.73
CA ALA C 370 -68.41 49.16 21.52
C ALA C 370 -67.59 49.79 20.41
N GLN C 371 -67.78 49.30 19.19
CA GLN C 371 -67.06 49.78 18.02
C GLN C 371 -68.03 50.41 17.04
N GLU C 372 -67.70 51.60 16.56
CA GLU C 372 -68.53 52.28 15.58
C GLU C 372 -68.47 51.56 14.24
N VAL C 373 -69.60 51.52 13.54
CA VAL C 373 -69.70 50.86 12.25
C VAL C 373 -69.87 51.93 11.17
N LYS C 374 -69.47 51.58 9.96
CA LYS C 374 -69.60 52.49 8.83
C LYS C 374 -69.59 51.68 7.54
N VAL C 375 -70.05 52.31 6.47
CA VAL C 375 -70.20 51.64 5.18
C VAL C 375 -68.96 51.87 4.33
N MET C 376 -68.41 50.80 3.77
CA MET C 376 -67.25 50.87 2.90
C MET C 376 -67.56 50.57 1.44
N ALA C 377 -68.57 49.74 1.16
CA ALA C 377 -68.90 49.34 -0.19
C ALA C 377 -70.35 49.68 -0.50
N LYS C 378 -70.58 50.19 -1.71
CA LYS C 378 -71.93 50.53 -2.20
C LYS C 378 -72.01 50.04 -3.63
N ASP C 379 -72.46 48.80 -3.81
CA ASP C 379 -72.54 48.18 -5.12
C ASP C 379 -73.95 48.05 -5.66
N GLY C 380 -74.92 47.68 -4.81
CA GLY C 380 -76.29 47.57 -5.23
C GLY C 380 -77.04 48.89 -5.16
N ASN C 381 -78.36 48.78 -5.03
CA ASN C 381 -79.23 49.95 -5.02
C ASN C 381 -79.80 50.26 -3.64
N MET C 382 -79.05 50.02 -2.57
CA MET C 382 -79.55 50.34 -1.25
C MET C 382 -79.56 51.85 -1.03
N ILE C 383 -80.27 52.28 0.01
CA ILE C 383 -80.28 53.66 0.43
C ILE C 383 -79.93 53.72 1.92
N GLU C 384 -79.32 54.82 2.32
CA GLU C 384 -78.87 55.01 3.70
C GLU C 384 -79.62 56.19 4.30
N SER C 385 -80.22 55.97 5.47
CA SER C 385 -80.95 57.00 6.20
C SER C 385 -80.51 56.92 7.65
N GLY C 386 -79.45 57.66 7.99
CA GLY C 386 -78.92 57.61 9.34
C GLY C 386 -78.41 56.22 9.67
N LYS C 387 -78.86 55.69 10.81
CA LYS C 387 -78.48 54.35 11.24
C LYS C 387 -79.37 53.27 10.64
N THR C 388 -80.39 53.64 9.87
CA THR C 388 -81.33 52.70 9.27
C THR C 388 -81.02 52.57 7.80
N TYR C 389 -80.91 51.34 7.31
CA TYR C 389 -80.58 51.07 5.91
C TYR C 389 -81.67 50.23 5.27
N THR C 390 -82.03 50.58 4.04
CA THR C 390 -83.03 49.86 3.27
C THR C 390 -82.36 49.18 2.08
N LEU C 391 -82.56 47.87 1.97
CA LEU C 391 -81.93 47.07 0.93
C LEU C 391 -82.99 46.34 0.12
N GLY C 392 -82.80 46.31 -1.20
CA GLY C 392 -83.70 45.62 -2.09
C GLY C 392 -83.08 44.41 -2.74
N GLU C 393 -83.47 44.12 -3.98
CA GLU C 393 -82.93 42.95 -4.68
C GLU C 393 -81.49 43.22 -5.11
N GLY C 394 -80.62 42.26 -4.83
CA GLY C 394 -79.22 42.39 -5.19
C GLY C 394 -78.46 43.47 -4.44
N ALA C 395 -79.00 43.94 -3.32
CA ALA C 395 -78.37 45.01 -2.56
C ALA C 395 -77.49 44.41 -1.46
N SER C 396 -76.22 44.80 -1.44
CA SER C 396 -75.27 44.34 -0.44
C SER C 396 -74.48 45.51 0.10
N VAL C 397 -74.38 45.59 1.42
CA VAL C 397 -73.65 46.64 2.11
C VAL C 397 -72.59 46.01 2.99
N ILE C 398 -71.37 46.52 2.91
CA ILE C 398 -70.21 45.97 3.61
C ILE C 398 -69.81 46.92 4.72
N PHE C 399 -69.66 46.38 5.93
CA PHE C 399 -69.27 47.15 7.10
C PHE C 399 -67.76 47.05 7.31
N ASN C 400 -67.29 47.55 8.46
CA ASN C 400 -65.88 47.57 8.77
C ASN C 400 -65.39 46.18 9.18
N ARG C 401 -64.09 46.08 9.47
CA ARG C 401 -63.50 44.81 9.85
C ARG C 401 -63.94 44.40 11.26
N LEU C 402 -63.86 43.11 11.52
CA LEU C 402 -64.19 42.55 12.81
C LEU C 402 -62.92 42.45 13.67
N LYS C 403 -63.03 41.76 14.80
CA LYS C 403 -61.88 41.53 15.67
C LYS C 403 -61.83 40.07 16.10
N VAL C 404 -60.95 39.75 17.05
CA VAL C 404 -60.86 38.38 17.54
C VAL C 404 -62.15 37.96 18.21
N HIS C 405 -62.74 38.84 19.01
CA HIS C 405 -64.03 38.60 19.65
C HIS C 405 -65.00 39.67 19.19
N ASN C 406 -66.16 39.26 18.68
CA ASN C 406 -67.12 40.20 18.13
C ASN C 406 -68.53 39.82 18.55
N LYS C 407 -69.38 40.84 18.70
CA LYS C 407 -70.81 40.65 18.97
C LYS C 407 -71.55 41.66 18.10
N ILE C 408 -72.26 41.16 17.08
CA ILE C 408 -72.96 42.01 16.13
C ILE C 408 -74.45 41.83 16.34
N SER C 409 -75.13 42.89 16.76
CA SER C 409 -76.56 42.84 17.05
C SER C 409 -77.29 43.86 16.21
N PHE C 410 -78.36 43.43 15.56
CA PHE C 410 -79.17 44.36 14.77
C PHE C 410 -80.58 43.80 14.62
N THR C 411 -81.46 44.63 14.07
CA THR C 411 -82.86 44.28 13.86
C THR C 411 -83.19 44.44 12.39
N VAL C 412 -83.86 43.43 11.83
CA VAL C 412 -84.22 43.39 10.41
C VAL C 412 -85.72 43.28 10.30
N LYS C 413 -86.32 44.20 9.54
CA LYS C 413 -87.74 44.14 9.21
C LYS C 413 -87.87 43.81 7.73
N THR C 414 -88.59 42.73 7.42
CA THR C 414 -88.75 42.27 6.06
C THR C 414 -90.10 42.71 5.51
N ALA C 415 -90.14 42.92 4.19
CA ALA C 415 -91.38 43.35 3.54
C ALA C 415 -92.47 42.29 3.68
N SER C 416 -92.13 41.03 3.51
CA SER C 416 -93.10 39.94 3.59
C SER C 416 -92.45 38.76 4.30
N ASN C 417 -93.19 37.65 4.37
CA ASN C 417 -92.72 36.43 5.01
C ASN C 417 -92.16 35.42 4.01
N THR C 418 -91.58 35.91 2.91
CA THR C 418 -90.99 35.04 1.91
C THR C 418 -89.67 35.57 1.36
N ASP C 419 -88.97 36.40 2.13
CA ASP C 419 -87.78 37.08 1.64
C ASP C 419 -86.52 36.24 1.88
N ARG C 420 -85.45 36.61 1.18
CA ARG C 420 -84.16 35.93 1.25
C ARG C 420 -83.07 36.97 1.50
N PHE C 421 -82.85 37.31 2.76
CA PHE C 421 -81.71 38.12 3.15
C PHE C 421 -80.63 37.22 3.74
N GLY C 422 -79.46 37.80 3.97
CA GLY C 422 -78.35 37.00 4.45
C GLY C 422 -77.19 37.86 4.94
N ILE C 423 -76.34 37.21 5.73
CA ILE C 423 -75.14 37.82 6.29
C ILE C 423 -73.94 37.05 5.78
N SER C 424 -72.98 37.76 5.20
CA SER C 424 -71.80 37.14 4.60
C SER C 424 -70.55 37.54 5.38
N PHE C 425 -69.75 36.55 5.75
CA PHE C 425 -68.46 36.74 6.39
C PHE C 425 -67.34 36.38 5.42
N VAL C 426 -66.14 36.84 5.76
CA VAL C 426 -64.97 36.79 4.89
C VAL C 426 -65.34 37.49 3.59
N ARG C 427 -65.66 38.77 3.68
CA ARG C 427 -66.12 39.56 2.56
C ARG C 427 -65.29 40.84 2.45
N GLY C 428 -64.98 41.22 1.22
CA GLY C 428 -64.21 42.42 0.99
C GLY C 428 -64.34 42.86 -0.45
N THR C 429 -63.68 43.98 -0.77
CA THR C 429 -63.74 44.52 -2.12
C THR C 429 -63.15 43.54 -3.13
N ASP C 430 -62.02 42.93 -2.78
CA ASP C 430 -61.33 41.99 -3.66
C ASP C 430 -61.54 40.54 -3.25
N SER C 431 -62.49 40.27 -2.36
CA SER C 431 -62.74 38.91 -1.92
C SER C 431 -63.35 38.10 -3.05
N ALA C 432 -62.64 37.06 -3.50
CA ALA C 432 -63.15 36.22 -4.56
C ALA C 432 -64.41 35.47 -4.11
N SER C 433 -64.39 34.95 -2.90
CA SER C 433 -65.53 34.20 -2.36
C SER C 433 -65.78 34.62 -0.92
N TRP C 434 -67.04 34.49 -0.51
CA TRP C 434 -67.45 34.80 0.85
C TRP C 434 -68.42 33.72 1.32
N TYR C 435 -68.49 33.53 2.63
CA TYR C 435 -69.33 32.48 3.21
C TYR C 435 -70.57 33.13 3.81
N SER C 436 -71.74 32.73 3.34
CA SER C 436 -72.97 33.44 3.66
C SER C 436 -73.95 32.54 4.40
N ILE C 437 -74.77 33.17 5.23
CA ILE C 437 -75.90 32.53 5.90
C ILE C 437 -77.13 33.28 5.43
N HIS C 438 -78.00 32.59 4.69
CA HIS C 438 -79.21 33.18 4.15
C HIS C 438 -80.41 32.69 4.95
N VAL C 439 -81.18 33.62 5.51
CA VAL C 439 -82.40 33.30 6.22
C VAL C 439 -83.53 33.36 5.20
N ASN C 440 -83.94 32.20 4.68
CA ASN C 440 -84.97 32.12 3.67
C ASN C 440 -86.32 31.92 4.35
N ALA C 441 -87.19 32.93 4.26
CA ALA C 441 -88.51 32.82 4.87
C ALA C 441 -89.45 31.94 4.07
N ASP C 442 -89.26 31.87 2.75
CA ASP C 442 -90.11 31.01 1.93
C ASP C 442 -89.94 29.55 2.33
N GLU C 443 -88.70 29.10 2.55
CA GLU C 443 -88.46 27.77 3.08
C GLU C 443 -88.57 27.74 4.60
N GLY C 444 -88.65 28.90 5.26
CA GLY C 444 -88.74 28.94 6.71
C GLY C 444 -87.54 28.35 7.40
N LYS C 445 -86.33 28.69 6.94
CA LYS C 445 -85.12 28.11 7.50
C LYS C 445 -83.94 29.03 7.20
N ALA C 446 -82.74 28.55 7.50
CA ALA C 446 -81.51 29.25 7.19
C ALA C 446 -80.55 28.29 6.51
N ASN C 447 -79.72 28.82 5.61
CA ASN C 447 -78.80 28.01 4.83
C ASN C 447 -77.41 28.62 4.90
N PHE C 448 -76.43 27.81 5.28
CA PHE C 448 -75.03 28.18 5.24
C PHE C 448 -74.44 27.70 3.93
N GLU C 449 -73.95 28.64 3.12
CA GLU C 449 -73.43 28.34 1.78
C GLU C 449 -72.14 29.09 1.56
N LYS C 450 -71.42 28.68 0.52
CA LYS C 450 -70.19 29.34 0.09
C LYS C 450 -70.50 30.13 -1.17
N ASP C 451 -70.64 31.45 -1.03
CA ASP C 451 -70.95 32.30 -2.16
C ASP C 451 -69.66 32.77 -2.83
N GLY C 452 -69.81 33.58 -3.87
CA GLY C 452 -68.68 34.10 -4.61
C GLY C 452 -68.41 33.30 -5.87
N ASP C 453 -67.16 32.87 -6.05
CA ASP C 453 -66.77 32.13 -7.25
C ASP C 453 -67.17 30.67 -7.18
N ASP C 454 -67.60 30.16 -6.02
CA ASP C 454 -67.98 28.77 -5.86
C ASP C 454 -69.48 28.56 -5.95
N ALA C 455 -70.26 29.41 -5.28
CA ALA C 455 -71.72 29.31 -5.27
C ALA C 455 -72.19 27.92 -4.83
N LYS C 456 -71.54 27.39 -3.80
CA LYS C 456 -71.82 26.05 -3.30
C LYS C 456 -72.62 26.13 -2.01
N TYR C 457 -73.70 25.34 -1.95
CA TYR C 457 -74.53 25.26 -0.76
C TYR C 457 -73.99 24.19 0.18
N LEU C 458 -73.73 24.57 1.44
CA LEU C 458 -73.09 23.67 2.38
C LEU C 458 -74.09 22.89 3.22
N PHE C 459 -74.92 23.58 4.00
CA PHE C 459 -75.92 22.89 4.80
C PHE C 459 -77.00 23.90 5.22
N ASP C 460 -77.90 23.47 6.10
CA ASP C 460 -79.03 24.30 6.47
C ASP C 460 -79.55 23.89 7.84
N ASN C 461 -80.48 24.68 8.36
CA ASN C 461 -81.12 24.43 9.65
C ASN C 461 -82.49 25.09 9.65
N LYS C 462 -83.51 24.34 10.07
CA LYS C 462 -84.88 24.83 10.06
C LYS C 462 -85.22 25.51 11.38
N PHE C 463 -86.17 26.43 11.32
CA PHE C 463 -86.67 27.15 12.49
C PHE C 463 -88.05 27.70 12.16
N ASN C 464 -88.60 28.51 13.06
CA ASN C 464 -89.94 29.05 12.93
C ASN C 464 -89.88 30.51 12.51
N ILE C 465 -90.55 30.84 11.42
CA ILE C 465 -90.57 32.21 10.90
C ILE C 465 -91.55 33.04 11.72
N PRO C 466 -91.11 34.17 12.28
CA PRO C 466 -92.07 35.04 13.00
C PRO C 466 -93.12 35.61 12.06
N ALA C 467 -94.30 35.84 12.63
CA ALA C 467 -95.43 36.34 11.85
C ALA C 467 -95.40 37.86 11.67
N ASP C 468 -94.54 38.57 12.38
CA ASP C 468 -94.47 40.03 12.29
C ASP C 468 -93.35 40.51 11.37
N ASN C 469 -92.68 39.59 10.66
CA ASN C 469 -91.61 39.94 9.73
C ASN C 469 -90.48 40.70 10.41
N GLU C 470 -90.23 40.39 11.68
CA GLU C 470 -89.22 41.05 12.48
C GLU C 470 -88.22 40.03 12.98
N TYR C 471 -86.92 40.35 12.86
CA TYR C 471 -85.85 39.47 13.28
C TYR C 471 -84.85 40.26 14.12
N ARG C 472 -84.40 39.65 15.21
CA ARG C 472 -83.37 40.22 16.06
C ARG C 472 -82.13 39.34 15.90
N VAL C 473 -81.21 39.77 15.04
CA VAL C 473 -80.05 38.95 14.69
C VAL C 473 -78.88 39.34 15.58
N THR C 474 -78.35 38.36 16.32
CA THR C 474 -77.20 38.58 17.19
C THR C 474 -76.18 37.49 16.92
N ILE C 475 -74.99 37.88 16.47
CA ILE C 475 -73.91 36.97 16.16
C ILE C 475 -72.82 37.17 17.21
N TYR C 476 -72.49 36.11 17.92
CA TYR C 476 -71.36 36.09 18.85
C TYR C 476 -70.27 35.24 18.22
N SER C 477 -69.13 35.87 17.93
CA SER C 477 -68.03 35.21 17.24
C SER C 477 -66.79 35.26 18.11
N ASP C 478 -66.22 34.09 18.41
CA ASP C 478 -64.95 33.97 19.10
C ASP C 478 -63.96 33.35 18.12
N GLN C 479 -62.94 34.12 17.75
CA GLN C 479 -61.92 33.67 16.82
C GLN C 479 -62.53 33.13 15.53
N SER C 480 -62.70 31.82 15.44
CA SER C 480 -63.22 31.18 14.24
C SER C 480 -64.63 30.61 14.41
N VAL C 481 -65.08 30.39 15.63
CA VAL C 481 -66.42 29.87 15.87
C VAL C 481 -67.39 31.04 15.95
N CYS C 482 -68.58 30.86 15.38
CA CYS C 482 -69.60 31.90 15.41
C CYS C 482 -70.96 31.29 15.65
N VAL C 483 -71.74 31.89 16.56
CA VAL C 483 -73.09 31.44 16.86
C VAL C 483 -74.04 32.59 16.59
N THR C 484 -75.05 32.33 15.77
CA THR C 484 -76.03 33.32 15.37
C THR C 484 -77.38 32.97 15.97
N TYR C 485 -77.99 33.96 16.63
CA TYR C 485 -79.31 33.81 17.23
C TYR C 485 -80.29 34.74 16.50
N ILE C 486 -81.42 34.18 16.09
CA ILE C 486 -82.45 34.89 15.35
C ILE C 486 -83.71 34.91 16.21
N ASN C 487 -84.12 36.11 16.61
CA ASN C 487 -85.31 36.39 17.42
C ASN C 487 -85.54 35.32 18.49
N ASP C 488 -84.46 34.98 19.19
CA ASP C 488 -84.49 34.03 20.30
C ASP C 488 -85.11 32.69 19.90
N GLN C 489 -85.11 32.37 18.62
CA GLN C 489 -85.73 31.14 18.16
C GLN C 489 -84.80 30.29 17.32
N LEU C 490 -83.93 30.88 16.51
CA LEU C 490 -83.00 30.14 15.66
C LEU C 490 -81.59 30.25 16.22
N SER C 491 -80.93 29.11 16.40
CA SER C 491 -79.54 29.05 16.81
C SER C 491 -78.75 28.34 15.71
N PHE C 492 -77.68 28.98 15.25
CA PHE C 492 -76.90 28.47 14.13
C PHE C 492 -75.42 28.61 14.44
N THR C 493 -74.72 27.47 14.50
CA THR C 493 -73.29 27.45 14.79
C THR C 493 -72.52 27.20 13.52
N ASN C 494 -71.40 27.92 13.35
CA ASN C 494 -70.56 27.77 12.17
C ASN C 494 -69.09 27.93 12.55
N ARG C 495 -68.24 27.29 11.76
CA ARG C 495 -66.79 27.40 11.87
C ARG C 495 -66.32 28.13 10.61
N ILE C 496 -66.00 29.42 10.75
CA ILE C 496 -65.61 30.25 9.62
C ILE C 496 -64.20 30.73 9.89
N TYR C 497 -63.23 30.10 9.24
CA TYR C 497 -61.85 30.56 9.32
C TYR C 497 -61.70 31.89 8.59
N GLN C 498 -60.66 32.64 8.97
CA GLN C 498 -60.32 33.94 8.41
C GLN C 498 -61.41 34.98 8.64
N MET C 499 -62.35 34.73 9.54
CA MET C 499 -63.42 35.69 9.79
C MET C 499 -62.90 36.93 10.51
N GLN C 500 -62.03 36.73 11.51
CA GLN C 500 -61.59 37.84 12.33
C GLN C 500 -60.77 38.83 11.52
N LYS C 501 -60.89 40.11 11.88
CA LYS C 501 -60.21 41.20 11.19
C LYS C 501 -60.56 41.24 9.71
N ASN C 502 -61.81 40.94 9.39
CA ASN C 502 -62.31 40.99 8.02
C ASN C 502 -63.69 41.62 8.01
N PRO C 503 -64.03 42.35 6.96
CA PRO C 503 -65.36 42.98 6.89
C PRO C 503 -66.46 41.94 6.72
N TRP C 504 -67.65 42.31 7.19
CA TRP C 504 -68.85 41.50 7.04
C TRP C 504 -69.91 42.31 6.30
N SER C 505 -70.75 41.62 5.55
CA SER C 505 -71.72 42.28 4.67
C SER C 505 -73.12 41.74 4.92
N LEU C 506 -74.11 42.57 4.58
CA LEU C 506 -75.52 42.18 4.59
C LEU C 506 -76.04 42.27 3.17
N CYS C 507 -76.71 41.22 2.71
CA CYS C 507 -77.20 41.15 1.34
C CYS C 507 -78.65 40.69 1.33
N CYS C 508 -79.33 40.99 0.22
CA CYS C 508 -80.69 40.52 -0.01
C CYS C 508 -80.80 40.06 -1.45
N TYR C 509 -81.70 39.12 -1.70
CA TYR C 509 -81.76 38.55 -3.04
C TYR C 509 -83.16 38.57 -3.65
N LYS C 510 -84.20 38.37 -2.85
CA LYS C 510 -85.54 38.23 -3.43
C LYS C 510 -86.54 39.21 -2.85
N GLY C 511 -86.38 39.63 -1.61
CA GLY C 511 -87.31 40.51 -0.95
C GLY C 511 -86.72 41.89 -0.69
N GLU C 512 -87.36 42.61 0.23
CA GLU C 512 -86.89 43.92 0.68
C GLU C 512 -86.71 43.88 2.19
N ILE C 513 -85.60 44.45 2.66
CA ILE C 513 -85.26 44.40 4.07
C ILE C 513 -84.90 45.81 4.55
N THR C 514 -85.07 46.01 5.86
CA THR C 514 -84.71 47.26 6.52
C THR C 514 -83.97 46.91 7.80
N VAL C 515 -82.68 47.24 7.86
CA VAL C 515 -81.84 46.93 8.99
C VAL C 515 -81.64 48.17 9.83
N SER C 516 -81.58 47.99 11.15
CA SER C 516 -81.42 49.10 12.07
C SER C 516 -80.78 48.59 13.36
N ASP C 517 -80.38 49.55 14.20
CA ASP C 517 -79.78 49.26 15.50
C ASP C 517 -78.55 48.36 15.37
N VAL C 518 -77.74 48.62 14.35
CA VAL C 518 -76.52 47.85 14.12
C VAL C 518 -75.48 48.25 15.15
N GLN C 519 -75.10 47.29 16.00
CA GLN C 519 -74.12 47.53 17.05
C GLN C 519 -73.08 46.41 17.04
N VAL C 520 -71.82 46.81 17.16
CA VAL C 520 -70.70 45.87 17.21
C VAL C 520 -69.97 46.09 18.53
N SER C 521 -69.81 45.02 19.31
CA SER C 521 -69.15 45.06 20.59
C SER C 521 -67.95 44.12 20.58
N THR C 522 -66.85 44.56 21.17
CA THR C 522 -65.62 43.79 21.23
C THR C 522 -65.01 43.92 22.61
N TYR C 523 -64.10 42.99 22.92
CA TYR C 523 -63.36 43.07 24.18
C TYR C 523 -62.00 42.40 24.03
N ASP D 27 38.82 -7.00 -31.02
CA ASP D 27 39.39 -7.84 -29.97
C ASP D 27 38.47 -9.02 -29.67
N PHE D 28 37.18 -8.84 -29.92
CA PHE D 28 36.18 -9.87 -29.68
C PHE D 28 35.47 -10.33 -30.95
N LYS D 29 35.36 -9.48 -31.96
CA LYS D 29 34.67 -9.87 -33.19
C LYS D 29 35.41 -10.99 -33.90
N SER D 30 34.66 -11.93 -34.44
CA SER D 30 35.23 -13.07 -35.15
C SER D 30 35.48 -12.78 -36.62
N GLY D 31 35.07 -11.61 -37.11
CA GLY D 31 35.28 -11.29 -38.52
C GLY D 31 34.53 -12.19 -39.47
N LEU D 32 33.25 -12.45 -39.18
CA LEU D 32 32.43 -13.34 -39.99
C LEU D 32 31.42 -12.58 -40.85
N ARG D 33 31.61 -11.27 -41.01
CA ARG D 33 30.80 -10.41 -41.89
C ARG D 33 29.31 -10.74 -41.80
N LEU D 34 28.76 -10.54 -40.61
CA LEU D 34 27.37 -10.89 -40.33
C LEU D 34 26.35 -9.96 -40.97
N ASP D 35 26.77 -8.90 -41.65
CA ASP D 35 25.83 -7.97 -42.26
C ASP D 35 24.96 -8.69 -43.29
N GLY D 36 25.58 -9.14 -44.38
CA GLY D 36 24.97 -10.07 -45.31
C GLY D 36 23.55 -9.79 -45.75
N ASP D 37 23.36 -8.74 -46.54
CA ASP D 37 22.02 -8.46 -47.08
C ASP D 37 21.62 -9.58 -48.03
N VAL D 38 20.65 -10.39 -47.63
CA VAL D 38 20.24 -11.56 -48.39
C VAL D 38 18.80 -11.43 -48.89
N TRP D 39 18.27 -10.22 -48.94
CA TRP D 39 16.92 -10.03 -49.44
C TRP D 39 16.88 -10.28 -50.94
N VAL D 40 15.68 -10.59 -51.44
CA VAL D 40 15.44 -10.80 -52.86
C VAL D 40 14.46 -9.72 -53.33
N ASN D 41 14.88 -8.93 -54.31
CA ASN D 41 14.04 -7.84 -54.79
C ASN D 41 12.96 -8.36 -55.74
N SER D 42 13.39 -8.94 -56.87
CA SER D 42 12.44 -9.47 -57.85
C SER D 42 13.19 -10.43 -58.77
N ILE D 43 12.47 -11.46 -59.22
CA ILE D 43 12.98 -12.40 -60.22
C ILE D 43 11.93 -12.53 -61.31
N ARG D 44 12.38 -12.97 -62.48
CA ARG D 44 11.51 -13.13 -63.63
C ARG D 44 11.87 -14.41 -64.36
N LEU D 45 10.93 -15.34 -64.44
CA LEU D 45 11.10 -16.56 -65.22
C LEU D 45 10.59 -16.32 -66.62
N ASP D 46 11.48 -16.43 -67.61
CA ASP D 46 11.15 -16.17 -69.00
C ASP D 46 10.58 -14.76 -69.16
N GLU D 47 9.25 -14.65 -69.19
CA GLU D 47 8.58 -13.36 -69.32
C GLU D 47 7.47 -13.21 -68.29
N TYR D 48 7.64 -13.80 -67.11
CA TYR D 48 6.65 -13.72 -66.05
C TYR D 48 7.33 -13.30 -64.76
N ALA D 49 6.77 -12.28 -64.11
CA ALA D 49 7.29 -11.82 -62.84
C ALA D 49 6.79 -12.70 -61.70
N GLY D 50 7.46 -12.61 -60.56
CA GLY D 50 7.13 -13.41 -59.40
C GLY D 50 6.84 -12.54 -58.19
N THR D 51 5.79 -12.89 -57.45
CA THR D 51 5.45 -12.20 -56.22
C THR D 51 6.19 -12.85 -55.05
N VAL D 52 6.91 -12.04 -54.29
CA VAL D 52 7.77 -12.52 -53.22
C VAL D 52 7.15 -12.16 -51.88
N ASP D 53 6.94 -13.17 -51.04
CA ASP D 53 6.48 -12.97 -49.66
C ASP D 53 7.62 -13.34 -48.73
N TYR D 54 8.01 -12.39 -47.87
CA TYR D 54 9.16 -12.56 -47.00
C TYR D 54 8.84 -13.30 -45.71
N GLN D 55 7.59 -13.25 -45.25
CA GLN D 55 7.25 -13.90 -43.99
C GLN D 55 7.44 -15.41 -44.06
N ASN D 56 7.01 -16.03 -45.16
CA ASN D 56 7.15 -17.47 -45.35
C ASN D 56 8.23 -17.83 -46.36
N LYS D 57 8.96 -16.84 -46.87
CA LYS D 57 10.07 -17.07 -47.81
C LYS D 57 9.58 -17.80 -49.06
N ALA D 58 8.60 -17.19 -49.74
CA ALA D 58 7.96 -17.80 -50.89
C ALA D 58 8.05 -16.88 -52.10
N ILE D 59 8.13 -17.48 -53.28
CA ILE D 59 8.13 -16.76 -54.54
C ILE D 59 7.15 -17.46 -55.46
N VAL D 60 5.99 -16.84 -55.68
CA VAL D 60 4.91 -17.44 -56.44
C VAL D 60 4.91 -16.84 -57.85
N VAL D 61 4.89 -17.71 -58.85
CA VAL D 61 4.79 -17.31 -60.25
C VAL D 61 3.63 -18.05 -60.88
N GLY D 62 2.73 -17.32 -61.54
CA GLY D 62 1.56 -17.90 -62.18
C GLY D 62 1.75 -17.98 -63.67
N VAL D 63 1.18 -19.01 -64.29
CA VAL D 63 1.25 -19.17 -65.74
C VAL D 63 -0.17 -19.23 -66.30
N PRO D 64 -0.41 -18.73 -67.52
CA PRO D 64 -1.77 -18.60 -68.02
C PRO D 64 -2.41 -19.91 -68.45
N TYR D 65 -2.42 -20.90 -67.55
CA TYR D 65 -3.13 -22.17 -67.68
C TYR D 65 -2.87 -22.90 -68.99
N ASP D 66 -1.86 -22.48 -69.74
CA ASP D 66 -1.43 -23.24 -70.91
C ASP D 66 0.08 -23.26 -71.09
N TYR D 67 0.83 -22.59 -70.24
CA TYR D 67 2.28 -22.48 -70.43
C TYR D 67 2.98 -23.79 -70.06
N ASP D 68 4.04 -24.11 -70.80
CA ASP D 68 4.84 -25.29 -70.52
C ASP D 68 5.77 -24.97 -69.35
N ILE D 69 5.55 -25.64 -68.23
CA ILE D 69 6.21 -25.30 -66.97
C ILE D 69 7.39 -26.20 -66.68
N THR D 70 7.93 -26.88 -67.70
CA THR D 70 9.09 -27.75 -67.50
C THR D 70 10.39 -27.14 -67.99
N ARG D 71 10.35 -26.09 -68.81
CA ARG D 71 11.56 -25.41 -69.27
C ARG D 71 11.34 -23.91 -69.13
N MET D 72 11.90 -23.33 -68.08
CA MET D 72 11.83 -21.89 -67.85
C MET D 72 13.23 -21.35 -67.62
N VAL D 73 13.61 -20.34 -68.41
CA VAL D 73 14.96 -19.78 -68.34
C VAL D 73 14.96 -18.63 -67.33
N VAL D 74 15.93 -18.65 -66.43
CA VAL D 74 16.08 -17.60 -65.42
C VAL D 74 16.70 -16.39 -66.13
N THR D 75 15.85 -15.44 -66.54
CA THR D 75 16.33 -14.30 -67.30
C THR D 75 17.06 -13.29 -66.42
N GLU D 76 16.35 -12.73 -65.45
CA GLU D 76 16.92 -11.69 -64.58
C GLU D 76 16.54 -11.95 -63.13
N MET D 77 17.46 -11.61 -62.24
CA MET D 77 17.17 -11.59 -60.81
C MET D 77 18.15 -10.63 -60.14
N ASN D 78 17.68 -9.86 -59.18
CA ASN D 78 18.51 -8.94 -58.41
C ASN D 78 18.16 -9.10 -56.93
N LEU D 79 19.13 -9.53 -56.14
CA LEU D 79 18.90 -9.79 -54.72
C LEU D 79 19.39 -8.64 -53.84
N SER D 80 20.68 -8.36 -53.89
CA SER D 80 21.32 -7.31 -53.10
C SER D 80 22.75 -7.17 -53.61
N GLU D 81 23.52 -6.32 -52.94
CA GLU D 81 24.93 -6.14 -53.27
C GLU D 81 25.75 -7.19 -52.53
N GLY D 82 26.59 -7.91 -53.29
CA GLY D 82 27.41 -8.95 -52.71
C GLY D 82 26.69 -10.23 -52.36
N ALA D 83 25.46 -10.41 -52.83
CA ALA D 83 24.67 -11.60 -52.55
C ALA D 83 24.76 -12.57 -53.71
N LYS D 84 25.00 -13.84 -53.40
CA LYS D 84 25.11 -14.89 -54.40
C LYS D 84 24.00 -15.91 -54.19
N ALA D 85 23.53 -16.49 -55.30
CA ALA D 85 22.46 -17.47 -55.27
C ALA D 85 22.89 -18.72 -56.02
N SER D 86 22.33 -19.86 -55.61
CA SER D 86 22.65 -21.12 -56.28
C SER D 86 22.20 -21.11 -57.73
N ILE D 87 21.02 -20.56 -58.00
CA ILE D 87 20.52 -20.48 -59.36
C ILE D 87 21.33 -19.44 -60.13
N ALA D 88 21.67 -19.77 -61.38
CA ALA D 88 22.44 -18.87 -62.23
C ALA D 88 21.50 -18.09 -63.16
N ILE D 89 22.07 -17.33 -64.09
CA ILE D 89 21.33 -16.54 -65.06
C ILE D 89 21.56 -17.16 -66.43
N GLY D 90 20.47 -17.37 -67.17
CA GLY D 90 20.54 -17.94 -68.50
C GLY D 90 20.27 -19.43 -68.57
N GLU D 91 20.21 -20.11 -67.44
CA GLU D 91 19.94 -21.53 -67.41
C GLU D 91 18.44 -21.78 -67.33
N THR D 92 18.01 -22.91 -67.88
CA THR D 92 16.62 -23.33 -67.86
C THR D 92 16.41 -24.38 -66.78
N ILE D 93 15.29 -24.27 -66.07
CA ILE D 93 14.95 -25.14 -64.96
C ILE D 93 13.54 -25.66 -65.14
N ASP D 94 13.26 -26.80 -64.51
CA ASP D 94 11.93 -27.38 -64.44
C ASP D 94 11.29 -26.96 -63.13
N PHE D 95 10.14 -26.30 -63.21
CA PHE D 95 9.42 -25.83 -62.03
C PHE D 95 8.12 -26.60 -61.81
N SER D 96 8.10 -27.88 -62.18
CA SER D 96 6.94 -28.71 -61.89
C SER D 96 6.72 -28.88 -60.39
N LEU D 97 7.76 -28.71 -59.60
CA LEU D 97 7.71 -28.78 -58.14
C LEU D 97 8.41 -27.56 -57.57
N PRO D 98 8.07 -27.19 -56.33
CA PRO D 98 8.77 -26.05 -55.71
C PRO D 98 10.27 -26.30 -55.62
N VAL D 99 11.04 -25.25 -55.84
CA VAL D 99 12.50 -25.34 -55.89
C VAL D 99 13.06 -24.50 -54.76
N SER D 100 14.01 -25.07 -54.02
CA SER D 100 14.68 -24.37 -52.93
C SER D 100 15.83 -23.55 -53.48
N LEU D 101 15.82 -22.25 -53.20
CA LEU D 101 16.86 -21.33 -53.62
C LEU D 101 17.58 -20.78 -52.40
N THR D 102 18.90 -20.89 -52.41
CA THR D 102 19.74 -20.41 -51.32
C THR D 102 20.46 -19.14 -51.77
N VAL D 103 20.26 -18.05 -51.02
CA VAL D 103 20.92 -16.78 -51.28
C VAL D 103 21.97 -16.58 -50.20
N LYS D 104 23.23 -16.44 -50.61
CA LYS D 104 24.34 -16.30 -49.68
C LYS D 104 25.00 -14.95 -49.86
N ASN D 105 25.13 -14.21 -48.77
CA ASN D 105 25.87 -12.96 -48.75
C ASN D 105 26.89 -13.03 -47.63
N GLY D 106 28.16 -12.75 -47.96
CA GLY D 106 29.22 -12.85 -46.98
C GLY D 106 29.33 -14.23 -46.38
N ASP D 107 28.93 -14.37 -45.12
CA ASP D 107 28.93 -15.66 -44.44
C ASP D 107 27.55 -16.02 -43.91
N VAL D 108 26.49 -15.45 -44.47
CA VAL D 108 25.13 -15.78 -44.07
C VAL D 108 24.35 -16.24 -45.29
N GLN D 109 23.33 -17.06 -45.03
CA GLN D 109 22.53 -17.64 -46.10
C GLN D 109 21.05 -17.57 -45.71
N MET D 110 20.20 -17.62 -46.74
CA MET D 110 18.77 -17.49 -46.56
C MET D 110 18.07 -18.34 -47.61
N SER D 111 17.01 -19.02 -47.21
CA SER D 111 16.34 -20.02 -48.04
C SER D 111 14.98 -19.51 -48.49
N TYR D 112 14.67 -19.72 -49.77
CA TYR D 112 13.38 -19.37 -50.34
C TYR D 112 12.83 -20.57 -51.12
N THR D 113 11.51 -20.60 -51.27
CA THR D 113 10.84 -21.63 -52.04
C THR D 113 10.16 -20.95 -53.24
N ILE D 114 10.60 -21.30 -54.44
CA ILE D 114 10.03 -20.77 -55.67
C ILE D 114 9.05 -21.78 -56.22
N THR D 115 7.80 -21.38 -56.39
CA THR D 115 6.75 -22.25 -56.88
C THR D 115 6.02 -21.58 -58.05
N VAL D 116 5.59 -22.41 -58.99
CA VAL D 116 4.86 -21.96 -60.18
C VAL D 116 3.53 -22.67 -60.22
N LYS D 117 2.46 -21.91 -60.40
CA LYS D 117 1.10 -22.45 -60.42
C LYS D 117 0.47 -22.24 -61.79
N ARG D 118 -0.15 -23.30 -62.31
CA ARG D 118 -1.00 -23.22 -63.48
C ARG D 118 -2.36 -22.68 -63.05
N ASP D 119 -2.70 -21.48 -63.50
CA ASP D 119 -3.87 -20.78 -63.00
C ASP D 119 -5.15 -21.58 -63.28
N GLU D 120 -6.05 -21.59 -62.30
CA GLU D 120 -7.32 -22.29 -62.43
C GLU D 120 -8.42 -21.32 -62.85
N VAL E 109 22.50 46.66 15.34
CA VAL E 109 22.42 46.20 13.96
C VAL E 109 21.38 45.10 13.82
N VAL E 110 20.86 44.92 12.61
CA VAL E 110 19.81 43.95 12.33
C VAL E 110 20.17 43.16 11.08
N VAL E 111 19.56 41.99 10.96
CA VAL E 111 19.95 41.01 9.95
C VAL E 111 18.84 40.99 8.89
N THR E 112 18.03 42.05 8.88
CA THR E 112 16.91 42.14 7.95
C THR E 112 17.38 41.99 6.50
N GLY E 113 16.63 41.21 5.73
CA GLY E 113 17.02 40.91 4.36
C GLY E 113 17.93 39.70 4.29
N TYR E 114 18.86 39.71 3.35
CA TYR E 114 19.83 38.62 3.23
C TYR E 114 20.95 38.81 4.26
N THR E 115 22.04 38.07 4.08
CA THR E 115 23.15 38.11 5.04
C THR E 115 23.76 39.50 5.20
N THR E 116 23.31 40.49 4.42
CA THR E 116 23.76 41.85 4.61
C THR E 116 23.42 42.34 6.01
N GLN E 117 24.36 43.05 6.63
CA GLN E 117 24.24 43.53 8.00
C GLN E 117 24.00 45.04 7.95
N ARG E 118 22.73 45.43 8.00
CA ARG E 118 22.37 46.84 7.97
C ARG E 118 22.44 47.45 9.36
N LYS E 119 22.78 48.74 9.39
CA LYS E 119 22.82 49.48 10.64
C LYS E 119 21.40 49.72 11.14
N ALA E 120 21.29 50.18 12.38
CA ALA E 120 19.99 50.41 12.99
C ALA E 120 19.28 51.59 12.30
N ASP E 121 18.09 51.89 12.81
CA ASP E 121 17.21 52.97 12.33
C ASP E 121 16.56 52.60 11.01
N LEU E 122 17.04 51.51 10.38
CA LEU E 122 16.38 50.88 9.24
C LEU E 122 16.10 51.84 8.09
N THR E 123 15.28 51.38 7.14
CA THR E 123 14.80 52.24 6.05
C THR E 123 13.33 52.05 5.72
N GLY E 124 12.69 50.97 6.18
CA GLY E 124 11.29 50.72 5.83
C GLY E 124 10.47 50.17 6.98
N ALA E 125 9.45 49.38 6.67
CA ALA E 125 8.57 48.82 7.69
C ALA E 125 9.13 47.48 8.13
N VAL E 126 10.03 47.54 9.12
CA VAL E 126 10.60 46.36 9.75
C VAL E 126 10.44 46.52 11.26
N SER E 127 9.82 45.53 11.89
CA SER E 127 9.57 45.55 13.33
C SER E 127 10.50 44.55 14.01
N VAL E 128 11.17 44.98 15.06
CA VAL E 128 12.08 44.14 15.83
C VAL E 128 11.35 43.65 17.07
N VAL E 129 11.34 42.34 17.28
CA VAL E 129 10.65 41.72 18.40
C VAL E 129 11.66 41.39 19.48
N LYS E 130 11.34 41.74 20.73
CA LYS E 130 12.25 41.54 21.85
C LYS E 130 12.16 40.08 22.31
N VAL E 131 13.20 39.31 21.98
CA VAL E 131 13.21 37.89 22.31
C VAL E 131 13.22 37.68 23.82
N ASP E 132 13.79 38.62 24.57
CA ASP E 132 13.85 38.47 26.02
C ASP E 132 12.46 38.42 26.62
N GLU E 133 11.55 39.30 26.17
CA GLU E 133 10.18 39.22 26.63
C GLU E 133 9.38 38.16 25.89
N ILE E 134 9.82 37.75 24.70
CA ILE E 134 9.15 36.63 24.02
C ILE E 134 9.30 35.36 24.84
N GLN E 135 10.50 35.10 25.35
CA GLN E 135 10.73 33.89 26.15
C GLN E 135 9.99 33.91 27.47
N LYS E 136 9.49 35.07 27.91
CA LYS E 136 8.80 35.16 29.19
C LYS E 136 7.50 34.38 29.17
N GLN E 137 6.77 34.42 28.07
CA GLN E 137 5.48 33.74 27.99
C GLN E 137 5.63 32.23 28.10
N GLY E 138 6.78 31.70 27.70
CA GLY E 138 6.99 30.26 27.76
C GLY E 138 6.09 29.46 26.86
N GLU E 139 5.87 29.94 25.64
CA GLU E 139 5.04 29.25 24.67
C GLU E 139 5.93 28.44 23.72
N ASN E 140 5.40 27.32 23.24
CA ASN E 140 6.16 26.48 22.32
C ASN E 140 6.46 27.22 21.02
N ASN E 141 5.47 27.94 20.48
CA ASN E 141 5.64 28.64 19.23
C ASN E 141 5.94 30.11 19.49
N PRO E 142 7.12 30.61 19.10
CA PRO E 142 7.39 32.05 19.28
C PRO E 142 6.41 32.93 18.53
N VAL E 143 5.92 32.49 17.37
CA VAL E 143 4.91 33.26 16.64
C VAL E 143 3.64 33.39 17.47
N LYS E 144 3.22 32.28 18.09
CA LYS E 144 2.05 32.34 18.97
C LYS E 144 2.32 33.22 20.18
N ALA E 145 3.55 33.18 20.70
CA ALA E 145 3.89 34.04 21.83
C ALA E 145 3.78 35.51 21.47
N LEU E 146 4.23 35.88 20.27
CA LEU E 146 4.10 37.25 19.78
C LEU E 146 2.74 37.47 19.09
N GLN E 147 1.68 37.08 19.81
CA GLN E 147 0.35 37.09 19.22
C GLN E 147 -0.12 38.50 18.89
N GLY E 148 0.12 39.45 19.78
CA GLY E 148 -0.34 40.80 19.56
C GLY E 148 0.66 41.87 19.92
N ARG E 149 1.95 41.54 19.81
CA ARG E 149 3.02 42.45 20.17
C ARG E 149 3.58 43.23 18.99
N VAL E 150 3.06 43.00 17.79
CA VAL E 150 3.56 43.70 16.60
C VAL E 150 2.39 44.31 15.84
N PRO E 151 2.45 45.59 15.48
CA PRO E 151 1.36 46.21 14.73
C PRO E 151 1.20 45.57 13.35
N GLY E 152 -0.06 45.52 12.90
CA GLY E 152 -0.34 45.07 11.56
C GLY E 152 -0.22 43.58 11.33
N MET E 153 -0.09 42.80 12.39
CA MET E 153 -0.02 41.34 12.27
C MET E 153 -1.09 40.72 13.17
N ASN E 154 -1.86 39.79 12.61
CA ASN E 154 -2.91 39.08 13.31
C ASN E 154 -2.51 37.62 13.46
N ILE E 155 -2.51 37.13 14.69
CA ILE E 155 -2.17 35.75 15.00
C ILE E 155 -3.40 35.10 15.62
N THR E 156 -3.86 34.00 15.02
CA THR E 156 -5.01 33.26 15.53
C THR E 156 -4.54 31.86 15.91
N ALA E 157 -4.75 31.50 17.17
CA ALA E 157 -4.37 30.19 17.68
C ALA E 157 -5.58 29.52 18.30
N ASP E 158 -5.83 28.27 17.90
CA ASP E 158 -6.98 27.53 18.43
C ASP E 158 -6.74 27.05 19.85
N GLY E 159 -5.50 26.72 20.20
CA GLY E 159 -5.20 26.21 21.52
C GLY E 159 -4.84 24.74 21.58
N ASN E 160 -4.58 24.10 20.44
CA ASN E 160 -4.17 22.71 20.42
C ASN E 160 -2.80 22.56 21.06
N PRO E 161 -2.43 21.34 21.48
CA PRO E 161 -1.12 21.15 22.11
C PRO E 161 0.04 21.65 21.27
N SER E 162 -0.02 21.48 19.95
CA SER E 162 0.98 22.05 19.08
C SER E 162 0.82 23.57 19.02
N GLY E 163 1.91 24.26 18.74
CA GLY E 163 1.88 25.70 18.66
C GLY E 163 1.45 26.27 17.34
N SER E 164 0.88 25.45 16.46
CA SER E 164 0.48 25.92 15.14
C SER E 164 -0.55 27.02 15.24
N ALA E 165 -0.35 28.08 14.45
CA ALA E 165 -1.27 29.21 14.45
C ALA E 165 -1.27 29.82 13.06
N THR E 166 -2.34 30.56 12.77
CA THR E 166 -2.51 31.23 11.49
C THR E 166 -2.03 32.67 11.61
N VAL E 167 -1.21 33.09 10.65
CA VAL E 167 -0.54 34.38 10.67
C VAL E 167 -1.02 35.19 9.47
N ARG E 168 -1.41 36.44 9.71
CA ARG E 168 -1.76 37.37 8.65
C ARG E 168 -0.96 38.65 8.84
N ILE E 169 -0.33 39.14 7.78
CA ILE E 169 0.48 40.35 7.82
C ILE E 169 -0.18 41.39 6.94
N ARG E 170 -0.41 42.58 7.50
CA ARG E 170 -1.04 43.68 6.79
C ARG E 170 -2.40 43.29 6.24
N GLY E 171 -3.17 42.55 7.04
CA GLY E 171 -4.47 42.11 6.61
C GLY E 171 -4.39 41.04 5.54
N ILE E 172 -5.53 40.81 4.90
CA ILE E 172 -5.61 39.82 3.83
C ILE E 172 -4.95 40.39 2.58
N GLY E 173 -4.01 39.64 2.02
CA GLY E 173 -3.26 40.12 0.87
C GLY E 173 -3.71 39.53 -0.46
N THR E 174 -4.35 38.38 -0.41
CA THR E 174 -4.77 37.70 -1.63
C THR E 174 -5.89 36.72 -1.28
N LEU E 175 -6.45 36.10 -2.31
CA LEU E 175 -7.50 35.10 -2.17
C LEU E 175 -6.95 33.70 -1.99
N ASN E 176 -5.64 33.55 -1.84
CA ASN E 176 -5.00 32.25 -1.67
C ASN E 176 -4.15 32.25 -0.41
N ASN E 177 -3.31 31.23 -0.26
CA ASN E 177 -2.47 31.08 0.93
C ASN E 177 -1.74 32.37 1.26
N ASN E 178 -2.05 32.93 2.43
CA ASN E 178 -1.48 34.19 2.88
C ASN E 178 -0.38 34.00 3.93
N ASP E 179 0.14 32.80 4.08
CA ASP E 179 1.16 32.54 5.09
C ASP E 179 2.43 33.30 4.74
N PRO E 180 3.01 34.05 5.68
CA PRO E 180 4.24 34.79 5.39
C PRO E 180 5.42 33.85 5.21
N LEU E 181 6.48 34.40 4.60
CA LEU E 181 7.68 33.63 4.32
C LEU E 181 8.61 33.65 5.53
N TYR E 182 8.96 32.48 6.04
CA TYR E 182 9.86 32.37 7.17
C TYR E 182 11.29 32.20 6.68
N ILE E 183 12.21 32.96 7.25
CA ILE E 183 13.62 32.92 6.91
C ILE E 183 14.39 32.62 8.18
N ILE E 184 14.87 31.39 8.32
CA ILE E 184 15.69 31.00 9.48
C ILE E 184 17.12 30.83 8.99
N ASP E 185 18.01 31.68 9.50
CA ASP E 185 19.44 31.64 9.14
C ASP E 185 19.65 31.74 7.64
N GLY E 186 18.82 32.54 6.98
CA GLY E 186 18.95 32.77 5.55
C GLY E 186 18.37 31.69 4.67
N VAL E 187 17.71 30.68 5.23
CA VAL E 187 17.13 29.59 4.44
C VAL E 187 15.61 29.74 4.51
N PRO E 188 14.95 30.02 3.39
CA PRO E 188 13.49 30.14 3.42
C PRO E 188 12.82 28.81 3.71
N THR E 189 11.64 28.91 4.34
CA THR E 189 10.82 27.74 4.59
C THR E 189 9.39 28.20 4.83
N LYS E 190 8.46 27.27 4.66
CA LYS E 190 7.05 27.53 4.89
C LYS E 190 6.45 26.65 5.98
N ALA E 191 7.22 25.74 6.54
CA ALA E 191 6.72 24.88 7.61
C ALA E 191 6.46 25.71 8.87
N GLY E 192 5.52 25.24 9.68
CA GLY E 192 5.18 25.96 10.89
C GLY E 192 6.33 26.00 11.88
N MET E 193 6.36 27.06 12.68
CA MET E 193 7.42 27.23 13.67
C MET E 193 7.17 26.42 14.94
N HIS E 194 6.02 25.76 15.06
CA HIS E 194 5.74 24.97 16.25
C HIS E 194 6.67 23.78 16.39
N GLU E 195 7.26 23.31 15.28
CA GLU E 195 8.17 22.17 15.32
C GLU E 195 9.62 22.58 15.50
N LEU E 196 9.90 23.87 15.66
CA LEU E 196 11.25 24.36 15.86
C LEU E 196 11.38 24.95 17.26
N ASN E 197 12.53 24.75 17.89
CA ASN E 197 12.77 25.29 19.21
C ASN E 197 12.73 26.81 19.18
N GLY E 198 12.04 27.40 20.15
CA GLY E 198 11.91 28.84 20.20
C GLY E 198 12.77 29.51 21.25
N ASN E 199 13.38 28.71 22.11
CA ASN E 199 14.21 29.23 23.19
C ASN E 199 15.64 29.53 22.76
N ASP E 200 15.99 29.22 21.51
CA ASP E 200 17.32 29.48 20.97
C ASP E 200 17.23 30.50 19.84
N ILE E 201 16.42 31.53 20.01
CA ILE E 201 16.20 32.57 19.01
C ILE E 201 16.85 33.85 19.51
N GLU E 202 17.76 34.40 18.72
CA GLU E 202 18.46 35.62 19.11
C GLU E 202 17.69 36.88 18.70
N SER E 203 17.06 36.87 17.52
CA SER E 203 16.35 38.06 17.07
C SER E 203 15.20 37.65 16.16
N ILE E 204 14.13 38.45 16.18
CA ILE E 204 13.00 38.26 15.29
C ILE E 204 12.71 39.59 14.60
N GLN E 205 12.62 39.57 13.28
CA GLN E 205 12.39 40.77 12.49
C GLN E 205 11.25 40.51 11.52
N VAL E 206 10.20 41.32 11.62
CA VAL E 206 9.04 41.21 10.75
C VAL E 206 9.14 42.30 9.70
N LEU E 207 9.38 41.89 8.45
CA LEU E 207 9.42 42.81 7.31
C LEU E 207 8.03 42.83 6.71
N LYS E 208 7.34 43.97 6.84
CA LYS E 208 5.95 44.09 6.42
C LYS E 208 5.80 44.80 5.08
N ASP E 209 6.50 45.91 4.88
CA ASP E 209 6.41 46.64 3.63
C ASP E 209 7.00 45.82 2.48
N ALA E 210 6.39 45.95 1.31
CA ALA E 210 6.93 45.27 0.12
C ALA E 210 8.29 45.82 -0.25
N ALA E 211 8.49 47.13 -0.09
CA ALA E 211 9.79 47.71 -0.40
C ALA E 211 10.88 47.17 0.53
N SER E 212 10.56 47.03 1.82
CA SER E 212 11.55 46.54 2.77
C SER E 212 11.77 45.03 2.65
N ALA E 213 10.73 44.28 2.31
CA ALA E 213 10.81 42.82 2.23
C ALA E 213 11.05 42.31 0.81
N SER E 214 11.27 43.20 -0.15
CA SER E 214 11.40 42.80 -1.54
C SER E 214 12.81 42.37 -1.91
N ILE E 215 13.75 42.41 -0.97
CA ILE E 215 15.07 41.85 -1.24
C ILE E 215 14.96 40.35 -1.49
N TYR E 216 13.93 39.71 -0.94
CA TYR E 216 13.63 38.33 -1.26
C TYR E 216 12.81 38.26 -2.56
N GLY E 217 12.57 37.05 -3.03
CA GLY E 217 11.96 36.86 -4.33
C GLY E 217 10.46 37.09 -4.40
N SER E 218 9.78 36.22 -5.14
CA SER E 218 8.34 36.32 -5.35
C SER E 218 7.53 35.62 -4.27
N ARG E 219 8.09 35.50 -3.06
CA ARG E 219 7.38 34.93 -1.93
C ARG E 219 7.21 35.94 -0.81
N ALA E 220 7.39 37.22 -1.09
CA ALA E 220 7.33 38.27 -0.08
C ALA E 220 6.02 39.04 -0.09
N ALA E 221 5.02 38.56 -0.84
CA ALA E 221 3.75 39.27 -0.90
C ALA E 221 3.02 39.22 0.43
N ASN E 222 3.23 38.17 1.23
CA ASN E 222 2.55 38.01 2.50
C ASN E 222 3.41 38.44 3.69
N GLY E 223 4.53 39.11 3.42
CA GLY E 223 5.42 39.54 4.48
C GLY E 223 6.48 38.49 4.79
N VAL E 224 7.53 38.94 5.47
CA VAL E 224 8.67 38.10 5.79
C VAL E 224 8.88 38.10 7.29
N ILE E 225 9.15 36.93 7.87
CA ILE E 225 9.50 36.80 9.27
C ILE E 225 10.89 36.16 9.32
N ILE E 226 11.88 36.92 9.79
CA ILE E 226 13.26 36.50 9.83
C ILE E 226 13.62 36.16 11.28
N ILE E 227 14.12 34.96 11.49
CA ILE E 227 14.52 34.49 12.82
C ILE E 227 16.02 34.24 12.78
N THR E 228 16.75 34.90 13.69
CA THR E 228 18.19 34.71 13.84
C THR E 228 18.43 33.97 15.15
N THR E 229 19.11 32.83 15.05
CA THR E 229 19.34 31.97 16.21
C THR E 229 20.48 32.51 17.06
N LYS E 230 20.58 32.00 18.28
CA LYS E 230 21.60 32.47 19.21
C LYS E 230 22.99 32.09 18.72
N GLN E 231 23.97 32.93 19.08
CA GLN E 231 25.35 32.73 18.72
C GLN E 231 26.23 32.91 19.96
N GLY E 232 27.39 32.28 19.93
CA GLY E 232 28.33 32.41 21.03
C GLY E 232 28.85 33.84 21.18
N LYS E 233 28.56 34.46 22.31
CA LYS E 233 29.02 35.82 22.55
C LYS E 233 30.55 35.84 22.64
N LYS E 234 31.16 36.79 21.95
CA LYS E 234 32.60 36.81 21.78
C LYS E 234 33.33 36.87 23.12
N GLY E 235 34.34 36.02 23.28
CA GLY E 235 35.21 36.08 24.43
C GLY E 235 34.61 35.62 25.75
N GLN E 236 33.57 34.79 25.71
CA GLN E 236 32.97 34.32 26.96
C GLN E 236 32.20 33.03 26.71
N ILE E 237 31.98 32.28 27.78
CA ILE E 237 31.26 31.02 27.75
C ILE E 237 30.14 31.08 28.79
N LYS E 238 28.94 30.70 28.37
CA LYS E 238 27.77 30.76 29.26
C LYS E 238 26.94 29.49 29.09
N ILE E 239 26.19 29.18 30.14
CA ILE E 239 25.23 28.07 30.14
C ILE E 239 23.94 28.54 30.78
N ASN E 240 22.82 28.19 30.17
CA ASN E 240 21.50 28.54 30.67
C ASN E 240 20.63 27.29 30.69
N PHE E 241 20.05 27.00 31.86
CA PHE E 241 19.15 25.86 32.03
C PHE E 241 17.81 26.38 32.53
N ASP E 242 16.75 26.10 31.78
CA ASP E 242 15.41 26.58 32.09
C ASP E 242 14.48 25.39 32.25
N ALA E 243 13.70 25.39 33.33
CA ALA E 243 12.70 24.37 33.59
C ALA E 243 11.36 25.03 33.81
N SER E 244 10.29 24.34 33.40
CA SER E 244 8.95 24.89 33.50
C SER E 244 7.92 23.77 33.58
N VAL E 245 7.04 23.84 34.57
CA VAL E 245 5.94 22.89 34.73
C VAL E 245 4.65 23.69 34.84
N SER E 246 3.66 23.33 34.03
CA SER E 246 2.42 24.09 33.96
C SER E 246 1.22 23.15 33.95
N ALA E 247 0.12 23.65 34.50
CA ALA E 247 -1.17 22.97 34.47
C ALA E 247 -2.14 23.82 33.66
N SER E 248 -2.82 23.18 32.71
CA SER E 248 -3.77 23.85 31.84
C SER E 248 -5.17 23.37 32.18
N MET E 249 -6.05 24.32 32.48
CA MET E 249 -7.44 24.03 32.86
C MET E 249 -8.38 24.54 31.77
N TYR E 250 -9.39 23.75 31.47
CA TYR E 250 -10.38 24.07 30.45
C TYR E 250 -11.40 25.04 31.03
N GLN E 251 -11.43 26.26 30.50
CA GLN E 251 -12.29 27.32 31.03
C GLN E 251 -13.54 27.57 30.21
N SER E 252 -13.48 27.40 28.89
CA SER E 252 -14.62 27.71 28.02
C SER E 252 -15.56 26.51 27.95
N LYS E 253 -16.03 26.09 29.12
CA LYS E 253 -16.94 24.95 29.22
C LYS E 253 -18.32 25.36 28.76
N MET E 254 -18.71 24.90 27.57
CA MET E 254 -20.03 25.19 27.05
C MET E 254 -21.10 24.59 27.95
N ASN E 255 -22.10 25.39 28.29
CA ASN E 255 -23.18 24.95 29.17
C ASN E 255 -24.26 24.28 28.33
N VAL E 256 -24.31 22.95 28.39
CA VAL E 256 -25.30 22.18 27.64
C VAL E 256 -26.36 21.69 28.61
N LEU E 257 -27.52 21.34 28.04
CA LEU E 257 -28.64 20.90 28.85
C LEU E 257 -28.35 19.52 29.45
N ASN E 258 -28.75 19.34 30.71
CA ASN E 258 -28.69 18.03 31.34
C ASN E 258 -29.92 17.23 30.92
N THR E 259 -30.15 16.09 31.58
CA THR E 259 -31.29 15.26 31.20
C THR E 259 -32.61 15.97 31.49
N GLU E 260 -32.76 16.51 32.70
CA GLU E 260 -34.01 17.19 33.05
C GLU E 260 -34.22 18.43 32.20
N GLN E 261 -33.17 19.21 31.97
CA GLN E 261 -33.29 20.40 31.15
C GLN E 261 -33.66 20.05 29.72
N TYR E 262 -33.05 18.99 29.18
CA TYR E 262 -33.38 18.53 27.83
C TYR E 262 -34.83 18.11 27.74
N GLY E 263 -35.31 17.36 28.74
CA GLY E 263 -36.72 16.97 28.74
C GLY E 263 -37.65 18.16 28.84
N ARG E 264 -37.29 19.14 29.67
CA ARG E 264 -38.12 20.33 29.80
C ARG E 264 -38.17 21.13 28.50
N ALA E 265 -37.03 21.25 27.82
CA ALA E 265 -37.02 21.95 26.53
C ALA E 265 -37.85 21.20 25.50
N MET E 266 -37.75 19.86 25.49
CA MET E 266 -38.56 19.06 24.59
C MET E 266 -40.05 19.29 24.85
N TRP E 267 -40.45 19.27 26.12
CA TRP E 267 -41.86 19.48 26.46
C TRP E 267 -42.31 20.88 26.06
N GLN E 268 -41.47 21.89 26.29
CA GLN E 268 -41.83 23.25 25.92
C GLN E 268 -42.00 23.38 24.41
N ALA E 269 -41.10 22.78 23.64
CA ALA E 269 -41.25 22.82 22.18
C ALA E 269 -42.52 22.13 21.74
N TYR E 270 -42.83 20.98 22.33
CA TYR E 270 -44.04 20.25 21.96
C TYR E 270 -45.29 21.05 22.27
N VAL E 271 -45.36 21.65 23.46
CA VAL E 271 -46.57 22.40 23.81
C VAL E 271 -46.67 23.68 23.00
N ASN E 272 -45.53 24.28 22.63
CA ASN E 272 -45.57 25.44 21.75
C ASN E 272 -46.10 25.07 20.36
N ASP E 273 -45.67 23.93 19.83
CA ASP E 273 -46.17 23.48 18.54
C ASP E 273 -47.59 22.93 18.62
N GLY E 274 -48.10 22.63 19.82
CA GLY E 274 -49.44 22.14 19.98
C GLY E 274 -49.59 20.64 19.94
N GLU E 275 -48.51 19.90 19.71
CA GLU E 275 -48.58 18.44 19.70
C GLU E 275 -48.53 17.90 21.13
N ASN E 276 -48.77 16.60 21.25
CA ASN E 276 -48.78 15.96 22.56
C ASN E 276 -47.36 15.59 22.96
N PRO E 277 -46.83 16.16 24.05
CA PRO E 277 -45.45 15.82 24.44
C PRO E 277 -45.26 14.34 24.75
N ASN E 278 -46.28 13.68 25.28
CA ASN E 278 -46.17 12.25 25.57
C ASN E 278 -45.95 11.42 24.31
N GLY E 279 -46.20 12.01 23.14
CA GLY E 279 -45.90 11.34 21.89
C GLY E 279 -44.48 11.51 21.42
N ASN E 280 -43.58 11.99 22.28
CA ASN E 280 -42.19 12.18 21.88
C ASN E 280 -41.52 10.87 21.51
N ALA E 281 -41.97 9.76 22.11
CA ALA E 281 -41.42 8.42 21.83
C ALA E 281 -39.91 8.38 22.09
N LEU E 282 -39.47 9.06 23.16
CA LEU E 282 -38.08 9.01 23.59
C LEU E 282 -37.96 8.55 25.04
N GLY E 283 -38.96 7.83 25.55
CA GLY E 283 -38.92 7.38 26.92
C GLY E 283 -39.28 8.41 27.96
N TYR E 284 -39.77 9.57 27.55
CA TYR E 284 -40.15 10.64 28.46
C TYR E 284 -41.66 10.61 28.68
N ALA E 285 -42.07 10.72 29.95
CA ALA E 285 -43.47 10.85 30.31
C ALA E 285 -43.63 12.13 31.13
N TYR E 286 -44.45 13.04 30.64
CA TYR E 286 -44.58 14.37 31.23
C TYR E 286 -45.91 14.48 31.96
N ASN E 287 -45.88 14.91 33.21
CA ASN E 287 -47.06 15.31 33.95
C ASN E 287 -47.15 16.83 33.88
N TRP E 288 -48.23 17.33 33.29
CA TRP E 288 -48.34 18.75 32.99
C TRP E 288 -49.80 19.16 33.00
N GLY E 289 -50.02 20.46 33.14
CA GLY E 289 -51.36 21.01 33.14
C GLY E 289 -51.42 22.43 32.60
N TYR E 290 -52.51 23.13 32.89
CA TYR E 290 -52.69 24.50 32.45
C TYR E 290 -52.89 25.42 33.64
N ASN E 291 -52.45 26.66 33.50
CA ASN E 291 -52.62 27.66 34.54
C ASN E 291 -53.94 28.39 34.34
N ALA E 292 -54.13 29.50 35.07
CA ALA E 292 -55.36 30.27 34.93
C ALA E 292 -55.48 30.87 33.53
N ASP E 293 -54.37 31.34 32.97
CA ASP E 293 -54.38 31.94 31.64
C ASP E 293 -54.31 30.92 30.51
N GLY E 294 -54.23 29.63 30.83
CA GLY E 294 -54.16 28.61 29.81
C GLY E 294 -52.77 28.29 29.30
N ASN E 295 -51.74 28.95 29.80
CA ASN E 295 -50.38 28.64 29.39
C ASN E 295 -49.95 27.32 30.00
N PRO E 296 -49.49 26.36 29.20
CA PRO E 296 -49.10 25.06 29.75
C PRO E 296 -47.95 25.18 30.75
N VAL E 297 -48.02 24.37 31.80
CA VAL E 297 -46.96 24.28 32.80
C VAL E 297 -46.66 22.81 33.02
N LEU E 298 -45.39 22.52 33.35
CA LEU E 298 -44.90 21.15 33.49
C LEU E 298 -44.66 20.86 34.96
N TYR E 299 -45.55 20.06 35.56
CA TYR E 299 -45.40 19.74 36.97
C TYR E 299 -44.24 18.78 37.20
N GLY E 300 -44.08 17.78 36.34
CA GLY E 300 -43.01 16.83 36.55
C GLY E 300 -42.75 15.99 35.32
N MET E 301 -41.69 15.18 35.41
CA MET E 301 -41.28 14.32 34.31
C MET E 301 -40.72 13.02 34.86
N THR E 302 -40.82 11.96 34.05
CA THR E 302 -40.27 10.66 34.37
C THR E 302 -39.66 10.07 33.11
N LEU E 303 -38.72 9.16 33.30
CA LEU E 303 -37.98 8.57 32.19
C LEU E 303 -37.97 7.05 32.30
N SER E 304 -37.99 6.38 31.16
CA SER E 304 -37.78 4.95 31.14
C SER E 304 -36.34 4.65 31.54
N LYS E 305 -36.15 3.64 32.40
CA LYS E 305 -34.81 3.34 32.89
C LYS E 305 -33.87 2.92 31.77
N TYR E 306 -34.37 2.12 30.83
CA TYR E 306 -33.56 1.63 29.73
C TYR E 306 -34.07 2.23 28.43
N LEU E 307 -33.15 2.81 27.65
CA LEU E 307 -33.51 3.45 26.39
C LEU E 307 -33.83 2.45 25.29
N ASP E 308 -33.55 1.16 25.49
CA ASP E 308 -33.78 0.14 24.49
C ASP E 308 -34.61 -1.00 25.08
N SER E 309 -35.30 -1.71 24.20
CA SER E 309 -36.13 -2.83 24.64
C SER E 309 -35.30 -3.98 25.20
N LYS E 310 -34.01 -4.03 24.89
CA LYS E 310 -33.15 -5.09 25.38
C LYS E 310 -32.58 -4.82 26.77
N ASN E 311 -32.91 -3.66 27.36
CA ASN E 311 -32.44 -3.29 28.69
C ASN E 311 -30.92 -3.30 28.78
N THR E 312 -30.26 -2.80 27.74
CA THR E 312 -28.81 -2.75 27.70
C THR E 312 -28.24 -1.35 27.78
N MET E 313 -29.07 -0.31 27.73
CA MET E 313 -28.63 1.08 27.74
C MET E 313 -29.38 1.84 28.81
N PRO E 314 -28.93 1.75 30.07
CA PRO E 314 -29.61 2.49 31.14
C PRO E 314 -29.49 3.99 30.94
N VAL E 315 -30.52 4.71 31.36
CA VAL E 315 -30.53 6.16 31.26
C VAL E 315 -29.72 6.74 32.41
N ALA E 316 -28.96 7.80 32.12
CA ALA E 316 -28.14 8.44 33.15
C ALA E 316 -27.83 9.86 32.72
N ASP E 317 -27.43 10.66 33.70
CA ASP E 317 -27.04 12.05 33.47
C ASP E 317 -25.53 12.08 33.24
N THR E 318 -25.11 12.51 32.04
CA THR E 318 -23.72 12.48 31.64
C THR E 318 -23.26 13.89 31.29
N ASP E 319 -22.12 14.29 31.82
CA ASP E 319 -21.47 15.56 31.47
C ASP E 319 -20.41 15.22 30.44
N TRP E 320 -20.77 15.36 29.16
CA TRP E 320 -19.87 14.95 28.08
C TRP E 320 -18.60 15.80 28.03
N PHE E 321 -18.74 17.11 28.24
CA PHE E 321 -17.56 17.97 28.22
C PHE E 321 -16.59 17.60 29.33
N ASP E 322 -17.11 17.38 30.54
CA ASP E 322 -16.24 16.97 31.64
C ASP E 322 -15.63 15.59 31.37
N GLU E 323 -16.40 14.69 30.75
CA GLU E 323 -15.89 13.36 30.48
C GLU E 323 -14.74 13.40 29.48
N ILE E 324 -14.86 14.23 28.43
CA ILE E 324 -13.82 14.28 27.41
C ILE E 324 -12.67 15.21 27.77
N THR E 325 -12.86 16.11 28.74
CA THR E 325 -11.82 17.06 29.11
C THR E 325 -11.11 16.60 30.38
N ARG E 326 -9.94 17.20 30.61
CA ARG E 326 -9.11 16.87 31.76
C ARG E 326 -8.27 18.09 32.11
N THR E 327 -7.28 17.89 32.98
CA THR E 327 -6.33 18.94 33.35
C THR E 327 -5.00 18.61 32.69
N GLY E 328 -4.64 19.40 31.68
CA GLY E 328 -3.45 19.11 30.91
C GLY E 328 -2.17 19.49 31.64
N VAL E 329 -1.08 18.81 31.29
CA VAL E 329 0.23 19.03 31.89
C VAL E 329 1.20 19.48 30.81
N ILE E 330 2.00 20.49 31.12
CA ILE E 330 3.00 21.03 30.22
C ILE E 330 4.34 20.96 30.91
N GLN E 331 5.32 20.36 30.24
CA GLN E 331 6.68 20.26 30.73
C GLN E 331 7.64 20.87 29.72
N GLN E 332 8.64 21.61 30.21
CA GLN E 332 9.62 22.25 29.35
C GLN E 332 10.98 22.23 30.03
N TYR E 333 11.99 21.76 29.32
CA TYR E 333 13.35 21.71 29.84
C TYR E 333 14.31 22.09 28.72
N ASN E 334 15.00 23.21 28.88
CA ASN E 334 15.95 23.70 27.88
C ASN E 334 17.33 23.86 28.51
N LEU E 335 18.36 23.53 27.75
CA LEU E 335 19.74 23.61 28.22
C LEU E 335 20.61 24.08 27.06
N SER E 336 21.14 25.30 27.17
CA SER E 336 21.95 25.89 26.11
C SER E 336 23.33 26.24 26.64
N VAL E 337 24.35 25.97 25.83
CA VAL E 337 25.74 26.29 26.19
C VAL E 337 26.36 27.00 24.99
N SER E 338 26.86 28.21 25.22
CA SER E 338 27.51 29.00 24.18
C SER E 338 28.93 29.32 24.58
N ASN E 339 29.81 29.39 23.58
CA ASN E 339 31.22 29.72 23.81
C ASN E 339 31.71 30.51 22.62
N GLY E 340 32.03 31.78 22.84
CA GLY E 340 32.41 32.67 21.75
C GLY E 340 33.80 33.26 21.96
N SER E 341 34.56 33.32 20.87
CA SER E 341 35.88 33.93 20.87
C SER E 341 36.09 34.61 19.52
N GLU E 342 37.03 35.55 19.48
CA GLU E 342 37.29 36.28 18.25
C GLU E 342 37.82 35.36 17.15
N LYS E 343 38.49 34.27 17.52
CA LYS E 343 39.02 33.32 16.56
C LYS E 343 38.01 32.24 16.17
N GLY E 344 36.91 32.12 16.91
CA GLY E 344 35.87 31.16 16.59
C GLY E 344 34.81 31.09 17.67
N SER E 345 33.61 30.66 17.30
CA SER E 345 32.51 30.61 18.28
C SER E 345 31.60 29.43 17.96
N SER E 346 30.84 29.02 18.97
CA SER E 346 29.95 27.88 18.84
C SER E 346 28.85 27.96 19.89
N PHE E 347 27.79 27.19 19.66
CA PHE E 347 26.61 27.19 20.51
C PHE E 347 25.89 25.87 20.32
N PHE E 348 25.42 25.29 21.43
CA PHE E 348 24.79 23.98 21.42
C PHE E 348 23.65 23.98 22.42
N SER E 349 22.43 23.71 21.93
CA SER E 349 21.23 23.77 22.75
C SER E 349 20.42 22.50 22.60
N LEU E 350 19.89 22.02 23.72
CA LEU E 350 18.96 20.90 23.75
C LEU E 350 17.66 21.36 24.38
N GLY E 351 16.56 20.78 23.91
CA GLY E 351 15.25 21.17 24.42
C GLY E 351 14.23 20.06 24.38
N TYR E 352 13.43 19.94 25.44
CA TYR E 352 12.36 18.97 25.51
C TYR E 352 11.08 19.68 25.91
N TYR E 353 10.03 19.49 25.12
CA TYR E 353 8.74 20.11 25.38
C TYR E 353 7.68 19.03 25.33
N LYS E 354 6.67 19.15 26.19
CA LYS E 354 5.57 18.19 26.20
C LYS E 354 4.31 18.90 26.64
N ASN E 355 3.22 18.69 25.91
CA ASN E 355 1.95 19.33 26.21
C ASN E 355 0.84 18.30 26.08
N LEU E 356 0.05 18.15 27.14
CA LEU E 356 -1.14 17.32 27.12
C LEU E 356 -2.35 18.25 27.01
N GLY E 357 -3.13 18.09 25.94
CA GLY E 357 -4.27 18.96 25.74
C GLY E 357 -5.37 18.73 26.75
N VAL E 358 -6.26 19.70 26.84
CA VAL E 358 -7.43 19.55 27.72
C VAL E 358 -8.29 18.39 27.26
N ILE E 359 -8.41 18.20 25.95
CA ILE E 359 -9.13 17.06 25.41
C ILE E 359 -8.29 15.81 25.63
N LYS E 360 -8.93 14.75 26.13
CA LYS E 360 -8.20 13.54 26.46
C LYS E 360 -7.63 12.88 25.21
N ASP E 361 -6.54 12.14 25.41
CA ASP E 361 -5.88 11.37 24.35
C ASP E 361 -5.35 12.26 23.23
N THR E 362 -5.03 13.51 23.55
CA THR E 362 -4.39 14.42 22.61
C THR E 362 -3.14 14.97 23.27
N ASP E 363 -2.00 14.90 22.58
CA ASP E 363 -0.76 15.35 23.19
C ASP E 363 0.25 15.67 22.09
N PHE E 364 1.32 16.36 22.49
CA PHE E 364 2.35 16.77 21.54
C PHE E 364 3.65 16.96 22.31
N ASP E 365 4.68 16.21 21.95
CA ASP E 365 6.00 16.38 22.57
C ASP E 365 7.05 16.55 21.49
N ARG E 366 8.15 17.21 21.85
CA ARG E 366 9.16 17.61 20.88
C ARG E 366 10.54 17.58 21.54
N PHE E 367 11.49 16.95 20.85
CA PHE E 367 12.90 17.01 21.20
C PHE E 367 13.61 17.85 20.15
N SER E 368 14.42 18.81 20.59
CA SER E 368 15.10 19.71 19.68
C SER E 368 16.57 19.80 20.05
N ALA E 369 17.43 19.89 19.02
CA ALA E 369 18.87 20.02 19.21
C ALA E 369 19.40 20.98 18.16
N ARG E 370 19.98 22.09 18.60
CA ARG E 370 20.54 23.10 17.72
C ARG E 370 22.04 23.20 17.95
N MET E 371 22.80 23.25 16.85
CA MET E 371 24.25 23.36 16.89
C MET E 371 24.68 24.40 15.87
N ASN E 372 25.23 25.51 16.35
CA ASN E 372 25.74 26.56 15.48
C ASN E 372 27.23 26.75 15.75
N SER E 373 27.98 27.12 14.72
CA SER E 373 29.39 27.37 14.89
C SER E 373 29.89 28.25 13.75
N ASP E 374 31.04 28.87 13.99
CA ASP E 374 31.71 29.64 12.95
C ASP E 374 33.19 29.75 13.30
N TYR E 375 34.03 29.61 12.29
CA TYR E 375 35.48 29.64 12.44
C TYR E 375 36.06 30.59 11.41
N LYS E 376 36.88 31.53 11.88
CA LYS E 376 37.56 32.48 11.00
C LYS E 376 39.01 32.05 10.85
N LEU E 377 39.44 31.85 9.61
CA LEU E 377 40.80 31.41 9.34
C LEU E 377 41.68 32.60 8.96
N ILE E 378 42.96 32.31 8.71
CA ILE E 378 43.97 33.33 8.42
C ILE E 378 43.91 34.39 9.52
N ASP E 379 43.46 35.59 9.17
CA ASP E 379 43.20 36.64 10.15
C ASP E 379 41.73 37.01 10.20
N ASP E 380 41.14 37.40 9.07
CA ASP E 380 39.71 37.62 8.98
C ASP E 380 39.09 37.02 7.72
N ILE E 381 39.89 36.64 6.72
CA ILE E 381 39.35 35.98 5.54
C ILE E 381 38.94 34.55 5.89
N LEU E 382 38.14 33.95 5.00
CA LEU E 382 37.74 32.55 5.12
C LEU E 382 37.03 32.28 6.46
N THR E 383 35.84 32.85 6.55
CA THR E 383 34.94 32.62 7.68
C THR E 383 33.95 31.53 7.27
N ILE E 384 34.11 30.34 7.84
CA ILE E 384 33.24 29.21 7.53
C ILE E 384 32.33 28.98 8.72
N GLY E 385 31.02 29.07 8.50
CA GLY E 385 30.07 28.89 9.56
C GLY E 385 28.96 27.93 9.16
N GLN E 386 28.24 27.44 10.17
CA GLN E 386 27.14 26.52 9.94
C GLN E 386 26.14 26.64 11.07
N HIS E 387 24.88 26.40 10.73
CA HIS E 387 23.79 26.37 11.70
C HIS E 387 22.93 25.15 11.38
N PHE E 388 22.73 24.28 12.36
CA PHE E 388 21.96 23.07 12.16
C PHE E 388 20.97 22.89 13.29
N THR E 389 19.81 22.30 12.99
CA THR E 389 18.85 21.96 14.02
C THR E 389 18.08 20.72 13.60
N LEU E 390 17.87 19.85 14.59
CA LEU E 390 17.17 18.58 14.44
C LEU E 390 16.01 18.56 15.42
N ASN E 391 14.82 18.21 14.94
CA ASN E 391 13.63 18.19 15.77
C ASN E 391 12.88 16.89 15.54
N ARG E 392 12.40 16.28 16.63
CA ARG E 392 11.56 15.09 16.56
C ARG E 392 10.30 15.38 17.38
N THR E 393 9.16 15.49 16.71
CA THR E 393 7.91 15.83 17.36
C THR E 393 6.92 14.69 17.16
N SER E 394 6.43 14.14 18.28
CA SER E 394 5.41 13.11 18.26
C SER E 394 4.09 13.71 18.72
N GLU E 395 3.03 13.50 17.95
CA GLU E 395 1.77 14.16 18.25
C GLU E 395 0.60 13.23 18.00
N VAL E 396 -0.38 13.29 18.89
CA VAL E 396 -1.70 12.70 18.70
C VAL E 396 -2.72 13.81 18.75
N GLN E 397 -3.44 14.00 17.65
CA GLN E 397 -4.38 15.11 17.49
C GLN E 397 -5.81 14.66 17.77
N ALA E 398 -6.64 15.62 18.16
CA ALA E 398 -8.04 15.34 18.39
C ALA E 398 -8.75 15.08 17.06
N PRO E 399 -9.72 14.18 17.02
CA PRO E 399 -10.50 13.98 15.79
C PRO E 399 -11.30 15.22 15.44
N GLY E 400 -11.54 15.40 14.15
CA GLY E 400 -12.28 16.55 13.66
C GLY E 400 -13.67 16.67 14.23
N GLY E 401 -14.00 17.86 14.73
CA GLY E 401 -15.33 18.10 15.28
C GLY E 401 -15.66 17.30 16.52
N ILE E 402 -14.68 17.04 17.39
CA ILE E 402 -14.97 16.33 18.62
C ILE E 402 -15.82 17.17 19.54
N ILE E 403 -15.55 18.48 19.60
CA ILE E 403 -16.39 19.38 20.40
C ILE E 403 -17.79 19.43 19.82
N GLU E 404 -17.90 19.45 18.49
CA GLU E 404 -19.22 19.44 17.85
C GLU E 404 -20.00 18.18 18.21
N THR E 405 -19.33 17.02 18.16
CA THR E 405 -19.99 15.77 18.52
C THR E 405 -20.40 15.76 19.98
N ALA E 406 -19.54 16.26 20.87
CA ALA E 406 -19.87 16.30 22.28
C ALA E 406 -21.07 17.20 22.55
N LEU E 407 -21.13 18.35 21.87
CA LEU E 407 -22.29 19.22 22.03
C LEU E 407 -23.55 18.57 21.45
N ASP E 408 -23.42 17.87 20.33
CA ASP E 408 -24.59 17.29 19.69
C ASP E 408 -25.19 16.15 20.51
N ILE E 409 -24.34 15.28 21.04
CA ILE E 409 -24.86 14.05 21.68
C ILE E 409 -25.64 14.43 22.94
N PRO E 410 -26.84 13.89 23.15
CA PRO E 410 -27.60 14.23 24.34
C PRO E 410 -26.96 13.67 25.61
N SER E 411 -27.25 14.33 26.73
CA SER E 411 -26.69 13.93 28.01
C SER E 411 -27.31 12.65 28.56
N ALA E 412 -28.43 12.19 28.00
CA ALA E 412 -29.07 10.99 28.51
C ALA E 412 -28.31 9.73 28.18
N ILE E 413 -27.46 9.76 27.16
CA ILE E 413 -26.71 8.56 26.77
C ILE E 413 -25.66 8.25 27.82
N PRO E 414 -25.63 7.04 28.37
CA PRO E 414 -24.59 6.71 29.36
C PRO E 414 -23.24 6.56 28.69
N VAL E 415 -22.18 6.77 29.49
CA VAL E 415 -20.82 6.58 28.99
C VAL E 415 -20.57 5.11 28.69
N TYR E 416 -20.97 4.23 29.59
CA TYR E 416 -20.78 2.80 29.46
C TYR E 416 -22.12 2.09 29.43
N ALA E 417 -22.18 1.00 28.67
CA ALA E 417 -23.39 0.21 28.56
C ALA E 417 -23.53 -0.67 29.80
N SER E 418 -24.55 -1.54 29.80
CA SER E 418 -24.77 -2.43 30.94
C SER E 418 -23.62 -3.41 31.10
N ASP E 419 -23.10 -3.94 30.00
CA ASP E 419 -22.05 -4.94 30.04
C ASP E 419 -20.65 -4.35 30.06
N GLY E 420 -20.53 -3.02 30.09
CA GLY E 420 -19.23 -2.36 30.14
C GLY E 420 -18.77 -1.78 28.82
N SER E 421 -19.43 -2.12 27.72
CA SER E 421 -19.07 -1.54 26.44
C SER E 421 -19.48 -0.06 26.38
N TRP E 422 -18.93 0.65 25.40
CA TRP E 422 -19.22 2.06 25.26
C TRP E 422 -20.70 2.28 24.95
N GLY E 423 -21.31 3.22 25.65
CA GLY E 423 -22.71 3.52 25.43
C GLY E 423 -22.93 4.21 24.10
N GLY E 424 -24.13 4.02 23.56
CA GLY E 424 -24.49 4.60 22.28
C GLY E 424 -25.97 4.84 22.15
N PRO E 425 -26.36 5.80 21.33
CA PRO E 425 -27.78 6.09 21.14
C PRO E 425 -28.51 4.91 20.53
N VAL E 426 -29.76 4.71 20.97
CA VAL E 426 -30.62 3.65 20.47
C VAL E 426 -32.00 4.22 20.22
N GLY E 427 -32.78 3.51 19.41
CA GLY E 427 -34.14 3.94 19.13
C GLY E 427 -34.18 5.28 18.44
N GLY E 428 -35.00 6.18 18.97
CA GLY E 428 -35.19 7.49 18.38
C GLY E 428 -34.12 8.51 18.68
N TRP E 429 -33.13 8.17 19.49
CA TRP E 429 -32.06 9.11 19.79
C TRP E 429 -31.23 9.38 18.54
N PRO E 430 -30.67 10.59 18.42
CA PRO E 430 -29.91 10.92 17.20
C PRO E 430 -28.65 10.07 17.09
N ASP E 431 -28.26 9.80 15.84
CA ASP E 431 -27.10 8.96 15.56
C ASP E 431 -25.83 9.78 15.69
N ARG E 432 -25.35 9.87 16.93
CA ARG E 432 -24.10 10.56 17.24
C ARG E 432 -23.19 9.61 18.00
N ARG E 433 -21.94 9.50 17.55
CA ARG E 433 -21.01 8.60 18.20
C ARG E 433 -20.61 9.13 19.58
N ASN E 434 -20.18 8.21 20.43
CA ASN E 434 -19.74 8.58 21.77
C ASN E 434 -18.42 9.32 21.68
N PRO E 435 -18.33 10.56 22.14
CA PRO E 435 -17.04 11.28 22.07
C PRO E 435 -15.93 10.59 22.86
N ARG E 436 -16.26 10.02 24.01
CA ARG E 436 -15.24 9.32 24.79
C ARG E 436 -14.72 8.10 24.03
N ALA E 437 -15.62 7.34 23.41
CA ALA E 437 -15.19 6.19 22.62
C ALA E 437 -14.37 6.63 21.42
N VAL E 438 -14.75 7.75 20.78
CA VAL E 438 -14.00 8.24 19.64
C VAL E 438 -12.58 8.62 20.07
N LEU E 439 -12.45 9.31 21.19
CA LEU E 439 -11.13 9.67 21.70
C LEU E 439 -10.32 8.43 22.05
N GLU E 440 -10.96 7.44 22.67
CA GLU E 440 -10.25 6.22 23.04
C GLU E 440 -9.74 5.49 21.81
N TYR E 441 -10.54 5.45 20.74
CA TYR E 441 -10.11 4.78 19.52
C TYR E 441 -9.07 5.58 18.76
N ASN E 442 -9.10 6.91 18.87
CA ASN E 442 -8.15 7.76 18.18
C ASN E 442 -6.85 7.98 18.95
N LYS E 443 -6.79 7.53 20.20
CA LYS E 443 -5.57 7.72 20.99
C LYS E 443 -4.34 7.08 20.37
N ASP E 444 -4.51 6.10 19.49
CA ASP E 444 -3.38 5.41 18.88
C ASP E 444 -2.94 6.03 17.57
N ASN E 445 -3.60 7.09 17.10
CA ASN E 445 -3.22 7.75 15.85
C ASN E 445 -2.11 8.76 16.12
N ARG E 446 -0.92 8.22 16.38
CA ARG E 446 0.24 9.02 16.73
C ARG E 446 1.16 9.14 15.53
N TYR E 447 1.62 10.36 15.24
CA TYR E 447 2.51 10.60 14.12
C TYR E 447 3.81 11.21 14.60
N THR E 448 4.91 10.81 13.97
CA THR E 448 6.24 11.26 14.30
C THR E 448 6.82 12.08 13.15
N TYR E 449 7.31 13.27 13.46
CA TYR E 449 7.77 14.23 12.46
C TYR E 449 9.22 14.59 12.77
N TRP E 450 10.10 14.35 11.81
CA TRP E 450 11.52 14.67 11.93
C TRP E 450 11.81 15.86 11.03
N ARG E 451 12.22 16.97 11.63
CA ARG E 451 12.55 18.19 10.92
C ARG E 451 14.06 18.41 10.97
N MET E 452 14.63 18.82 9.85
CA MET E 452 16.07 19.02 9.71
C MET E 452 16.28 20.34 8.99
N PHE E 453 16.81 21.33 9.70
CA PHE E 453 17.06 22.64 9.12
C PHE E 453 18.53 22.96 9.27
N GLY E 454 19.28 22.88 8.18
CA GLY E 454 20.71 23.10 8.21
C GLY E 454 21.14 24.09 7.16
N ASP E 455 22.29 24.70 7.40
CA ASP E 455 22.87 25.64 6.46
C ASP E 455 24.35 25.77 6.74
N ALA E 456 25.14 25.89 5.68
CA ALA E 456 26.58 26.10 5.79
C ALA E 456 26.98 27.21 4.84
N TYR E 457 27.72 28.19 5.36
CA TYR E 457 28.11 29.35 4.57
C TYR E 457 29.61 29.58 4.67
N VAL E 458 30.18 30.10 3.59
CA VAL E 458 31.58 30.47 3.52
C VAL E 458 31.66 31.93 3.08
N ASN E 459 32.46 32.72 3.80
CA ASN E 459 32.62 34.14 3.55
C ASN E 459 34.09 34.41 3.25
N LEU E 460 34.35 35.07 2.12
CA LEU E 460 35.68 35.44 1.71
C LEU E 460 35.81 36.96 1.71
N THR E 461 36.94 37.46 2.19
CA THR E 461 37.17 38.89 2.37
C THR E 461 38.47 39.26 1.67
N PRO E 462 38.44 39.46 0.35
CA PRO E 462 39.68 39.81 -0.36
C PRO E 462 40.35 41.08 0.15
N PHE E 463 39.57 42.09 0.52
CA PHE E 463 40.11 43.29 1.12
C PHE E 463 39.06 43.88 2.06
N LYS E 464 39.27 45.13 2.48
CA LYS E 464 38.47 45.71 3.55
C LYS E 464 37.00 45.80 3.18
N GLY E 465 36.70 46.20 1.94
CA GLY E 465 35.33 46.47 1.54
C GLY E 465 34.63 45.40 0.74
N PHE E 466 35.25 44.23 0.55
CA PHE E 466 34.69 43.19 -0.29
C PHE E 466 34.31 41.97 0.54
N ASN E 467 33.14 41.41 0.24
CA ASN E 467 32.67 40.19 0.90
C ASN E 467 31.99 39.30 -0.12
N LEU E 468 32.42 38.04 -0.17
CA LEU E 468 31.81 37.03 -1.03
C LEU E 468 31.21 35.95 -0.15
N ARG E 469 29.89 35.84 -0.15
CA ARG E 469 29.18 34.90 0.71
C ARG E 469 28.53 33.82 -0.14
N SER E 470 28.83 32.57 0.16
CA SER E 470 28.21 31.42 -0.50
C SER E 470 27.55 30.55 0.55
N THR E 471 26.24 30.37 0.44
CA THR E 471 25.46 29.66 1.44
C THR E 471 24.72 28.50 0.79
N PHE E 472 24.78 27.33 1.43
CA PHE E 472 24.04 26.15 0.99
C PHE E 472 23.14 25.71 2.13
N GLY E 473 21.83 25.64 1.86
CA GLY E 473 20.85 25.27 2.86
C GLY E 473 20.30 23.88 2.62
N LEU E 474 19.51 23.42 3.59
CA LEU E 474 18.90 22.10 3.52
C LEU E 474 17.74 22.04 4.49
N ASP E 475 16.58 21.58 4.01
CA ASP E 475 15.39 21.43 4.83
C ASP E 475 14.77 20.07 4.52
N TYR E 476 15.00 19.11 5.41
CA TYR E 476 14.49 17.75 5.24
C TYR E 476 13.44 17.46 6.28
N ALA E 477 12.23 17.11 5.83
CA ALA E 477 11.14 16.81 6.73
C ALA E 477 10.59 15.42 6.41
N ASN E 478 10.42 14.62 7.44
CA ASN E 478 9.97 13.23 7.30
C ASN E 478 8.86 12.97 8.32
N LYS E 479 7.65 12.78 7.82
CA LYS E 479 6.48 12.54 8.67
C LYS E 479 6.00 11.11 8.47
N GLN E 480 5.89 10.36 9.56
CA GLN E 480 5.43 8.97 9.52
C GLN E 480 4.25 8.82 10.47
N ALA E 481 3.14 8.31 9.95
CA ALA E 481 1.93 8.11 10.74
C ALA E 481 1.39 6.72 10.48
N ARG E 482 0.66 6.20 11.48
CA ARG E 482 0.03 4.88 11.37
C ARG E 482 -1.37 4.99 11.98
N TYR E 483 -2.34 5.31 11.13
CA TYR E 483 -3.72 5.46 11.59
C TYR E 483 -4.39 4.10 11.72
N PHE E 484 -5.32 4.01 12.66
CA PHE E 484 -6.06 2.78 12.92
C PHE E 484 -7.55 3.07 12.87
N THR E 485 -8.33 2.04 12.53
CA THR E 485 -9.79 2.12 12.48
C THR E 485 -10.34 0.90 13.20
N TYR E 486 -10.52 1.01 14.51
CA TYR E 486 -11.07 -0.10 15.28
C TYR E 486 -12.56 -0.24 15.02
N PRO E 487 -13.08 -1.45 14.93
CA PRO E 487 -14.53 -1.63 14.85
C PRO E 487 -15.20 -1.13 16.12
N TYR E 488 -16.35 -0.49 15.94
CA TYR E 488 -17.10 0.06 17.08
C TYR E 488 -18.57 -0.29 16.92
N GLN E 489 -19.23 -0.51 18.06
CA GLN E 489 -20.65 -0.82 18.10
C GLN E 489 -21.23 -0.09 19.32
N GLU E 490 -21.72 1.12 19.08
CA GLU E 490 -22.31 1.97 20.13
C GLU E 490 -23.81 2.05 19.88
N GLY E 491 -24.54 1.09 20.44
CA GLY E 491 -25.97 1.03 20.19
C GLY E 491 -26.25 0.82 18.71
N THR E 492 -27.16 1.62 18.17
CA THR E 492 -27.48 1.53 16.75
C THR E 492 -26.37 2.08 15.86
N GLN E 493 -25.43 2.83 16.42
CA GLN E 493 -24.35 3.42 15.64
C GLN E 493 -23.16 2.46 15.62
N THR E 494 -22.84 1.96 14.43
CA THR E 494 -21.74 1.01 14.28
C THR E 494 -21.24 1.05 12.84
N ASN E 495 -20.05 0.48 12.64
CA ASN E 495 -19.42 0.40 11.33
C ASN E 495 -19.38 -1.02 10.79
N ASN E 496 -20.29 -1.88 11.26
CA ASN E 496 -20.40 -3.25 10.78
C ASN E 496 -19.09 -4.03 10.98
N GLY E 497 -18.44 -3.80 12.11
CA GLY E 497 -17.22 -4.54 12.44
C GLY E 497 -16.09 -4.34 11.47
N LYS E 498 -15.85 -3.10 11.04
CA LYS E 498 -14.80 -2.81 10.08
C LYS E 498 -13.51 -2.50 10.82
N SER E 499 -12.44 -3.24 10.48
CA SER E 499 -11.12 -3.03 11.05
C SER E 499 -10.15 -2.69 9.93
N ALA E 500 -9.38 -1.64 10.11
CA ALA E 500 -8.47 -1.19 9.06
C ALA E 500 -7.26 -0.51 9.68
N VAL E 501 -6.18 -0.47 8.91
CA VAL E 501 -4.94 0.19 9.30
C VAL E 501 -4.42 0.98 8.10
N GLU E 502 -3.85 2.15 8.39
CA GLU E 502 -3.25 3.01 7.39
C GLU E 502 -1.82 3.32 7.80
N ALA E 503 -0.88 3.16 6.86
CA ALA E 503 0.52 3.48 7.07
C ALA E 503 0.91 4.55 6.07
N LYS E 504 1.08 5.79 6.54
CA LYS E 504 1.33 6.93 5.68
C LYS E 504 2.73 7.49 5.94
N GLN E 505 3.45 7.78 4.87
CA GLN E 505 4.80 8.34 4.95
C GLN E 505 4.89 9.53 4.03
N GLU E 506 5.53 10.60 4.51
CA GLU E 506 5.70 11.82 3.74
C GLU E 506 7.15 12.29 3.82
N HIS E 507 7.60 12.97 2.76
CA HIS E 507 8.94 13.49 2.68
C HIS E 507 8.90 14.89 2.07
N TRP E 508 9.62 15.81 2.70
CA TRP E 508 9.82 17.17 2.19
C TRP E 508 11.32 17.44 2.13
N THR E 509 11.79 17.97 1.01
CA THR E 509 13.23 18.24 0.85
C THR E 509 13.39 19.53 0.05
N LYS E 510 13.77 20.60 0.73
CA LYS E 510 14.03 21.88 0.09
C LYS E 510 15.48 22.27 0.32
N TRP E 511 16.19 22.57 -0.76
CA TRP E 511 17.60 22.96 -0.66
C TRP E 511 17.84 24.23 -1.48
N MET E 512 18.67 25.11 -0.92
CA MET E 512 18.95 26.41 -1.50
C MET E 512 20.46 26.63 -1.57
N TRP E 513 20.91 27.19 -2.69
CA TRP E 513 22.30 27.59 -2.88
C TRP E 513 22.32 29.09 -3.17
N ASN E 514 23.26 29.79 -2.53
CA ASN E 514 23.31 31.24 -2.61
C ASN E 514 24.74 31.70 -2.93
N ALA E 515 24.82 32.85 -3.60
CA ALA E 515 26.10 33.49 -3.88
C ALA E 515 25.90 35.00 -3.81
N ILE E 516 26.53 35.64 -2.84
CA ILE E 516 26.31 37.05 -2.55
C ILE E 516 27.66 37.78 -2.56
N ALA E 517 27.72 38.89 -3.30
CA ALA E 517 28.88 39.77 -3.31
C ALA E 517 28.45 41.12 -2.76
N THR E 518 29.11 41.59 -1.71
CA THR E 518 28.76 42.83 -1.04
C THR E 518 29.97 43.74 -0.99
N TYR E 519 29.77 45.01 -1.34
CA TYR E 519 30.81 46.03 -1.28
C TYR E 519 30.31 47.21 -0.47
N GLN E 520 31.19 47.74 0.37
CA GLN E 520 30.86 48.87 1.24
C GLN E 520 31.91 49.96 1.09
N LEU E 521 31.45 51.21 1.18
CA LEU E 521 32.32 52.37 1.06
C LEU E 521 31.89 53.43 2.06
N GLU E 522 32.87 54.08 2.69
CA GLU E 522 32.63 55.08 3.72
C GLU E 522 33.49 56.31 3.47
N VAL E 523 33.49 56.79 2.23
CA VAL E 523 34.27 57.97 1.86
C VAL E 523 33.57 59.22 2.35
N GLY E 524 34.23 59.96 3.24
CA GLY E 524 33.65 61.19 3.75
C GLY E 524 32.36 60.92 4.50
N LYS E 525 31.34 61.73 4.20
CA LYS E 525 30.01 61.58 4.79
C LYS E 525 29.15 60.58 4.05
N HIS E 526 29.65 60.00 2.96
CA HIS E 526 28.88 59.08 2.14
C HIS E 526 29.08 57.64 2.62
N ARG E 527 27.98 56.94 2.85
CA ARG E 527 28.01 55.53 3.23
C ARG E 527 27.23 54.75 2.18
N GLY E 528 27.93 53.97 1.36
CA GLY E 528 27.28 53.26 0.28
C GLY E 528 27.59 51.78 0.23
N ASP E 529 26.54 50.95 0.18
CA ASP E 529 26.71 49.51 0.08
C ASP E 529 25.93 48.97 -1.11
N VAL E 530 26.58 48.07 -1.85
CA VAL E 530 26.00 47.46 -3.04
C VAL E 530 26.13 45.95 -2.91
N MET E 531 25.03 45.24 -3.12
CA MET E 531 24.98 43.79 -2.99
C MET E 531 24.39 43.19 -4.26
N ILE E 532 25.05 42.16 -4.79
CA ILE E 532 24.60 41.42 -5.96
C ILE E 532 24.56 39.95 -5.61
N GLY E 533 23.43 39.30 -5.83
CA GLY E 533 23.24 37.94 -5.38
C GLY E 533 22.53 37.08 -6.39
N MET E 534 22.89 35.79 -6.37
CA MET E 534 22.25 34.75 -7.15
C MET E 534 21.77 33.65 -6.22
N GLU E 535 20.54 33.18 -6.44
CA GLU E 535 19.93 32.21 -5.56
C GLU E 535 19.25 31.11 -6.37
N LEU E 536 19.43 29.86 -5.94
CA LEU E 536 18.76 28.71 -6.53
C LEU E 536 18.04 27.96 -5.43
N ASN E 537 16.76 27.69 -5.63
CA ASN E 537 15.96 26.94 -4.67
C ASN E 537 15.30 25.77 -5.37
N ARG E 538 15.30 24.61 -4.72
CA ARG E 538 14.60 23.45 -5.27
C ARG E 538 13.90 22.72 -4.14
N GLU E 539 12.60 22.51 -4.30
CA GLU E 539 11.80 21.81 -3.30
C GLU E 539 11.14 20.60 -3.95
N ASP E 540 11.23 19.45 -3.29
CA ASP E 540 10.60 18.22 -3.73
C ASP E 540 9.82 17.61 -2.57
N ASP E 541 8.55 17.30 -2.81
CA ASP E 541 7.68 16.73 -1.81
C ASP E 541 7.10 15.43 -2.34
N SER E 542 6.92 14.45 -1.46
CA SER E 542 6.34 13.18 -1.85
C SER E 542 5.60 12.57 -0.67
N HIS E 543 4.69 11.66 -0.98
CA HIS E 543 4.00 10.93 0.08
C HIS E 543 3.40 9.66 -0.50
N PHE E 544 3.28 8.64 0.35
CA PHE E 544 2.66 7.39 -0.06
C PHE E 544 2.11 6.69 1.17
N SER E 545 0.99 5.99 0.96
CA SER E 545 0.25 5.37 2.05
C SER E 545 -0.23 3.98 1.62
N GLY E 546 -0.17 3.04 2.56
CA GLY E 546 -0.75 1.73 2.39
C GLY E 546 -1.94 1.57 3.31
N TYR E 547 -2.90 0.74 2.89
CA TYR E 547 -4.15 0.57 3.62
C TYR E 547 -4.51 -0.90 3.62
N LYS E 548 -4.77 -1.46 4.81
CA LYS E 548 -5.07 -2.87 4.97
C LYS E 548 -6.29 -3.04 5.86
N GLU E 549 -6.93 -4.20 5.76
CA GLU E 549 -8.15 -4.47 6.51
C GLU E 549 -8.10 -5.90 7.04
N ASP E 550 -9.22 -6.34 7.63
CA ASP E 550 -9.42 -7.72 8.08
C ASP E 550 -8.38 -8.13 9.13
N PHE E 551 -8.48 -7.47 10.28
CA PHE E 551 -7.63 -7.78 11.43
C PHE E 551 -8.44 -8.49 12.50
N SER E 552 -7.72 -9.15 13.41
CA SER E 552 -8.33 -9.95 14.46
C SER E 552 -8.01 -9.44 15.85
N ILE E 553 -6.73 -9.24 16.17
CA ILE E 553 -6.34 -8.89 17.54
C ILE E 553 -6.80 -7.48 17.89
N LEU E 554 -6.69 -6.55 16.95
CA LEU E 554 -7.07 -5.15 17.15
C LEU E 554 -6.26 -4.52 18.29
N THR E 555 -4.94 -4.53 18.12
CA THR E 555 -4.02 -3.95 19.07
C THR E 555 -2.91 -3.25 18.28
N PRO E 556 -2.54 -2.04 18.67
CA PRO E 556 -1.63 -1.24 17.82
C PRO E 556 -0.33 -1.95 17.46
N ASP E 557 0.24 -2.73 18.38
CA ASP E 557 1.45 -3.46 18.06
C ASP E 557 1.21 -4.64 17.12
N TYR E 558 -0.04 -5.00 16.86
CA TYR E 558 -0.37 -6.08 15.94
C TYR E 558 -0.91 -5.58 14.61
N MET E 559 -1.51 -4.39 14.57
CA MET E 559 -2.09 -3.88 13.34
C MET E 559 -1.01 -3.48 12.35
N TRP E 560 -0.64 -4.40 11.46
CA TRP E 560 0.33 -4.14 10.41
C TRP E 560 -0.16 -4.77 9.12
N PRO E 561 0.21 -4.21 7.97
CA PRO E 561 -0.29 -4.74 6.70
C PRO E 561 0.01 -6.21 6.48
N ASP E 562 1.17 -6.70 6.94
CA ASP E 562 1.47 -8.12 6.81
C ASP E 562 0.49 -8.96 7.61
N ALA E 563 0.15 -8.53 8.83
CA ALA E 563 -0.81 -9.26 9.64
C ALA E 563 -2.21 -9.19 9.03
N GLY E 564 -2.55 -8.06 8.41
CA GLY E 564 -3.85 -7.93 7.79
C GLY E 564 -4.01 -8.89 6.63
N SER E 565 -5.25 -9.36 6.45
CA SER E 565 -5.58 -10.33 5.40
C SER E 565 -6.86 -9.91 4.69
N GLY E 566 -6.95 -8.64 4.32
CA GLY E 566 -8.12 -8.15 3.63
C GLY E 566 -7.80 -7.34 2.39
N THR E 567 -8.71 -6.45 2.00
CA THR E 567 -8.49 -5.59 0.85
C THR E 567 -7.31 -4.65 1.11
N ALA E 568 -6.44 -4.54 0.12
CA ALA E 568 -5.26 -3.69 0.21
C ALA E 568 -5.36 -2.53 -0.77
N GLN E 569 -4.99 -1.35 -0.30
CA GLN E 569 -5.03 -0.13 -1.11
C GLN E 569 -3.70 0.59 -1.00
N ALA E 570 -3.32 1.29 -2.07
CA ALA E 570 -2.08 2.05 -2.09
C ALA E 570 -2.34 3.42 -2.73
N TYR E 571 -1.77 4.45 -2.13
CA TYR E 571 -1.84 5.80 -2.66
C TYR E 571 -0.44 6.40 -2.67
N GLY E 572 -0.18 7.29 -3.61
CA GLY E 572 1.12 7.93 -3.69
C GLY E 572 1.18 9.09 -4.65
N ALA E 573 1.73 10.21 -4.19
CA ALA E 573 1.84 11.40 -5.02
C ALA E 573 3.18 12.08 -4.76
N GLY E 574 3.57 12.91 -5.73
CA GLY E 574 4.80 13.67 -5.61
C GLY E 574 4.70 14.94 -6.41
N GLU E 575 5.49 15.94 -6.01
CA GLU E 575 5.47 17.24 -6.66
C GLU E 575 6.77 17.97 -6.32
N GLY E 576 6.95 19.13 -6.93
CA GLY E 576 8.14 19.92 -6.65
C GLY E 576 8.16 21.15 -7.52
N TYR E 577 9.12 22.02 -7.20
CA TYR E 577 9.29 23.26 -7.95
C TYR E 577 10.71 23.77 -7.74
N SER E 578 11.08 24.76 -8.57
CA SER E 578 12.41 25.35 -8.53
C SER E 578 12.30 26.85 -8.80
N LEU E 579 13.24 27.60 -8.23
CA LEU E 579 13.34 29.04 -8.39
C LEU E 579 14.78 29.42 -8.69
N VAL E 580 14.96 30.30 -9.66
CA VAL E 580 16.27 30.85 -10.00
C VAL E 580 16.15 32.36 -9.99
N SER E 581 16.90 33.01 -9.09
CA SER E 581 16.70 34.43 -8.85
C SER E 581 18.03 35.18 -8.89
N PHE E 582 18.00 36.38 -9.44
CA PHE E 582 19.12 37.31 -9.41
C PHE E 582 18.64 38.63 -8.81
N PHE E 583 19.32 39.10 -7.78
CA PHE E 583 18.86 40.27 -7.05
C PHE E 583 19.99 41.28 -6.84
N GLY E 584 19.60 42.54 -6.82
CA GLY E 584 20.53 43.62 -6.54
C GLY E 584 19.98 44.57 -5.52
N LYS E 585 20.86 45.08 -4.66
CA LYS E 585 20.48 45.98 -3.58
C LYS E 585 21.51 47.10 -3.50
N MET E 586 21.03 48.32 -3.26
CA MET E 586 21.92 49.47 -3.14
C MET E 586 21.38 50.38 -2.05
N ASN E 587 22.21 50.70 -1.07
CA ASN E 587 21.85 51.61 0.01
C ASN E 587 22.87 52.74 0.06
N TYR E 588 22.38 53.98 0.11
CA TYR E 588 23.21 55.16 0.15
C TYR E 588 22.77 56.06 1.31
N SER E 589 23.75 56.62 2.01
CA SER E 589 23.49 57.51 3.13
C SER E 589 24.37 58.74 2.98
N TYR E 590 23.75 59.91 3.00
CA TYR E 590 24.43 61.19 2.89
C TYR E 590 24.28 61.95 4.20
N ALA E 591 25.43 62.36 4.76
CA ALA E 591 25.50 63.14 5.99
C ALA E 591 24.78 62.46 7.16
N ASP E 592 24.57 61.14 7.06
CA ASP E 592 23.77 60.40 8.04
C ASP E 592 22.40 61.04 8.24
N ARG E 593 21.92 61.70 7.19
CA ARG E 593 20.67 62.44 7.22
C ARG E 593 19.72 62.05 6.10
N TYR E 594 20.24 61.73 4.92
CA TYR E 594 19.43 61.31 3.78
C TYR E 594 19.75 59.87 3.44
N LEU E 595 18.73 59.02 3.38
CA LEU E 595 18.89 57.60 3.11
C LEU E 595 18.11 57.22 1.86
N LEU E 596 18.75 56.47 0.97
CA LEU E 596 18.13 55.98 -0.25
C LEU E 596 18.40 54.49 -0.39
N SER E 597 17.38 53.74 -0.82
CA SER E 597 17.51 52.31 -1.02
C SER E 597 16.82 51.92 -2.31
N LEU E 598 17.54 51.17 -3.15
CA LEU E 598 17.00 50.67 -4.41
C LEU E 598 17.26 49.17 -4.48
N THR E 599 16.20 48.38 -4.65
CA THR E 599 16.35 46.94 -4.77
C THR E 599 15.58 46.43 -5.99
N LEU E 600 16.15 45.41 -6.63
CA LEU E 600 15.59 44.83 -7.83
C LEU E 600 15.72 43.32 -7.79
N ARG E 601 14.66 42.62 -8.19
CA ARG E 601 14.65 41.17 -8.27
C ARG E 601 14.29 40.74 -9.69
N ARG E 602 14.90 39.64 -10.14
CA ARG E 602 14.50 38.97 -11.37
C ARG E 602 14.54 37.48 -11.11
N ASP E 603 13.37 36.87 -10.97
CA ASP E 603 13.29 35.48 -10.57
C ASP E 603 12.39 34.70 -11.52
N GLY E 604 12.80 33.48 -11.83
CA GLY E 604 12.00 32.57 -12.64
C GLY E 604 11.63 31.34 -11.83
N SER E 605 10.37 30.95 -11.93
CA SER E 605 9.82 29.84 -11.16
C SER E 605 9.33 28.74 -12.10
N SER E 606 9.42 27.50 -11.63
CA SER E 606 8.88 26.39 -12.38
C SER E 606 7.36 26.43 -12.47
N ARG E 607 6.71 27.14 -11.54
CA ARG E 607 5.26 27.26 -11.57
C ARG E 607 4.76 28.32 -12.53
N PHE E 608 5.64 29.20 -13.01
CA PHE E 608 5.23 30.26 -13.92
C PHE E 608 4.90 29.71 -15.30
N GLY E 609 4.14 30.49 -16.06
CA GLY E 609 3.77 30.09 -17.40
C GLY E 609 4.94 30.12 -18.36
N LYS E 610 4.74 29.47 -19.51
CA LYS E 610 5.79 29.40 -20.51
C LYS E 610 6.13 30.77 -21.07
N ASN E 611 5.12 31.61 -21.30
CA ASN E 611 5.36 32.93 -21.86
C ASN E 611 6.16 33.81 -20.91
N HIS E 612 5.81 33.78 -19.62
CA HIS E 612 6.49 34.61 -18.62
C HIS E 612 7.47 33.73 -17.84
N ARG E 613 8.65 33.55 -18.43
CA ARG E 613 9.68 32.75 -17.78
C ARG E 613 10.18 33.42 -16.51
N TYR E 614 10.38 34.73 -16.54
CA TYR E 614 10.96 35.46 -15.43
C TYR E 614 10.09 36.65 -15.08
N ALA E 615 10.17 37.07 -13.81
CA ALA E 615 9.43 38.20 -13.28
C ALA E 615 10.39 39.16 -12.62
N THR E 616 10.12 40.45 -12.76
CA THR E 616 10.93 41.50 -12.18
C THR E 616 10.17 42.21 -11.06
N PHE E 617 10.91 42.69 -10.08
CA PHE E 617 10.33 43.36 -8.92
C PHE E 617 11.21 44.51 -8.47
N PRO E 618 10.79 45.75 -8.71
CA PRO E 618 11.53 46.90 -8.20
C PRO E 618 10.98 47.45 -6.90
N SER E 619 11.84 48.07 -6.09
CA SER E 619 11.40 48.77 -4.90
C SER E 619 12.37 49.89 -4.56
N VAL E 620 11.82 51.00 -4.09
CA VAL E 620 12.57 52.21 -3.75
C VAL E 620 12.15 52.67 -2.36
N SER E 621 13.10 53.17 -1.59
CA SER E 621 12.84 53.69 -0.25
C SER E 621 13.65 54.96 -0.03
N LEU E 622 13.02 55.95 0.58
CA LEU E 622 13.67 57.20 0.92
C LEU E 622 13.45 57.50 2.40
N GLY E 623 14.43 58.17 3.00
CA GLY E 623 14.35 58.52 4.41
C GLY E 623 15.06 59.81 4.74
N TRP E 624 14.43 60.66 5.53
CA TRP E 624 14.98 61.95 5.92
C TRP E 624 14.98 62.04 7.44
N ARG E 625 16.17 62.23 8.02
CA ARG E 625 16.30 62.38 9.47
C ARG E 625 16.20 63.87 9.78
N ILE E 626 15.00 64.30 10.21
CA ILE E 626 14.77 65.73 10.41
C ILE E 626 15.59 66.25 11.57
N THR E 627 15.81 65.42 12.60
CA THR E 627 16.59 65.85 13.76
C THR E 627 18.02 66.21 13.38
N GLN E 628 18.56 65.58 12.33
CA GLN E 628 19.91 65.90 11.89
C GLN E 628 20.01 67.25 11.20
N GLU E 629 18.90 67.85 10.82
CA GLU E 629 18.93 69.16 10.17
C GLU E 629 19.40 70.22 11.15
N ASN E 630 20.17 71.18 10.63
CA ASN E 630 20.79 72.20 11.47
C ASN E 630 19.81 73.24 11.98
N PHE E 631 18.58 73.27 11.47
CA PHE E 631 17.64 74.32 11.83
C PHE E 631 16.88 74.05 13.12
N MET E 632 17.08 72.90 13.75
CA MET E 632 16.38 72.56 14.99
C MET E 632 17.34 72.00 16.02
N LYS E 633 18.56 72.55 16.08
CA LYS E 633 19.52 72.12 17.08
C LYS E 633 19.10 72.49 18.50
N GLU E 634 18.25 73.51 18.66
CA GLU E 634 17.82 73.93 19.97
C GLU E 634 16.76 73.02 20.58
N LEU E 635 16.12 72.19 19.76
CA LEU E 635 15.10 71.26 20.24
C LEU E 635 15.78 70.01 20.82
N THR E 636 16.35 70.19 22.00
CA THR E 636 17.08 69.10 22.65
C THR E 636 16.16 68.01 23.18
N TRP E 637 14.91 68.33 23.50
CA TRP E 637 14.00 67.32 24.01
C TRP E 637 13.70 66.26 22.96
N LEU E 638 13.54 66.68 21.71
CA LEU E 638 13.32 65.74 20.61
C LEU E 638 14.64 65.07 20.28
N ASP E 639 14.81 63.81 20.73
CA ASP E 639 16.08 63.13 20.54
C ASP E 639 16.28 62.73 19.08
N ASP E 640 15.25 62.18 18.44
CA ASP E 640 15.38 61.71 17.06
C ASP E 640 14.03 61.76 16.37
N LEU E 641 14.04 62.15 15.10
CA LEU E 641 12.83 62.21 14.29
C LEU E 641 13.19 61.85 12.86
N LYS E 642 12.53 60.83 12.31
CA LYS E 642 12.82 60.35 10.97
C LYS E 642 11.51 60.16 10.21
N LEU E 643 11.50 60.60 8.95
CA LEU E 643 10.35 60.44 8.07
C LEU E 643 10.79 59.60 6.87
N ARG E 644 10.14 58.46 6.67
CA ARG E 644 10.50 57.54 5.61
C ARG E 644 9.30 57.24 4.72
N ALA E 645 9.58 57.03 3.44
CA ALA E 645 8.58 56.63 2.47
C ALA E 645 9.16 55.49 1.63
N SER E 646 8.27 54.69 1.07
CA SER E 646 8.73 53.54 0.30
C SER E 646 7.65 53.09 -0.66
N TRP E 647 8.07 52.71 -1.86
CA TRP E 647 7.17 52.17 -2.88
C TRP E 647 7.82 50.91 -3.44
N GLY E 648 7.13 49.78 -3.33
CA GLY E 648 7.71 48.52 -3.76
C GLY E 648 6.69 47.66 -4.49
N GLN E 649 7.21 46.73 -5.28
CA GLN E 649 6.40 45.73 -5.96
C GLN E 649 6.92 44.35 -5.58
N THR E 650 6.04 43.53 -5.03
CA THR E 650 6.37 42.16 -4.66
C THR E 650 5.42 41.21 -5.38
N GLY E 651 5.74 39.92 -5.29
CA GLY E 651 4.95 38.91 -5.97
C GLY E 651 4.59 37.77 -5.04
N ASN E 652 3.55 37.03 -5.43
CA ASN E 652 3.16 35.80 -4.77
C ASN E 652 3.11 34.71 -5.82
N GLN E 653 3.82 33.62 -5.58
CA GLN E 653 3.88 32.51 -6.52
C GLN E 653 3.42 31.20 -5.90
N GLU E 654 2.82 31.24 -4.72
CA GLU E 654 2.29 30.03 -4.07
C GLU E 654 0.99 29.66 -4.76
N ILE E 655 1.12 29.01 -5.91
CA ILE E 655 0.00 28.60 -6.75
C ILE E 655 0.08 27.10 -6.98
N SER E 656 -0.94 26.57 -7.63
CA SER E 656 -0.96 25.15 -7.95
C SER E 656 0.12 24.81 -8.95
N ASN E 657 0.88 23.75 -8.67
CA ASN E 657 1.93 23.34 -9.60
C ASN E 657 1.35 22.89 -10.93
N LEU E 658 0.24 22.15 -10.89
CA LEU E 658 -0.43 21.67 -12.10
C LEU E 658 -1.42 22.73 -12.57
N ALA E 659 -0.87 23.88 -12.96
CA ALA E 659 -1.65 25.00 -13.45
C ALA E 659 -1.46 25.26 -14.93
N ARG E 660 -0.20 25.42 -15.38
CA ARG E 660 0.05 25.66 -16.79
C ARG E 660 -0.08 24.39 -17.62
N TYR E 661 0.29 23.24 -17.07
CA TYR E 661 0.23 22.00 -17.81
C TYR E 661 -1.21 21.54 -17.99
N THR E 662 -1.48 20.92 -19.13
CA THR E 662 -2.78 20.29 -19.36
C THR E 662 -2.81 18.91 -18.71
N ILE E 663 -3.81 18.68 -17.87
CA ILE E 663 -3.87 17.49 -17.04
C ILE E 663 -4.63 16.39 -17.78
N TYR E 664 -3.97 15.26 -17.98
CA TYR E 664 -4.57 14.09 -18.61
C TYR E 664 -4.55 12.93 -17.62
N ALA E 665 -5.65 12.20 -17.55
CA ALA E 665 -5.79 11.11 -16.61
C ALA E 665 -6.23 9.85 -17.32
N PRO E 666 -5.80 8.68 -16.83
CA PRO E 666 -6.24 7.42 -17.45
C PRO E 666 -7.72 7.15 -17.22
N ASN E 667 -8.15 7.24 -15.96
CA ASN E 667 -9.52 6.94 -15.48
C ASN E 667 -10.42 6.18 -16.45
N PHE E 698 -7.71 8.56 -22.78
CA PHE E 698 -7.34 9.51 -21.75
C PHE E 698 -8.42 10.58 -21.60
N LYS E 699 -8.48 11.20 -20.43
CA LYS E 699 -9.48 12.21 -20.11
C LYS E 699 -8.79 13.50 -19.71
N ARG E 700 -9.24 14.61 -20.28
CA ARG E 700 -8.67 15.92 -20.00
C ARG E 700 -9.40 16.54 -18.82
N ASN E 701 -8.65 16.92 -17.79
CA ASN E 701 -9.23 17.49 -16.58
C ASN E 701 -9.04 18.99 -16.47
N GLN E 702 -7.80 19.47 -16.59
CA GLN E 702 -7.48 20.88 -16.47
C GLN E 702 -6.92 21.38 -17.79
N ILE E 703 -7.43 22.52 -18.27
CA ILE E 703 -7.05 23.01 -19.59
C ILE E 703 -5.57 23.38 -19.62
N GLY E 704 -5.13 24.17 -18.64
CA GLY E 704 -3.76 24.63 -18.61
C GLY E 704 -3.58 25.94 -19.37
N ASN E 705 -3.17 26.98 -18.66
CA ASN E 705 -2.97 28.30 -19.24
C ASN E 705 -1.49 28.65 -19.20
N ASP E 706 -0.95 29.04 -20.35
CA ASP E 706 0.45 29.46 -20.45
C ASP E 706 0.66 30.92 -20.10
N ASN E 707 -0.41 31.68 -19.90
CA ASN E 707 -0.31 33.10 -19.56
C ASN E 707 -0.43 33.36 -18.07
N ILE E 708 -0.50 32.30 -17.25
CA ILE E 708 -0.57 32.50 -15.81
C ILE E 708 0.72 33.15 -15.32
N LYS E 709 0.61 33.89 -14.22
CA LYS E 709 1.75 34.62 -13.71
C LYS E 709 1.58 34.83 -12.21
N TRP E 710 2.64 35.36 -11.60
CA TRP E 710 2.63 35.67 -10.19
C TRP E 710 1.58 36.73 -9.87
N GLU E 711 1.00 36.63 -8.68
CA GLU E 711 0.06 37.64 -8.20
C GLU E 711 0.85 38.86 -7.73
N THR E 712 0.60 40.01 -8.34
CA THR E 712 1.43 41.18 -8.07
C THR E 712 0.86 41.96 -6.89
N THR E 713 1.73 42.66 -6.16
CA THR E 713 1.31 43.47 -5.04
C THR E 713 2.17 44.73 -4.99
N THR E 714 1.55 45.89 -5.19
CA THR E 714 2.22 47.17 -5.11
C THR E 714 1.90 47.80 -3.76
N GLN E 715 2.93 48.13 -2.98
CA GLN E 715 2.74 48.65 -1.64
C GLN E 715 3.44 49.99 -1.49
N THR E 716 2.71 50.95 -0.94
CA THR E 716 3.24 52.28 -0.61
C THR E 716 3.13 52.49 0.88
N ASN E 717 4.26 52.80 1.52
CA ASN E 717 4.32 52.95 2.97
C ASN E 717 4.92 54.29 3.33
N VAL E 718 4.31 54.97 4.31
CA VAL E 718 4.82 56.24 4.82
C VAL E 718 4.86 56.15 6.33
N GLY E 719 6.05 56.29 6.92
CA GLY E 719 6.22 56.14 8.34
C GLY E 719 6.98 57.29 8.96
N ILE E 720 6.72 57.52 10.25
CA ILE E 720 7.40 58.52 11.04
C ILE E 720 7.86 57.86 12.33
N ASP E 721 9.15 57.91 12.61
CA ASP E 721 9.73 57.33 13.81
C ASP E 721 10.25 58.44 14.71
N PHE E 722 9.85 58.42 15.98
CA PHE E 722 10.21 59.48 16.91
C PHE E 722 10.76 58.89 18.19
N SER E 723 11.68 59.64 18.81
CA SER E 723 12.25 59.28 20.10
C SER E 723 12.53 60.57 20.86
N LEU E 724 12.07 60.63 22.11
CA LEU E 724 12.12 61.84 22.91
C LEU E 724 12.60 61.52 24.31
N PHE E 725 13.11 62.56 24.98
CA PHE E 725 13.61 62.47 26.35
C PHE E 725 14.77 61.47 26.45
N LYS E 726 15.66 61.50 25.46
CA LYS E 726 16.84 60.64 25.44
C LYS E 726 16.46 59.16 25.49
N GLN E 727 15.75 58.73 24.45
CA GLN E 727 15.32 57.34 24.28
C GLN E 727 14.42 56.89 25.43
N SER E 728 13.66 57.81 26.02
CA SER E 728 12.72 57.47 27.07
C SER E 728 11.30 57.30 26.56
N LEU E 729 10.93 58.00 25.49
CA LEU E 729 9.60 57.87 24.88
C LEU E 729 9.80 57.69 23.38
N TYR E 730 9.71 56.46 22.91
CA TYR E 730 9.92 56.15 21.51
C TYR E 730 8.63 55.67 20.88
N GLY E 731 8.58 55.73 19.55
CA GLY E 731 7.39 55.27 18.86
C GLY E 731 7.51 55.43 17.36
N SER E 732 6.52 54.90 16.67
CA SER E 732 6.43 54.97 15.23
C SER E 732 4.97 55.05 14.81
N LEU E 733 4.74 55.67 13.67
CA LEU E 733 3.39 55.82 13.11
C LEU E 733 3.49 55.62 11.60
N GLU E 734 2.83 54.59 11.10
CA GLU E 734 2.93 54.21 9.70
C GLU E 734 1.55 54.15 9.07
N TYR E 735 1.48 54.49 7.78
CA TYR E 735 0.29 54.34 6.96
C TYR E 735 0.68 53.61 5.69
N TYR E 736 -0.05 52.55 5.35
CA TYR E 736 0.30 51.71 4.22
C TYR E 736 -0.90 51.49 3.32
N TYR E 737 -0.62 51.41 2.02
CA TYR E 737 -1.62 51.11 1.01
C TYR E 737 -1.10 49.98 0.14
N LYS E 738 -1.81 48.86 0.13
CA LYS E 738 -1.43 47.69 -0.65
C LYS E 738 -2.49 47.44 -1.71
N LYS E 739 -2.04 47.28 -2.96
CA LYS E 739 -2.91 46.99 -4.09
C LYS E 739 -2.42 45.70 -4.72
N ALA E 740 -3.21 44.64 -4.60
CA ALA E 740 -2.89 43.33 -5.16
C ALA E 740 -3.63 43.18 -6.47
N THR E 741 -2.90 42.85 -7.52
CA THR E 741 -3.44 42.71 -8.88
C THR E 741 -3.08 41.34 -9.45
N ASP E 742 -3.74 41.05 -10.57
CA ASP E 742 -3.68 39.78 -11.31
C ASP E 742 -3.58 38.57 -10.37
N ILE E 743 -4.48 38.56 -9.38
CA ILE E 743 -4.58 37.44 -8.46
C ILE E 743 -5.12 36.22 -9.20
N LEU E 744 -4.40 35.10 -9.12
CA LEU E 744 -4.83 33.88 -9.78
C LEU E 744 -6.08 33.32 -9.13
N THR E 745 -7.01 32.85 -9.95
CA THR E 745 -8.23 32.24 -9.47
C THR E 745 -8.71 31.22 -10.49
N GLU E 746 -9.44 30.21 -10.01
CA GLU E 746 -9.96 29.19 -10.89
C GLU E 746 -11.17 29.72 -11.66
N MET E 747 -11.46 29.05 -12.78
CA MET E 747 -12.63 29.38 -13.59
C MET E 747 -13.15 28.04 -14.14
N ALA E 748 -14.28 27.60 -13.59
CA ALA E 748 -14.93 26.36 -14.00
C ALA E 748 -16.14 26.73 -14.85
N GLY E 749 -15.89 26.93 -16.14
CA GLY E 749 -16.95 27.24 -17.08
C GLY E 749 -17.01 26.26 -18.23
N VAL E 750 -18.17 25.62 -18.42
CA VAL E 750 -18.31 24.65 -19.50
C VAL E 750 -18.13 25.34 -20.85
N GLY E 751 -18.86 26.43 -21.08
CA GLY E 751 -18.76 27.15 -22.33
C GLY E 751 -18.98 26.23 -23.51
N VAL E 752 -18.06 26.28 -24.47
CA VAL E 752 -18.06 25.34 -25.58
C VAL E 752 -16.95 24.31 -25.48
N LEU E 753 -15.94 24.54 -24.63
CA LEU E 753 -14.87 23.57 -24.48
C LEU E 753 -15.38 22.26 -23.87
N GLY E 754 -16.24 22.37 -22.87
CA GLY E 754 -16.90 21.19 -22.33
C GLY E 754 -16.21 20.53 -21.16
N GLU E 755 -15.47 19.45 -21.43
CA GLU E 755 -14.98 18.59 -20.36
C GLU E 755 -13.94 19.29 -19.49
N GLY E 756 -12.99 19.99 -20.09
CA GLY E 756 -11.94 20.61 -19.31
C GLY E 756 -12.44 21.78 -18.47
N GLY E 757 -12.75 22.89 -19.14
CA GLY E 757 -13.40 24.04 -18.53
C GLY E 757 -12.91 24.48 -17.15
N SER E 758 -11.66 24.19 -16.81
CA SER E 758 -11.14 24.38 -15.46
C SER E 758 -9.88 25.23 -15.48
N ARG E 759 -9.96 26.40 -16.13
CA ARG E 759 -8.76 27.17 -16.40
C ARG E 759 -8.47 28.17 -15.29
N TRP E 760 -7.19 28.39 -15.00
CA TRP E 760 -6.76 29.36 -14.02
C TRP E 760 -6.44 30.68 -14.71
N ILE E 761 -7.02 31.77 -14.21
CA ILE E 761 -6.87 33.07 -14.85
C ILE E 761 -6.53 34.12 -13.79
N ASN E 762 -5.91 35.21 -14.24
CA ASN E 762 -5.49 36.31 -13.38
C ASN E 762 -6.50 37.45 -13.52
N SER E 763 -7.53 37.42 -12.69
CA SER E 763 -8.57 38.45 -12.72
C SER E 763 -8.97 38.86 -11.31
N GLY E 764 -7.99 39.05 -10.44
CA GLY E 764 -8.25 39.40 -9.06
C GLY E 764 -7.65 40.75 -8.70
N ALA E 765 -8.29 41.43 -7.76
CA ALA E 765 -7.82 42.72 -7.27
C ALA E 765 -8.22 42.88 -5.81
N MET E 766 -7.33 43.49 -5.03
CA MET E 766 -7.55 43.67 -3.61
C MET E 766 -6.91 44.98 -3.16
N LYS E 767 -7.56 45.65 -2.21
CA LYS E 767 -7.07 46.91 -1.67
C LYS E 767 -7.01 46.81 -0.15
N ASN E 768 -5.93 47.31 0.44
CA ASN E 768 -5.75 47.30 1.89
C ASN E 768 -5.11 48.61 2.31
N GLN E 769 -5.90 49.49 2.94
CA GLN E 769 -5.39 50.71 3.54
C GLN E 769 -5.37 50.54 5.05
N GLY E 770 -4.21 50.79 5.65
CA GLY E 770 -4.05 50.52 7.07
C GLY E 770 -3.19 51.56 7.75
N PHE E 771 -3.43 51.72 9.05
CA PHE E 771 -2.65 52.58 9.93
C PHE E 771 -2.13 51.77 11.10
N GLU E 772 -0.87 52.02 11.47
CA GLU E 772 -0.25 51.37 12.62
C GLU E 772 0.40 52.43 13.49
N PHE E 773 0.36 52.24 14.79
CA PHE E 773 0.92 53.21 15.72
C PHE E 773 1.50 52.45 16.92
N ASN E 774 2.83 52.43 17.02
CA ASN E 774 3.52 51.78 18.11
C ASN E 774 4.09 52.84 19.04
N LEU E 775 3.96 52.61 20.35
CA LEU E 775 4.43 53.56 21.34
C LEU E 775 5.08 52.81 22.49
N GLY E 776 6.08 53.44 23.11
CA GLY E 776 6.73 52.85 24.26
C GLY E 776 7.42 53.87 25.14
N TYR E 777 7.12 53.83 26.43
CA TYR E 777 7.69 54.77 27.40
C TYR E 777 8.35 53.98 28.51
N ARG E 778 9.61 54.29 28.79
CA ARG E 778 10.36 53.63 29.87
C ARG E 778 11.06 54.69 30.71
N ASN E 779 10.94 54.55 32.03
CA ASN E 779 11.57 55.48 32.95
C ASN E 779 11.72 54.82 34.31
N LYS E 780 12.60 55.37 35.13
CA LYS E 780 12.83 54.85 36.47
C LYS E 780 11.95 55.61 37.46
N THR E 781 12.16 55.36 38.75
CA THR E 781 11.38 56.01 39.80
C THR E 781 12.31 56.34 40.96
N ALA E 782 11.85 57.27 41.81
CA ALA E 782 12.66 57.72 42.94
C ALA E 782 12.96 56.58 43.90
N PHE E 783 11.96 55.68 44.12
CA PHE E 783 12.09 54.59 45.07
C PHE E 783 12.52 53.28 44.42
N GLY E 784 13.35 53.36 43.38
CA GLY E 784 13.90 52.17 42.75
C GLY E 784 12.91 51.29 42.04
N LEU E 785 11.98 51.89 41.30
CA LEU E 785 11.01 51.15 40.50
C LEU E 785 11.25 51.45 39.03
N THR E 786 11.42 50.40 38.23
CA THR E 786 11.65 50.54 36.80
C THR E 786 10.37 50.09 36.08
N TYR E 787 9.65 51.06 35.51
CA TYR E 787 8.39 50.77 34.81
C TYR E 787 8.58 51.01 33.33
N ASP E 788 8.15 50.04 32.52
CA ASP E 788 8.23 50.11 31.07
C ASP E 788 6.87 49.79 30.49
N LEU E 789 6.35 50.69 29.66
CA LEU E 789 5.05 50.51 29.01
C LEU E 789 5.24 50.53 27.51
N ASN E 790 4.72 49.51 26.84
CA ASN E 790 4.76 49.42 25.39
C ASN E 790 3.34 49.28 24.86
N GLY E 791 2.89 50.27 24.12
CA GLY E 791 1.55 50.29 23.55
C GLY E 791 1.59 50.13 22.05
N ASN E 792 0.64 49.38 21.51
CA ASN E 792 0.55 49.14 20.08
C ASN E 792 -0.91 49.21 19.68
N ILE E 793 -1.19 49.83 18.53
CA ILE E 793 -2.53 49.90 18.00
C ILE E 793 -2.46 49.87 16.49
N SER E 794 -3.40 49.16 15.87
CA SER E 794 -3.39 49.00 14.41
C SER E 794 -4.82 48.90 13.92
N THR E 795 -5.01 49.27 12.65
CA THR E 795 -6.30 49.18 12.00
C THR E 795 -6.07 49.13 10.50
N TYR E 796 -7.04 48.56 9.79
CA TYR E 796 -6.93 48.46 8.34
C TYR E 796 -8.32 48.26 7.74
N ARG E 797 -8.43 48.58 6.46
CA ARG E 797 -9.66 48.40 5.70
C ARG E 797 -9.36 47.56 4.47
N ASN E 798 -10.16 46.54 4.22
CA ASN E 798 -9.96 45.62 3.12
C ASN E 798 -11.12 45.76 2.12
N GLU E 799 -10.80 45.67 0.83
CA GLU E 799 -11.81 45.80 -0.20
C GLU E 799 -11.35 45.06 -1.44
N ILE E 800 -12.31 44.58 -2.22
CA ILE E 800 -12.07 43.88 -3.48
C ILE E 800 -12.53 44.78 -4.61
N LEU E 801 -11.65 44.99 -5.60
CA LEU E 801 -11.92 45.92 -6.68
C LEU E 801 -12.38 45.21 -7.97
N GLU E 802 -11.66 44.18 -8.39
CA GLU E 802 -11.99 43.45 -9.61
C GLU E 802 -12.15 41.97 -9.30
N LEU E 803 -13.13 41.35 -9.96
CA LEU E 803 -13.42 39.94 -9.75
C LEU E 803 -14.19 39.43 -10.95
N PRO E 804 -13.97 38.18 -11.36
CA PRO E 804 -14.75 37.63 -12.47
C PRO E 804 -16.24 37.59 -12.16
N GLU E 805 -17.05 37.74 -13.20
CA GLU E 805 -18.49 37.80 -13.01
C GLU E 805 -19.04 36.51 -12.43
N THR E 806 -18.57 35.36 -12.92
CA THR E 806 -19.04 34.08 -12.40
C THR E 806 -18.66 33.90 -10.94
N VAL E 807 -17.43 34.29 -10.59
CA VAL E 807 -17.00 34.18 -9.20
C VAL E 807 -17.84 35.08 -8.30
N ALA E 808 -18.10 36.31 -8.74
CA ALA E 808 -18.94 37.21 -7.96
C ALA E 808 -20.35 36.67 -7.82
N ALA E 809 -20.87 36.04 -8.88
CA ALA E 809 -22.23 35.50 -8.83
C ALA E 809 -22.32 34.34 -7.86
N ASN E 810 -21.40 33.38 -7.95
CA ASN E 810 -21.48 32.24 -7.03
C ASN E 810 -21.10 32.63 -5.61
N GLY E 811 -20.37 33.72 -5.43
CA GLY E 811 -20.12 34.25 -4.10
C GLY E 811 -19.34 33.33 -3.19
N LYS E 812 -18.31 32.66 -3.72
CA LYS E 812 -17.47 31.83 -2.87
C LYS E 812 -16.53 32.66 -2.00
N PHE E 813 -16.30 33.93 -2.37
CA PHE E 813 -15.45 34.82 -1.60
C PHE E 813 -16.24 35.82 -0.77
N GLY E 814 -17.56 35.68 -0.72
CA GLY E 814 -18.40 36.57 0.05
C GLY E 814 -19.69 36.86 -0.71
N GLY E 815 -20.69 37.33 0.03
CA GLY E 815 -21.99 37.65 -0.53
C GLY E 815 -22.97 36.51 -0.56
N ASN E 816 -22.55 35.29 -0.24
CA ASN E 816 -23.41 34.12 -0.17
C ASN E 816 -24.12 33.84 -1.48
N GLY E 817 -23.55 34.28 -2.60
CA GLY E 817 -24.17 34.05 -3.89
C GLY E 817 -25.36 34.93 -4.20
N VAL E 818 -25.64 35.93 -3.36
CA VAL E 818 -26.78 36.82 -3.56
C VAL E 818 -26.39 38.10 -4.27
N LYS E 819 -25.34 38.77 -3.77
CA LYS E 819 -24.86 40.00 -4.38
C LYS E 819 -23.35 39.94 -4.52
N SER E 820 -22.83 40.67 -5.49
CA SER E 820 -21.40 40.65 -5.77
C SER E 820 -20.62 41.25 -4.61
N VAL E 821 -19.50 40.60 -4.26
CA VAL E 821 -18.65 41.10 -3.19
C VAL E 821 -17.78 42.26 -3.63
N VAL E 822 -17.79 42.61 -4.92
CA VAL E 822 -16.98 43.72 -5.41
C VAL E 822 -17.40 45.00 -4.71
N GLY E 823 -16.41 45.76 -4.25
CA GLY E 823 -16.65 46.99 -3.53
C GLY E 823 -16.90 46.83 -2.05
N HIS E 824 -16.73 45.63 -1.51
CA HIS E 824 -16.93 45.36 -0.09
C HIS E 824 -15.75 44.56 0.44
N THR E 825 -15.74 44.38 1.76
CA THR E 825 -14.67 43.63 2.41
C THR E 825 -14.72 42.17 2.00
N TYR E 826 -13.55 41.57 1.83
CA TYR E 826 -13.46 40.16 1.49
C TYR E 826 -14.07 39.32 2.60
N GLY E 827 -14.90 38.35 2.21
CA GLY E 827 -15.55 37.49 3.17
C GLY E 827 -16.83 38.05 3.77
N ALA E 828 -17.25 39.24 3.37
CA ALA E 828 -18.49 39.82 3.88
C ALA E 828 -19.68 39.00 3.41
N GLN E 829 -20.67 38.88 4.28
CA GLN E 829 -21.86 38.07 4.01
C GLN E 829 -23.11 38.94 3.98
N VAL E 830 -24.05 38.55 3.13
CA VAL E 830 -25.31 39.26 2.95
C VAL E 830 -26.43 38.40 3.52
N GLY E 831 -27.25 38.98 4.38
CA GLY E 831 -28.35 38.25 4.99
C GLY E 831 -29.52 39.13 5.36
N TYR E 832 -30.48 38.57 6.09
CA TYR E 832 -31.66 39.30 6.50
C TYR E 832 -31.36 40.12 7.75
N ILE E 833 -32.37 40.84 8.22
CA ILE E 833 -32.27 41.66 9.43
C ILE E 833 -33.35 41.21 10.39
N ALA E 834 -32.96 40.90 11.62
CA ALA E 834 -33.89 40.41 12.65
C ALA E 834 -34.24 41.56 13.58
N ASP E 835 -35.47 42.07 13.46
CA ASP E 835 -35.94 43.15 14.33
C ASP E 835 -36.78 42.56 15.46
N GLY E 836 -36.09 41.85 16.35
CA GLY E 836 -36.77 41.25 17.48
C GLY E 836 -37.61 40.05 17.05
N ILE E 837 -38.56 39.69 17.92
CA ILE E 837 -39.44 38.56 17.68
C ILE E 837 -40.88 38.98 17.90
N PHE E 838 -41.79 38.24 17.28
CA PHE E 838 -43.21 38.50 17.45
C PHE E 838 -43.64 38.15 18.86
N LYS E 839 -44.49 39.00 19.45
CA LYS E 839 -45.00 38.78 20.79
C LYS E 839 -46.51 38.59 20.84
N SER E 840 -47.23 38.91 19.77
CA SER E 840 -48.69 38.74 19.78
C SER E 840 -49.17 38.62 18.34
N GLN E 841 -50.38 38.05 18.20
CA GLN E 841 -50.99 37.95 16.89
C GLN E 841 -51.25 39.32 16.29
N ASP E 842 -51.51 40.33 17.12
CA ASP E 842 -51.67 41.69 16.61
C ASP E 842 -50.37 42.16 15.97
N GLU E 843 -49.24 41.91 16.63
CA GLU E 843 -47.95 42.27 16.04
C GLU E 843 -47.70 41.50 14.75
N VAL E 844 -48.05 40.20 14.74
CA VAL E 844 -47.85 39.39 13.54
C VAL E 844 -48.65 39.97 12.38
N ASP E 845 -49.91 40.32 12.62
CA ASP E 845 -50.75 40.88 11.57
C ASP E 845 -50.24 42.25 11.12
N ASN E 846 -49.80 43.09 12.07
CA ASN E 846 -49.32 44.42 11.71
C ASN E 846 -48.06 44.34 10.87
N HIS E 847 -47.16 43.40 11.18
CA HIS E 847 -45.93 43.27 10.41
C HIS E 847 -46.23 42.77 9.01
N ALA E 848 -45.31 43.05 8.09
CA ALA E 848 -45.45 42.59 6.72
C ALA E 848 -45.49 41.07 6.67
N THR E 849 -46.29 40.55 5.74
CA THR E 849 -46.49 39.11 5.65
C THR E 849 -45.19 38.40 5.27
N GLN E 850 -45.02 37.21 5.84
CA GLN E 850 -43.86 36.38 5.54
C GLN E 850 -44.22 34.93 5.81
N GLU E 851 -43.47 34.02 5.18
CA GLU E 851 -43.72 32.60 5.36
C GLU E 851 -43.31 32.15 6.75
N GLY E 852 -44.18 31.36 7.39
CA GLY E 852 -43.89 30.83 8.70
C GLY E 852 -44.02 31.81 9.84
N ALA E 853 -44.63 32.97 9.60
CA ALA E 853 -44.80 33.95 10.67
C ALA E 853 -45.76 33.41 11.73
N ALA E 854 -45.37 33.54 12.99
CA ALA E 854 -46.18 33.06 14.11
C ALA E 854 -45.72 33.76 15.37
N VAL E 855 -46.51 33.57 16.44
CA VAL E 855 -46.17 34.16 17.73
C VAL E 855 -44.91 33.51 18.26
N GLY E 856 -43.97 34.33 18.70
CA GLY E 856 -42.71 33.85 19.22
C GLY E 856 -41.65 33.55 18.19
N ARG E 857 -41.89 33.87 16.92
CA ARG E 857 -40.94 33.65 15.85
C ARG E 857 -40.17 34.93 15.54
N ILE E 858 -39.09 34.79 14.76
CA ILE E 858 -38.25 35.92 14.43
C ILE E 858 -38.96 36.83 13.44
N ARG E 859 -38.89 38.13 13.68
CA ARG E 859 -39.47 39.13 12.80
C ARG E 859 -38.37 39.72 11.92
N TYR E 860 -38.57 39.66 10.60
CA TYR E 860 -37.58 40.12 9.63
C TYR E 860 -38.01 41.45 9.05
N ARG E 861 -37.09 42.42 9.04
CA ARG E 861 -37.40 43.74 8.53
C ARG E 861 -37.59 43.71 7.02
N ASP E 862 -38.52 44.54 6.54
CA ASP E 862 -38.77 44.68 5.10
C ASP E 862 -37.91 45.84 4.58
N ILE E 863 -36.86 45.51 3.83
CA ILE E 863 -35.92 46.52 3.37
C ILE E 863 -36.58 47.42 2.32
N ASP E 864 -37.24 46.83 1.33
CA ASP E 864 -37.82 47.58 0.23
C ASP E 864 -39.23 48.06 0.52
N HIS E 865 -39.80 47.71 1.67
CA HIS E 865 -41.13 48.15 2.09
C HIS E 865 -42.18 47.76 1.05
N ASN E 866 -42.05 46.57 0.48
CA ASN E 866 -43.03 46.03 -0.45
C ASN E 866 -44.13 45.26 0.25
N GLY E 867 -44.05 45.10 1.57
CA GLY E 867 -45.06 44.38 2.32
C GLY E 867 -44.87 42.88 2.38
N VAL E 868 -43.83 42.34 1.76
CA VAL E 868 -43.57 40.91 1.74
C VAL E 868 -42.09 40.68 1.98
N ILE E 869 -41.78 39.62 2.73
CA ILE E 869 -40.40 39.24 3.00
C ILE E 869 -40.00 38.14 2.03
N ASP E 870 -38.96 38.42 1.23
CA ASP E 870 -38.51 37.48 0.22
C ASP E 870 -36.99 37.57 0.11
N GLU E 871 -36.43 36.98 -0.95
CA GLU E 871 -34.98 36.97 -1.12
C GLU E 871 -34.42 38.37 -1.37
N ARG E 872 -35.26 39.32 -1.78
CA ARG E 872 -34.79 40.68 -2.04
C ARG E 872 -34.58 41.49 -0.77
N ASP E 873 -35.02 40.98 0.38
CA ASP E 873 -34.88 41.71 1.65
C ASP E 873 -33.60 41.28 2.37
N GLN E 874 -32.48 41.48 1.68
CA GLN E 874 -31.16 41.15 2.21
C GLN E 874 -30.23 42.33 2.03
N ASN E 875 -29.25 42.42 2.94
CA ASN E 875 -28.31 43.53 2.92
C ASN E 875 -27.01 43.08 3.59
N TRP E 876 -25.96 43.86 3.38
CA TRP E 876 -24.67 43.56 3.98
C TRP E 876 -24.75 43.70 5.49
N ILE E 877 -24.49 42.61 6.20
CA ILE E 877 -24.58 42.61 7.66
C ILE E 877 -23.31 42.11 8.35
N TYR E 878 -22.46 41.35 7.68
CA TYR E 878 -21.27 40.77 8.30
C TYR E 878 -20.02 41.40 7.70
N ASP E 879 -19.15 41.92 8.55
CA ASP E 879 -17.90 42.54 8.12
C ASP E 879 -16.77 42.01 8.99
N PRO E 880 -16.01 41.02 8.50
CA PRO E 880 -14.95 40.39 9.29
C PRO E 880 -13.66 41.21 9.37
N THR E 881 -13.80 42.50 9.68
CA THR E 881 -12.66 43.39 9.81
C THR E 881 -12.80 44.18 11.11
N PRO E 882 -11.92 43.98 12.08
CA PRO E 882 -12.01 44.72 13.34
C PRO E 882 -11.79 46.22 13.11
N SER E 883 -12.45 47.02 13.94
CA SER E 883 -12.23 48.47 13.88
C SER E 883 -10.80 48.80 14.26
N PHE E 884 -10.27 48.20 15.31
CA PHE E 884 -8.86 48.35 15.64
C PHE E 884 -8.45 47.29 16.65
N SER E 885 -7.21 46.83 16.53
CA SER E 885 -6.63 45.85 17.43
C SER E 885 -5.45 46.48 18.14
N TYR E 886 -5.40 46.34 19.47
CA TYR E 886 -4.38 46.97 20.28
C TYR E 886 -3.79 45.97 21.26
N GLY E 887 -2.59 46.30 21.73
CA GLY E 887 -1.91 45.48 22.72
C GLY E 887 -1.13 46.36 23.66
N LEU E 888 -1.05 45.94 24.92
CA LEU E 888 -0.36 46.70 25.94
C LEU E 888 0.55 45.78 26.75
N ASN E 889 1.79 46.22 26.96
CA ASN E 889 2.76 45.45 27.74
C ASN E 889 3.29 46.32 28.87
N ILE E 890 3.25 45.79 30.08
CA ILE E 890 3.70 46.49 31.28
C ILE E 890 4.77 45.65 31.94
N TYR E 891 5.91 46.25 32.24
CA TYR E 891 7.04 45.55 32.85
C TYR E 891 7.52 46.37 34.04
N LEU E 892 7.40 45.81 35.24
CA LEU E 892 7.77 46.51 36.47
C LEU E 892 8.87 45.73 37.17
N GLU E 893 9.96 46.42 37.51
CA GLU E 893 11.07 45.84 38.24
C GLU E 893 11.24 46.59 39.55
N TYR E 894 11.30 45.84 40.65
CA TYR E 894 11.41 46.44 41.98
C TYR E 894 11.94 45.39 42.95
N LYS E 895 13.13 45.63 43.50
CA LYS E 895 13.73 44.78 44.53
C LYS E 895 13.75 43.31 44.10
N ASN E 896 14.36 43.07 42.93
CA ASN E 896 14.52 41.74 42.36
C ASN E 896 13.19 41.07 42.04
N PHE E 897 12.10 41.83 42.01
CA PHE E 897 10.79 41.32 41.64
C PHE E 897 10.40 41.92 40.30
N ASP E 898 10.08 41.07 39.33
CA ASP E 898 9.69 41.52 38.00
C ASP E 898 8.27 41.05 37.70
N LEU E 899 7.41 42.00 37.33
CA LEU E 899 6.03 41.71 36.96
C LEU E 899 5.82 42.10 35.51
N THR E 900 5.37 41.13 34.71
CA THR E 900 5.08 41.34 33.30
C THR E 900 3.60 41.12 33.07
N MET E 901 2.96 42.03 32.34
CA MET E 901 1.52 41.99 32.13
C MET E 901 1.23 42.42 30.70
N PHE E 902 0.79 41.49 29.87
CA PHE E 902 0.50 41.75 28.46
C PHE E 902 -0.97 41.49 28.20
N TRP E 903 -1.68 42.54 27.77
CA TRP E 903 -3.09 42.48 27.38
C TRP E 903 -3.21 42.66 25.87
N GLN E 904 -4.22 42.01 25.29
CA GLN E 904 -4.54 42.19 23.88
C GLN E 904 -6.04 42.43 23.76
N GLY E 905 -6.41 43.46 23.01
CA GLY E 905 -7.80 43.78 22.80
C GLY E 905 -8.11 44.00 21.34
N VAL E 906 -9.34 43.66 20.96
CA VAL E 906 -9.85 43.86 19.61
C VAL E 906 -11.21 44.55 19.73
N GLN E 907 -11.44 45.56 18.90
CA GLN E 907 -12.66 46.34 18.93
C GLN E 907 -13.23 46.48 17.53
N GLY E 908 -14.54 46.36 17.41
CA GLY E 908 -15.22 46.55 16.15
C GLY E 908 -15.19 45.38 15.21
N VAL E 909 -15.23 44.16 15.74
CA VAL E 909 -15.18 42.94 14.93
C VAL E 909 -16.47 42.16 15.14
N ASP E 910 -17.03 41.64 14.05
CA ASP E 910 -18.22 40.81 14.08
C ASP E 910 -17.86 39.38 13.71
N ILE E 911 -18.53 38.42 14.33
CA ILE E 911 -18.24 37.01 14.14
C ILE E 911 -19.55 36.25 13.96
N ILE E 912 -19.56 35.31 13.03
CA ILE E 912 -20.69 34.41 12.83
C ILE E 912 -20.49 33.20 13.72
N SER E 913 -21.45 32.96 14.62
CA SER E 913 -21.34 31.90 15.61
C SER E 913 -22.41 30.85 15.35
N ASP E 914 -21.98 29.60 15.15
CA ASP E 914 -22.91 28.49 15.10
C ASP E 914 -23.30 27.99 16.48
N VAL E 915 -22.51 28.36 17.50
CA VAL E 915 -22.90 28.04 18.88
C VAL E 915 -24.20 28.73 19.24
N LYS E 916 -24.34 30.00 18.84
CA LYS E 916 -25.59 30.71 19.06
C LYS E 916 -26.73 30.05 18.30
N LYS E 917 -26.48 29.57 17.09
CA LYS E 917 -27.50 28.88 16.32
C LYS E 917 -27.97 27.62 17.03
N LYS E 918 -27.02 26.84 17.57
CA LYS E 918 -27.37 25.59 18.22
C LYS E 918 -27.85 25.77 19.66
N SER E 919 -27.67 26.95 20.25
CA SER E 919 -28.10 27.18 21.62
C SER E 919 -29.34 28.04 21.75
N ASP E 920 -29.69 28.83 20.72
CA ASP E 920 -30.86 29.69 20.78
C ASP E 920 -32.05 29.15 20.00
N PHE E 921 -31.94 27.93 19.46
CA PHE E 921 -33.02 27.35 18.69
C PHE E 921 -33.10 25.85 18.96
N TRP E 922 -34.28 25.30 18.72
CA TRP E 922 -34.52 23.87 18.82
C TRP E 922 -34.82 23.32 17.44
N SER E 923 -34.21 22.18 17.10
CA SER E 923 -34.39 21.54 15.81
C SER E 923 -34.04 22.48 14.66
N ALA E 924 -32.98 23.27 14.85
CA ALA E 924 -32.50 24.17 13.81
C ALA E 924 -31.38 23.57 12.98
N SER E 925 -31.03 22.31 13.22
CA SER E 925 -29.99 21.63 12.48
C SER E 925 -30.61 20.68 11.46
N ASN E 926 -29.74 19.94 10.76
CA ASN E 926 -30.23 18.97 9.79
C ASN E 926 -31.03 17.87 10.45
N VAL E 927 -30.57 17.39 11.60
CA VAL E 927 -31.27 16.36 12.36
C VAL E 927 -31.74 16.95 13.68
N GLY E 928 -32.80 16.35 14.22
CA GLY E 928 -33.39 16.81 15.46
C GLY E 928 -32.91 16.03 16.67
N PHE E 929 -33.52 16.34 17.81
CA PHE E 929 -33.29 15.66 19.08
C PHE E 929 -31.84 15.81 19.54
N LEU E 930 -31.17 16.87 19.12
CA LEU E 930 -29.79 17.10 19.51
C LEU E 930 -29.72 17.94 20.78
N ASN E 931 -28.69 17.71 21.59
CA ASN E 931 -28.49 18.49 22.79
C ASN E 931 -28.13 19.92 22.44
N LYS E 932 -28.72 20.86 23.16
CA LYS E 932 -28.55 22.29 22.90
C LYS E 932 -27.91 22.96 24.11
N GLY E 933 -27.73 24.28 24.00
CA GLY E 933 -27.13 25.04 25.08
C GLY E 933 -28.08 25.28 26.23
N THR E 934 -27.50 25.67 27.37
CA THR E 934 -28.29 25.92 28.57
C THR E 934 -29.19 27.16 28.40
N ARG E 935 -28.72 28.17 27.67
CA ARG E 935 -29.50 29.39 27.51
C ARG E 935 -30.76 29.18 26.70
N LEU E 936 -30.93 28.02 26.06
CA LEU E 936 -32.16 27.71 25.36
C LEU E 936 -33.36 27.72 26.30
N LEU E 937 -33.14 27.48 27.59
CA LEU E 937 -34.23 27.44 28.55
C LEU E 937 -34.93 28.81 28.65
N ASN E 938 -34.15 29.89 28.61
CA ASN E 938 -34.70 31.24 28.73
C ASN E 938 -35.24 31.72 27.39
N ALA E 939 -36.12 30.92 26.81
CA ALA E 939 -36.78 31.26 25.56
C ALA E 939 -38.07 32.03 25.84
N TRP E 940 -38.54 32.74 24.82
CA TRP E 940 -39.76 33.52 24.97
C TRP E 940 -40.97 32.60 25.13
N SER E 941 -41.88 33.01 26.01
CA SER E 941 -43.10 32.26 26.26
C SER E 941 -44.11 33.21 26.89
N PRO E 942 -45.40 32.87 26.86
CA PRO E 942 -46.38 33.70 27.59
C PRO E 942 -46.09 33.79 29.07
N THR E 943 -45.52 32.74 29.66
CA THR E 943 -45.13 32.80 31.07
C THR E 943 -43.93 33.71 31.30
N ASN E 944 -43.04 33.80 30.33
CA ASN E 944 -41.81 34.59 30.44
C ASN E 944 -41.74 35.55 29.25
N PRO E 945 -42.49 36.66 29.30
CA PRO E 945 -42.49 37.58 28.15
C PRO E 945 -41.24 38.41 28.03
N ASN E 946 -40.52 38.65 29.13
CA ASN E 946 -39.32 39.49 29.11
C ASN E 946 -38.13 38.66 28.63
N SER E 947 -38.11 38.41 27.32
CA SER E 947 -37.03 37.64 26.71
C SER E 947 -36.96 37.99 25.23
N ASP E 948 -35.83 37.63 24.62
CA ASP E 948 -35.62 37.84 23.19
C ASP E 948 -35.37 36.57 22.41
N ILE E 949 -35.02 35.47 23.07
CA ILE E 949 -34.80 34.21 22.36
C ILE E 949 -36.12 33.71 21.78
N PRO E 950 -36.17 33.30 20.52
CA PRO E 950 -37.42 32.85 19.93
C PRO E 950 -37.97 31.61 20.63
N ALA E 951 -39.31 31.50 20.62
CA ALA E 951 -39.97 30.37 21.26
C ALA E 951 -39.56 29.07 20.59
N LEU E 952 -39.47 28.01 21.40
CA LEU E 952 -39.03 26.72 20.90
C LEU E 952 -40.06 26.12 19.96
N THR E 953 -39.57 25.38 18.98
CA THR E 953 -40.43 24.69 18.02
C THR E 953 -39.70 23.47 17.49
N ARG E 954 -40.46 22.51 16.97
CA ARG E 954 -39.89 21.30 16.42
C ARG E 954 -39.69 21.36 14.91
N SER E 955 -40.38 22.28 14.23
CA SER E 955 -40.27 22.44 12.79
C SER E 955 -39.88 23.86 12.47
N ASP E 956 -38.89 24.03 11.60
CA ASP E 956 -38.41 25.36 11.22
C ASP E 956 -39.26 25.90 10.06
N THR E 957 -40.53 26.12 10.37
CA THR E 957 -41.46 26.68 9.38
C THR E 957 -41.02 28.08 8.97
N ASN E 958 -40.59 28.89 9.94
CA ASN E 958 -40.13 30.25 9.65
C ASN E 958 -38.80 30.28 8.93
N ASN E 959 -38.11 29.14 8.82
CA ASN E 959 -36.79 29.05 8.19
C ASN E 959 -35.81 30.01 8.86
N GLU E 960 -35.57 29.75 10.15
CA GLU E 960 -34.68 30.60 10.94
C GLU E 960 -33.21 30.26 10.73
N GLN E 961 -32.91 29.20 9.98
CA GLN E 961 -31.52 28.90 9.64
C GLN E 961 -30.93 29.89 8.64
N ARG E 962 -31.75 30.76 8.06
CA ARG E 962 -31.25 31.71 7.07
C ARG E 962 -30.27 32.68 7.73
N VAL E 963 -29.32 33.17 6.92
CA VAL E 963 -28.34 34.13 7.41
C VAL E 963 -29.04 35.43 7.75
N SER E 964 -28.82 35.92 8.96
CA SER E 964 -29.48 37.14 9.42
C SER E 964 -28.65 37.77 10.52
N THR E 965 -29.08 38.95 10.96
CA THR E 965 -28.37 39.67 12.01
C THR E 965 -28.44 38.96 13.37
N TYR E 966 -29.32 37.96 13.52
CA TYR E 966 -29.42 37.25 14.78
C TYR E 966 -28.12 36.50 15.08
N PHE E 967 -27.52 35.89 14.07
CA PHE E 967 -26.28 35.14 14.26
C PHE E 967 -25.05 36.03 14.29
N VAL E 968 -25.19 37.32 13.99
CA VAL E 968 -24.06 38.23 14.05
C VAL E 968 -23.92 38.74 15.48
N GLU E 969 -22.72 38.59 16.05
CA GLU E 969 -22.45 38.98 17.42
C GLU E 969 -21.25 39.91 17.46
N ASN E 970 -21.26 40.80 18.45
CA ASN E 970 -20.14 41.73 18.64
C ASN E 970 -18.96 40.97 19.22
N GLY E 971 -17.92 40.78 18.42
CA GLY E 971 -16.74 40.04 18.82
C GLY E 971 -15.70 40.86 19.56
N SER E 972 -15.99 42.11 19.88
CA SER E 972 -15.03 42.94 20.61
C SER E 972 -14.71 42.31 21.96
N PHE E 973 -13.43 42.30 22.31
CA PHE E 973 -12.99 41.68 23.54
C PHE E 973 -11.67 42.28 23.98
N LEU E 974 -11.28 41.96 25.20
CA LEU E 974 -9.98 42.40 25.75
C LEU E 974 -9.55 41.36 26.77
N LYS E 975 -8.48 40.61 26.47
CA LYS E 975 -8.05 39.52 27.32
C LYS E 975 -6.60 39.73 27.75
N LEU E 976 -6.33 39.43 29.01
CA LEU E 976 -4.96 39.45 29.54
C LEU E 976 -4.23 38.25 28.97
N ARG E 977 -3.43 38.48 27.92
CA ARG E 977 -2.74 37.38 27.28
C ARG E 977 -1.76 36.71 28.22
N ASN E 978 -1.03 37.48 29.01
CA ASN E 978 -0.01 36.90 29.87
C ASN E 978 0.18 37.74 31.11
N ILE E 979 0.43 37.08 32.24
CA ILE E 979 0.87 37.74 33.46
C ILE E 979 1.93 36.86 34.10
N GLN E 980 2.96 37.47 34.66
CA GLN E 980 4.08 36.69 35.20
C GLN E 980 4.75 37.47 36.32
N LEU E 981 4.90 36.82 37.47
CA LEU E 981 5.61 37.40 38.61
C LEU E 981 6.84 36.56 38.88
N GLY E 982 8.01 37.20 38.90
CA GLY E 982 9.26 36.50 39.07
C GLY E 982 10.12 37.14 40.14
N TYR E 983 10.94 36.31 40.77
CA TYR E 983 11.87 36.72 41.80
C TYR E 983 13.27 36.27 41.42
N THR E 984 14.24 37.18 41.50
CA THR E 984 15.62 36.90 41.17
C THR E 984 16.44 36.79 42.45
N VAL E 985 17.21 35.71 42.56
CA VAL E 985 18.06 35.51 43.74
C VAL E 985 19.11 36.61 43.78
N PRO E 986 19.42 37.18 44.95
CA PRO E 986 20.41 38.26 45.00
C PRO E 986 21.79 37.81 44.52
N ALA E 987 22.57 38.81 44.07
CA ALA E 987 23.85 38.53 43.43
C ALA E 987 24.82 37.84 44.39
N VAL E 988 24.82 38.24 45.66
CA VAL E 988 25.76 37.64 46.61
C VAL E 988 25.47 36.15 46.79
N ILE E 989 24.19 35.79 46.97
CA ILE E 989 23.84 34.38 47.13
C ILE E 989 24.13 33.61 45.85
N SER E 990 23.82 34.22 44.69
CA SER E 990 24.08 33.56 43.42
C SER E 990 25.57 33.28 43.24
N LYS E 991 26.42 34.26 43.55
CA LYS E 991 27.85 34.05 43.42
C LYS E 991 28.37 33.03 44.42
N LYS E 992 27.80 33.02 45.64
CA LYS E 992 28.19 32.02 46.62
C LYS E 992 27.86 30.62 46.14
N MET E 993 26.70 30.45 45.51
CA MET E 993 26.26 29.13 45.06
C MET E 993 26.84 28.81 43.68
N ARG E 994 27.51 29.78 43.05
CA ARG E 994 28.29 29.71 41.81
C ARG E 994 27.49 29.83 40.51
N MET E 995 26.16 29.97 40.56
CA MET E 995 25.44 30.34 39.34
C MET E 995 25.41 31.86 39.18
N ASP E 996 25.53 32.33 37.94
CA ASP E 996 25.59 33.76 37.70
C ASP E 996 24.23 34.43 37.85
N ARG E 997 23.14 33.69 37.65
CA ARG E 997 21.80 34.27 37.70
C ARG E 997 20.79 33.17 37.98
N LEU E 998 20.09 33.28 39.09
CA LEU E 998 19.04 32.34 39.46
C LEU E 998 17.71 33.09 39.52
N ARG E 999 16.69 32.53 38.88
CA ARG E 999 15.40 33.21 38.80
C ARG E 999 14.29 32.18 38.93
N PHE E 1000 13.21 32.55 39.61
CA PHE E 1000 12.00 31.76 39.68
C PHE E 1000 10.83 32.62 39.21
N TYR E 1001 9.80 31.97 38.68
CA TYR E 1001 8.66 32.75 38.19
C TYR E 1001 7.41 31.90 38.19
N CYS E 1002 6.28 32.56 38.41
CA CYS E 1002 4.95 31.96 38.29
C CYS E 1002 4.12 32.82 37.36
N SER E 1003 3.49 32.20 36.38
CA SER E 1003 2.80 32.91 35.32
C SER E 1003 1.42 32.31 35.07
N ALA E 1004 0.53 33.14 34.54
CA ALA E 1004 -0.79 32.73 34.11
C ALA E 1004 -1.02 33.24 32.69
N GLN E 1005 -1.45 32.34 31.82
CA GLN E 1005 -1.73 32.63 30.42
C GLN E 1005 -3.21 32.44 30.16
N ASN E 1006 -3.82 33.43 29.49
CA ASN E 1006 -5.26 33.43 29.19
C ASN E 1006 -6.09 33.35 30.47
N LEU E 1007 -5.61 34.02 31.52
CA LEU E 1007 -6.26 33.93 32.82
C LEU E 1007 -7.59 34.69 32.84
N LEU E 1008 -7.60 35.90 32.31
CA LEU E 1008 -8.75 36.79 32.43
C LEU E 1008 -9.12 37.37 31.07
N THR E 1009 -10.42 37.60 30.88
CA THR E 1009 -10.91 38.18 29.64
C THR E 1009 -12.16 39.00 29.93
N ILE E 1010 -12.42 39.97 29.06
CA ILE E 1010 -13.62 40.80 29.13
C ILE E 1010 -14.26 40.79 27.75
N LYS E 1011 -15.56 40.54 27.69
CA LYS E 1011 -16.30 40.46 26.45
C LYS E 1011 -17.52 41.36 26.51
N SER E 1012 -17.99 41.80 25.36
CA SER E 1012 -19.17 42.64 25.28
C SER E 1012 -20.41 41.87 25.72
N LYS E 1013 -21.37 42.58 26.30
CA LYS E 1013 -22.61 41.96 26.77
C LYS E 1013 -23.43 41.39 25.62
N ASN E 1014 -23.25 41.89 24.40
CA ASN E 1014 -24.01 41.40 23.26
C ASN E 1014 -23.56 40.02 22.80
N PHE E 1015 -22.41 39.54 23.27
CA PHE E 1015 -21.89 38.23 22.88
C PHE E 1015 -22.50 37.19 23.81
N THR E 1016 -23.48 36.44 23.31
CA THR E 1016 -24.17 35.46 24.14
C THR E 1016 -23.24 34.33 24.56
N GLY E 1017 -22.39 33.86 23.65
CA GLY E 1017 -21.50 32.75 23.94
C GLY E 1017 -20.34 33.12 24.84
N GLU E 1018 -19.25 32.38 24.70
CA GLU E 1018 -18.05 32.60 25.51
C GLU E 1018 -16.82 32.45 24.62
N ASP E 1019 -15.70 32.96 25.12
CA ASP E 1019 -14.43 32.94 24.39
C ASP E 1019 -14.59 33.55 23.01
N PRO E 1020 -14.72 34.87 22.90
CA PRO E 1020 -14.95 35.48 21.58
C PRO E 1020 -13.85 35.22 20.58
N GLU E 1021 -12.62 34.95 21.04
CA GLU E 1021 -11.54 34.65 20.11
C GLU E 1021 -11.82 33.37 19.34
N ASN E 1022 -12.42 32.39 20.00
CA ASN E 1022 -12.75 31.09 19.39
C ASN E 1022 -14.23 30.81 19.61
N PRO E 1023 -15.10 31.43 18.81
CA PRO E 1023 -16.55 31.25 18.98
C PRO E 1023 -17.14 30.05 18.26
N ASN E 1024 -16.32 29.12 17.77
CA ASN E 1024 -16.80 27.96 17.03
C ASN E 1024 -16.42 26.68 17.77
N PHE E 1025 -16.67 25.54 17.12
CA PHE E 1025 -16.45 24.23 17.71
C PHE E 1025 -15.03 23.73 17.51
N SER E 1026 -14.06 24.63 17.33
CA SER E 1026 -12.67 24.23 17.18
C SER E 1026 -12.09 23.95 18.57
N TYR E 1027 -10.77 23.77 18.63
CA TYR E 1027 -10.13 23.46 19.89
C TYR E 1027 -10.28 24.63 20.85
N PRO E 1028 -10.55 24.38 22.14
CA PRO E 1028 -10.66 25.47 23.10
C PRO E 1028 -9.30 26.02 23.50
N ILE E 1029 -9.32 27.19 24.12
CA ILE E 1029 -8.14 27.87 24.62
C ILE E 1029 -8.13 27.73 26.13
N PRO E 1030 -7.21 26.97 26.71
CA PRO E 1030 -7.21 26.76 28.15
C PRO E 1030 -6.48 27.88 28.89
N VAL E 1031 -6.63 27.87 30.21
CA VAL E 1031 -5.92 28.77 31.10
C VAL E 1031 -4.71 28.02 31.64
N ASN E 1032 -3.53 28.62 31.49
CA ASN E 1032 -2.28 27.97 31.88
C ASN E 1032 -1.72 28.60 33.14
N ILE E 1033 -1.38 27.77 34.13
CA ILE E 1033 -0.69 28.21 35.33
C ILE E 1033 0.66 27.53 35.35
N THR E 1034 1.73 28.31 35.28
CA THR E 1034 3.07 27.80 35.06
C THR E 1034 4.00 28.23 36.18
N PHE E 1035 4.87 27.31 36.61
CA PHE E 1035 5.93 27.58 37.55
C PHE E 1035 7.25 27.17 36.92
N GLY E 1036 8.21 28.09 36.86
CA GLY E 1036 9.45 27.84 36.16
C GLY E 1036 10.63 28.45 36.88
N LEU E 1037 11.82 27.97 36.50
CA LEU E 1037 13.08 28.44 37.05
C LEU E 1037 14.12 28.53 35.96
N ASN E 1038 15.06 29.46 36.13
CA ASN E 1038 16.16 29.69 35.20
C ASN E 1038 17.46 29.75 36.00
N ILE E 1039 18.48 29.03 35.50
CA ILE E 1039 19.79 28.96 36.14
C ILE E 1039 20.84 29.32 35.11
N GLY E 1040 21.78 30.18 35.49
CA GLY E 1040 22.82 30.62 34.59
C GLY E 1040 24.22 30.24 35.04
N PHE E 1041 24.40 28.99 35.46
CA PHE E 1041 25.68 28.45 35.91
C PHE E 1041 26.88 28.96 35.11
N VAL F 109 47.49 7.49 24.35
CA VAL F 109 46.31 6.95 25.01
C VAL F 109 45.29 6.47 23.98
N VAL F 110 44.42 5.55 24.41
CA VAL F 110 43.44 4.95 23.52
C VAL F 110 42.08 4.94 24.21
N VAL F 111 41.03 4.84 23.40
CA VAL F 111 39.66 5.05 23.86
C VAL F 111 38.99 3.68 23.89
N THR F 112 39.81 2.63 23.90
CA THR F 112 39.28 1.26 23.89
C THR F 112 38.33 1.04 25.07
N GLY F 113 37.22 0.35 24.79
CA GLY F 113 36.19 0.15 25.79
C GLY F 113 35.21 1.30 25.82
N TYR F 114 34.69 1.62 27.01
CA TYR F 114 33.79 2.75 27.17
C TYR F 114 34.58 4.04 27.23
N THR F 115 33.92 5.12 27.66
CA THR F 115 34.56 6.44 27.69
C THR F 115 35.80 6.49 28.57
N THR F 116 36.11 5.40 29.28
CA THR F 116 37.36 5.34 30.05
C THR F 116 38.56 5.54 29.13
N GLN F 117 39.53 6.29 29.60
CA GLN F 117 40.72 6.66 28.84
C GLN F 117 41.90 5.88 29.42
N ARG F 118 42.20 4.75 28.81
CA ARG F 118 43.30 3.92 29.26
C ARG F 118 44.62 4.38 28.66
N LYS F 119 45.70 4.19 29.42
CA LYS F 119 47.03 4.52 28.95
C LYS F 119 47.45 3.52 27.88
N ALA F 120 48.55 3.83 27.20
CA ALA F 120 49.05 2.98 26.14
C ALA F 120 49.57 1.67 26.71
N ASP F 121 50.08 0.81 25.81
CA ASP F 121 50.64 -0.50 26.09
C ASP F 121 49.53 -1.51 26.43
N LEU F 122 48.31 -1.01 26.62
CA LEU F 122 47.10 -1.83 26.70
C LEU F 122 47.18 -2.94 27.75
N THR F 123 46.22 -3.87 27.68
CA THR F 123 46.27 -5.07 28.50
C THR F 123 45.85 -6.35 27.77
N GLY F 124 45.24 -6.25 26.60
CA GLY F 124 44.77 -7.43 25.89
C GLY F 124 44.97 -7.36 24.39
N ALA F 125 44.11 -8.03 23.63
CA ALA F 125 44.22 -8.06 22.17
C ALA F 125 43.42 -6.90 21.60
N VAL F 126 44.08 -5.74 21.50
CA VAL F 126 43.52 -4.56 20.88
C VAL F 126 44.52 -4.06 19.86
N SER F 127 44.07 -3.89 18.62
CA SER F 127 44.93 -3.43 17.53
C SER F 127 44.55 -2.01 17.16
N VAL F 128 45.55 -1.14 17.07
CA VAL F 128 45.35 0.26 16.72
C VAL F 128 45.66 0.43 15.23
N VAL F 129 44.72 1.02 14.49
CA VAL F 129 44.85 1.20 13.05
C VAL F 129 45.25 2.64 12.78
N LYS F 130 46.25 2.82 11.91
CA LYS F 130 46.79 4.14 11.62
C LYS F 130 45.87 4.83 10.60
N VAL F 131 45.09 5.80 11.08
CA VAL F 131 44.14 6.49 10.22
C VAL F 131 44.85 7.28 9.13
N ASP F 132 46.08 7.73 9.40
CA ASP F 132 46.82 8.50 8.41
C ASP F 132 47.07 7.68 7.14
N GLU F 133 47.48 6.41 7.32
CA GLU F 133 47.64 5.54 6.16
C GLU F 133 46.32 4.95 5.69
N ILE F 134 45.31 4.91 6.56
CA ILE F 134 43.98 4.48 6.11
C ILE F 134 43.43 5.45 5.07
N GLN F 135 43.57 6.76 5.32
CA GLN F 135 43.07 7.76 4.38
C GLN F 135 43.83 7.76 3.07
N LYS F 136 45.01 7.14 3.02
CA LYS F 136 45.80 7.13 1.80
C LYS F 136 45.11 6.37 0.67
N GLN F 137 44.47 5.25 1.00
CA GLN F 137 43.84 4.43 -0.03
C GLN F 137 42.68 5.17 -0.70
N GLY F 138 42.05 6.11 0.01
CA GLY F 138 40.95 6.85 -0.56
C GLY F 138 39.72 6.00 -0.86
N GLU F 139 39.39 5.07 0.04
CA GLU F 139 38.22 4.22 -0.12
C GLU F 139 37.05 4.80 0.68
N ASN F 140 35.84 4.57 0.17
CA ASN F 140 34.66 5.07 0.85
C ASN F 140 34.49 4.43 2.23
N ASN F 141 34.74 3.13 2.33
CA ASN F 141 34.57 2.42 3.58
C ASN F 141 35.92 2.24 4.25
N PRO F 142 36.14 2.81 5.44
CA PRO F 142 37.42 2.58 6.14
C PRO F 142 37.66 1.11 6.46
N VAL F 143 36.60 0.35 6.73
CA VAL F 143 36.76 -1.08 6.97
C VAL F 143 37.30 -1.77 5.72
N LYS F 144 36.76 -1.41 4.56
CA LYS F 144 37.26 -1.96 3.31
C LYS F 144 38.70 -1.52 3.06
N ALA F 145 39.02 -0.28 3.43
CA ALA F 145 40.40 0.21 3.27
C ALA F 145 41.37 -0.61 4.12
N LEU F 146 40.97 -0.93 5.34
CA LEU F 146 41.79 -1.78 6.23
C LEU F 146 41.52 -3.26 5.97
N GLN F 147 41.58 -3.64 4.70
CA GLN F 147 41.19 -4.99 4.30
C GLN F 147 42.12 -6.05 4.88
N GLY F 148 43.42 -5.79 4.86
CA GLY F 148 44.37 -6.77 5.36
C GLY F 148 45.49 -6.20 6.20
N ARG F 149 45.20 -5.09 6.88
CA ARG F 149 46.19 -4.40 7.68
C ARG F 149 46.14 -4.78 9.16
N VAL F 150 45.24 -5.68 9.56
CA VAL F 150 45.12 -6.08 10.96
C VAL F 150 45.13 -7.60 11.04
N PRO F 151 45.96 -8.18 11.91
CA PRO F 151 45.97 -9.65 12.04
C PRO F 151 44.64 -10.17 12.57
N GLY F 152 44.29 -11.37 12.10
CA GLY F 152 43.12 -12.06 12.62
C GLY F 152 41.79 -11.51 12.17
N MET F 153 41.78 -10.63 11.18
CA MET F 153 40.54 -10.08 10.63
C MET F 153 40.53 -10.30 9.13
N ASN F 154 39.41 -10.82 8.63
CA ASN F 154 39.23 -11.08 7.20
C ASN F 154 38.14 -10.15 6.69
N ILE F 155 38.46 -9.39 5.64
CA ILE F 155 37.54 -8.46 5.00
C ILE F 155 37.33 -8.93 3.57
N THR F 156 36.08 -9.17 3.21
CA THR F 156 35.73 -9.57 1.84
C THR F 156 34.84 -8.51 1.22
N ALA F 157 35.27 -7.96 0.09
CA ALA F 157 34.54 -6.93 -0.61
C ALA F 157 34.30 -7.37 -2.04
N ASP F 158 33.05 -7.29 -2.50
CA ASP F 158 32.72 -7.70 -3.86
C ASP F 158 33.17 -6.67 -4.89
N GLY F 159 33.17 -5.39 -4.54
CA GLY F 159 33.53 -4.34 -5.46
C GLY F 159 32.39 -3.48 -5.96
N ASN F 160 31.22 -3.55 -5.34
CA ASN F 160 30.10 -2.72 -5.72
C ASN F 160 30.41 -1.26 -5.40
N PRO F 161 29.68 -0.32 -6.02
CA PRO F 161 29.95 1.10 -5.75
C PRO F 161 29.90 1.46 -4.27
N SER F 162 28.98 0.86 -3.52
CA SER F 162 28.97 1.05 -2.08
C SER F 162 30.16 0.33 -1.45
N GLY F 163 30.59 0.82 -0.29
CA GLY F 163 31.72 0.23 0.39
C GLY F 163 31.38 -0.94 1.28
N SER F 164 30.18 -1.50 1.16
CA SER F 164 29.77 -2.60 2.01
C SER F 164 30.68 -3.80 1.83
N ALA F 165 31.08 -4.40 2.95
CA ALA F 165 31.96 -5.56 2.93
C ALA F 165 31.64 -6.44 4.13
N THR F 166 32.03 -7.71 4.02
CA THR F 166 31.82 -8.68 5.09
C THR F 166 33.07 -8.78 5.95
N VAL F 167 32.87 -8.71 7.26
CA VAL F 167 33.95 -8.65 8.24
C VAL F 167 33.89 -9.89 9.12
N ARG F 168 35.02 -10.55 9.29
CA ARG F 168 35.13 -11.66 10.22
C ARG F 168 36.32 -11.42 11.13
N ILE F 169 36.11 -11.58 12.43
CA ILE F 169 37.14 -11.36 13.44
C ILE F 169 37.45 -12.68 14.11
N ARG F 170 38.73 -13.05 14.15
CA ARG F 170 39.18 -14.31 14.76
C ARG F 170 38.48 -15.51 14.13
N GLY F 171 38.33 -15.48 12.82
CA GLY F 171 37.67 -16.57 12.12
C GLY F 171 36.18 -16.59 12.39
N ILE F 172 35.57 -17.71 12.04
CA ILE F 172 34.15 -17.91 12.26
C ILE F 172 33.91 -18.16 13.73
N GLY F 173 33.00 -17.39 14.33
CA GLY F 173 32.74 -17.49 15.74
C GLY F 173 31.47 -18.25 16.10
N THR F 174 30.53 -18.31 15.16
CA THR F 174 29.26 -18.97 15.42
C THR F 174 28.62 -19.33 14.07
N LEU F 175 27.49 -20.02 14.15
CA LEU F 175 26.74 -20.44 12.97
C LEU F 175 25.73 -19.39 12.53
N ASN F 176 25.74 -18.21 13.15
CA ASN F 176 24.82 -17.14 12.82
C ASN F 176 25.58 -15.87 12.50
N ASN F 177 24.88 -14.74 12.42
CA ASN F 177 25.49 -13.46 12.07
C ASN F 177 26.76 -13.21 12.86
N ASN F 178 27.88 -13.12 12.16
CA ASN F 178 29.20 -12.92 12.76
C ASN F 178 29.70 -11.49 12.63
N ASP F 179 28.82 -10.55 12.29
CA ASP F 179 29.26 -9.17 12.10
C ASP F 179 29.71 -8.59 13.44
N PRO F 180 30.88 -7.95 13.49
CA PRO F 180 31.36 -7.38 14.76
C PRO F 180 30.54 -6.17 15.16
N LEU F 181 30.66 -5.80 16.43
CA LEU F 181 29.93 -4.68 16.98
C LEU F 181 30.69 -3.38 16.74
N TYR F 182 30.05 -2.43 16.07
CA TYR F 182 30.66 -1.13 15.79
C TYR F 182 30.29 -0.15 16.90
N ILE F 183 31.28 0.57 17.40
CA ILE F 183 31.09 1.56 18.45
C ILE F 183 31.64 2.89 17.92
N ILE F 184 30.75 3.79 17.55
CA ILE F 184 31.13 5.13 17.09
C ILE F 184 30.76 6.11 18.18
N ASP F 185 31.77 6.76 18.76
CA ASP F 185 31.59 7.76 19.82
C ASP F 185 30.80 7.20 20.99
N GLY F 186 31.02 5.92 21.30
CA GLY F 186 30.38 5.29 22.43
C GLY F 186 28.97 4.82 22.19
N VAL F 187 28.45 4.92 20.97
CA VAL F 187 27.09 4.50 20.65
C VAL F 187 27.19 3.25 19.78
N PRO F 188 26.73 2.09 20.26
CA PRO F 188 26.79 0.88 19.43
C PRO F 188 25.87 0.96 18.23
N THR F 189 26.27 0.29 17.16
CA THR F 189 25.44 0.18 15.97
C THR F 189 25.90 -1.04 15.17
N LYS F 190 25.01 -1.52 14.31
CA LYS F 190 25.31 -2.65 13.44
C LYS F 190 25.21 -2.30 11.97
N ALA F 191 24.82 -1.08 11.63
CA ALA F 191 24.75 -0.68 10.24
C ALA F 191 26.15 -0.60 9.62
N GLY F 192 26.21 -0.82 8.32
CA GLY F 192 27.49 -0.79 7.63
C GLY F 192 28.14 0.57 7.68
N MET F 193 29.48 0.57 7.65
CA MET F 193 30.23 1.80 7.69
C MET F 193 30.32 2.50 6.34
N HIS F 194 29.81 1.88 5.28
CA HIS F 194 29.85 2.49 3.95
C HIS F 194 29.00 3.76 3.87
N GLU F 195 28.01 3.89 4.73
CA GLU F 195 27.14 5.06 4.73
C GLU F 195 27.63 6.16 5.66
N LEU F 196 28.77 5.98 6.31
CA LEU F 196 29.35 6.99 7.19
C LEU F 196 30.65 7.50 6.61
N ASN F 197 30.89 8.80 6.77
CA ASN F 197 32.12 9.40 6.28
C ASN F 197 33.32 8.80 6.97
N GLY F 198 34.35 8.47 6.20
CA GLY F 198 35.54 7.84 6.74
C GLY F 198 36.72 8.77 6.85
N ASN F 199 36.61 9.97 6.27
CA ASN F 199 37.70 10.93 6.29
C ASN F 199 37.73 11.78 7.56
N ASP F 200 36.77 11.59 8.45
CA ASP F 200 36.71 12.31 9.72
C ASP F 200 36.86 11.35 10.89
N ILE F 201 37.77 10.39 10.75
CA ILE F 201 38.02 9.37 11.77
C ILE F 201 39.37 9.64 12.39
N GLU F 202 39.39 9.80 13.72
CA GLU F 202 40.62 10.08 14.43
C GLU F 202 41.37 8.81 14.82
N SER F 203 40.66 7.76 15.22
CA SER F 203 41.32 6.53 15.64
C SER F 203 40.40 5.34 15.38
N ILE F 204 41.02 4.20 15.10
CA ILE F 204 40.31 2.94 14.93
C ILE F 204 40.98 1.90 15.83
N GLN F 205 40.17 1.23 16.64
CA GLN F 205 40.67 0.22 17.58
C GLN F 205 39.86 -1.05 17.42
N VAL F 206 40.53 -2.15 17.12
CA VAL F 206 39.88 -3.44 16.96
C VAL F 206 40.15 -4.25 18.21
N LEU F 207 39.11 -4.48 19.00
CA LEU F 207 39.18 -5.32 20.19
C LEU F 207 38.79 -6.73 19.78
N LYS F 208 39.75 -7.64 19.80
CA LYS F 208 39.55 -9.00 19.32
C LYS F 208 39.33 -10.00 20.45
N ASP F 209 40.14 -9.95 21.49
CA ASP F 209 39.99 -10.86 22.60
C ASP F 209 38.68 -10.62 23.35
N ALA F 210 38.07 -11.70 23.82
CA ALA F 210 36.85 -11.56 24.62
C ALA F 210 37.12 -10.83 25.93
N ALA F 211 38.29 -11.08 26.53
CA ALA F 211 38.63 -10.39 27.78
C ALA F 211 38.78 -8.89 27.55
N SER F 212 39.40 -8.49 26.45
CA SER F 212 39.59 -7.08 26.18
C SER F 212 38.32 -6.40 25.69
N ALA F 213 37.47 -7.11 24.97
CA ALA F 213 36.26 -6.55 24.41
C ALA F 213 35.01 -6.82 25.26
N SER F 214 35.17 -7.42 26.43
CA SER F 214 34.04 -7.81 27.25
C SER F 214 33.53 -6.68 28.13
N ILE F 215 34.15 -5.50 28.09
CA ILE F 215 33.59 -4.35 28.79
C ILE F 215 32.22 -4.01 28.22
N TYR F 216 31.99 -4.34 26.95
CA TYR F 216 30.67 -4.22 26.35
C TYR F 216 29.84 -5.45 26.69
N GLY F 217 28.57 -5.41 26.31
CA GLY F 217 27.62 -6.43 26.74
C GLY F 217 27.71 -7.74 26.00
N SER F 218 26.54 -8.32 25.69
CA SER F 218 26.45 -9.62 25.03
C SER F 218 26.49 -9.51 23.51
N ARG F 219 27.12 -8.46 22.98
CA ARG F 219 27.30 -8.28 21.55
C ARG F 219 28.77 -8.28 21.16
N ALA F 220 29.65 -8.75 22.04
CA ALA F 220 31.08 -8.72 21.81
C ALA F 220 31.64 -10.06 21.38
N ALA F 221 30.78 -11.04 21.08
CA ALA F 221 31.28 -12.35 20.69
C ALA F 221 32.00 -12.31 19.34
N ASN F 222 31.61 -11.38 18.47
CA ASN F 222 32.20 -11.28 17.14
C ASN F 222 33.28 -10.20 17.07
N GLY F 223 33.72 -9.67 18.19
CA GLY F 223 34.71 -8.62 18.21
C GLY F 223 34.09 -7.24 18.17
N VAL F 224 34.89 -6.24 18.54
CA VAL F 224 34.44 -4.86 18.62
C VAL F 224 35.34 -4.00 17.75
N ILE F 225 34.74 -3.08 16.99
CA ILE F 225 35.47 -2.11 16.21
C ILE F 225 35.03 -0.73 16.71
N ILE F 226 35.97 0.00 17.32
CA ILE F 226 35.69 1.30 17.92
C ILE F 226 36.28 2.36 17.01
N ILE F 227 35.46 3.33 16.62
CA ILE F 227 35.86 4.43 15.77
C ILE F 227 35.70 5.73 16.56
N THR F 228 36.79 6.48 16.68
CA THR F 228 36.78 7.78 17.35
C THR F 228 36.96 8.85 16.29
N THR F 229 36.01 9.77 16.23
CA THR F 229 36.01 10.81 15.21
C THR F 229 36.99 11.92 15.58
N LYS F 230 37.29 12.76 14.58
CA LYS F 230 38.24 13.84 14.78
C LYS F 230 37.72 14.87 15.76
N GLN F 231 38.64 15.51 16.48
CA GLN F 231 38.32 16.54 17.45
C GLN F 231 39.22 17.74 17.22
N GLY F 232 38.74 18.91 17.65
CA GLY F 232 39.54 20.12 17.53
C GLY F 232 40.78 20.07 18.38
N LYS F 233 41.95 20.12 17.74
CA LYS F 233 43.20 20.11 18.48
C LYS F 233 43.33 21.37 19.33
N LYS F 234 43.71 21.18 20.58
CA LYS F 234 43.68 22.26 21.56
C LYS F 234 44.55 23.45 21.13
N GLY F 235 43.99 24.64 21.23
CA GLY F 235 44.76 25.86 21.00
C GLY F 235 45.12 26.15 19.57
N GLN F 236 44.39 25.61 18.59
CA GLN F 236 44.72 25.88 17.20
C GLN F 236 43.50 25.62 16.33
N ILE F 237 43.53 26.22 15.14
CA ILE F 237 42.46 26.10 14.16
C ILE F 237 43.07 25.66 12.84
N LYS F 238 42.49 24.64 12.23
CA LYS F 238 43.00 24.08 10.98
C LYS F 238 41.86 23.81 10.02
N ILE F 239 42.18 23.80 8.73
CA ILE F 239 41.25 23.45 7.66
C ILE F 239 41.96 22.52 6.69
N ASN F 240 41.26 21.46 6.27
CA ASN F 240 41.80 20.51 5.31
C ASN F 240 40.77 20.28 4.21
N PHE F 241 41.19 20.47 2.96
CA PHE F 241 40.34 20.24 1.80
C PHE F 241 41.01 19.20 0.91
N ASP F 242 40.30 18.10 0.66
CA ASP F 242 40.82 17.00 -0.14
C ASP F 242 39.93 16.76 -1.33
N ALA F 243 40.52 16.63 -2.51
CA ALA F 243 39.80 16.33 -3.73
C ALA F 243 40.42 15.09 -4.38
N SER F 244 39.59 14.31 -5.05
CA SER F 244 40.04 13.07 -5.67
C SER F 244 39.14 12.70 -6.83
N VAL F 245 39.75 12.42 -7.98
CA VAL F 245 39.03 11.96 -9.16
C VAL F 245 39.68 10.67 -9.65
N SER F 246 38.88 9.64 -9.86
CA SER F 246 39.41 8.32 -10.19
C SER F 246 38.61 7.70 -11.33
N ALA F 247 39.29 6.88 -12.12
CA ALA F 247 38.67 6.09 -13.17
C ALA F 247 38.84 4.61 -12.82
N SER F 248 37.75 3.87 -12.87
CA SER F 248 37.74 2.44 -12.56
C SER F 248 37.50 1.66 -13.82
N MET F 249 38.41 0.72 -14.13
CA MET F 249 38.34 -0.10 -15.32
C MET F 249 38.09 -1.55 -14.92
N TYR F 250 37.23 -2.21 -15.70
CA TYR F 250 36.85 -3.59 -15.44
C TYR F 250 37.94 -4.51 -15.99
N GLN F 251 38.61 -5.24 -15.11
CA GLN F 251 39.75 -6.07 -15.48
C GLN F 251 39.43 -7.55 -15.56
N SER F 252 38.52 -8.05 -14.73
CA SER F 252 38.21 -9.49 -14.68
C SER F 252 37.17 -9.83 -15.75
N LYS F 253 37.49 -9.51 -16.99
CA LYS F 253 36.60 -9.76 -18.12
C LYS F 253 36.60 -11.25 -18.43
N MET F 254 35.52 -11.94 -18.09
CA MET F 254 35.41 -13.36 -18.39
C MET F 254 35.40 -13.57 -19.89
N ASN F 255 36.21 -14.52 -20.35
CA ASN F 255 36.34 -14.82 -21.77
C ASN F 255 35.26 -15.82 -22.16
N VAL F 256 34.21 -15.35 -22.83
CA VAL F 256 33.12 -16.20 -23.26
C VAL F 256 33.25 -16.43 -24.76
N LEU F 257 32.59 -17.50 -25.23
CA LEU F 257 32.65 -17.85 -26.63
C LEU F 257 31.91 -16.83 -27.49
N ASN F 258 32.49 -16.51 -28.64
CA ASN F 258 31.81 -15.68 -29.63
C ASN F 258 30.86 -16.56 -30.44
N THR F 259 30.32 -16.02 -31.53
CA THR F 259 29.38 -16.80 -32.34
C THR F 259 30.07 -17.99 -32.99
N GLU F 260 31.22 -17.76 -33.63
CA GLU F 260 31.93 -18.84 -34.30
C GLU F 260 32.42 -19.88 -33.29
N GLN F 261 32.96 -19.42 -32.16
CA GLN F 261 33.44 -20.36 -31.15
C GLN F 261 32.29 -21.18 -30.56
N TYR F 262 31.15 -20.54 -30.33
CA TYR F 262 29.98 -21.26 -29.83
C TYR F 262 29.52 -22.31 -30.84
N GLY F 263 29.48 -21.96 -32.11
CA GLY F 263 29.12 -22.93 -33.13
C GLY F 263 30.11 -24.09 -33.20
N ARG F 264 31.40 -23.79 -33.10
CA ARG F 264 32.41 -24.84 -33.14
C ARG F 264 32.28 -25.78 -31.94
N ALA F 265 32.03 -25.22 -30.76
CA ALA F 265 31.83 -26.06 -29.58
C ALA F 265 30.58 -26.92 -29.72
N MET F 266 29.51 -26.35 -30.26
CA MET F 266 28.30 -27.13 -30.51
C MET F 266 28.58 -28.29 -31.45
N TRP F 267 29.30 -28.02 -32.55
CA TRP F 267 29.61 -29.07 -33.51
C TRP F 267 30.50 -30.14 -32.87
N GLN F 268 31.47 -29.72 -32.07
CA GLN F 268 32.34 -30.70 -31.41
C GLN F 268 31.56 -31.58 -30.46
N ALA F 269 30.65 -30.99 -29.68
CA ALA F 269 29.83 -31.79 -28.79
C ALA F 269 28.96 -32.77 -29.56
N TYR F 270 28.36 -32.31 -30.67
CA TYR F 270 27.50 -33.19 -31.46
C TYR F 270 28.30 -34.36 -32.04
N VAL F 271 29.48 -34.08 -32.60
CA VAL F 271 30.24 -35.17 -33.22
C VAL F 271 30.80 -36.11 -32.15
N ASN F 272 31.11 -35.59 -30.96
CA ASN F 272 31.53 -36.47 -29.87
C ASN F 272 30.40 -37.38 -29.43
N ASP F 273 29.17 -36.85 -29.34
CA ASP F 273 28.04 -37.69 -28.99
C ASP F 273 27.58 -38.59 -30.13
N GLY F 274 28.03 -38.33 -31.34
CA GLY F 274 27.68 -39.16 -32.48
C GLY F 274 26.43 -38.73 -33.23
N GLU F 275 25.74 -37.70 -32.78
CA GLU F 275 24.55 -37.21 -33.47
C GLU F 275 24.95 -36.32 -34.64
N ASN F 276 23.97 -35.97 -35.45
CA ASN F 276 24.22 -35.13 -36.62
C ASN F 276 24.20 -33.66 -36.22
N PRO F 277 25.33 -32.94 -36.36
CA PRO F 277 25.34 -31.53 -35.96
C PRO F 277 24.33 -30.68 -36.73
N ASN F 278 24.06 -31.01 -37.99
CA ASN F 278 23.08 -30.26 -38.76
C ASN F 278 21.69 -30.35 -38.17
N GLY F 279 21.45 -31.31 -37.28
CA GLY F 279 20.20 -31.40 -36.57
C GLY F 279 20.11 -30.54 -35.34
N ASN F 280 21.04 -29.59 -35.16
CA ASN F 280 21.02 -28.73 -33.99
C ASN F 280 19.75 -27.87 -33.94
N ALA F 281 19.19 -27.54 -35.10
CA ALA F 281 17.98 -26.73 -35.21
C ALA F 281 18.14 -25.38 -34.52
N LEU F 282 19.33 -24.79 -34.65
CA LEU F 282 19.60 -23.45 -34.15
C LEU F 282 20.09 -22.51 -35.24
N GLY F 283 19.77 -22.81 -36.49
CA GLY F 283 20.20 -21.98 -37.60
C GLY F 283 21.64 -22.18 -38.03
N TYR F 284 22.32 -23.20 -37.51
CA TYR F 284 23.71 -23.48 -37.85
C TYR F 284 23.76 -24.57 -38.90
N ALA F 285 24.56 -24.36 -39.94
CA ALA F 285 24.83 -25.37 -40.96
C ALA F 285 26.34 -25.60 -41.02
N TYR F 286 26.77 -26.83 -40.75
CA TYR F 286 28.18 -27.15 -40.63
C TYR F 286 28.64 -27.93 -41.85
N ASN F 287 29.74 -27.49 -42.46
CA ASN F 287 30.45 -28.25 -43.48
C ASN F 287 31.63 -28.92 -42.79
N TRP F 288 31.64 -30.25 -42.81
CA TRP F 288 32.61 -31.00 -42.03
C TRP F 288 32.89 -32.33 -42.71
N GLY F 289 34.02 -32.92 -42.34
CA GLY F 289 34.42 -34.21 -42.89
C GLY F 289 35.25 -35.03 -41.92
N TYR F 290 35.95 -36.03 -42.44
CA TYR F 290 36.79 -36.89 -41.62
C TYR F 290 38.22 -36.84 -42.12
N ASN F 291 39.16 -37.03 -41.20
CA ASN F 291 40.57 -37.05 -41.54
C ASN F 291 40.99 -38.48 -41.86
N ALA F 292 42.31 -38.71 -41.94
CA ALA F 292 42.81 -40.05 -42.22
C ALA F 292 42.46 -41.01 -41.10
N ASP F 293 42.54 -40.56 -39.85
CA ASP F 293 42.26 -41.40 -38.70
C ASP F 293 40.78 -41.48 -38.37
N GLY F 294 39.93 -40.79 -39.12
CA GLY F 294 38.50 -40.83 -38.87
C GLY F 294 37.99 -39.83 -37.85
N ASN F 295 38.87 -39.01 -37.28
CA ASN F 295 38.42 -38.00 -36.33
C ASN F 295 37.73 -36.87 -37.09
N PRO F 296 36.50 -36.51 -36.72
CA PRO F 296 35.79 -35.45 -37.44
C PRO F 296 36.52 -34.12 -37.37
N VAL F 297 36.47 -33.39 -38.48
CA VAL F 297 37.02 -32.05 -38.57
C VAL F 297 35.98 -31.14 -39.21
N LEU F 298 35.99 -29.87 -38.81
CA LEU F 298 34.98 -28.90 -39.22
C LEU F 298 35.62 -27.92 -40.20
N TYR F 299 35.28 -28.06 -41.48
CA TYR F 299 35.85 -27.17 -42.49
C TYR F 299 35.27 -25.77 -42.39
N GLY F 300 33.96 -25.66 -42.17
CA GLY F 300 33.35 -24.34 -42.10
C GLY F 300 31.96 -24.39 -41.52
N MET F 301 31.40 -23.20 -41.32
CA MET F 301 30.08 -23.06 -40.75
C MET F 301 29.36 -21.87 -41.37
N THR F 302 28.03 -21.93 -41.37
CA THR F 302 27.18 -20.85 -41.85
C THR F 302 26.00 -20.72 -40.91
N LEU F 303 25.39 -19.54 -40.90
CA LEU F 303 24.30 -19.24 -40.00
C LEU F 303 23.14 -18.60 -40.76
N SER F 304 21.93 -18.91 -40.31
CA SER F 304 20.76 -18.20 -40.82
C SER F 304 20.81 -16.75 -40.37
N LYS F 305 20.50 -15.83 -41.29
CA LYS F 305 20.61 -14.42 -40.97
C LYS F 305 19.65 -14.02 -39.85
N TYR F 306 18.42 -14.54 -39.90
CA TYR F 306 17.41 -14.22 -38.90
C TYR F 306 17.11 -15.47 -38.07
N LEU F 307 17.16 -15.30 -36.75
CA LEU F 307 16.92 -16.41 -35.84
C LEU F 307 15.45 -16.81 -35.75
N ASP F 308 14.54 -16.00 -36.29
CA ASP F 308 13.12 -16.27 -36.22
C ASP F 308 12.52 -16.24 -37.62
N SER F 309 11.40 -16.93 -37.78
CA SER F 309 10.72 -16.99 -39.07
C SER F 309 10.15 -15.63 -39.47
N LYS F 310 9.97 -14.72 -38.53
CA LYS F 310 9.43 -13.40 -38.83
C LYS F 310 10.50 -12.41 -39.29
N ASN F 311 11.77 -12.83 -39.35
CA ASN F 311 12.86 -11.98 -39.80
C ASN F 311 12.97 -10.71 -38.96
N THR F 312 12.78 -10.84 -37.65
CA THR F 312 12.85 -9.72 -36.73
C THR F 312 14.06 -9.74 -35.81
N MET F 313 14.84 -10.82 -35.80
CA MET F 313 15.98 -10.97 -34.90
C MET F 313 17.20 -11.37 -35.73
N PRO F 314 17.88 -10.40 -36.33
CA PRO F 314 19.09 -10.72 -37.11
C PRO F 314 20.18 -11.28 -36.23
N VAL F 315 20.98 -12.18 -36.79
CA VAL F 315 22.10 -12.77 -36.06
C VAL F 315 23.26 -11.81 -36.08
N ALA F 316 23.98 -11.71 -34.96
CA ALA F 316 25.12 -10.82 -34.88
C ALA F 316 26.04 -11.30 -33.76
N ASP F 317 27.28 -10.83 -33.81
CA ASP F 317 28.27 -11.14 -32.79
C ASP F 317 28.23 -10.04 -31.72
N THR F 318 27.88 -10.41 -30.50
CA THR F 318 27.68 -9.46 -29.41
C THR F 318 28.62 -9.79 -28.26
N ASP F 319 29.31 -8.77 -27.76
CA ASP F 319 30.15 -8.88 -26.57
C ASP F 319 29.32 -8.38 -25.40
N TRP F 320 28.66 -9.31 -24.70
CA TRP F 320 27.73 -8.94 -23.64
C TRP F 320 28.44 -8.26 -22.48
N PHE F 321 29.62 -8.75 -22.10
CA PHE F 321 30.34 -8.13 -20.99
C PHE F 321 30.74 -6.70 -21.32
N ASP F 322 31.24 -6.47 -22.53
CA ASP F 322 31.59 -5.12 -22.94
C ASP F 322 30.35 -4.23 -23.03
N GLU F 323 29.23 -4.80 -23.48
CA GLU F 323 28.00 -4.03 -23.60
C GLU F 323 27.49 -3.59 -22.24
N ILE F 324 27.54 -4.47 -21.23
CA ILE F 324 27.02 -4.11 -19.92
C ILE F 324 28.04 -3.37 -19.05
N THR F 325 29.32 -3.42 -19.40
CA THR F 325 30.34 -2.76 -18.61
C THR F 325 30.75 -1.43 -19.23
N ARG F 326 31.40 -0.61 -18.42
CA ARG F 326 31.85 0.72 -18.84
C ARG F 326 33.07 1.10 -18.02
N THR F 327 33.45 2.37 -18.10
CA THR F 327 34.56 2.92 -17.32
C THR F 327 33.96 3.80 -16.23
N GLY F 328 34.02 3.33 -14.99
CA GLY F 328 33.38 4.05 -13.91
C GLY F 328 34.16 5.27 -13.47
N VAL F 329 33.44 6.23 -12.89
CA VAL F 329 34.03 7.49 -12.43
C VAL F 329 33.79 7.60 -10.92
N ILE F 330 34.82 8.01 -10.20
CA ILE F 330 34.76 8.20 -8.75
C ILE F 330 35.17 9.64 -8.45
N GLN F 331 34.32 10.32 -7.69
CA GLN F 331 34.58 11.69 -7.27
C GLN F 331 34.53 11.76 -5.75
N GLN F 332 35.45 12.52 -5.15
CA GLN F 332 35.48 12.67 -3.71
C GLN F 332 35.93 14.09 -3.37
N TYR F 333 35.16 14.75 -2.51
CA TYR F 333 35.49 16.11 -2.07
C TYR F 333 35.17 16.22 -0.59
N ASN F 334 36.18 16.44 0.23
CA ASN F 334 36.04 16.56 1.68
C ASN F 334 36.58 17.90 2.15
N LEU F 335 35.91 18.50 3.12
CA LEU F 335 36.30 19.80 3.66
C LEU F 335 36.04 19.79 5.16
N SER F 336 37.11 19.81 5.96
CA SER F 336 37.00 19.76 7.40
C SER F 336 37.64 20.98 8.02
N VAL F 337 36.99 21.53 9.05
CA VAL F 337 37.50 22.68 9.78
C VAL F 337 37.41 22.38 11.26
N SER F 338 38.54 22.44 11.96
CA SER F 338 38.58 22.18 13.39
C SER F 338 39.13 23.40 14.12
N ASN F 339 38.64 23.61 15.33
CA ASN F 339 39.09 24.73 16.16
C ASN F 339 39.06 24.29 17.62
N GLY F 340 40.22 24.16 18.22
CA GLY F 340 40.32 23.64 19.59
C GLY F 340 40.97 24.63 20.53
N SER F 341 40.40 24.72 21.73
CA SER F 341 40.95 25.55 22.80
C SER F 341 40.71 24.84 24.12
N GLU F 342 41.49 25.24 25.14
CA GLU F 342 41.36 24.61 26.44
C GLU F 342 39.99 24.87 27.07
N LYS F 343 39.36 25.98 26.72
CA LYS F 343 38.05 26.32 27.23
C LYS F 343 36.91 25.72 26.41
N GLY F 344 37.21 25.23 25.21
CA GLY F 344 36.19 24.61 24.37
C GLY F 344 36.73 24.27 23.00
N SER F 345 36.12 23.30 22.33
CA SER F 345 36.60 22.88 21.02
C SER F 345 35.44 22.44 20.15
N SER F 346 35.67 22.45 18.84
CA SER F 346 34.63 22.09 17.88
C SER F 346 35.28 21.67 16.57
N PHE F 347 34.49 21.00 15.74
CA PHE F 347 34.94 20.44 14.49
C PHE F 347 33.73 20.27 13.58
N PHE F 348 33.90 20.61 12.31
CA PHE F 348 32.80 20.58 11.33
C PHE F 348 33.34 20.12 9.99
N SER F 349 32.81 19.02 9.48
CA SER F 349 33.29 18.41 8.25
C SER F 349 32.14 18.17 7.30
N LEU F 350 32.38 18.43 6.02
CA LEU F 350 31.47 18.12 4.93
C LEU F 350 32.16 17.19 3.95
N GLY F 351 31.37 16.30 3.35
CA GLY F 351 31.93 15.34 2.42
C GLY F 351 30.97 14.92 1.34
N TYR F 352 31.47 14.80 0.11
CA TYR F 352 30.68 14.33 -1.02
C TYR F 352 31.45 13.23 -1.72
N TYR F 353 30.80 12.09 -1.90
CA TYR F 353 31.39 10.94 -2.56
C TYR F 353 30.45 10.45 -3.65
N LYS F 354 31.02 10.00 -4.76
CA LYS F 354 30.21 9.47 -5.85
C LYS F 354 31.00 8.40 -6.57
N ASN F 355 30.35 7.26 -6.83
CA ASN F 355 31.00 6.13 -7.48
C ASN F 355 30.05 5.58 -8.52
N LEU F 356 30.52 5.49 -9.77
CA LEU F 356 29.79 4.81 -10.84
C LEU F 356 30.43 3.45 -11.05
N GLY F 357 29.65 2.39 -10.89
CA GLY F 357 30.19 1.06 -11.02
C GLY F 357 30.55 0.73 -12.45
N VAL F 358 31.36 -0.32 -12.60
CA VAL F 358 31.71 -0.79 -13.94
C VAL F 358 30.47 -1.27 -14.67
N ILE F 359 29.55 -1.91 -13.96
CA ILE F 359 28.28 -2.31 -14.55
C ILE F 359 27.42 -1.06 -14.76
N LYS F 360 26.84 -0.94 -15.96
CA LYS F 360 26.08 0.24 -16.30
C LYS F 360 24.84 0.37 -15.42
N ASP F 361 24.40 1.62 -15.24
CA ASP F 361 23.17 1.93 -14.51
C ASP F 361 23.25 1.51 -13.05
N THR F 362 24.46 1.46 -12.50
CA THR F 362 24.68 1.21 -11.08
C THR F 362 25.56 2.31 -10.53
N ASP F 363 25.14 2.93 -9.42
CA ASP F 363 25.90 4.05 -8.89
C ASP F 363 25.55 4.24 -7.42
N PHE F 364 26.38 5.02 -6.74
CA PHE F 364 26.20 5.26 -5.31
C PHE F 364 26.86 6.59 -4.96
N ASP F 365 26.08 7.54 -4.46
CA ASP F 365 26.63 8.82 -4.01
C ASP F 365 26.16 9.11 -2.58
N ARG F 366 26.95 9.90 -1.88
CA ARG F 366 26.74 10.13 -0.46
C ARG F 366 27.16 11.55 -0.09
N PHE F 367 26.29 12.24 0.64
CA PHE F 367 26.59 13.51 1.27
C PHE F 367 26.68 13.29 2.78
N SER F 368 27.74 13.78 3.39
CA SER F 368 27.98 13.58 4.82
C SER F 368 28.31 14.90 5.49
N ALA F 369 27.81 15.07 6.71
CA ALA F 369 28.08 16.28 7.49
C ALA F 369 28.26 15.86 8.95
N ARG F 370 29.44 16.11 9.50
CA ARG F 370 29.75 15.79 10.88
C ARG F 370 30.03 17.06 11.67
N MET F 371 29.45 17.15 12.86
CA MET F 371 29.63 18.30 13.75
C MET F 371 29.88 17.78 15.16
N ASN F 372 31.08 18.04 15.67
CA ASN F 372 31.44 17.65 17.03
C ASN F 372 31.82 18.90 17.81
N SER F 373 31.52 18.88 19.11
CA SER F 373 31.89 20.02 19.95
C SER F 373 31.95 19.56 21.40
N ASP F 374 32.64 20.37 22.21
CA ASP F 374 32.67 20.15 23.64
C ASP F 374 33.02 21.45 24.34
N TYR F 375 32.34 21.71 25.45
CA TYR F 375 32.51 22.94 26.21
C TYR F 375 32.70 22.58 27.68
N LYS F 376 33.76 23.10 28.28
CA LYS F 376 34.04 22.88 29.69
C LYS F 376 33.67 24.14 30.46
N LEU F 377 32.79 24.00 31.45
CA LEU F 377 32.34 25.14 32.23
C LEU F 377 33.10 25.22 33.55
N ILE F 378 32.77 26.24 34.34
CA ILE F 378 33.46 26.54 35.59
C ILE F 378 34.96 26.62 35.32
N ASP F 379 35.71 25.64 35.82
CA ASP F 379 37.12 25.50 35.49
C ASP F 379 37.39 24.19 34.76
N ASP F 380 37.02 23.06 35.35
CA ASP F 380 37.09 21.76 34.66
C ASP F 380 35.84 20.92 34.84
N ILE F 381 34.98 21.24 35.81
CA ILE F 381 33.73 20.51 35.97
C ILE F 381 32.77 20.87 34.86
N LEU F 382 31.73 20.04 34.69
CA LEU F 382 30.65 20.30 33.75
C LEU F 382 31.19 20.44 32.32
N THR F 383 31.68 19.31 31.81
CA THR F 383 32.11 19.21 30.42
C THR F 383 30.96 18.62 29.61
N ILE F 384 30.33 19.45 28.78
CA ILE F 384 29.20 19.04 27.96
C ILE F 384 29.68 18.94 26.52
N GLY F 385 29.57 17.74 25.93
CA GLY F 385 30.02 17.52 24.58
C GLY F 385 28.96 16.82 23.76
N GLN F 386 29.13 16.89 22.44
CA GLN F 386 28.21 16.24 21.52
C GLN F 386 28.94 15.90 20.23
N HIS F 387 28.49 14.82 19.60
CA HIS F 387 28.99 14.40 18.30
C HIS F 387 27.80 14.01 17.44
N PHE F 388 27.65 14.63 16.28
CA PHE F 388 26.53 14.37 15.41
C PHE F 388 27.01 14.17 13.98
N THR F 389 26.31 13.31 13.24
CA THR F 389 26.61 13.14 11.83
C THR F 389 25.34 12.79 11.08
N LEU F 390 25.20 13.41 9.90
CA LEU F 390 24.06 13.24 9.01
C LEU F 390 24.57 12.77 7.66
N ASN F 391 23.96 11.72 7.12
CA ASN F 391 24.39 11.15 5.85
C ASN F 391 23.17 10.92 4.97
N ARG F 392 23.29 11.27 3.69
CA ARG F 392 22.27 11.01 2.69
C ARG F 392 22.94 10.27 1.53
N THR F 393 22.59 9.00 1.36
CA THR F 393 23.19 8.15 0.34
C THR F 393 22.12 7.70 -0.64
N SER F 394 22.31 8.02 -1.91
CA SER F 394 21.42 7.57 -2.98
C SER F 394 22.14 6.51 -3.79
N GLU F 395 21.47 5.37 -4.00
CA GLU F 395 22.13 4.25 -4.64
C GLU F 395 21.19 3.53 -5.60
N VAL F 396 21.72 3.13 -6.74
CA VAL F 396 21.08 2.21 -7.68
C VAL F 396 21.98 1.00 -7.79
N GLN F 397 21.46 -0.17 -7.41
CA GLN F 397 22.22 -1.41 -7.35
C GLN F 397 21.97 -2.26 -8.59
N ALA F 398 22.95 -3.10 -8.90
CA ALA F 398 22.80 -4.03 -10.02
C ALA F 398 21.79 -5.11 -9.66
N PRO F 399 21.00 -5.58 -10.64
CA PRO F 399 20.09 -6.70 -10.37
C PRO F 399 20.85 -7.96 -10.03
N GLY F 400 20.23 -8.82 -9.24
CA GLY F 400 20.85 -10.06 -8.83
C GLY F 400 21.23 -10.97 -9.98
N GLY F 401 22.46 -11.45 -9.97
CA GLY F 401 22.93 -12.35 -11.00
C GLY F 401 22.99 -11.76 -12.39
N ILE F 402 23.34 -10.47 -12.51
CA ILE F 402 23.47 -9.86 -13.82
C ILE F 402 24.67 -10.44 -14.55
N ILE F 403 25.78 -10.67 -13.84
CA ILE F 403 26.93 -11.32 -14.45
C ILE F 403 26.59 -12.74 -14.88
N GLU F 404 25.81 -13.45 -14.05
CA GLU F 404 25.39 -14.79 -14.41
C GLU F 404 24.54 -14.78 -15.68
N THR F 405 23.60 -13.84 -15.78
CA THR F 405 22.77 -13.75 -16.98
C THR F 405 23.61 -13.40 -18.20
N ALA F 406 24.56 -12.48 -18.05
CA ALA F 406 25.42 -12.11 -19.17
C ALA F 406 26.25 -13.29 -19.64
N LEU F 407 26.78 -14.08 -18.72
CA LEU F 407 27.54 -15.26 -19.10
C LEU F 407 26.63 -16.30 -19.76
N ASP F 408 25.40 -16.46 -19.26
CA ASP F 408 24.52 -17.48 -19.79
C ASP F 408 24.06 -17.16 -21.20
N ILE F 409 23.69 -15.90 -21.46
CA ILE F 409 23.06 -15.56 -22.75
C ILE F 409 24.08 -15.75 -23.87
N PRO F 410 23.72 -16.42 -24.96
CA PRO F 410 24.67 -16.61 -26.06
C PRO F 410 24.97 -15.31 -26.77
N SER F 411 26.15 -15.26 -27.39
CA SER F 411 26.60 -14.07 -28.10
C SER F 411 25.87 -13.84 -29.40
N ALA F 412 25.13 -14.83 -29.91
CA ALA F 412 24.44 -14.68 -31.18
C ALA F 412 23.25 -13.74 -31.08
N ILE F 413 22.70 -13.54 -29.88
CA ILE F 413 21.53 -12.67 -29.73
C ILE F 413 21.95 -11.22 -29.95
N PRO F 414 21.29 -10.48 -30.84
CA PRO F 414 21.64 -9.07 -31.03
C PRO F 414 21.17 -8.23 -29.86
N VAL F 415 21.86 -7.09 -29.67
CA VAL F 415 21.46 -6.17 -28.61
C VAL F 415 20.11 -5.56 -28.93
N TYR F 416 19.91 -5.13 -30.18
CA TYR F 416 18.68 -4.50 -30.62
C TYR F 416 18.04 -5.33 -31.72
N ALA F 417 16.71 -5.32 -31.75
CA ALA F 417 15.96 -6.06 -32.76
C ALA F 417 15.97 -5.27 -34.06
N SER F 418 15.23 -5.77 -35.06
CA SER F 418 15.17 -5.09 -36.35
C SER F 418 14.51 -3.72 -36.23
N ASP F 419 13.46 -3.61 -35.43
CA ASP F 419 12.70 -2.37 -35.29
C ASP F 419 13.26 -1.46 -34.20
N GLY F 420 14.35 -1.83 -33.55
CA GLY F 420 14.95 -1.02 -32.51
C GLY F 420 14.68 -1.47 -31.10
N SER F 421 13.73 -2.38 -30.90
CA SER F 421 13.47 -2.90 -29.58
C SER F 421 14.60 -3.80 -29.11
N TRP F 422 14.62 -4.08 -27.82
CA TRP F 422 15.67 -4.91 -27.24
C TRP F 422 15.61 -6.32 -27.82
N GLY F 423 16.77 -6.83 -28.22
CA GLY F 423 16.82 -8.18 -28.75
C GLY F 423 16.59 -9.23 -27.69
N GLY F 424 16.07 -10.37 -28.13
CA GLY F 424 15.78 -11.46 -27.23
C GLY F 424 15.84 -12.81 -27.92
N PRO F 425 16.12 -13.86 -27.15
CA PRO F 425 16.20 -15.20 -27.74
C PRO F 425 14.85 -15.64 -28.30
N VAL F 426 14.90 -16.36 -29.43
CA VAL F 426 13.72 -16.89 -30.08
C VAL F 426 13.98 -18.33 -30.49
N GLY F 427 12.91 -19.06 -30.71
CA GLY F 427 13.03 -20.45 -31.15
C GLY F 427 13.71 -21.30 -30.10
N GLY F 428 14.73 -22.05 -30.52
CA GLY F 428 15.44 -22.96 -29.65
C GLY F 428 16.48 -22.35 -28.75
N TRP F 429 16.71 -21.05 -28.86
CA TRP F 429 17.68 -20.39 -28.01
C TRP F 429 17.20 -20.40 -26.56
N PRO F 430 18.12 -20.47 -25.60
CA PRO F 430 17.72 -20.53 -24.19
C PRO F 430 17.00 -19.26 -23.75
N ASP F 431 16.07 -19.41 -22.81
CA ASP F 431 15.26 -18.30 -22.32
C ASP F 431 16.05 -17.52 -21.28
N ARG F 432 16.88 -16.60 -21.77
CA ARG F 432 17.65 -15.71 -20.92
C ARG F 432 17.36 -14.27 -21.33
N ARG F 433 17.07 -13.43 -20.34
CA ARG F 433 16.76 -12.04 -20.63
C ARG F 433 18.00 -11.29 -21.08
N ASN F 434 17.79 -10.21 -21.80
CA ASN F 434 18.88 -9.37 -22.26
C ASN F 434 19.47 -8.61 -21.08
N PRO F 435 20.76 -8.79 -20.77
CA PRO F 435 21.34 -8.05 -19.64
C PRO F 435 21.29 -6.55 -19.82
N ARG F 436 21.49 -6.06 -21.04
CA ARG F 436 21.41 -4.62 -21.27
C ARG F 436 20.01 -4.10 -21.02
N ALA F 437 18.99 -4.83 -21.48
CA ALA F 437 17.62 -4.42 -21.22
C ALA F 437 17.30 -4.48 -19.73
N VAL F 438 17.82 -5.49 -19.04
CA VAL F 438 17.58 -5.59 -17.60
C VAL F 438 18.18 -4.40 -16.88
N LEU F 439 19.41 -4.04 -17.24
CA LEU F 439 20.04 -2.87 -16.62
C LEU F 439 19.28 -1.59 -16.94
N GLU F 440 18.83 -1.45 -18.18
CA GLU F 440 18.08 -0.26 -18.57
C GLU F 440 16.78 -0.15 -17.78
N TYR F 441 16.10 -1.27 -17.56
CA TYR F 441 14.85 -1.23 -16.80
C TYR F 441 15.10 -1.04 -15.31
N ASN F 442 16.24 -1.51 -14.81
CA ASN F 442 16.56 -1.39 -13.39
C ASN F 442 17.22 -0.07 -13.03
N LYS F 443 17.60 0.73 -14.03
CA LYS F 443 18.27 2.00 -13.75
C LYS F 443 17.42 2.95 -12.90
N ASP F 444 16.11 2.77 -12.86
CA ASP F 444 15.24 3.65 -12.10
C ASP F 444 14.98 3.17 -10.68
N ASN F 445 15.54 2.03 -10.28
CA ASN F 445 15.35 1.51 -8.93
C ASN F 445 16.37 2.15 -7.99
N ARG F 446 16.14 3.43 -7.71
CA ARG F 446 17.04 4.24 -6.89
C ARG F 446 16.46 4.38 -5.48
N TYR F 447 17.30 4.15 -4.47
CA TYR F 447 16.86 4.26 -3.09
C TYR F 447 17.68 5.30 -2.35
N THR F 448 17.03 6.05 -1.47
CA THR F 448 17.65 7.11 -0.69
C THR F 448 17.65 6.73 0.78
N TYR F 449 18.82 6.83 1.42
CA TYR F 449 19.02 6.39 2.78
C TYR F 449 19.55 7.56 3.60
N TRP F 450 18.83 7.92 4.65
CA TRP F 450 19.20 8.99 5.56
C TRP F 450 19.66 8.36 6.87
N ARG F 451 20.92 8.56 7.21
CA ARG F 451 21.51 8.04 8.45
C ARG F 451 21.76 9.21 9.39
N MET F 452 21.46 8.99 10.68
CA MET F 452 21.59 10.01 11.70
C MET F 452 22.25 9.35 12.91
N PHE F 453 23.48 9.75 13.20
CA PHE F 453 24.22 9.18 14.33
C PHE F 453 24.62 10.33 15.24
N GLY F 454 23.94 10.45 16.39
CA GLY F 454 24.19 11.53 17.30
C GLY F 454 24.39 11.03 18.71
N ASP F 455 25.07 11.83 19.51
CA ASP F 455 25.30 11.51 20.91
C ASP F 455 25.62 12.79 21.66
N ALA F 456 25.13 12.89 22.89
CA ALA F 456 25.41 14.02 23.76
C ALA F 456 25.77 13.48 25.13
N TYR F 457 26.89 13.95 25.67
CA TYR F 457 27.38 13.47 26.95
C TYR F 457 27.68 14.65 27.88
N VAL F 458 27.49 14.41 29.16
CA VAL F 458 27.80 15.37 30.22
C VAL F 458 28.73 14.70 31.22
N ASN F 459 29.82 15.38 31.57
CA ASN F 459 30.82 14.86 32.49
C ASN F 459 30.93 15.80 33.68
N LEU F 460 30.80 15.25 34.87
CA LEU F 460 30.90 15.99 36.12
C LEU F 460 32.14 15.52 36.88
N THR F 461 32.88 16.47 37.45
CA THR F 461 34.14 16.20 38.13
C THR F 461 34.09 16.79 39.52
N PRO F 462 33.47 16.09 40.48
CA PRO F 462 33.39 16.63 41.84
C PRO F 462 34.74 16.93 42.48
N PHE F 463 35.74 16.09 42.23
CA PHE F 463 37.10 16.36 42.70
C PHE F 463 38.07 15.72 41.72
N LYS F 464 39.34 15.62 42.14
CA LYS F 464 40.41 15.26 41.21
C LYS F 464 40.21 13.86 40.63
N GLY F 465 39.80 12.91 41.45
CA GLY F 465 39.72 11.52 41.04
C GLY F 465 38.36 10.99 40.67
N PHE F 466 37.33 11.83 40.63
CA PHE F 466 35.97 11.38 40.38
C PHE F 466 35.45 11.91 39.05
N ASN F 467 34.79 11.05 38.29
CA ASN F 467 34.17 11.43 37.03
C ASN F 467 32.83 10.74 36.91
N LEU F 468 31.79 11.52 36.61
CA LEU F 468 30.44 11.02 36.37
C LEU F 468 30.07 11.34 34.93
N ARG F 469 29.93 10.32 34.10
CA ARG F 469 29.64 10.50 32.68
C ARG F 469 28.25 9.98 32.38
N SER F 470 27.42 10.83 31.78
CA SER F 470 26.09 10.45 31.33
C SER F 470 25.97 10.74 29.85
N THR F 471 25.71 9.69 29.06
CA THR F 471 25.70 9.79 27.60
C THR F 471 24.35 9.33 27.07
N PHE F 472 23.78 10.10 26.16
CA PHE F 472 22.54 9.75 25.47
C PHE F 472 22.82 9.71 23.98
N GLY F 473 22.57 8.56 23.35
CA GLY F 473 22.80 8.37 21.94
C GLY F 473 21.52 8.34 21.13
N LEU F 474 21.69 8.31 19.82
CA LEU F 474 20.55 8.28 18.90
C LEU F 474 21.04 7.81 17.53
N ASP F 475 20.33 6.84 16.96
CA ASP F 475 20.66 6.30 15.64
C ASP F 475 19.35 6.18 14.87
N TYR F 476 19.10 7.13 13.97
CA TYR F 476 17.88 7.15 13.17
C TYR F 476 18.22 6.88 11.71
N ALA F 477 17.63 5.84 11.15
CA ALA F 477 17.88 5.48 9.76
C ALA F 477 16.54 5.41 9.02
N ASN F 478 16.49 6.06 7.86
CA ASN F 478 15.27 6.15 7.06
C ASN F 478 15.62 5.81 5.62
N LYS F 479 15.12 4.68 5.14
CA LYS F 479 15.38 4.23 3.77
C LYS F 479 14.08 4.27 2.97
N GLN F 480 14.12 4.96 1.84
CA GLN F 480 12.96 5.10 0.97
C GLN F 480 13.34 4.65 -0.43
N ALA F 481 12.58 3.71 -0.99
CA ALA F 481 12.85 3.17 -2.32
C ALA F 481 11.54 3.12 -3.10
N ARG F 482 11.67 3.20 -4.42
CA ARG F 482 10.53 3.13 -5.33
C ARG F 482 10.92 2.24 -6.51
N TYR F 483 10.65 0.94 -6.38
CA TYR F 483 10.97 0.00 -7.42
C TYR F 483 9.93 0.03 -8.53
N PHE F 484 10.37 -0.26 -9.75
CA PHE F 484 9.51 -0.27 -10.92
C PHE F 484 9.66 -1.61 -11.64
N THR F 485 8.60 -2.01 -12.34
CA THR F 485 8.58 -3.24 -13.14
C THR F 485 7.99 -2.89 -14.50
N TYR F 486 8.84 -2.47 -15.42
CA TYR F 486 8.38 -2.15 -16.76
C TYR F 486 8.05 -3.42 -17.54
N PRO F 487 6.99 -3.43 -18.34
CA PRO F 487 6.76 -4.56 -19.23
C PRO F 487 7.89 -4.70 -20.24
N TYR F 488 8.26 -5.95 -20.51
CA TYR F 488 9.33 -6.24 -21.45
C TYR F 488 8.90 -7.35 -22.39
N GLN F 489 9.38 -7.28 -23.63
CA GLN F 489 9.09 -8.30 -24.65
C GLN F 489 10.37 -8.48 -25.46
N GLU F 490 11.19 -9.43 -25.05
CA GLU F 490 12.47 -9.73 -25.70
C GLU F 490 12.32 -11.08 -26.39
N GLY F 491 11.86 -11.05 -27.63
CA GLY F 491 11.61 -12.29 -28.34
C GLY F 491 10.56 -13.13 -27.62
N THR F 492 10.87 -14.41 -27.42
CA THR F 492 9.94 -15.29 -26.72
C THR F 492 9.90 -15.01 -25.22
N GLN F 493 10.87 -14.27 -24.69
CA GLN F 493 10.93 -13.97 -23.27
C GLN F 493 10.19 -12.68 -22.98
N THR F 494 9.10 -12.78 -22.23
CA THR F 494 8.28 -11.61 -21.92
C THR F 494 7.50 -11.88 -20.64
N ASN F 495 6.97 -10.81 -20.07
CA ASN F 495 6.16 -10.88 -18.85
C ASN F 495 4.68 -10.56 -19.12
N ASN F 496 4.23 -10.76 -20.36
CA ASN F 496 2.83 -10.56 -20.74
C ASN F 496 2.37 -9.13 -20.45
N GLY F 497 3.25 -8.16 -20.70
CA GLY F 497 2.89 -6.77 -20.54
C GLY F 497 2.52 -6.37 -19.13
N LYS F 498 3.28 -6.83 -18.15
CA LYS F 498 3.00 -6.54 -16.74
C LYS F 498 3.73 -5.27 -16.34
N SER F 499 2.97 -4.29 -15.83
CA SER F 499 3.53 -3.05 -15.32
C SER F 499 3.17 -2.91 -13.85
N ALA F 500 4.16 -2.60 -13.02
CA ALA F 500 3.95 -2.51 -11.59
C ALA F 500 4.90 -1.51 -10.97
N VAL F 501 4.52 -1.02 -9.81
CA VAL F 501 5.33 -0.09 -9.02
C VAL F 501 5.29 -0.50 -7.56
N GLU F 502 6.42 -0.35 -6.89
CA GLU F 502 6.55 -0.65 -5.47
C GLU F 502 7.10 0.57 -4.76
N ALA F 503 6.46 0.95 -3.66
CA ALA F 503 6.90 2.06 -2.82
C ALA F 503 7.19 1.51 -1.44
N LYS F 504 8.46 1.41 -1.08
CA LYS F 504 8.89 0.79 0.16
C LYS F 504 9.55 1.83 1.06
N GLN F 505 9.18 1.80 2.35
CA GLN F 505 9.73 2.72 3.34
C GLN F 505 10.17 1.92 4.55
N GLU F 506 11.33 2.26 5.09
CA GLU F 506 11.87 1.60 6.26
C GLU F 506 12.35 2.62 7.28
N HIS F 507 12.30 2.23 8.55
CA HIS F 507 12.72 3.09 9.65
C HIS F 507 13.50 2.26 10.66
N TRP F 508 14.65 2.78 11.09
CA TRP F 508 15.44 2.20 12.17
C TRP F 508 15.68 3.27 13.21
N THR F 509 15.48 2.95 14.48
CA THR F 509 15.65 3.92 15.56
C THR F 509 16.23 3.20 16.77
N LYS F 510 17.51 3.42 17.04
CA LYS F 510 18.19 2.85 18.20
C LYS F 510 18.69 3.99 19.08
N TRP F 511 18.32 3.95 20.36
CA TRP F 511 18.75 4.98 21.31
C TRP F 511 19.30 4.33 22.56
N MET F 512 20.37 4.93 23.09
CA MET F 512 21.10 4.40 24.24
C MET F 512 21.30 5.50 25.27
N TRP F 513 21.10 5.14 26.55
CA TRP F 513 21.37 6.01 27.67
C TRP F 513 22.41 5.35 28.56
N ASN F 514 23.39 6.14 29.01
CA ASN F 514 24.52 5.60 29.75
C ASN F 514 24.75 6.42 31.02
N ALA F 515 25.29 5.76 32.04
CA ALA F 515 25.70 6.42 33.27
C ALA F 515 26.95 5.73 33.79
N ILE F 516 28.06 6.45 33.80
CA ILE F 516 29.36 5.89 34.13
C ILE F 516 29.99 6.68 35.27
N ALA F 517 30.46 5.98 36.29
CA ALA F 517 31.22 6.58 37.39
C ALA F 517 32.61 5.97 37.39
N THR F 518 33.63 6.83 37.29
CA THR F 518 35.02 6.40 37.21
C THR F 518 35.83 7.05 38.31
N TYR F 519 36.64 6.25 39.00
CA TYR F 519 37.53 6.73 40.03
C TYR F 519 38.95 6.28 39.74
N GLN F 520 39.91 7.17 39.93
CA GLN F 520 41.32 6.88 39.68
C GLN F 520 42.15 7.26 40.90
N LEU F 521 43.20 6.47 41.14
CA LEU F 521 44.09 6.68 42.26
C LEU F 521 45.52 6.39 41.82
N GLU F 522 46.45 7.23 42.28
CA GLU F 522 47.86 7.14 41.91
C GLU F 522 48.74 7.26 43.15
N VAL F 523 48.40 6.50 44.18
CA VAL F 523 49.16 6.54 45.43
C VAL F 523 50.45 5.73 45.25
N GLY F 524 51.59 6.38 45.40
CA GLY F 524 52.86 5.71 45.26
C GLY F 524 53.04 5.11 43.89
N LYS F 525 53.47 3.85 43.86
CA LYS F 525 53.65 3.12 42.61
C LYS F 525 52.37 2.44 42.13
N HIS F 526 51.27 2.57 42.89
CA HIS F 526 50.02 1.90 42.55
C HIS F 526 49.16 2.82 41.71
N ARG F 527 48.68 2.29 40.58
CA ARG F 527 47.77 3.03 39.70
C ARG F 527 46.49 2.20 39.59
N GLY F 528 45.40 2.69 40.18
CA GLY F 528 44.17 1.92 40.20
C GLY F 528 42.96 2.70 39.74
N ASP F 529 42.22 2.15 38.78
CA ASP F 529 41.00 2.78 38.28
C ASP F 529 39.84 1.81 38.38
N VAL F 530 38.69 2.31 38.84
CA VAL F 530 37.48 1.53 39.01
C VAL F 530 36.34 2.25 38.31
N MET F 531 35.60 1.52 37.47
CA MET F 531 34.51 2.09 36.70
C MET F 531 33.25 1.26 36.92
N ILE F 532 32.13 1.93 37.20
CA ILE F 532 30.83 1.29 37.38
C ILE F 532 29.85 1.98 36.45
N GLY F 533 29.15 1.20 35.63
CA GLY F 533 28.31 1.78 34.60
C GLY F 533 26.98 1.05 34.46
N MET F 534 25.98 1.83 34.07
CA MET F 534 24.65 1.34 33.74
C MET F 534 24.28 1.80 32.34
N GLU F 535 23.73 0.88 31.53
CA GLU F 535 23.43 1.16 30.14
C GLU F 535 22.05 0.65 29.79
N LEU F 536 21.30 1.45 29.04
CA LEU F 536 20.00 1.06 28.52
C LEU F 536 20.01 1.28 27.01
N ASN F 537 19.64 0.25 26.26
CA ASN F 537 19.55 0.33 24.81
C ASN F 537 18.16 -0.08 24.35
N ARG F 538 17.60 0.65 23.39
CA ARG F 538 16.33 0.26 22.81
C ARG F 538 16.38 0.49 21.32
N GLU F 539 16.07 -0.55 20.55
CA GLU F 539 16.04 -0.47 19.10
C GLU F 539 14.67 -0.85 18.59
N ASP F 540 14.13 -0.05 17.68
CA ASP F 540 12.85 -0.30 17.04
C ASP F 540 13.02 -0.18 15.53
N ASP F 541 12.57 -1.18 14.80
CA ASP F 541 12.66 -1.21 13.35
C ASP F 541 11.27 -1.44 12.78
N SER F 542 11.00 -0.82 11.63
CA SER F 542 9.72 -1.00 10.98
C SER F 542 9.89 -0.81 9.49
N HIS F 543 8.95 -1.35 8.72
CA HIS F 543 8.95 -1.14 7.28
C HIS F 543 7.56 -1.42 6.74
N PHE F 544 7.22 -0.74 5.64
CA PHE F 544 5.95 -0.96 4.98
C PHE F 544 6.08 -0.59 3.51
N SER F 545 5.36 -1.31 2.67
CA SER F 545 5.45 -1.17 1.22
C SER F 545 4.08 -1.25 0.59
N GLY F 546 3.86 -0.41 -0.42
CA GLY F 546 2.67 -0.46 -1.26
C GLY F 546 3.04 -0.95 -2.64
N TYR F 547 2.09 -1.60 -3.31
CA TYR F 547 2.33 -2.20 -4.61
C TYR F 547 1.13 -1.96 -5.50
N LYS F 548 1.38 -1.40 -6.69
CA LYS F 548 0.31 -1.04 -7.62
C LYS F 548 0.65 -1.55 -9.01
N GLU F 549 -0.37 -1.69 -9.85
CA GLU F 549 -0.20 -2.22 -11.20
C GLU F 549 -1.04 -1.40 -12.18
N ASP F 550 -1.09 -1.86 -13.43
CA ASP F 550 -1.95 -1.31 -14.48
C ASP F 550 -1.62 0.17 -14.74
N PHE F 551 -0.43 0.38 -15.27
CA PHE F 551 0.04 1.71 -15.66
C PHE F 551 0.07 1.81 -17.18
N SER F 552 0.08 3.06 -17.66
CA SER F 552 0.04 3.35 -19.10
C SER F 552 1.28 4.06 -19.60
N ILE F 553 1.67 5.16 -18.95
CA ILE F 553 2.77 5.98 -19.47
C ILE F 553 4.10 5.25 -19.33
N LEU F 554 4.31 4.56 -18.22
CA LEU F 554 5.54 3.82 -17.94
C LEU F 554 6.75 4.76 -17.94
N THR F 555 6.70 5.74 -17.05
CA THR F 555 7.76 6.72 -16.87
C THR F 555 7.89 6.98 -15.37
N PRO F 556 9.13 7.00 -14.85
CA PRO F 556 9.30 7.05 -13.39
C PRO F 556 8.57 8.19 -12.71
N ASP F 557 8.50 9.36 -13.34
CA ASP F 557 7.76 10.47 -12.74
C ASP F 557 6.26 10.28 -12.79
N TYR F 558 5.76 9.29 -13.52
CA TYR F 558 4.33 9.00 -13.59
C TYR F 558 3.93 7.76 -12.80
N MET F 559 4.85 6.83 -12.59
CA MET F 559 4.52 5.59 -11.89
C MET F 559 4.31 5.86 -10.40
N TRP F 560 3.05 6.08 -10.02
CA TRP F 560 2.68 6.29 -8.62
C TRP F 560 1.40 5.53 -8.34
N PRO F 561 1.19 5.09 -7.09
CA PRO F 561 -0.01 4.29 -6.79
C PRO F 561 -1.31 4.99 -7.13
N ASP F 562 -1.39 6.31 -6.98
CA ASP F 562 -2.61 7.02 -7.36
C ASP F 562 -2.85 6.91 -8.86
N ALA F 563 -1.80 7.06 -9.66
CA ALA F 563 -1.95 6.92 -11.11
C ALA F 563 -2.31 5.49 -11.49
N GLY F 564 -1.77 4.51 -10.77
CA GLY F 564 -2.08 3.13 -11.07
C GLY F 564 -3.54 2.81 -10.83
N SER F 565 -4.08 1.92 -11.66
CA SER F 565 -5.48 1.52 -11.60
C SER F 565 -5.62 0.01 -11.70
N GLY F 566 -4.82 -0.71 -10.92
CA GLY F 566 -4.85 -2.16 -10.93
C GLY F 566 -4.92 -2.77 -9.55
N THR F 567 -4.46 -4.01 -9.44
CA THR F 567 -4.44 -4.68 -8.15
C THR F 567 -3.48 -3.97 -7.19
N ALA F 568 -3.94 -3.77 -5.96
CA ALA F 568 -3.16 -3.09 -4.94
C ALA F 568 -2.79 -4.06 -3.82
N GLN F 569 -1.54 -3.98 -3.37
CA GLN F 569 -1.05 -4.83 -2.30
C GLN F 569 -0.35 -3.98 -1.26
N ALA F 570 -0.39 -4.44 -0.01
CA ALA F 570 0.26 -3.74 1.09
C ALA F 570 0.97 -4.74 1.98
N TYR F 571 2.19 -4.39 2.39
CA TYR F 571 2.96 -5.19 3.32
C TYR F 571 3.50 -4.30 4.42
N GLY F 572 3.68 -4.86 5.60
CA GLY F 572 4.19 -4.08 6.71
C GLY F 572 4.57 -4.91 7.93
N ALA F 573 5.76 -4.67 8.45
CA ALA F 573 6.25 -5.41 9.61
C ALA F 573 7.00 -4.47 10.54
N GLY F 574 7.12 -4.90 11.79
CA GLY F 574 7.85 -4.15 12.79
C GLY F 574 8.40 -5.07 13.84
N GLU F 575 9.47 -4.62 14.49
CA GLU F 575 10.15 -5.42 15.51
C GLU F 575 10.98 -4.49 16.38
N GLY F 576 11.58 -5.04 17.42
CA GLY F 576 12.42 -4.27 18.30
C GLY F 576 12.91 -5.10 19.45
N TYR F 577 13.83 -4.51 20.21
CA TYR F 577 14.40 -5.18 21.37
C TYR F 577 14.99 -4.14 22.30
N SER F 578 15.31 -4.59 23.52
CA SER F 578 15.88 -3.72 24.55
C SER F 578 16.91 -4.49 25.35
N LEU F 579 17.89 -3.74 25.86
CA LEU F 579 18.96 -4.28 26.68
C LEU F 579 19.15 -3.40 27.91
N VAL F 580 19.30 -4.03 29.07
CA VAL F 580 19.59 -3.33 30.32
C VAL F 580 20.82 -3.98 30.93
N SER F 581 21.90 -3.22 31.07
CA SER F 581 23.19 -3.79 31.44
C SER F 581 23.81 -3.01 32.59
N PHE F 582 24.46 -3.75 33.49
CA PHE F 582 25.28 -3.18 34.55
C PHE F 582 26.67 -3.78 34.46
N PHE F 583 27.69 -2.92 34.41
CA PHE F 583 29.05 -3.39 34.17
C PHE F 583 30.02 -2.76 35.16
N GLY F 584 31.04 -3.53 35.49
CA GLY F 584 32.11 -3.06 36.36
C GLY F 584 33.46 -3.40 35.78
N LYS F 585 34.41 -2.48 35.96
CA LYS F 585 35.76 -2.62 35.43
C LYS F 585 36.75 -2.17 36.50
N MET F 586 37.86 -2.90 36.61
CA MET F 586 38.90 -2.56 37.58
C MET F 586 40.25 -2.83 36.95
N ASN F 587 41.11 -1.82 36.93
CA ASN F 587 42.47 -1.94 36.42
C ASN F 587 43.45 -1.53 37.50
N TYR F 588 44.46 -2.37 37.73
CA TYR F 588 45.48 -2.12 38.74
C TYR F 588 46.86 -2.28 38.12
N SER F 589 47.76 -1.37 38.49
CA SER F 589 49.13 -1.38 38.00
C SER F 589 50.07 -1.21 39.18
N TYR F 590 51.01 -2.14 39.33
CA TYR F 590 52.01 -2.12 40.39
C TYR F 590 53.38 -1.92 39.78
N ALA F 591 54.08 -0.89 40.26
CA ALA F 591 55.44 -0.55 39.85
C ALA F 591 55.55 -0.33 38.33
N ASP F 592 54.42 -0.06 37.67
CA ASP F 592 54.36 0.03 36.22
C ASP F 592 54.94 -1.23 35.57
N ARG F 593 54.84 -2.35 36.27
CA ARG F 593 55.41 -3.62 35.85
C ARG F 593 54.40 -4.75 35.86
N TYR F 594 53.47 -4.76 36.81
CA TYR F 594 52.43 -5.78 36.89
C TYR F 594 51.08 -5.14 36.64
N LEU F 595 50.32 -5.68 35.70
CA LEU F 595 49.02 -5.13 35.33
C LEU F 595 47.95 -6.20 35.52
N LEU F 596 46.85 -5.81 36.15
CA LEU F 596 45.71 -6.70 36.37
C LEU F 596 44.43 -5.99 35.95
N SER F 597 43.54 -6.73 35.30
CA SER F 597 42.27 -6.18 34.85
C SER F 597 41.16 -7.19 35.12
N LEU F 598 40.10 -6.73 35.76
CA LEU F 598 38.93 -7.54 36.05
C LEU F 598 37.69 -6.82 35.57
N THR F 599 36.91 -7.46 34.70
CA THR F 599 35.68 -6.85 34.22
C THR F 599 34.52 -7.85 34.34
N LEU F 600 33.35 -7.29 34.64
CA LEU F 600 32.15 -8.09 34.84
C LEU F 600 30.96 -7.40 34.21
N ARG F 601 30.12 -8.18 33.52
CA ARG F 601 28.90 -7.68 32.91
C ARG F 601 27.70 -8.47 33.44
N ARG F 602 26.57 -7.78 33.59
CA ARG F 602 25.30 -8.42 33.89
C ARG F 602 24.24 -7.71 33.05
N ASP F 603 23.78 -8.36 31.98
CA ASP F 603 22.88 -7.72 31.04
C ASP F 603 21.67 -8.59 30.78
N GLY F 604 20.51 -7.95 30.68
CA GLY F 604 19.28 -8.62 30.33
C GLY F 604 18.75 -8.10 29.01
N SER F 605 18.32 -9.01 28.15
CA SER F 605 17.85 -8.68 26.82
C SER F 605 16.40 -9.10 26.65
N SER F 606 15.68 -8.35 25.82
CA SER F 606 14.31 -8.72 25.49
C SER F 606 14.24 -10.00 24.67
N ARG F 607 15.33 -10.36 24.00
CA ARG F 607 15.36 -11.58 23.21
C ARG F 607 15.63 -12.82 24.04
N PHE F 608 16.09 -12.66 25.29
CA PHE F 608 16.40 -13.81 26.12
C PHE F 608 15.13 -14.51 26.60
N GLY F 609 15.29 -15.75 27.02
CA GLY F 609 14.16 -16.53 27.50
C GLY F 609 13.67 -16.03 28.84
N LYS F 610 12.47 -16.49 29.19
CA LYS F 610 11.86 -16.08 30.44
C LYS F 610 12.66 -16.58 31.64
N ASN F 611 13.15 -17.82 31.57
CA ASN F 611 13.90 -18.37 32.69
C ASN F 611 15.20 -17.61 32.93
N HIS F 612 15.92 -17.28 31.87
CA HIS F 612 17.21 -16.58 31.97
C HIS F 612 16.99 -15.11 31.64
N ARG F 613 16.54 -14.37 32.64
CA ARG F 613 16.32 -12.93 32.46
C ARG F 613 17.62 -12.19 32.21
N TYR F 614 18.67 -12.54 32.95
CA TYR F 614 19.94 -11.83 32.89
C TYR F 614 21.08 -12.81 32.68
N ALA F 615 22.15 -12.32 32.07
CA ALA F 615 23.35 -13.10 31.80
C ALA F 615 24.56 -12.37 32.36
N THR F 616 25.50 -13.14 32.89
CA THR F 616 26.73 -12.60 33.47
C THR F 616 27.92 -12.97 32.59
N PHE F 617 28.92 -12.09 32.59
CA PHE F 617 30.12 -12.27 31.77
C PHE F 617 31.35 -11.79 32.52
N PRO F 618 32.20 -12.71 33.00
CA PRO F 618 33.46 -12.29 33.63
C PRO F 618 34.64 -12.34 32.68
N SER F 619 35.65 -11.51 32.94
CA SER F 619 36.90 -11.58 32.20
C SER F 619 38.04 -11.05 33.06
N VAL F 620 39.20 -11.70 32.92
CA VAL F 620 40.39 -11.37 33.70
C VAL F 620 41.57 -11.26 32.74
N SER F 621 42.46 -10.31 33.01
CA SER F 621 43.66 -10.11 32.20
C SER F 621 44.84 -9.82 33.11
N LEU F 622 45.98 -10.41 32.78
CA LEU F 622 47.22 -10.20 33.51
C LEU F 622 48.32 -9.80 32.54
N GLY F 623 49.26 -8.99 33.02
CA GLY F 623 50.35 -8.54 32.19
C GLY F 623 51.62 -8.29 32.99
N TRP F 624 52.76 -8.75 32.47
CA TRP F 624 54.05 -8.61 33.13
C TRP F 624 55.01 -7.93 32.15
N ARG F 625 55.55 -6.78 32.56
CA ARG F 625 56.53 -6.08 31.73
C ARG F 625 57.91 -6.56 32.14
N ILE F 626 58.46 -7.49 31.37
CA ILE F 626 59.72 -8.11 31.74
C ILE F 626 60.86 -7.11 31.69
N THR F 627 60.81 -6.15 30.75
CA THR F 627 61.86 -5.16 30.64
C THR F 627 61.98 -4.31 31.91
N GLN F 628 60.87 -4.13 32.64
CA GLN F 628 60.92 -3.35 33.87
C GLN F 628 61.62 -4.09 35.00
N GLU F 629 61.84 -5.40 34.86
CA GLU F 629 62.52 -6.15 35.91
C GLU F 629 63.97 -5.71 36.03
N ASN F 630 64.47 -5.69 37.27
CA ASN F 630 65.81 -5.19 37.54
C ASN F 630 66.92 -6.14 37.09
N PHE F 631 66.59 -7.37 36.71
CA PHE F 631 67.62 -8.35 36.41
C PHE F 631 68.13 -8.26 34.97
N MET F 632 67.57 -7.39 34.14
CA MET F 632 68.00 -7.25 32.75
C MET F 632 68.19 -5.79 32.38
N LYS F 633 68.71 -4.99 33.31
CA LYS F 633 68.99 -3.58 33.02
C LYS F 633 70.11 -3.42 32.00
N GLU F 634 70.99 -4.40 31.86
CA GLU F 634 72.09 -4.30 30.91
C GLU F 634 71.66 -4.54 29.47
N LEU F 635 70.48 -5.12 29.26
CA LEU F 635 69.98 -5.37 27.91
C LEU F 635 69.34 -4.10 27.36
N THR F 636 70.20 -3.15 26.99
CA THR F 636 69.73 -1.87 26.50
C THR F 636 69.12 -1.95 25.11
N TRP F 637 69.53 -2.92 24.29
CA TRP F 637 68.97 -3.05 22.95
C TRP F 637 67.49 -3.38 23.00
N LEU F 638 67.08 -4.25 23.92
CA LEU F 638 65.67 -4.59 24.09
C LEU F 638 64.98 -3.41 24.79
N ASP F 639 64.24 -2.62 24.03
CA ASP F 639 63.62 -1.42 24.59
C ASP F 639 62.44 -1.78 25.49
N ASP F 640 61.58 -2.70 25.06
CA ASP F 640 60.41 -3.06 25.84
C ASP F 640 59.99 -4.48 25.52
N LEU F 641 59.56 -5.20 26.55
CA LEU F 641 59.08 -6.57 26.39
C LEU F 641 57.97 -6.82 27.40
N LYS F 642 56.80 -7.21 26.91
CA LYS F 642 55.63 -7.42 27.75
C LYS F 642 54.99 -8.75 27.40
N LEU F 643 54.60 -9.51 28.44
CA LEU F 643 53.91 -10.78 28.26
C LEU F 643 52.54 -10.67 28.93
N ARG F 644 51.48 -10.86 28.16
CA ARG F 644 50.12 -10.71 28.67
C ARG F 644 49.32 -11.98 28.41
N ALA F 645 48.41 -12.27 29.34
CA ALA F 645 47.48 -13.37 29.21
C ALA F 645 46.09 -12.87 29.59
N SER F 646 45.07 -13.55 29.08
CA SER F 646 43.71 -13.11 29.34
C SER F 646 42.74 -14.26 29.13
N TRP F 647 41.73 -14.33 30.01
CA TRP F 647 40.67 -15.31 29.91
C TRP F 647 39.35 -14.59 30.09
N GLY F 648 38.47 -14.67 29.09
CA GLY F 648 37.22 -13.93 29.15
C GLY F 648 36.07 -14.76 28.64
N GLN F 649 34.86 -14.36 29.06
CA GLN F 649 33.64 -14.96 28.56
C GLN F 649 32.76 -13.85 27.99
N THR F 650 32.38 -13.99 26.73
CA THR F 650 31.50 -13.05 26.06
C THR F 650 30.28 -13.79 25.54
N GLY F 651 29.30 -13.02 25.08
CA GLY F 651 28.06 -13.59 24.61
C GLY F 651 27.67 -13.03 23.25
N ASN F 652 26.81 -13.76 22.57
CA ASN F 652 26.17 -13.33 21.34
C ASN F 652 24.67 -13.45 21.50
N GLN F 653 23.96 -12.35 21.27
CA GLN F 653 22.52 -12.31 21.42
C GLN F 653 21.80 -11.91 20.14
N GLU F 654 22.50 -11.87 19.01
CA GLU F 654 21.88 -11.54 17.73
C GLU F 654 21.13 -12.78 17.25
N ILE F 655 19.93 -12.95 17.79
CA ILE F 655 19.08 -14.09 17.50
C ILE F 655 17.73 -13.57 17.03
N SER F 656 16.87 -14.50 16.61
CA SER F 656 15.54 -14.14 16.15
C SER F 656 14.72 -13.60 17.32
N ASN F 657 14.05 -12.47 17.10
CA ASN F 657 13.21 -11.89 18.14
C ASN F 657 12.04 -12.81 18.48
N LEU F 658 11.43 -13.41 17.46
CA LEU F 658 10.31 -14.32 17.65
C LEU F 658 10.86 -15.74 17.86
N ALA F 659 11.57 -15.90 18.97
CA ALA F 659 12.17 -17.18 19.34
C ALA F 659 11.51 -17.80 20.56
N ARG F 660 11.42 -17.06 21.67
CA ARG F 660 10.80 -17.60 22.87
C ARG F 660 9.28 -17.60 22.77
N TYR F 661 8.69 -16.63 22.09
CA TYR F 661 7.24 -16.56 21.98
C TYR F 661 6.72 -17.63 21.04
N THR F 662 5.53 -18.14 21.35
CA THR F 662 4.83 -19.06 20.46
C THR F 662 4.11 -18.26 19.39
N ILE F 663 4.39 -18.60 18.13
CA ILE F 663 3.90 -17.82 17.00
C ILE F 663 2.55 -18.37 16.55
N TYR F 664 1.54 -17.50 16.56
CA TYR F 664 0.20 -17.84 16.08
C TYR F 664 -0.15 -16.94 14.90
N ALA F 665 -0.74 -17.53 13.88
CA ALA F 665 -1.07 -16.79 12.67
C ALA F 665 -2.53 -17.01 12.31
N PRO F 666 -3.17 -16.00 11.70
CA PRO F 666 -4.57 -16.17 11.28
C PRO F 666 -4.72 -17.15 10.13
N ASN F 667 -3.92 -16.95 9.08
CA ASN F 667 -3.93 -17.71 7.82
C ASN F 667 -5.15 -18.60 7.57
N PHE F 698 -6.84 -20.24 14.47
CA PHE F 698 -5.45 -19.82 14.45
C PHE F 698 -4.53 -21.01 14.19
N LYS F 699 -3.34 -20.74 13.65
CA LYS F 699 -2.39 -21.78 13.31
C LYS F 699 -1.08 -21.52 14.04
N ARG F 700 -0.54 -22.58 14.66
CA ARG F 700 0.71 -22.46 15.41
C ARG F 700 1.89 -22.74 14.48
N ASN F 701 2.82 -21.81 14.41
CA ASN F 701 3.97 -21.91 13.51
C ASN F 701 5.25 -22.28 14.26
N GLN F 702 5.62 -21.51 15.27
CA GLN F 702 6.84 -21.73 16.03
C GLN F 702 6.49 -22.07 17.47
N ILE F 703 7.11 -23.13 17.99
CA ILE F 703 6.75 -23.62 19.33
C ILE F 703 7.09 -22.57 20.38
N GLY F 704 8.32 -22.07 20.36
CA GLY F 704 8.75 -21.12 21.36
C GLY F 704 9.37 -21.80 22.56
N ASN F 705 10.65 -21.54 22.81
CA ASN F 705 11.38 -22.14 23.92
C ASN F 705 11.75 -21.07 24.93
N ASP F 706 11.41 -21.30 26.19
CA ASP F 706 11.74 -20.37 27.26
C ASP F 706 13.13 -20.59 27.83
N ASN F 707 13.83 -21.65 27.41
CA ASN F 707 15.17 -21.94 27.88
C ASN F 707 16.25 -21.45 26.94
N ILE F 708 15.88 -20.73 25.88
CA ILE F 708 16.88 -20.19 24.96
C ILE F 708 17.75 -19.18 25.71
N LYS F 709 18.98 -19.02 25.24
CA LYS F 709 19.93 -18.13 25.91
C LYS F 709 20.96 -17.66 24.91
N TRP F 710 21.79 -16.73 25.37
CA TRP F 710 22.88 -16.20 24.56
C TRP F 710 23.88 -17.29 24.21
N GLU F 711 24.47 -17.17 23.03
CA GLU F 711 25.53 -18.09 22.63
C GLU F 711 26.82 -17.68 23.33
N THR F 712 27.39 -18.59 24.11
CA THR F 712 28.52 -18.24 24.95
C THR F 712 29.83 -18.45 24.19
N THR F 713 30.85 -17.67 24.54
CA THR F 713 32.16 -17.79 23.91
C THR F 713 33.23 -17.54 24.96
N THR F 714 34.02 -18.57 25.25
CA THR F 714 35.14 -18.46 26.18
C THR F 714 36.43 -18.33 25.38
N GLN F 715 37.19 -17.27 25.62
CA GLN F 715 38.39 -16.99 24.85
C GLN F 715 39.59 -16.86 25.78
N THR F 716 40.67 -17.56 25.42
CA THR F 716 41.94 -17.48 26.12
C THR F 716 42.99 -16.95 25.15
N ASN F 717 43.66 -15.87 25.53
CA ASN F 717 44.63 -15.20 24.67
C ASN F 717 45.95 -15.05 25.41
N VAL F 718 47.05 -15.33 24.70
CA VAL F 718 48.39 -15.17 25.24
C VAL F 718 49.21 -14.41 24.21
N GLY F 719 49.72 -13.23 24.60
CA GLY F 719 50.44 -12.38 23.68
C GLY F 719 51.76 -11.91 24.25
N ILE F 720 52.69 -11.62 23.35
CA ILE F 720 53.99 -11.07 23.68
C ILE F 720 54.23 -9.87 22.78
N ASP F 721 54.49 -8.71 23.39
CA ASP F 721 54.74 -7.48 22.67
C ASP F 721 56.18 -7.06 22.88
N PHE F 722 56.90 -6.78 21.80
CA PHE F 722 58.32 -6.46 21.87
C PHE F 722 58.61 -5.20 21.08
N SER F 723 59.62 -4.46 21.54
CA SER F 723 60.11 -3.26 20.86
C SER F 723 61.60 -3.17 21.10
N LEU F 724 62.36 -2.99 20.03
CA LEU F 724 63.82 -3.04 20.09
C LEU F 724 64.40 -1.88 19.29
N PHE F 725 65.65 -1.54 19.63
CA PHE F 725 66.41 -0.48 18.97
C PHE F 725 65.71 0.88 19.12
N LYS F 726 65.17 1.13 20.31
CA LYS F 726 64.52 2.38 20.65
C LYS F 726 63.34 2.65 19.72
N GLN F 727 62.35 1.76 19.79
CA GLN F 727 61.11 1.86 19.02
C GLN F 727 61.38 1.83 17.51
N SER F 728 62.45 1.15 17.09
CA SER F 728 62.75 1.00 15.67
C SER F 728 62.26 -0.32 15.09
N LEU F 729 62.19 -1.37 15.91
CA LEU F 729 61.68 -2.67 15.47
C LEU F 729 60.66 -3.14 16.51
N TYR F 730 59.38 -2.97 16.20
CA TYR F 730 58.31 -3.32 17.13
C TYR F 730 57.51 -4.49 16.56
N GLY F 731 56.77 -5.16 17.43
CA GLY F 731 55.95 -6.26 16.98
C GLY F 731 55.21 -6.91 18.13
N SER F 732 54.33 -7.84 17.76
CA SER F 732 53.54 -8.59 18.70
C SER F 732 53.30 -10.00 18.15
N LEU F 733 53.14 -10.95 19.05
CA LEU F 733 52.87 -12.33 18.70
C LEU F 733 51.83 -12.89 19.66
N GLU F 734 50.67 -13.26 19.13
CA GLU F 734 49.55 -13.69 19.95
C GLU F 734 49.07 -15.07 19.53
N TYR F 735 48.60 -15.84 20.50
CA TYR F 735 47.95 -17.12 20.27
C TYR F 735 46.63 -17.13 21.02
N TYR F 736 45.55 -17.46 20.33
CA TYR F 736 44.21 -17.39 20.90
C TYR F 736 43.46 -18.70 20.69
N TYR F 737 42.64 -19.04 21.68
CA TYR F 737 41.77 -20.20 21.63
C TYR F 737 40.36 -19.76 22.00
N LYS F 738 39.42 -19.92 21.08
CA LYS F 738 38.03 -19.55 21.28
C LYS F 738 37.17 -20.79 21.26
N LYS F 739 36.32 -20.95 22.28
CA LYS F 739 35.39 -22.06 22.38
C LYS F 739 33.99 -21.48 22.50
N ALA F 740 33.18 -21.67 21.47
CA ALA F 740 31.81 -21.18 21.44
C ALA F 740 30.89 -22.33 21.80
N THR F 741 30.02 -22.10 22.79
CA THR F 741 29.11 -23.10 23.31
C THR F 741 27.68 -22.57 23.28
N ASP F 742 26.76 -23.50 23.49
CA ASP F 742 25.29 -23.32 23.45
C ASP F 742 24.87 -22.36 22.32
N ILE F 743 25.41 -22.63 21.13
CA ILE F 743 25.03 -21.86 19.95
C ILE F 743 23.60 -22.19 19.57
N LEU F 744 22.78 -21.15 19.43
CA LEU F 744 21.38 -21.35 19.07
C LEU F 744 21.26 -21.84 17.63
N THR F 745 20.36 -22.79 17.42
CA THR F 745 20.11 -23.33 16.09
C THR F 745 18.66 -23.81 16.03
N GLU F 746 18.11 -23.79 14.83
CA GLU F 746 16.74 -24.24 14.63
C GLU F 746 16.67 -25.77 14.67
N MET F 747 15.47 -26.28 14.94
CA MET F 747 15.21 -27.71 14.93
C MET F 747 13.80 -27.88 14.38
N ALA F 748 13.71 -28.37 13.14
CA ALA F 748 12.43 -28.62 12.47
C ALA F 748 12.20 -30.13 12.49
N GLY F 749 11.61 -30.60 13.58
CA GLY F 749 11.27 -32.00 13.72
C GLY F 749 9.79 -32.20 13.99
N VAL F 750 9.13 -32.99 13.16
CA VAL F 750 7.71 -33.25 13.35
C VAL F 750 7.47 -33.98 14.67
N GLY F 751 8.19 -35.08 14.87
CA GLY F 751 8.04 -35.84 16.10
C GLY F 751 6.60 -36.23 16.34
N VAL F 752 6.10 -35.95 17.54
CA VAL F 752 4.70 -36.12 17.86
C VAL F 752 3.97 -34.79 17.97
N LEU F 753 4.69 -33.67 18.12
CA LEU F 753 4.03 -32.37 18.20
C LEU F 753 3.32 -32.02 16.91
N GLY F 754 3.96 -32.28 15.77
CA GLY F 754 3.30 -32.14 14.49
C GLY F 754 3.48 -30.79 13.81
N GLU F 755 2.47 -29.92 13.94
CA GLU F 755 2.42 -28.71 13.13
C GLU F 755 3.54 -27.73 13.49
N GLY F 756 3.79 -27.51 14.77
CA GLY F 756 4.79 -26.53 15.14
C GLY F 756 6.21 -26.97 14.83
N GLY F 757 6.70 -27.95 15.60
CA GLY F 757 7.97 -28.62 15.33
C GLY F 757 9.14 -27.76 14.90
N SER F 758 9.16 -26.49 15.28
CA SER F 758 10.13 -25.52 14.78
C SER F 758 10.85 -24.82 15.93
N ARG F 759 11.40 -25.62 16.84
CA ARG F 759 11.92 -25.06 18.08
C ARG F 759 13.39 -24.70 17.97
N TRP F 760 13.78 -23.61 18.64
CA TRP F 760 15.17 -23.18 18.68
C TRP F 760 15.83 -23.72 19.93
N ILE F 761 16.99 -24.36 19.76
CA ILE F 761 17.68 -25.03 20.86
C ILE F 761 19.16 -24.66 20.83
N ASN F 762 19.79 -24.77 22.00
CA ASN F 762 21.21 -24.44 22.17
C ASN F 762 22.01 -25.74 22.19
N SER F 763 22.43 -26.18 21.01
CA SER F 763 23.21 -27.42 20.89
C SER F 763 24.35 -27.24 19.90
N GLY F 764 25.06 -26.12 19.98
CA GLY F 764 26.14 -25.82 19.07
C GLY F 764 27.46 -25.68 19.80
N ALA F 765 28.55 -26.01 19.10
CA ALA F 765 29.89 -25.89 19.64
C ALA F 765 30.86 -25.60 18.51
N MET F 766 31.84 -24.75 18.80
CA MET F 766 32.83 -24.34 17.80
C MET F 766 34.17 -24.10 18.47
N LYS F 767 35.24 -24.44 17.78
CA LYS F 767 36.59 -24.26 18.28
C LYS F 767 37.41 -23.48 17.26
N ASN F 768 38.20 -22.53 17.74
CA ASN F 768 39.04 -21.70 16.88
C ASN F 768 40.39 -21.48 17.56
N GLN F 769 41.43 -22.15 17.07
CA GLN F 769 42.79 -21.93 17.53
C GLN F 769 43.53 -21.15 16.47
N GLY F 770 44.14 -20.03 16.86
CA GLY F 770 44.76 -19.14 15.89
C GLY F 770 46.03 -18.52 16.42
N PHE F 771 46.91 -18.17 15.48
CA PHE F 771 48.16 -17.47 15.76
C PHE F 771 48.20 -16.20 14.92
N GLU F 772 48.67 -15.11 15.52
CA GLU F 772 48.84 -13.84 14.83
C GLU F 772 50.24 -13.30 15.13
N PHE F 773 50.85 -12.67 14.14
CA PHE F 773 52.20 -12.15 14.30
C PHE F 773 52.30 -10.86 13.51
N ASN F 774 52.39 -9.74 14.21
CA ASN F 774 52.54 -8.42 13.60
C ASN F 774 53.97 -7.93 13.81
N LEU F 775 54.55 -7.35 12.76
CA LEU F 775 55.91 -6.86 12.80
C LEU F 775 56.01 -5.53 12.08
N GLY F 776 56.93 -4.68 12.54
CA GLY F 776 57.14 -3.39 11.91
C GLY F 776 58.51 -2.81 12.20
N TYR F 777 59.23 -2.45 11.13
CA TYR F 777 60.57 -1.89 11.26
C TYR F 777 60.61 -0.54 10.55
N ARG F 778 61.08 0.48 11.24
CA ARG F 778 61.20 1.81 10.68
C ARG F 778 62.57 2.38 11.02
N ASN F 779 63.23 2.95 10.01
CA ASN F 779 64.56 3.53 10.19
C ASN F 779 64.81 4.52 9.06
N LYS F 780 65.77 5.41 9.30
CA LYS F 780 66.16 6.41 8.31
C LYS F 780 67.32 5.87 7.47
N THR F 781 67.88 6.72 6.62
CA THR F 781 69.00 6.34 5.77
C THR F 781 69.98 7.50 5.69
N ALA F 782 71.21 7.17 5.26
CA ALA F 782 72.26 8.18 5.21
C ALA F 782 71.93 9.29 4.22
N PHE F 783 71.28 8.93 3.08
CA PHE F 783 70.96 9.88 2.02
C PHE F 783 69.54 10.40 2.12
N GLY F 784 69.02 10.57 3.34
CA GLY F 784 67.72 11.17 3.55
C GLY F 784 66.55 10.36 3.03
N LEU F 785 66.57 9.05 3.24
CA LEU F 785 65.46 8.17 2.87
C LEU F 785 64.85 7.58 4.13
N THR F 786 63.54 7.74 4.28
CA THR F 786 62.81 7.20 5.42
C THR F 786 61.99 6.02 4.94
N TYR F 787 62.40 4.82 5.33
CA TYR F 787 61.72 3.59 4.92
C TYR F 787 61.04 2.96 6.12
N ASP F 788 59.77 2.60 5.97
CA ASP F 788 58.99 1.97 7.01
C ASP F 788 58.33 0.73 6.45
N LEU F 789 58.55 -0.41 7.09
CA LEU F 789 57.98 -1.68 6.67
C LEU F 789 57.12 -2.23 7.80
N ASN F 790 55.88 -2.59 7.48
CA ASN F 790 54.95 -3.18 8.42
C ASN F 790 54.48 -4.52 7.87
N GLY F 791 54.83 -5.60 8.55
CA GLY F 791 54.46 -6.95 8.13
C GLY F 791 53.45 -7.54 9.09
N ASN F 792 52.49 -8.28 8.54
CA ASN F 792 51.46 -8.92 9.33
C ASN F 792 51.21 -10.30 8.77
N ILE F 793 51.03 -11.29 9.65
CA ILE F 793 50.73 -12.65 9.23
C ILE F 793 49.81 -13.28 10.28
N SER F 794 48.84 -14.05 9.81
CA SER F 794 47.87 -14.66 10.70
C SER F 794 47.43 -16.00 10.14
N THR F 795 46.99 -16.87 11.04
CA THR F 795 46.48 -18.19 10.67
C THR F 795 45.57 -18.68 11.78
N TYR F 796 44.66 -19.57 11.43
CA TYR F 796 43.73 -20.11 12.41
C TYR F 796 43.17 -21.42 11.89
N ARG F 797 42.66 -22.22 12.82
CA ARG F 797 42.03 -23.50 12.51
C ARG F 797 40.64 -23.51 13.14
N ASN F 798 39.64 -23.89 12.35
CA ASN F 798 38.25 -23.91 12.80
C ASN F 798 37.74 -25.35 12.84
N GLU F 799 36.92 -25.65 13.84
CA GLU F 799 36.38 -26.99 13.98
C GLU F 799 35.07 -26.91 14.75
N ILE F 800 34.19 -27.87 14.47
CA ILE F 800 32.90 -28.00 15.14
C ILE F 800 32.95 -29.22 16.04
N LEU F 801 32.57 -29.04 17.30
CA LEU F 801 32.66 -30.11 18.29
C LEU F 801 31.33 -30.81 18.55
N GLU F 802 30.26 -30.05 18.78
CA GLU F 802 28.95 -30.60 19.07
C GLU F 802 27.92 -30.04 18.09
N LEU F 803 27.01 -30.90 17.67
CA LEU F 803 25.98 -30.51 16.72
C LEU F 803 24.83 -31.49 16.83
N PRO F 804 23.58 -31.04 16.66
CA PRO F 804 22.45 -31.97 16.69
C PRO F 804 22.55 -33.00 15.58
N GLU F 805 22.03 -34.20 15.87
CA GLU F 805 22.14 -35.31 14.92
C GLU F 805 21.42 -34.99 13.61
N THR F 806 20.21 -34.41 13.70
CA THR F 806 19.47 -34.08 12.49
C THR F 806 20.19 -33.03 11.66
N VAL F 807 20.77 -32.02 12.32
CA VAL F 807 21.52 -30.99 11.61
C VAL F 807 22.73 -31.59 10.92
N ALA F 808 23.46 -32.46 11.62
CA ALA F 808 24.61 -33.10 11.01
C ALA F 808 24.20 -33.98 9.84
N ALA F 809 23.05 -34.66 9.96
CA ALA F 809 22.59 -35.53 8.87
C ALA F 809 22.22 -34.73 7.64
N ASN F 810 21.42 -33.67 7.80
CA ASN F 810 21.04 -32.87 6.64
C ASN F 810 22.21 -32.07 6.09
N GLY F 811 23.22 -31.80 6.90
CA GLY F 811 24.44 -31.17 6.40
C GLY F 811 24.25 -29.78 5.84
N LYS F 812 23.44 -28.95 6.50
CA LYS F 812 23.30 -27.57 6.06
C LYS F 812 24.52 -26.73 6.42
N PHE F 813 25.34 -27.18 7.37
CA PHE F 813 26.55 -26.47 7.77
C PHE F 813 27.81 -27.10 7.19
N GLY F 814 27.67 -28.08 6.32
CA GLY F 814 28.81 -28.75 5.72
C GLY F 814 28.56 -30.24 5.58
N GLY F 815 29.33 -30.88 4.72
CA GLY F 815 29.21 -32.30 4.47
C GLY F 815 28.24 -32.68 3.39
N ASN F 816 27.45 -31.73 2.87
CA ASN F 816 26.51 -31.96 1.78
C ASN F 816 25.49 -33.04 2.10
N GLY F 817 25.21 -33.25 3.39
CA GLY F 817 24.25 -34.27 3.78
C GLY F 817 24.74 -35.69 3.68
N VAL F 818 26.02 -35.90 3.42
CA VAL F 818 26.58 -37.24 3.27
C VAL F 818 27.21 -37.73 4.56
N LYS F 819 28.09 -36.92 5.15
CA LYS F 819 28.75 -37.26 6.40
C LYS F 819 28.67 -36.08 7.36
N SER F 820 28.71 -36.40 8.65
CA SER F 820 28.59 -35.36 9.67
C SER F 820 29.78 -34.42 9.63
N VAL F 821 29.50 -33.12 9.77
CA VAL F 821 30.56 -32.12 9.78
C VAL F 821 31.28 -32.06 11.12
N VAL F 822 30.81 -32.80 12.13
CA VAL F 822 31.44 -32.78 13.43
C VAL F 822 32.88 -33.27 13.32
N GLY F 823 33.80 -32.54 13.94
CA GLY F 823 35.20 -32.87 13.87
C GLY F 823 35.93 -32.32 12.67
N HIS F 824 35.29 -31.49 11.86
CA HIS F 824 35.90 -30.89 10.69
C HIS F 824 35.61 -29.41 10.65
N THR F 825 36.23 -28.72 9.71
CA THR F 825 36.05 -27.28 9.58
C THR F 825 34.63 -26.96 9.15
N TYR F 826 34.09 -25.87 9.68
CA TYR F 826 32.76 -25.43 9.31
C TYR F 826 32.70 -25.10 7.84
N GLY F 827 31.66 -25.58 7.16
CA GLY F 827 31.49 -25.35 5.74
C GLY F 827 32.26 -26.31 4.85
N ALA F 828 32.97 -27.28 5.41
CA ALA F 828 33.69 -28.25 4.60
C ALA F 828 32.71 -29.13 3.83
N GLN F 829 33.08 -29.48 2.60
CA GLN F 829 32.22 -30.25 1.72
C GLN F 829 32.85 -31.59 1.40
N VAL F 830 32.01 -32.61 1.22
CA VAL F 830 32.44 -33.97 0.92
C VAL F 830 32.03 -34.28 -0.51
N GLY F 831 32.98 -34.76 -1.31
CA GLY F 831 32.70 -35.09 -2.69
C GLY F 831 33.57 -36.20 -3.23
N TYR F 832 33.51 -36.42 -4.54
CA TYR F 832 34.31 -37.46 -5.18
C TYR F 832 35.71 -36.94 -5.47
N ILE F 833 36.55 -37.81 -6.04
CA ILE F 833 37.91 -37.46 -6.42
C ILE F 833 38.08 -37.74 -7.90
N ALA F 834 38.56 -36.74 -8.63
CA ALA F 834 38.73 -36.83 -10.08
C ALA F 834 40.20 -37.11 -10.39
N ASP F 835 40.50 -38.34 -10.80
CA ASP F 835 41.85 -38.73 -11.17
C ASP F 835 42.01 -38.66 -12.69
N GLY F 836 42.00 -37.43 -13.19
CA GLY F 836 42.14 -37.24 -14.62
C GLY F 836 40.89 -37.65 -15.38
N ILE F 837 41.07 -37.89 -16.67
CA ILE F 837 39.98 -38.28 -17.56
C ILE F 837 40.39 -39.50 -18.37
N PHE F 838 39.40 -40.24 -18.82
CA PHE F 838 39.66 -41.41 -19.67
C PHE F 838 40.18 -40.97 -21.02
N LYS F 839 41.19 -41.70 -21.52
CA LYS F 839 41.77 -41.41 -22.81
C LYS F 839 41.60 -42.52 -23.83
N SER F 840 41.20 -43.72 -23.41
CA SER F 840 41.01 -44.82 -24.34
C SER F 840 40.06 -45.83 -23.74
N GLN F 841 39.48 -46.66 -24.61
CA GLN F 841 38.58 -47.72 -24.15
C GLN F 841 39.33 -48.72 -23.28
N ASP F 842 40.63 -48.93 -23.53
CA ASP F 842 41.42 -49.78 -22.66
C ASP F 842 41.48 -49.22 -21.25
N GLU F 843 41.70 -47.91 -21.13
CA GLU F 843 41.70 -47.27 -19.81
C GLU F 843 40.32 -47.38 -19.16
N VAL F 844 39.26 -47.18 -19.95
CA VAL F 844 37.90 -47.28 -19.41
C VAL F 844 37.65 -48.67 -18.84
N ASP F 845 38.05 -49.70 -19.59
CA ASP F 845 37.85 -51.07 -19.13
C ASP F 845 38.71 -51.38 -17.91
N ASN F 846 39.96 -50.90 -17.90
CA ASN F 846 40.84 -51.17 -16.77
C ASN F 846 40.33 -50.52 -15.49
N HIS F 847 39.79 -49.30 -15.60
CA HIS F 847 39.28 -48.62 -14.43
C HIS F 847 38.04 -49.32 -13.90
N ALA F 848 37.76 -49.10 -12.61
CA ALA F 848 36.58 -49.68 -11.99
C ALA F 848 35.32 -49.17 -12.67
N THR F 849 34.31 -50.05 -12.76
CA THR F 849 33.09 -49.72 -13.47
C THR F 849 32.35 -48.58 -12.79
N GLN F 850 31.72 -47.73 -13.59
CA GLN F 850 30.92 -46.63 -13.10
C GLN F 850 29.89 -46.26 -14.14
N GLU F 851 28.82 -45.60 -13.70
CA GLU F 851 27.76 -45.19 -14.60
C GLU F 851 28.24 -44.06 -15.50
N GLY F 852 27.94 -44.17 -16.79
CA GLY F 852 28.29 -43.13 -17.74
C GLY F 852 29.75 -43.08 -18.13
N ALA F 853 30.53 -44.11 -17.81
CA ALA F 853 31.94 -44.11 -18.17
C ALA F 853 32.09 -44.20 -19.69
N ALA F 854 32.95 -43.35 -20.23
CA ALA F 854 33.18 -43.31 -21.67
C ALA F 854 34.50 -42.62 -21.93
N VAL F 855 34.95 -42.69 -23.19
CA VAL F 855 36.20 -42.04 -23.58
C VAL F 855 36.03 -40.53 -23.48
N GLY F 856 36.99 -39.88 -22.84
CA GLY F 856 36.95 -38.44 -22.66
C GLY F 856 36.14 -37.96 -21.48
N ARG F 857 35.65 -38.86 -20.64
CA ARG F 857 34.88 -38.50 -19.45
C ARG F 857 35.77 -38.51 -18.22
N ILE F 858 35.23 -37.95 -17.13
CA ILE F 858 35.99 -37.85 -15.89
C ILE F 858 36.11 -39.21 -15.24
N ARG F 859 37.31 -39.53 -14.77
CA ARG F 859 37.57 -40.77 -14.07
C ARG F 859 37.57 -40.51 -12.57
N TYR F 860 36.75 -41.25 -11.84
CA TYR F 860 36.59 -41.08 -10.40
C TYR F 860 37.31 -42.20 -9.66
N ARG F 861 38.11 -41.82 -8.67
CA ARG F 861 38.88 -42.79 -7.90
C ARG F 861 37.96 -43.63 -7.03
N ASP F 862 38.31 -44.91 -6.87
CA ASP F 862 37.58 -45.82 -6.01
C ASP F 862 38.23 -45.81 -4.63
N ILE F 863 37.57 -45.18 -3.66
CA ILE F 863 38.15 -45.02 -2.33
C ILE F 863 38.24 -46.37 -1.61
N ASP F 864 37.16 -47.13 -1.62
CA ASP F 864 37.09 -48.39 -0.89
C ASP F 864 37.61 -49.58 -1.70
N HIS F 865 37.97 -49.36 -2.95
CA HIS F 865 38.52 -50.42 -3.82
C HIS F 865 37.56 -51.60 -3.94
N ASN F 866 36.26 -51.30 -4.01
CA ASN F 866 35.25 -52.32 -4.23
C ASN F 866 34.98 -52.60 -5.70
N GLY F 867 35.63 -51.87 -6.60
CA GLY F 867 35.46 -52.06 -8.02
C GLY F 867 34.28 -51.32 -8.62
N VAL F 868 33.53 -50.58 -7.84
CA VAL F 868 32.36 -49.84 -8.34
C VAL F 868 32.37 -48.45 -7.72
N ILE F 869 31.97 -47.46 -8.51
CA ILE F 869 31.88 -46.08 -8.05
C ILE F 869 30.44 -45.81 -7.67
N ASP F 870 30.22 -45.43 -6.41
CA ASP F 870 28.89 -45.20 -5.89
C ASP F 870 28.97 -44.05 -4.88
N GLU F 871 27.89 -43.87 -4.11
CA GLU F 871 27.83 -42.79 -3.14
C GLU F 871 28.83 -42.96 -2.00
N ARG F 872 29.33 -44.18 -1.79
CA ARG F 872 30.29 -44.43 -0.72
C ARG F 872 31.71 -43.98 -1.08
N ASP F 873 31.96 -43.62 -2.34
CA ASP F 873 33.29 -43.18 -2.76
C ASP F 873 33.41 -41.66 -2.67
N GLN F 874 33.21 -41.15 -1.46
CA GLN F 874 33.30 -39.72 -1.19
C GLN F 874 34.19 -39.49 0.02
N ASN F 875 34.83 -38.32 0.04
CA ASN F 875 35.75 -37.98 1.11
C ASN F 875 35.83 -36.47 1.23
N TRP F 876 36.39 -36.00 2.35
CA TRP F 876 36.54 -34.57 2.58
C TRP F 876 37.54 -33.99 1.59
N ILE F 877 37.08 -33.05 0.76
CA ILE F 877 37.94 -32.45 -0.26
C ILE F 877 37.98 -30.93 -0.19
N TYR F 878 37.00 -30.27 0.41
CA TYR F 878 36.95 -28.82 0.44
C TYR F 878 37.14 -28.32 1.87
N ASP F 879 38.10 -27.42 2.05
CA ASP F 879 38.40 -26.84 3.37
C ASP F 879 38.52 -25.33 3.21
N PRO F 880 37.47 -24.57 3.54
CA PRO F 880 37.46 -23.11 3.35
C PRO F 880 38.22 -22.35 4.44
N THR F 881 39.43 -22.81 4.73
CA THR F 881 40.29 -22.15 5.73
C THR F 881 41.67 -21.96 5.14
N PRO F 882 42.11 -20.73 4.93
CA PRO F 882 43.45 -20.50 4.37
C PRO F 882 44.53 -20.99 5.33
N SER F 883 45.65 -21.44 4.76
CA SER F 883 46.79 -21.82 5.58
C SER F 883 47.33 -20.62 6.34
N PHE F 884 47.48 -19.48 5.66
CA PHE F 884 47.86 -18.25 6.35
C PHE F 884 47.60 -17.06 5.44
N SER F 885 47.21 -15.95 6.05
CA SER F 885 46.97 -14.70 5.35
C SER F 885 47.95 -13.65 5.86
N TYR F 886 48.61 -12.95 4.95
CA TYR F 886 49.64 -12.00 5.30
C TYR F 886 49.43 -10.69 4.54
N GLY F 887 50.01 -9.63 5.08
CA GLY F 887 49.95 -8.32 4.45
C GLY F 887 51.25 -7.58 4.70
N LEU F 888 51.65 -6.78 3.71
CA LEU F 888 52.89 -6.03 3.78
C LEU F 888 52.66 -4.59 3.37
N ASN F 889 53.18 -3.65 4.15
CA ASN F 889 53.04 -2.23 3.87
C ASN F 889 54.43 -1.61 3.84
N ILE F 890 54.72 -0.88 2.76
CA ILE F 890 56.01 -0.23 2.55
C ILE F 890 55.75 1.25 2.34
N TYR F 891 56.46 2.09 3.10
CA TYR F 891 56.29 3.54 3.05
C TYR F 891 57.66 4.18 2.92
N LEU F 892 57.92 4.83 1.79
CA LEU F 892 59.22 5.44 1.51
C LEU F 892 59.04 6.94 1.34
N GLU F 893 59.83 7.71 2.08
CA GLU F 893 59.84 9.16 1.98
C GLU F 893 61.22 9.63 1.55
N TYR F 894 61.26 10.46 0.51
CA TYR F 894 62.54 10.94 -0.04
C TYR F 894 62.26 12.20 -0.84
N LYS F 895 62.84 13.32 -0.39
CA LYS F 895 62.77 14.60 -1.11
C LYS F 895 61.33 14.96 -1.49
N ASN F 896 60.48 15.01 -0.46
CA ASN F 896 59.07 15.37 -0.59
C ASN F 896 58.29 14.40 -1.47
N PHE F 897 58.85 13.22 -1.74
CA PHE F 897 58.17 12.18 -2.50
C PHE F 897 57.86 11.03 -1.57
N ASP F 898 56.59 10.64 -1.50
CA ASP F 898 56.15 9.54 -0.64
C ASP F 898 55.55 8.44 -1.50
N LEU F 899 56.05 7.23 -1.33
CA LEU F 899 55.56 6.05 -2.04
C LEU F 899 55.02 5.07 -1.02
N THR F 900 53.75 4.70 -1.19
CA THR F 900 53.08 3.73 -0.33
C THR F 900 52.71 2.52 -1.16
N MET F 901 53.00 1.33 -0.63
CA MET F 901 52.78 0.09 -1.37
C MET F 901 52.28 -0.97 -0.39
N PHE F 902 51.02 -1.36 -0.51
CA PHE F 902 50.41 -2.34 0.37
C PHE F 902 49.98 -3.56 -0.45
N TRP F 903 50.54 -4.72 -0.11
CA TRP F 903 50.22 -6.00 -0.71
C TRP F 903 49.47 -6.86 0.30
N GLN F 904 48.56 -7.70 -0.20
CA GLN F 904 47.87 -8.68 0.63
C GLN F 904 47.93 -10.03 -0.07
N GLY F 905 48.31 -11.06 0.69
CA GLY F 905 48.41 -12.39 0.14
C GLY F 905 47.71 -13.40 1.03
N VAL F 906 47.18 -14.44 0.40
CA VAL F 906 46.53 -15.55 1.08
C VAL F 906 47.09 -16.83 0.52
N GLN F 907 47.41 -17.79 1.40
CA GLN F 907 48.01 -19.04 1.00
C GLN F 907 47.29 -20.20 1.66
N GLY F 908 47.07 -21.27 0.90
CA GLY F 908 46.47 -22.47 1.43
C GLY F 908 44.95 -22.44 1.54
N VAL F 909 44.28 -21.78 0.61
CA VAL F 909 42.83 -21.66 0.63
C VAL F 909 42.26 -22.30 -0.64
N ASP F 910 41.19 -23.06 -0.47
CA ASP F 910 40.49 -23.69 -1.58
C ASP F 910 39.13 -23.05 -1.76
N ILE F 911 38.69 -22.93 -3.02
CA ILE F 911 37.44 -22.27 -3.36
C ILE F 911 36.68 -23.12 -4.36
N ILE F 912 35.37 -23.22 -4.17
CA ILE F 912 34.49 -23.88 -5.12
C ILE F 912 34.03 -22.86 -6.15
N SER F 913 34.34 -23.12 -7.42
CA SER F 913 34.06 -22.19 -8.50
C SER F 913 33.02 -22.78 -9.44
N ASP F 914 31.90 -22.06 -9.61
CA ASP F 914 30.94 -22.42 -10.65
C ASP F 914 31.34 -21.90 -12.01
N VAL F 915 32.27 -20.94 -12.07
CA VAL F 915 32.79 -20.49 -13.35
C VAL F 915 33.53 -21.63 -14.04
N LYS F 916 34.30 -22.41 -13.28
CA LYS F 916 34.96 -23.57 -13.85
C LYS F 916 33.95 -24.60 -14.33
N LYS F 917 32.85 -24.77 -13.58
CA LYS F 917 31.81 -25.70 -13.99
C LYS F 917 31.18 -25.27 -15.32
N LYS F 918 30.91 -23.98 -15.47
CA LYS F 918 30.26 -23.48 -16.68
C LYS F 918 31.23 -23.27 -17.83
N SER F 919 32.54 -23.30 -17.58
CA SER F 919 33.52 -23.10 -18.64
C SER F 919 34.24 -24.36 -19.08
N ASP F 920 34.27 -25.40 -18.25
CA ASP F 920 34.95 -26.64 -18.58
C ASP F 920 34.01 -27.76 -19.01
N PHE F 921 32.71 -27.47 -19.14
CA PHE F 921 31.74 -28.47 -19.53
C PHE F 921 30.70 -27.85 -20.44
N TRP F 922 30.06 -28.70 -21.23
CA TRP F 922 28.95 -28.32 -22.09
C TRP F 922 27.69 -29.00 -21.61
N SER F 923 26.61 -28.24 -21.54
CA SER F 923 25.31 -28.74 -21.07
C SER F 923 25.42 -29.34 -19.68
N ALA F 924 26.20 -28.70 -18.81
CA ALA F 924 26.34 -29.11 -17.43
C ALA F 924 25.40 -28.38 -16.48
N SER F 925 24.54 -27.52 -17.01
CA SER F 925 23.59 -26.77 -16.20
C SER F 925 22.20 -27.39 -16.34
N ASN F 926 21.23 -26.74 -15.70
CA ASN F 926 19.85 -27.22 -15.77
C ASN F 926 19.32 -27.14 -17.20
N VAL F 927 19.63 -26.06 -17.91
CA VAL F 927 19.21 -25.89 -19.28
C VAL F 927 20.44 -25.88 -20.17
N GLY F 928 20.25 -26.26 -21.44
CA GLY F 928 21.32 -26.33 -22.40
C GLY F 928 21.41 -25.10 -23.28
N PHE F 929 22.32 -25.18 -24.25
CA PHE F 929 22.51 -24.15 -25.27
C PHE F 929 22.95 -22.83 -24.66
N LEU F 930 23.59 -22.88 -23.50
CA LEU F 930 24.07 -21.67 -22.83
C LEU F 930 25.49 -21.35 -23.26
N ASN F 931 25.81 -20.05 -23.29
CA ASN F 931 27.16 -19.63 -23.61
C ASN F 931 28.12 -20.03 -22.51
N LYS F 932 29.29 -20.54 -22.91
CA LYS F 932 30.29 -21.04 -21.99
C LYS F 932 31.58 -20.23 -22.12
N GLY F 933 32.58 -20.62 -21.33
CA GLY F 933 33.85 -19.92 -21.35
C GLY F 933 34.70 -20.24 -22.57
N THR F 934 35.69 -19.39 -22.80
CA THR F 934 36.58 -19.58 -23.95
C THR F 934 37.43 -20.83 -23.81
N ARG F 935 37.85 -21.17 -22.59
CA ARG F 935 38.71 -22.33 -22.38
C ARG F 935 38.01 -23.64 -22.69
N LEU F 936 36.70 -23.63 -22.89
CA LEU F 936 35.99 -24.84 -23.30
C LEU F 936 36.50 -25.37 -24.63
N LEU F 937 37.08 -24.50 -25.46
CA LEU F 937 37.57 -24.94 -26.76
C LEU F 937 38.70 -25.95 -26.62
N ASN F 938 39.58 -25.75 -25.65
CA ASN F 938 40.72 -26.64 -25.45
C ASN F 938 40.31 -27.88 -24.65
N ALA F 939 39.28 -28.55 -25.15
CA ALA F 939 38.80 -29.79 -24.56
C ALA F 939 39.55 -30.98 -25.14
N TRP F 940 39.50 -32.10 -24.43
CA TRP F 940 40.17 -33.31 -24.89
C TRP F 940 39.48 -33.85 -26.13
N SER F 941 40.29 -34.33 -27.07
CA SER F 941 39.79 -34.92 -28.30
C SER F 941 40.89 -35.79 -28.88
N PRO F 942 40.55 -36.73 -29.78
CA PRO F 942 41.61 -37.48 -30.46
C PRO F 942 42.57 -36.60 -31.24
N THR F 943 42.08 -35.47 -31.77
CA THR F 943 42.96 -34.54 -32.46
C THR F 943 43.88 -33.81 -31.49
N ASN F 944 43.42 -33.58 -30.26
CA ASN F 944 44.17 -32.84 -29.25
C ASN F 944 44.25 -33.68 -27.98
N PRO F 945 45.14 -34.67 -27.96
CA PRO F 945 45.22 -35.55 -26.78
C PRO F 945 45.87 -34.90 -25.57
N ASN F 946 46.73 -33.90 -25.77
CA ASN F 946 47.44 -33.26 -24.66
C ASN F 946 46.54 -32.21 -24.01
N SER F 947 45.57 -32.70 -23.25
CA SER F 947 44.63 -31.83 -22.56
C SER F 947 44.04 -32.59 -21.38
N ASP F 948 43.43 -31.83 -20.47
CA ASP F 948 42.79 -32.39 -19.30
C ASP F 948 41.30 -32.08 -19.20
N ILE F 949 40.81 -31.10 -19.93
CA ILE F 949 39.38 -30.76 -19.91
C ILE F 949 38.59 -31.91 -20.53
N PRO F 950 37.51 -32.37 -19.91
CA PRO F 950 36.76 -33.49 -20.47
C PRO F 950 36.15 -33.15 -21.81
N ALA F 951 36.00 -34.19 -22.64
CA ALA F 951 35.44 -34.00 -23.98
C ALA F 951 34.01 -33.50 -23.90
N LEU F 952 33.64 -32.65 -24.85
CA LEU F 952 32.31 -32.05 -24.85
C LEU F 952 31.24 -33.10 -25.10
N THR F 953 30.08 -32.88 -24.49
CA THR F 953 28.93 -33.75 -24.69
C THR F 953 27.66 -32.95 -24.45
N ARG F 954 26.55 -33.45 -24.99
CA ARG F 954 25.27 -32.80 -24.83
C ARG F 954 24.44 -33.35 -23.68
N SER F 955 24.75 -34.56 -23.23
CA SER F 955 24.03 -35.20 -22.14
C SER F 955 25.03 -35.56 -21.05
N ASP F 956 24.68 -35.24 -19.80
CA ASP F 956 25.55 -35.53 -18.66
C ASP F 956 25.27 -36.94 -18.15
N THR F 957 25.59 -37.90 -19.01
CA THR F 957 25.42 -39.31 -18.64
C THR F 957 26.34 -39.68 -17.48
N ASN F 958 27.57 -39.18 -17.49
CA ASN F 958 28.52 -39.45 -16.42
C ASN F 958 28.17 -38.72 -15.12
N ASN F 959 27.21 -37.78 -15.17
CA ASN F 959 26.82 -36.98 -14.01
C ASN F 959 28.03 -36.24 -13.44
N GLU F 960 28.59 -35.37 -14.27
CA GLU F 960 29.77 -34.60 -13.88
C GLU F 960 29.43 -33.39 -13.03
N GLN F 961 28.15 -33.10 -12.82
CA GLN F 961 27.75 -32.02 -11.92
C GLN F 961 27.98 -32.37 -10.46
N ARG F 962 28.32 -33.63 -10.15
CA ARG F 962 28.53 -34.03 -8.78
C ARG F 962 29.73 -33.31 -8.18
N VAL F 963 29.69 -33.09 -6.87
CA VAL F 963 30.79 -32.44 -6.18
C VAL F 963 32.01 -33.34 -6.22
N SER F 964 33.14 -32.78 -6.67
CA SER F 964 34.36 -33.56 -6.82
C SER F 964 35.55 -32.60 -6.77
N THR F 965 36.74 -33.18 -6.78
CA THR F 965 37.97 -32.41 -6.74
C THR F 965 38.17 -31.57 -8.00
N TYR F 966 37.43 -31.85 -9.07
CA TYR F 966 37.60 -31.06 -10.29
C TYR F 966 37.22 -29.60 -10.07
N PHE F 967 36.15 -29.36 -9.32
CA PHE F 967 35.71 -27.99 -9.06
C PHE F 967 36.48 -27.32 -7.93
N VAL F 968 37.34 -28.05 -7.24
CA VAL F 968 38.17 -27.46 -6.18
C VAL F 968 39.42 -26.87 -6.82
N GLU F 969 39.67 -25.59 -6.56
CA GLU F 969 40.81 -24.89 -7.13
C GLU F 969 41.63 -24.25 -6.03
N ASN F 970 42.93 -24.12 -6.29
CA ASN F 970 43.84 -23.48 -5.33
C ASN F 970 43.61 -21.98 -5.36
N GLY F 971 43.02 -21.44 -4.30
CA GLY F 971 42.71 -20.03 -4.21
C GLY F 971 43.84 -19.16 -3.72
N SER F 972 45.04 -19.70 -3.53
CA SER F 972 46.16 -18.91 -3.07
C SER F 972 46.46 -17.80 -4.06
N PHE F 973 46.71 -16.60 -3.53
CA PHE F 973 46.94 -15.44 -4.39
C PHE F 973 47.73 -14.40 -3.61
N LEU F 974 48.21 -13.39 -4.34
CA LEU F 974 48.93 -12.27 -3.74
C LEU F 974 48.71 -11.06 -4.63
N LYS F 975 47.96 -10.08 -4.14
CA LYS F 975 47.60 -8.92 -4.95
C LYS F 975 48.07 -7.63 -4.28
N LEU F 976 48.59 -6.72 -5.10
CA LEU F 976 48.96 -5.39 -4.64
C LEU F 976 47.69 -4.61 -4.37
N ARG F 977 47.29 -4.53 -3.10
CA ARG F 977 46.04 -3.86 -2.75
C ARG F 977 46.09 -2.39 -3.11
N ASN F 978 47.21 -1.72 -2.85
CA ASN F 978 47.27 -0.29 -3.09
C ASN F 978 48.70 0.13 -3.41
N ILE F 979 48.84 1.09 -4.32
CA ILE F 979 50.10 1.76 -4.56
C ILE F 979 49.80 3.24 -4.77
N GLN F 980 50.67 4.10 -4.25
CA GLN F 980 50.41 5.53 -4.30
C GLN F 980 51.71 6.30 -4.30
N LEU F 981 51.87 7.19 -5.27
CA LEU F 981 53.02 8.08 -5.35
C LEU F 981 52.55 9.51 -5.17
N GLY F 982 53.13 10.22 -4.21
CA GLY F 982 52.71 11.57 -3.90
C GLY F 982 53.88 12.52 -3.80
N TYR F 983 53.61 13.77 -4.12
CA TYR F 983 54.59 14.85 -4.07
C TYR F 983 54.05 15.96 -3.18
N THR F 984 54.87 16.44 -2.26
CA THR F 984 54.50 17.50 -1.35
C THR F 984 55.19 18.79 -1.75
N VAL F 985 54.41 19.87 -1.87
CA VAL F 985 54.99 21.17 -2.24
C VAL F 985 55.93 21.63 -1.14
N PRO F 986 57.09 22.21 -1.47
CA PRO F 986 58.03 22.63 -0.43
C PRO F 986 57.44 23.68 0.50
N ALA F 987 58.01 23.73 1.70
CA ALA F 987 57.47 24.57 2.76
C ALA F 987 57.51 26.04 2.39
N VAL F 988 58.56 26.49 1.73
CA VAL F 988 58.68 27.90 1.38
C VAL F 988 57.57 28.31 0.41
N ILE F 989 57.33 27.50 -0.63
CA ILE F 989 56.28 27.81 -1.59
C ILE F 989 54.92 27.73 -0.91
N SER F 990 54.72 26.73 -0.05
CA SER F 990 53.44 26.60 0.64
C SER F 990 53.16 27.81 1.52
N LYS F 991 54.16 28.29 2.26
CA LYS F 991 53.98 29.45 3.10
C LYS F 991 53.77 30.71 2.27
N LYS F 992 54.45 30.81 1.13
CA LYS F 992 54.23 31.96 0.25
C LYS F 992 52.79 31.99 -0.26
N MET F 993 52.25 30.83 -0.62
CA MET F 993 50.91 30.77 -1.17
C MET F 993 49.86 30.70 -0.05
N ARG F 994 50.30 30.59 1.20
CA ARG F 994 49.55 30.68 2.46
C ARG F 994 48.84 29.39 2.89
N MET F 995 48.94 28.29 2.16
CA MET F 995 48.50 27.01 2.69
C MET F 995 49.64 26.35 3.48
N ASP F 996 49.29 25.70 4.59
CA ASP F 996 50.31 25.10 5.44
C ASP F 996 50.88 23.83 4.83
N ARG F 997 50.13 23.13 3.99
CA ARG F 997 50.57 21.86 3.43
C ARG F 997 49.80 21.59 2.15
N LEU F 998 50.53 21.49 1.03
CA LEU F 998 49.94 21.16 -0.26
C LEU F 998 50.53 19.86 -0.75
N ARG F 999 49.68 18.93 -1.17
CA ARG F 999 50.12 17.61 -1.58
C ARG F 999 49.32 17.15 -2.79
N PHE F 1000 49.98 16.47 -3.71
CA PHE F 1000 49.34 15.82 -4.84
C PHE F 1000 49.71 14.34 -4.83
N TYR F 1001 48.84 13.50 -5.38
CA TYR F 1001 49.14 12.07 -5.37
C TYR F 1001 48.39 11.38 -6.50
N CYS F 1002 49.02 10.33 -7.02
CA CYS F 1002 48.41 9.43 -7.99
C CYS F 1002 48.53 8.01 -7.47
N SER F 1003 47.43 7.28 -7.48
CA SER F 1003 47.36 5.97 -6.86
C SER F 1003 46.67 4.97 -7.78
N ALA F 1004 47.00 3.70 -7.57
CA ALA F 1004 46.37 2.58 -8.26
C ALA F 1004 45.93 1.56 -7.22
N GLN F 1005 44.68 1.15 -7.30
CA GLN F 1005 44.09 0.16 -6.40
C GLN F 1005 43.72 -1.08 -7.20
N ASN F 1006 44.11 -2.25 -6.67
CA ASN F 1006 43.88 -3.54 -7.31
C ASN F 1006 44.54 -3.59 -8.69
N LEU F 1007 45.71 -2.97 -8.80
CA LEU F 1007 46.38 -2.86 -10.11
C LEU F 1007 46.95 -4.20 -10.56
N LEU F 1008 47.62 -4.91 -9.65
CA LEU F 1008 48.37 -6.11 -10.01
C LEU F 1008 48.03 -7.25 -9.06
N THR F 1009 48.04 -8.47 -9.60
CA THR F 1009 47.77 -9.66 -8.79
C THR F 1009 48.55 -10.83 -9.36
N ILE F 1010 48.82 -11.81 -8.49
CA ILE F 1010 49.48 -13.05 -8.88
C ILE F 1010 48.64 -14.20 -8.33
N LYS F 1011 48.36 -15.17 -9.19
CA LYS F 1011 47.54 -16.31 -8.82
C LYS F 1011 48.27 -17.60 -9.19
N SER F 1012 47.91 -18.68 -8.49
CA SER F 1012 48.51 -19.97 -8.76
C SER F 1012 48.09 -20.48 -10.14
N LYS F 1013 48.98 -21.26 -10.76
CA LYS F 1013 48.69 -21.80 -12.09
C LYS F 1013 47.53 -22.78 -12.08
N ASN F 1014 47.23 -23.39 -10.93
CA ASN F 1014 46.13 -24.35 -10.85
C ASN F 1014 44.76 -23.68 -10.90
N PHE F 1015 44.69 -22.35 -10.74
CA PHE F 1015 43.42 -21.63 -10.78
C PHE F 1015 43.11 -21.30 -12.23
N THR F 1016 42.17 -22.05 -12.82
CA THR F 1016 41.83 -21.85 -14.23
C THR F 1016 41.21 -20.48 -14.46
N GLY F 1017 40.33 -20.04 -13.58
CA GLY F 1017 39.63 -18.79 -13.75
C GLY F 1017 40.50 -17.58 -13.49
N GLU F 1018 39.87 -16.48 -13.09
CA GLU F 1018 40.56 -15.23 -12.81
C GLU F 1018 39.96 -14.59 -11.57
N ASP F 1019 40.71 -13.65 -11.00
CA ASP F 1019 40.32 -12.95 -9.77
C ASP F 1019 39.99 -13.95 -8.67
N PRO F 1020 40.99 -14.60 -8.07
CA PRO F 1020 40.71 -15.62 -7.05
C PRO F 1020 39.95 -15.09 -5.85
N GLU F 1021 40.05 -13.79 -5.55
CA GLU F 1021 39.30 -13.23 -4.43
C GLU F 1021 37.79 -13.35 -4.67
N ASN F 1022 37.36 -13.16 -5.93
CA ASN F 1022 35.94 -13.23 -6.29
C ASN F 1022 35.79 -14.21 -7.44
N PRO F 1023 35.80 -15.51 -7.15
CA PRO F 1023 35.70 -16.53 -8.21
C PRO F 1023 34.28 -16.89 -8.62
N ASN F 1024 33.28 -16.11 -8.24
CA ASN F 1024 31.88 -16.41 -8.54
C ASN F 1024 31.30 -15.29 -9.40
N PHE F 1025 29.98 -15.36 -9.62
CA PHE F 1025 29.28 -14.43 -10.49
C PHE F 1025 28.82 -13.19 -9.75
N SER F 1026 29.46 -12.83 -8.64
CA SER F 1026 29.11 -11.62 -7.91
C SER F 1026 29.72 -10.41 -8.60
N TYR F 1027 29.66 -9.26 -7.96
CA TYR F 1027 30.17 -8.03 -8.56
C TYR F 1027 31.69 -8.15 -8.75
N PRO F 1028 32.22 -7.67 -9.87
CA PRO F 1028 33.66 -7.74 -10.09
C PRO F 1028 34.39 -6.65 -9.30
N ILE F 1029 35.70 -6.84 -9.19
CA ILE F 1029 36.58 -5.90 -8.50
C ILE F 1029 37.37 -5.14 -9.57
N PRO F 1030 37.13 -3.86 -9.76
CA PRO F 1030 37.80 -3.11 -10.82
C PRO F 1030 39.16 -2.59 -10.37
N VAL F 1031 39.93 -2.11 -11.34
CA VAL F 1031 41.21 -1.45 -11.10
C VAL F 1031 40.97 0.05 -11.08
N ASN F 1032 41.41 0.71 -10.02
CA ASN F 1032 41.15 2.13 -9.83
C ASN F 1032 42.43 2.92 -10.05
N ILE F 1033 42.34 3.96 -10.87
CA ILE F 1033 43.44 4.92 -11.07
C ILE F 1033 42.94 6.27 -10.60
N THR F 1034 43.57 6.80 -9.56
CA THR F 1034 43.08 7.98 -8.84
C THR F 1034 44.13 9.09 -8.86
N PHE F 1035 43.66 10.31 -9.05
CA PHE F 1035 44.49 11.51 -8.91
C PHE F 1035 43.82 12.43 -7.90
N GLY F 1036 44.57 12.83 -6.87
CA GLY F 1036 44.00 13.60 -5.79
C GLY F 1036 44.96 14.66 -5.29
N LEU F 1037 44.39 15.62 -4.56
CA LEU F 1037 45.15 16.71 -3.96
C LEU F 1037 44.62 17.01 -2.57
N ASN F 1038 45.51 17.50 -1.71
CA ASN F 1038 45.19 17.87 -0.34
C ASN F 1038 45.75 19.26 -0.07
N ILE F 1039 44.93 20.13 0.53
CA ILE F 1039 45.29 21.49 0.85
C ILE F 1039 45.01 21.73 2.32
N GLY F 1040 45.97 22.34 3.02
CA GLY F 1040 45.83 22.61 4.44
C GLY F 1040 45.84 24.08 4.79
N PHE F 1041 45.08 24.88 4.04
CA PHE F 1041 44.96 26.33 4.26
C PHE F 1041 44.96 26.73 5.73
#